data_4L62
#
_entry.id   4L62
#
_cell.length_a   211.994
_cell.length_b   211.994
_cell.length_c   282.773
_cell.angle_alpha   90.00
_cell.angle_beta   90.00
_cell.angle_gamma   120.00
#
_symmetry.space_group_name_H-M   'P 32 2 1'
#
loop_
_entity.id
_entity.type
_entity.pdbx_description
1 polymer 'Transcriptional regulator'
2 polymer 'DNA (25-MER)'
3 polymer 'DNA (25-MER)'
4 water water
#
loop_
_entity_poly.entity_id
_entity_poly.type
_entity_poly.pdbx_seq_one_letter_code
_entity_poly.pdbx_strand_id
1 'polypeptide(L)'
;SYDDTRQHLLDTGYRIMAVKGFSGVGLNEILQSAGVPKGSFYHYFKSKEQFGQALLEDYFRVYLADMDQRFSAPGLNARE
RLMSYWQKWLDNACPPCDEQRCLVVKLSAEVADLSESMRITLRDGSDGIIERLVGCLGQGRDDGSLAPCDARHMASALYQ
LWLGASLLSKLHRSPGPLETAMQTTRSLLE
;
A,B,C,D,E,F,G,H,I,J,K,L,M,N,O,P
2 'polydeoxyribonucleotide'
;(DG)(DT)(DT)(DT)(DC)(DT)(DA)(DG)(DA)(DC)(DG)(DA)(DC)(DT)(DG)(DG)(DT)(DC)(DT)(DA)
(DA)(DT)(DT)(DC)(DA)
;
Q,S,U,W
3 'polydeoxyribonucleotide'
;(DT)(DG)(DA)(DA)(DT)(DT)(DA)(DG)(DA)(DC)(DC)(DA)(DG)(DT)(DC)(DG)(DT)(DC)(DT)(DA)
(DG)(DA)(DA)(DA)(DC)
;
R,T,V,X
#
loop_
_chem_comp.id
_chem_comp.type
_chem_comp.name
_chem_comp.formula
DA DNA linking 2'-DEOXYADENOSINE-5'-MONOPHOSPHATE 'C10 H14 N5 O6 P'
DC DNA linking 2'-DEOXYCYTIDINE-5'-MONOPHOSPHATE 'C9 H14 N3 O7 P'
DG DNA linking 2'-DEOXYGUANOSINE-5'-MONOPHOSPHATE 'C10 H14 N5 O7 P'
DT DNA linking THYMIDINE-5'-MONOPHOSPHATE 'C10 H15 N2 O8 P'
#
# COMPACT_ATOMS: atom_id res chain seq x y z
N SER A 1 62.20 -11.98 -4.26
CA SER A 1 60.87 -11.59 -4.73
C SER A 1 59.85 -12.75 -4.77
N TYR A 2 60.32 -13.99 -4.75
CA TYR A 2 59.39 -15.07 -4.41
C TYR A 2 59.22 -15.00 -2.89
N ASP A 3 60.35 -14.90 -2.18
CA ASP A 3 60.38 -14.82 -0.73
C ASP A 3 59.65 -13.59 -0.20
N ASP A 4 59.80 -12.48 -0.92
CA ASP A 4 59.10 -11.22 -0.60
C ASP A 4 57.58 -11.39 -0.75
N THR A 5 57.14 -12.00 -1.83
CA THR A 5 55.72 -12.30 -2.02
C THR A 5 55.18 -13.21 -0.90
N ARG A 6 55.95 -14.22 -0.55
CA ARG A 6 55.54 -15.09 0.53
C ARG A 6 55.39 -14.28 1.80
N GLN A 7 56.37 -13.41 2.03
CA GLN A 7 56.36 -12.62 3.25
C GLN A 7 55.18 -11.67 3.25
N HIS A 8 54.90 -11.09 2.09
CA HIS A 8 53.81 -10.16 1.96
C HIS A 8 52.46 -10.83 2.22
N LEU A 9 52.31 -12.08 1.77
CA LEU A 9 51.08 -12.87 1.99
C LEU A 9 50.92 -13.12 3.49
N LEU A 10 52.06 -13.41 4.12
CA LEU A 10 52.11 -13.64 5.55
C LEU A 10 51.67 -12.39 6.30
N ASP A 11 52.23 -11.26 5.93
CA ASP A 11 51.90 -10.01 6.59
C ASP A 11 50.45 -9.69 6.37
N THR A 12 49.98 -9.82 5.14
CA THR A 12 48.60 -9.49 4.84
C THR A 12 47.69 -10.44 5.60
N GLY A 13 48.09 -11.69 5.72
CA GLY A 13 47.29 -12.64 6.49
C GLY A 13 47.12 -12.22 7.94
N TYR A 14 48.21 -11.74 8.52
CA TYR A 14 48.20 -11.26 9.89
C TYR A 14 47.27 -10.06 10.09
N ARG A 15 47.39 -9.02 9.27
CA ARG A 15 46.58 -7.79 9.41
C ARG A 15 45.10 -8.13 9.36
N ILE A 16 44.73 -9.03 8.47
CA ILE A 16 43.33 -9.33 8.28
C ILE A 16 42.85 -10.33 9.31
N MET A 17 43.64 -11.35 9.62
CA MET A 17 43.14 -12.36 10.56
C MET A 17 43.02 -11.80 11.98
N ALA A 18 43.86 -10.82 12.29
CA ALA A 18 43.84 -10.09 13.57
C ALA A 18 42.49 -9.48 13.82
N VAL A 19 41.79 -9.16 12.74
CA VAL A 19 40.45 -8.60 12.82
C VAL A 19 39.37 -9.61 12.55
N LYS A 20 39.51 -10.40 11.50
CA LYS A 20 38.42 -11.29 11.11
C LYS A 20 38.53 -12.74 11.64
N GLY A 21 39.64 -13.10 12.26
CA GLY A 21 39.77 -14.47 12.75
C GLY A 21 40.34 -15.37 11.68
N PHE A 22 40.21 -16.68 11.86
CA PHE A 22 40.75 -17.61 10.86
C PHE A 22 39.62 -18.07 9.96
N SER A 23 38.58 -18.63 10.55
CA SER A 23 37.43 -19.11 9.78
C SER A 23 36.63 -18.02 9.07
N GLY A 24 36.76 -16.79 9.53
CA GLY A 24 36.00 -15.71 8.96
C GLY A 24 36.69 -14.97 7.83
N VAL A 25 37.90 -15.36 7.52
CA VAL A 25 38.52 -14.75 6.35
C VAL A 25 38.67 -15.86 5.32
N GLY A 26 38.62 -15.48 4.04
CA GLY A 26 38.81 -16.42 2.94
C GLY A 26 40.11 -16.19 2.19
N LEU A 27 40.59 -17.23 1.49
CA LEU A 27 41.84 -17.07 0.74
C LEU A 27 41.79 -15.91 -0.21
N ASN A 28 40.64 -15.74 -0.87
CA ASN A 28 40.54 -14.74 -1.92
C ASN A 28 40.79 -13.33 -1.40
N GLU A 29 40.21 -12.99 -0.26
CA GLU A 29 40.44 -11.68 0.33
C GLU A 29 41.90 -11.46 0.68
N ILE A 30 42.53 -12.47 1.29
CA ILE A 30 43.93 -12.32 1.68
C ILE A 30 44.76 -12.14 0.42
N LEU A 31 44.53 -13.02 -0.54
CA LEU A 31 45.29 -12.99 -1.79
C LEU A 31 45.04 -11.73 -2.60
N GLN A 32 43.78 -11.37 -2.73
CA GLN A 32 43.46 -10.20 -3.50
C GLN A 32 44.06 -8.97 -2.87
N SER A 33 43.85 -8.85 -1.56
CA SER A 33 44.35 -7.72 -0.84
C SER A 33 45.89 -7.62 -0.93
N ALA A 34 46.57 -8.74 -1.15
CA ALA A 34 48.04 -8.75 -1.23
C ALA A 34 48.59 -8.61 -2.66
N GLY A 35 47.69 -8.57 -3.64
CA GLY A 35 48.10 -8.48 -5.04
C GLY A 35 48.68 -9.77 -5.62
N VAL A 36 48.21 -10.91 -5.14
CA VAL A 36 48.63 -12.21 -5.64
C VAL A 36 47.40 -12.92 -6.15
N PRO A 37 47.51 -13.59 -7.30
CA PRO A 37 46.28 -14.23 -7.77
C PRO A 37 45.88 -15.40 -6.91
N LYS A 38 44.57 -15.61 -6.75
CA LYS A 38 44.13 -16.73 -5.97
C LYS A 38 44.75 -18.07 -6.43
N GLY A 39 44.94 -18.23 -7.73
CA GLY A 39 45.46 -19.47 -8.28
C GLY A 39 46.91 -19.74 -7.90
N SER A 40 47.60 -18.69 -7.52
CA SER A 40 48.99 -18.80 -7.16
C SER A 40 49.21 -19.24 -5.69
N PHE A 41 48.13 -19.38 -4.94
CA PHE A 41 48.22 -19.58 -3.52
C PHE A 41 49.09 -20.76 -3.16
N TYR A 42 48.86 -21.88 -3.83
CA TYR A 42 49.55 -23.11 -3.41
C TYR A 42 51.01 -23.18 -3.89
N HIS A 43 51.43 -22.12 -4.58
CA HIS A 43 52.79 -21.91 -4.95
C HIS A 43 53.57 -21.42 -3.73
N TYR A 44 52.85 -20.78 -2.80
CA TYR A 44 53.48 -20.24 -1.59
C TYR A 44 53.22 -21.02 -0.25
N PHE A 45 52.06 -21.72 -0.14
CA PHE A 45 51.68 -22.51 1.08
C PHE A 45 50.96 -23.85 0.78
N LYS A 46 51.04 -24.85 1.67
CA LYS A 46 50.44 -26.17 1.35
C LYS A 46 48.92 -26.19 1.53
N SER A 47 48.40 -25.35 2.42
CA SER A 47 46.99 -25.35 2.72
C SER A 47 46.68 -24.07 3.44
N LYS A 48 45.40 -23.75 3.66
CA LYS A 48 45.06 -22.57 4.42
C LYS A 48 45.65 -22.71 5.79
N GLU A 49 45.52 -23.91 6.35
CA GLU A 49 46.03 -24.20 7.68
C GLU A 49 47.52 -23.96 7.82
N GLN A 50 48.33 -24.45 6.88
CA GLN A 50 49.76 -24.26 7.05
C GLN A 50 50.12 -22.78 6.88
N PHE A 51 49.34 -22.08 6.07
CA PHE A 51 49.50 -20.63 5.94
C PHE A 51 49.24 -20.06 7.33
N GLY A 52 48.19 -20.52 7.97
CA GLY A 52 47.92 -20.08 9.33
C GLY A 52 49.09 -20.31 10.26
N GLN A 53 49.60 -21.52 10.28
CA GLN A 53 50.76 -21.81 11.07
C GLN A 53 51.94 -20.92 10.75
N ALA A 54 52.23 -20.78 9.47
CA ALA A 54 53.36 -19.97 9.02
C ALA A 54 53.21 -18.58 9.57
N LEU A 55 51.99 -18.08 9.43
CA LEU A 55 51.58 -16.76 9.84
C LEU A 55 51.89 -16.52 11.34
N LEU A 56 51.44 -17.45 12.17
CA LEU A 56 51.66 -17.42 13.59
C LEU A 56 53.16 -17.54 13.99
N GLU A 57 53.87 -18.48 13.36
CA GLU A 57 55.28 -18.64 13.65
C GLU A 57 56.04 -17.37 13.37
N ASP A 58 55.71 -16.73 12.26
CA ASP A 58 56.41 -15.52 11.92
C ASP A 58 56.10 -14.44 12.96
N TYR A 59 54.83 -14.39 13.39
CA TYR A 59 54.38 -13.45 14.41
C TYR A 59 55.19 -13.58 15.69
N PHE A 60 55.29 -14.81 16.20
CA PHE A 60 56.07 -15.05 17.40
C PHE A 60 57.55 -14.76 17.17
N ARG A 61 58.01 -14.98 15.94
CA ARG A 61 59.41 -14.70 15.63
C ARG A 61 59.68 -13.24 15.93
N VAL A 62 58.83 -12.39 15.41
CA VAL A 62 59.00 -10.98 15.58
C VAL A 62 58.73 -10.56 17.01
N TYR A 63 57.69 -11.14 17.61
CA TYR A 63 57.27 -10.75 18.96
C TYR A 63 58.35 -11.02 20.01
N LEU A 64 58.83 -12.26 20.01
CA LEU A 64 59.83 -12.70 20.96
C LEU A 64 61.12 -11.91 20.73
N ALA A 65 61.39 -11.53 19.48
CA ALA A 65 62.57 -10.71 19.24
C ALA A 65 62.44 -9.35 19.94
N ASP A 66 61.24 -8.76 19.97
CA ASP A 66 61.08 -7.50 20.71
C ASP A 66 61.30 -7.68 22.18
N MET A 67 60.69 -8.73 22.70
CA MET A 67 60.78 -9.04 24.09
C MET A 67 62.25 -9.13 24.48
N ASP A 68 63.04 -9.80 23.65
CA ASP A 68 64.48 -9.95 23.91
C ASP A 68 65.20 -8.62 23.95
N GLN A 69 64.85 -7.75 23.02
CA GLN A 69 65.38 -6.39 22.95
C GLN A 69 65.07 -5.55 24.14
N ARG A 70 63.80 -5.58 24.49
CA ARG A 70 63.29 -4.82 25.58
C ARG A 70 63.96 -5.30 26.86
N PHE A 71 64.05 -6.62 27.02
CA PHE A 71 64.53 -7.17 28.28
C PHE A 71 66.03 -7.20 28.37
N SER A 72 66.69 -6.57 27.41
CA SER A 72 68.13 -6.43 27.48
C SER A 72 68.50 -4.98 27.20
N ALA A 73 67.50 -4.10 27.32
CA ALA A 73 67.67 -2.69 26.99
C ALA A 73 68.63 -1.99 27.93
N PRO A 74 69.69 -1.38 27.38
CA PRO A 74 70.72 -0.74 28.20
C PRO A 74 70.15 0.44 28.96
N GLY A 75 70.53 0.54 30.23
CA GLY A 75 70.14 1.67 31.04
C GLY A 75 68.84 1.51 31.80
N LEU A 76 68.18 0.38 31.63
CA LEU A 76 66.98 0.14 32.43
C LEU A 76 67.27 -0.99 33.38
N ASN A 77 66.78 -0.92 34.62
CA ASN A 77 66.95 -2.09 35.45
C ASN A 77 65.85 -3.09 35.10
N ALA A 78 65.87 -4.25 35.73
CA ALA A 78 64.93 -5.32 35.40
C ALA A 78 63.47 -4.94 35.61
N ARG A 79 63.16 -4.31 36.76
CA ARG A 79 61.77 -3.88 37.03
C ARG A 79 61.31 -2.94 35.93
N GLU A 80 62.20 -2.04 35.55
CA GLU A 80 61.91 -1.03 34.54
C GLU A 80 61.63 -1.68 33.18
N ARG A 81 62.39 -2.72 32.86
CA ARG A 81 62.19 -3.48 31.64
C ARG A 81 60.86 -4.21 31.69
N LEU A 82 60.70 -5.01 32.73
CA LEU A 82 59.49 -5.77 32.94
C LEU A 82 58.28 -4.84 32.89
N MET A 83 58.37 -3.69 33.53
CA MET A 83 57.20 -2.82 33.52
C MET A 83 56.98 -2.14 32.17
N SER A 84 58.04 -1.92 31.41
CA SER A 84 57.85 -1.31 30.07
C SER A 84 57.08 -2.24 29.15
N TYR A 85 57.21 -3.56 29.37
CA TYR A 85 56.48 -4.53 28.56
C TYR A 85 55.00 -4.39 28.88
N TRP A 86 54.65 -4.50 30.16
CA TRP A 86 53.25 -4.33 30.58
C TRP A 86 52.68 -2.95 30.22
N GLN A 87 53.50 -1.91 30.31
CA GLN A 87 53.02 -0.58 29.95
C GLN A 87 52.65 -0.50 28.47
N LYS A 88 53.47 -1.05 27.59
CA LYS A 88 53.13 -1.05 26.17
C LYS A 88 51.83 -1.81 25.89
N TRP A 89 51.60 -2.94 26.54
CA TRP A 89 50.37 -3.70 26.37
C TRP A 89 49.17 -2.81 26.71
N LEU A 90 49.28 -2.03 27.77
CA LEU A 90 48.21 -1.13 28.17
C LEU A 90 48.01 0.01 27.18
N ASP A 91 49.12 0.63 26.79
CA ASP A 91 49.11 1.80 25.95
C ASP A 91 48.52 1.45 24.61
N ASN A 92 49.05 0.42 23.97
CA ASN A 92 48.63 0.23 22.61
C ASN A 92 47.24 -0.41 22.47
N ALA A 93 46.54 -0.51 23.58
CA ALA A 93 45.12 -0.86 23.46
C ALA A 93 44.18 0.26 23.90
N CYS A 94 44.47 1.50 23.51
CA CYS A 94 43.46 2.54 23.49
C CYS A 94 42.50 2.24 22.37
N PRO A 95 41.20 2.59 22.56
CA PRO A 95 40.14 2.14 21.63
C PRO A 95 40.02 2.77 20.21
N PRO A 96 41.00 3.60 19.75
CA PRO A 96 41.00 3.80 18.30
C PRO A 96 41.48 2.52 17.56
N CYS A 97 41.98 1.56 18.35
CA CYS A 97 42.47 0.27 17.86
C CYS A 97 41.41 -0.83 18.15
N ASP A 98 40.56 -1.13 17.16
CA ASP A 98 39.62 -2.30 17.16
C ASP A 98 40.15 -3.49 16.32
N GLU A 99 41.22 -3.22 15.59
CA GLU A 99 42.00 -4.21 14.84
C GLU A 99 42.89 -4.88 15.88
N GLN A 100 42.65 -6.15 16.22
CA GLN A 100 43.45 -6.75 17.32
C GLN A 100 44.91 -6.75 16.88
N ARG A 101 45.83 -6.54 17.80
CA ARG A 101 47.21 -6.62 17.44
C ARG A 101 47.67 -8.01 17.82
N CYS A 102 47.17 -8.52 18.95
CA CYS A 102 47.68 -9.71 19.64
C CYS A 102 46.99 -10.99 19.20
N LEU A 103 47.74 -11.86 18.50
CA LEU A 103 47.18 -13.12 17.98
C LEU A 103 46.86 -14.15 19.04
N VAL A 104 47.55 -14.09 20.17
CA VAL A 104 47.23 -15.02 21.23
C VAL A 104 45.82 -14.75 21.73
N VAL A 105 45.47 -13.47 21.84
CA VAL A 105 44.12 -13.14 22.30
C VAL A 105 43.13 -13.44 21.20
N LYS A 106 43.44 -13.05 19.96
CA LYS A 106 42.48 -13.18 18.87
C LYS A 106 42.18 -14.61 18.44
N LEU A 107 43.23 -15.45 18.37
CA LEU A 107 43.12 -16.76 17.72
C LEU A 107 43.01 -18.00 18.62
N SER A 108 43.57 -17.92 19.82
CA SER A 108 43.67 -19.08 20.71
C SER A 108 42.37 -19.86 20.85
N ALA A 109 41.32 -19.23 21.34
CA ALA A 109 40.08 -19.99 21.55
C ALA A 109 39.49 -20.55 20.27
N GLU A 110 39.59 -19.81 19.17
CA GLU A 110 38.99 -20.22 17.90
C GLU A 110 39.71 -21.44 17.35
N VAL A 111 41.03 -21.30 17.28
CA VAL A 111 41.91 -22.22 16.58
C VAL A 111 42.27 -23.49 17.37
N ALA A 112 42.23 -23.40 18.69
CA ALA A 112 42.63 -24.51 19.56
C ALA A 112 41.81 -25.77 19.29
N ASP A 113 40.53 -25.65 19.01
CA ASP A 113 39.75 -26.86 18.82
C ASP A 113 39.78 -27.28 17.34
N LEU A 114 40.47 -26.52 16.51
CA LEU A 114 40.25 -26.66 15.10
C LEU A 114 41.45 -27.19 14.37
N SER A 115 42.61 -26.72 14.76
CA SER A 115 43.85 -27.07 14.11
C SER A 115 44.93 -27.43 15.12
N GLU A 116 45.35 -28.70 15.14
CA GLU A 116 46.36 -29.14 16.07
C GLU A 116 47.66 -28.36 15.80
N SER A 117 47.97 -28.08 14.55
CA SER A 117 49.23 -27.38 14.31
C SER A 117 49.25 -25.94 14.73
N MET A 118 48.14 -25.24 14.55
CA MET A 118 48.08 -23.82 14.93
C MET A 118 48.08 -23.72 16.46
N ARG A 119 47.32 -24.63 17.07
CA ARG A 119 47.29 -24.78 18.52
C ARG A 119 48.71 -24.89 19.01
N ILE A 120 49.48 -25.79 18.40
CA ILE A 120 50.84 -26.00 18.86
C ILE A 120 51.66 -24.78 18.70
N THR A 121 51.47 -24.11 17.60
CA THR A 121 52.29 -22.95 17.34
C THR A 121 52.01 -21.87 18.38
N LEU A 122 50.74 -21.70 18.71
CA LEU A 122 50.28 -20.77 19.70
C LEU A 122 50.84 -21.18 21.05
N ARG A 123 50.75 -22.47 21.35
CA ARG A 123 51.22 -22.99 22.64
C ARG A 123 52.71 -22.69 22.84
N ASP A 124 53.51 -23.07 21.84
CA ASP A 124 54.96 -22.89 21.94
C ASP A 124 55.27 -21.39 21.98
N GLY A 125 54.48 -20.63 21.22
CA GLY A 125 54.66 -19.21 21.16
C GLY A 125 54.39 -18.55 22.49
N SER A 126 53.26 -18.91 23.10
CA SER A 126 52.88 -18.34 24.39
C SER A 126 53.92 -18.71 25.45
N ASP A 127 54.37 -19.96 25.41
CA ASP A 127 55.41 -20.43 26.30
C ASP A 127 56.66 -19.63 26.22
N GLY A 128 57.03 -19.23 25.03
CA GLY A 128 58.21 -18.42 24.88
C GLY A 128 58.06 -17.06 25.49
N ILE A 129 56.84 -16.54 25.46
CA ILE A 129 56.60 -15.25 26.05
C ILE A 129 56.77 -15.43 27.55
N ILE A 130 56.08 -16.42 28.12
CA ILE A 130 56.23 -16.69 29.54
C ILE A 130 57.71 -16.91 29.91
N GLU A 131 58.44 -17.63 29.07
CA GLU A 131 59.84 -17.90 29.34
C GLU A 131 60.66 -16.61 29.49
N ARG A 132 60.45 -15.67 28.60
CA ARG A 132 61.15 -14.40 28.69
C ARG A 132 60.77 -13.56 29.92
N LEU A 133 59.50 -13.66 30.35
CA LEU A 133 59.05 -12.98 31.56
C LEU A 133 59.83 -13.55 32.74
N VAL A 134 59.92 -14.88 32.78
CA VAL A 134 60.65 -15.59 33.81
C VAL A 134 62.08 -15.10 33.93
N GLY A 135 62.70 -14.94 32.78
CA GLY A 135 64.07 -14.50 32.67
C GLY A 135 64.26 -13.11 33.22
N CYS A 136 63.25 -12.27 33.02
CA CYS A 136 63.32 -10.88 33.47
C CYS A 136 63.08 -10.80 34.97
N LEU A 137 62.14 -11.59 35.46
CA LEU A 137 61.86 -11.64 36.86
C LEU A 137 63.14 -12.07 37.56
N GLY A 138 63.82 -13.07 37.02
CA GLY A 138 65.04 -13.56 37.63
C GLY A 138 66.15 -12.53 37.64
N GLN A 139 66.23 -11.80 36.55
CA GLN A 139 67.17 -10.72 36.35
C GLN A 139 66.96 -9.63 37.44
N GLY A 140 65.73 -9.51 37.91
CA GLY A 140 65.41 -8.50 38.91
C GLY A 140 65.72 -8.99 40.30
N ARG A 141 65.67 -10.30 40.47
CA ARG A 141 66.04 -10.89 41.72
C ARG A 141 67.56 -10.74 41.84
N ASP A 142 68.25 -10.62 40.71
CA ASP A 142 69.70 -10.42 40.72
C ASP A 142 70.09 -9.00 41.01
N ASP A 143 69.32 -8.04 40.54
CA ASP A 143 69.77 -6.66 40.69
C ASP A 143 68.93 -5.84 41.68
N GLY A 144 68.09 -6.55 42.42
CA GLY A 144 67.33 -5.93 43.48
C GLY A 144 66.08 -5.17 43.10
N SER A 145 65.83 -4.99 41.80
CA SER A 145 64.65 -4.24 41.33
C SER A 145 63.29 -4.86 41.65
N LEU A 146 63.23 -6.18 41.76
CA LEU A 146 61.96 -6.87 41.94
C LEU A 146 62.05 -7.80 43.11
N ALA A 147 60.97 -7.92 43.89
CA ALA A 147 60.95 -8.79 45.05
C ALA A 147 61.16 -10.26 44.68
N PRO A 148 61.63 -11.07 45.62
CA PRO A 148 61.72 -12.49 45.30
C PRO A 148 60.33 -13.11 45.10
N CYS A 149 60.27 -14.16 44.28
CA CYS A 149 59.02 -14.85 44.01
C CYS A 149 59.29 -16.16 43.29
N ASP A 150 58.27 -17.01 43.14
CA ASP A 150 58.40 -18.15 42.25
C ASP A 150 58.23 -17.64 40.82
N ALA A 151 59.35 -17.35 40.16
CA ALA A 151 59.30 -16.68 38.87
C ALA A 151 58.45 -17.39 37.81
N ARG A 152 58.58 -18.71 37.69
CA ARG A 152 57.79 -19.37 36.65
C ARG A 152 56.32 -19.22 37.01
N HIS A 153 56.00 -19.22 38.29
CA HIS A 153 54.61 -19.07 38.70
C HIS A 153 54.10 -17.67 38.49
N MET A 154 54.96 -16.71 38.79
CA MET A 154 54.55 -15.34 38.68
C MET A 154 54.35 -14.95 37.24
N ALA A 155 55.31 -15.27 36.39
CA ALA A 155 55.22 -14.88 34.99
C ALA A 155 53.96 -15.48 34.41
N SER A 156 53.68 -16.73 34.76
CA SER A 156 52.46 -17.34 34.26
C SER A 156 51.21 -16.59 34.74
N ALA A 157 51.15 -16.25 36.01
CA ALA A 157 49.95 -15.60 36.53
C ALA A 157 49.74 -14.24 35.91
N LEU A 158 50.81 -13.49 35.79
CA LEU A 158 50.73 -12.18 35.16
C LEU A 158 50.24 -12.33 33.73
N TYR A 159 50.82 -13.25 32.97
CA TYR A 159 50.44 -13.41 31.57
C TYR A 159 48.97 -13.81 31.47
N GLN A 160 48.54 -14.72 32.32
CA GLN A 160 47.14 -15.11 32.29
C GLN A 160 46.25 -13.90 32.56
N LEU A 161 46.67 -13.10 33.54
CA LEU A 161 45.88 -11.96 33.97
C LEU A 161 45.64 -10.99 32.80
N TRP A 162 46.71 -10.62 32.11
CA TRP A 162 46.60 -9.71 30.99
C TRP A 162 45.85 -10.27 29.76
N LEU A 163 45.89 -11.58 29.61
CA LEU A 163 45.18 -12.22 28.53
C LEU A 163 43.69 -12.00 28.74
N GLY A 164 43.24 -12.29 29.95
CA GLY A 164 41.84 -12.10 30.35
C GLY A 164 41.43 -10.63 30.26
N ALA A 165 42.36 -9.74 30.64
CA ALA A 165 42.10 -8.33 30.55
C ALA A 165 41.87 -7.94 29.08
N SER A 166 42.71 -8.45 28.20
CA SER A 166 42.62 -8.14 26.80
C SER A 166 41.27 -8.62 26.25
N LEU A 167 40.80 -9.76 26.71
CA LEU A 167 39.50 -10.23 26.32
C LEU A 167 38.42 -9.26 26.73
N LEU A 168 38.39 -8.87 28.00
CA LEU A 168 37.35 -7.96 28.49
C LEU A 168 37.46 -6.57 27.87
N SER A 169 38.67 -6.12 27.63
CA SER A 169 38.84 -4.86 26.95
C SER A 169 38.15 -4.89 25.58
N LYS A 170 38.24 -6.00 24.86
CA LYS A 170 37.60 -6.09 23.54
C LYS A 170 36.10 -6.06 23.69
N LEU A 171 35.63 -6.72 24.72
CA LEU A 171 34.21 -6.76 24.95
C LEU A 171 33.67 -5.36 25.34
N HIS A 172 34.49 -4.52 25.99
CA HIS A 172 34.06 -3.20 26.48
C HIS A 172 34.53 -2.03 25.58
N ARG A 173 35.43 -2.31 24.65
CA ARG A 173 36.07 -1.26 23.88
C ARG A 173 36.63 -0.16 24.78
N SER A 174 37.22 -0.57 25.90
CA SER A 174 37.78 0.36 26.86
C SER A 174 39.07 -0.20 27.37
N PRO A 175 40.04 0.65 27.76
CA PRO A 175 41.28 0.13 28.32
C PRO A 175 41.12 -0.13 29.82
N GLY A 176 39.88 -0.03 30.29
CA GLY A 176 39.55 -0.24 31.68
C GLY A 176 40.10 -1.49 32.33
N PRO A 177 39.74 -2.67 31.79
CA PRO A 177 40.21 -3.92 32.41
C PRO A 177 41.74 -4.01 32.39
N LEU A 178 42.33 -3.37 31.41
CA LEU A 178 43.76 -3.37 31.34
C LEU A 178 44.37 -2.54 32.46
N GLU A 179 43.72 -1.45 32.85
CA GLU A 179 44.16 -0.66 33.99
C GLU A 179 44.08 -1.47 35.26
N THR A 180 43.00 -2.24 35.39
CA THR A 180 42.86 -3.20 36.48
C THR A 180 44.01 -4.18 36.57
N ALA A 181 44.39 -4.75 35.43
CA ALA A 181 45.43 -5.72 35.42
C ALA A 181 46.69 -5.04 35.90
N MET A 182 46.99 -3.88 35.34
CA MET A 182 48.22 -3.18 35.66
C MET A 182 48.32 -2.95 37.14
N GLN A 183 47.20 -2.59 37.75
CA GLN A 183 47.21 -2.40 39.18
C GLN A 183 47.50 -3.70 39.92
N THR A 184 46.77 -4.76 39.58
CA THR A 184 47.03 -6.07 40.20
C THR A 184 48.48 -6.50 39.97
N THR A 185 49.03 -6.11 38.84
CA THR A 185 50.42 -6.44 38.59
C THR A 185 51.36 -5.73 39.57
N ARG A 186 51.19 -4.44 39.74
CA ARG A 186 52.03 -3.73 40.70
C ARG A 186 51.87 -4.32 42.10
N SER A 187 50.61 -4.62 42.46
CA SER A 187 50.34 -5.20 43.76
C SER A 187 51.02 -6.55 43.94
N LEU A 188 50.99 -7.38 42.92
CA LEU A 188 51.58 -8.71 43.03
C LEU A 188 53.09 -8.63 43.04
N LEU A 189 53.66 -7.74 42.23
CA LEU A 189 55.10 -7.66 42.20
C LEU A 189 55.74 -6.91 43.33
N GLU A 190 54.96 -6.41 44.28
CA GLU A 190 55.60 -5.69 45.39
C GLU A 190 55.12 -6.20 46.75
N ASP B 4 10.82 -25.15 23.26
CA ASP B 4 10.86 -26.50 22.64
C ASP B 4 11.69 -26.52 21.34
N THR B 5 11.05 -26.48 20.15
CA THR B 5 11.83 -26.48 18.88
C THR B 5 12.87 -25.37 18.93
N ARG B 6 12.43 -24.19 19.37
CA ARG B 6 13.32 -23.07 19.53
C ARG B 6 14.44 -23.42 20.50
N GLN B 7 14.07 -24.01 21.63
CA GLN B 7 15.04 -24.33 22.66
C GLN B 7 16.01 -25.41 22.20
N HIS B 8 15.50 -26.38 21.45
CA HIS B 8 16.31 -27.46 20.91
C HIS B 8 17.33 -26.87 19.98
N LEU B 9 16.93 -25.87 19.21
CA LEU B 9 17.88 -25.25 18.32
C LEU B 9 18.96 -24.52 19.10
N LEU B 10 18.53 -23.76 20.11
CA LEU B 10 19.43 -23.00 20.96
C LEU B 10 20.44 -23.92 21.65
N ASP B 11 19.95 -25.04 22.18
CA ASP B 11 20.77 -26.00 22.91
C ASP B 11 21.76 -26.62 21.97
N THR B 12 21.27 -27.07 20.82
CA THR B 12 22.13 -27.73 19.86
C THR B 12 23.22 -26.77 19.37
N GLY B 13 22.86 -25.51 19.19
CA GLY B 13 23.82 -24.51 18.77
C GLY B 13 24.91 -24.33 19.80
N TYR B 14 24.50 -24.35 21.06
CA TYR B 14 25.44 -24.23 22.13
C TYR B 14 26.45 -25.37 22.09
N ARG B 15 25.98 -26.61 22.01
CA ARG B 15 26.86 -27.78 21.97
C ARG B 15 27.85 -27.71 20.83
N ILE B 16 27.41 -27.26 19.66
CA ILE B 16 28.31 -27.21 18.54
C ILE B 16 29.16 -25.93 18.55
N MET B 17 28.56 -24.78 18.89
CA MET B 17 29.37 -23.55 18.88
C MET B 17 30.41 -23.53 19.96
N ALA B 18 30.16 -24.24 21.06
CA ALA B 18 31.12 -24.37 22.18
C ALA B 18 32.46 -24.94 21.75
N VAL B 19 32.38 -25.77 20.71
CA VAL B 19 33.52 -26.43 20.15
C VAL B 19 34.06 -25.77 18.89
N LYS B 20 33.18 -25.49 17.93
CA LYS B 20 33.61 -25.02 16.61
C LYS B 20 33.59 -23.51 16.43
N GLY B 21 33.12 -22.78 17.42
CA GLY B 21 33.11 -21.34 17.28
C GLY B 21 31.86 -20.84 16.59
N PHE B 22 31.87 -19.60 16.14
CA PHE B 22 30.69 -19.08 15.48
C PHE B 22 30.82 -19.18 13.95
N SER B 23 31.86 -18.56 13.41
CA SER B 23 32.10 -18.61 11.98
C SER B 23 32.48 -20.01 11.49
N GLY B 24 32.89 -20.90 12.38
CA GLY B 24 33.28 -22.24 11.98
C GLY B 24 32.16 -23.28 11.97
N VAL B 25 30.93 -22.88 12.31
CA VAL B 25 29.82 -23.81 12.17
C VAL B 25 28.94 -23.28 11.08
N GLY B 26 28.22 -24.18 10.41
CA GLY B 26 27.25 -23.77 9.43
C GLY B 26 25.85 -24.15 9.89
N LEU B 27 24.83 -23.48 9.35
CA LEU B 27 23.51 -23.86 9.77
C LEU B 27 23.25 -25.34 9.52
N ASN B 28 23.72 -25.90 8.39
CA ASN B 28 23.35 -27.29 8.08
C ASN B 28 23.79 -28.28 9.16
N GLU B 29 25.02 -28.13 9.66
CA GLU B 29 25.49 -29.00 10.72
C GLU B 29 24.62 -28.85 11.93
N ILE B 30 24.26 -27.62 12.30
CA ILE B 30 23.41 -27.42 13.48
C ILE B 30 22.05 -28.00 13.20
N LEU B 31 21.52 -27.66 12.04
CA LEU B 31 20.19 -28.10 11.65
C LEU B 31 20.03 -29.61 11.53
N GLN B 32 20.98 -30.27 10.87
CA GLN B 32 20.90 -31.72 10.67
C GLN B 32 21.09 -32.39 12.03
N SER B 33 22.06 -31.88 12.77
CA SER B 33 22.39 -32.43 14.05
C SER B 33 21.19 -32.37 14.96
N ALA B 34 20.33 -31.39 14.74
CA ALA B 34 19.18 -31.23 15.60
C ALA B 34 17.90 -31.78 15.03
N GLY B 35 17.89 -32.18 13.76
CA GLY B 35 16.68 -32.67 13.16
C GLY B 35 15.61 -31.61 12.93
N VAL B 36 16.05 -30.39 12.66
CA VAL B 36 15.15 -29.29 12.35
C VAL B 36 15.43 -28.74 10.94
N PRO B 37 14.36 -28.47 10.18
CA PRO B 37 14.41 -27.96 8.81
C PRO B 37 14.77 -26.49 8.75
N LYS B 38 15.43 -26.07 7.67
CA LYS B 38 15.85 -24.67 7.53
C LYS B 38 14.66 -23.72 7.78
N GLY B 39 13.48 -24.13 7.31
CA GLY B 39 12.34 -23.26 7.44
C GLY B 39 11.93 -23.02 8.88
N SER B 40 12.25 -23.95 9.81
CA SER B 40 11.83 -23.71 11.20
C SER B 40 12.85 -22.80 11.84
N PHE B 41 14.09 -22.96 11.43
CA PHE B 41 15.13 -22.18 12.02
C PHE B 41 14.80 -20.72 11.76
N TYR B 42 14.44 -20.43 10.51
CA TYR B 42 14.21 -19.05 10.13
C TYR B 42 12.85 -18.51 10.51
N HIS B 43 12.04 -19.36 11.13
CA HIS B 43 10.83 -18.91 11.75
C HIS B 43 11.09 -18.29 13.10
N TYR B 44 12.14 -18.77 13.77
CA TYR B 44 12.44 -18.32 15.12
C TYR B 44 13.54 -17.34 15.15
N PHE B 45 14.42 -17.39 14.16
CA PHE B 45 15.52 -16.45 14.14
C PHE B 45 15.57 -15.90 12.74
N LYS B 46 15.83 -14.61 12.64
CA LYS B 46 15.79 -13.96 11.35
C LYS B 46 17.11 -14.15 10.64
N SER B 47 18.15 -14.43 11.41
CA SER B 47 19.50 -14.61 10.88
C SER B 47 20.37 -15.40 11.86
N LYS B 48 21.51 -15.88 11.36
CA LYS B 48 22.46 -16.62 12.18
C LYS B 48 22.98 -15.73 13.27
N GLU B 49 23.22 -14.46 12.94
CA GLU B 49 23.68 -13.53 13.96
C GLU B 49 22.68 -13.42 15.08
N GLN B 50 21.42 -13.31 14.75
CA GLN B 50 20.46 -13.16 15.81
C GLN B 50 20.33 -14.45 16.61
N PHE B 51 20.52 -15.58 15.95
CA PHE B 51 20.54 -16.85 16.63
C PHE B 51 21.67 -16.85 17.65
N GLY B 52 22.82 -16.35 17.23
CA GLY B 52 23.98 -16.24 18.08
C GLY B 52 23.69 -15.48 19.35
N GLN B 53 23.04 -14.33 19.16
CA GLN B 53 22.62 -13.48 20.26
C GLN B 53 21.63 -14.22 21.16
N ALA B 54 20.66 -14.89 20.56
CA ALA B 54 19.68 -15.62 21.33
C ALA B 54 20.37 -16.66 22.22
N LEU B 55 21.29 -17.40 21.62
CA LEU B 55 22.07 -18.42 22.27
C LEU B 55 22.85 -17.87 23.46
N LEU B 56 23.57 -16.79 23.23
CA LEU B 56 24.37 -16.21 24.28
C LEU B 56 23.51 -15.76 25.44
N GLU B 57 22.39 -15.14 25.13
CA GLU B 57 21.46 -14.69 26.15
C GLU B 57 20.92 -15.82 27.01
N ASP B 58 20.56 -16.94 26.39
CA ASP B 58 20.06 -18.07 27.15
C ASP B 58 21.21 -18.66 28.01
N TYR B 59 22.41 -18.68 27.45
CA TYR B 59 23.57 -19.19 28.14
C TYR B 59 23.78 -18.44 29.41
N PHE B 60 23.85 -17.12 29.29
CA PHE B 60 24.06 -16.30 30.46
C PHE B 60 22.90 -16.40 31.47
N ARG B 61 21.67 -16.59 30.99
CA ARG B 61 20.54 -16.73 31.88
C ARG B 61 20.79 -17.92 32.78
N VAL B 62 21.12 -19.05 32.18
CA VAL B 62 21.38 -20.29 32.89
C VAL B 62 22.61 -20.22 33.79
N TYR B 63 23.67 -19.63 33.26
CA TYR B 63 24.92 -19.53 33.98
C TYR B 63 24.78 -18.70 35.25
N LEU B 64 24.19 -17.51 35.15
CA LEU B 64 24.02 -16.66 36.31
C LEU B 64 23.02 -17.29 37.31
N ALA B 65 22.02 -18.03 36.82
CA ALA B 65 21.07 -18.70 37.72
C ALA B 65 21.84 -19.68 38.60
N ASP B 66 22.73 -20.41 37.95
CA ASP B 66 23.58 -21.34 38.64
C ASP B 66 24.52 -20.62 39.62
N MET B 67 25.17 -19.54 39.17
CA MET B 67 26.01 -18.79 40.07
C MET B 67 25.24 -18.38 41.32
N ASP B 68 23.99 -17.93 41.13
CA ASP B 68 23.20 -17.52 42.28
C ASP B 68 22.96 -18.66 43.28
N GLN B 69 22.62 -19.86 42.83
CA GLN B 69 22.52 -20.97 43.79
C GLN B 69 23.83 -21.35 44.45
N ARG B 70 24.88 -21.48 43.66
CA ARG B 70 26.17 -21.83 44.21
C ARG B 70 26.58 -20.76 45.25
N PHE B 71 26.32 -19.50 44.98
CA PHE B 71 26.72 -18.51 45.95
C PHE B 71 25.73 -18.32 47.12
N SER B 72 24.72 -19.19 47.18
CA SER B 72 23.74 -19.19 48.26
C SER B 72 23.62 -20.58 48.88
N ALA B 73 24.66 -21.38 48.70
CA ALA B 73 24.67 -22.76 49.16
C ALA B 73 24.52 -22.84 50.68
N PRO B 74 23.62 -23.72 51.16
CA PRO B 74 23.35 -23.87 52.60
C PRO B 74 24.59 -24.37 53.31
N GLY B 75 24.95 -23.78 54.44
CA GLY B 75 26.03 -24.35 55.22
C GLY B 75 27.41 -23.90 54.82
N LEU B 76 27.50 -23.05 53.82
CA LEU B 76 28.82 -22.59 53.46
C LEU B 76 28.83 -21.11 53.72
N ASN B 77 29.94 -20.59 54.20
CA ASN B 77 30.11 -19.15 54.28
C ASN B 77 30.60 -18.60 52.92
N ALA B 78 30.87 -17.32 52.88
CA ALA B 78 31.25 -16.70 51.61
C ALA B 78 32.55 -17.28 51.05
N ARG B 79 33.58 -17.42 51.88
CA ARG B 79 34.82 -18.03 51.37
C ARG B 79 34.51 -19.43 50.82
N GLU B 80 33.74 -20.24 51.53
CA GLU B 80 33.49 -21.57 51.01
C GLU B 80 32.74 -21.54 49.67
N ARG B 81 31.77 -20.64 49.54
CA ARG B 81 31.01 -20.48 48.30
C ARG B 81 31.89 -19.96 47.14
N LEU B 82 32.59 -18.86 47.39
CA LEU B 82 33.47 -18.27 46.39
C LEU B 82 34.45 -19.29 45.86
N MET B 83 35.07 -20.06 46.76
CA MET B 83 36.04 -21.04 46.30
C MET B 83 35.35 -22.21 45.60
N SER B 84 34.10 -22.57 45.93
CA SER B 84 33.50 -23.69 45.20
C SER B 84 33.32 -23.34 43.71
N TYR B 85 33.15 -22.05 43.39
CA TYR B 85 33.03 -21.59 42.01
C TYR B 85 34.38 -21.75 41.30
N TRP B 86 35.42 -21.18 41.89
CA TRP B 86 36.72 -21.30 41.28
C TRP B 86 37.12 -22.76 41.16
N GLN B 87 36.73 -23.58 42.13
CA GLN B 87 37.04 -24.99 42.08
C GLN B 87 36.38 -25.70 40.92
N LYS B 88 35.08 -25.43 40.70
CA LYS B 88 34.31 -26.04 39.63
C LYS B 88 34.97 -25.74 38.27
N TRP B 89 35.44 -24.50 38.12
CA TRP B 89 36.05 -24.09 36.88
C TRP B 89 37.25 -25.01 36.61
N LEU B 90 38.04 -25.23 37.65
CA LEU B 90 39.20 -26.11 37.57
C LEU B 90 38.83 -27.58 37.37
N ASP B 91 37.82 -28.05 38.10
CA ASP B 91 37.47 -29.45 38.08
C ASP B 91 36.96 -29.86 36.73
N ASN B 92 35.97 -29.17 36.24
CA ASN B 92 35.41 -29.66 35.01
C ASN B 92 36.29 -29.31 33.80
N ALA B 93 37.50 -28.90 34.11
CA ALA B 93 38.51 -28.84 33.08
C ALA B 93 39.60 -29.90 33.32
N CYS B 94 39.15 -31.11 33.68
CA CYS B 94 39.96 -32.30 33.50
C CYS B 94 39.93 -32.38 31.94
N PRO B 95 41.06 -32.75 31.28
CA PRO B 95 41.34 -32.63 29.81
C PRO B 95 40.76 -33.54 28.68
N PRO B 96 39.87 -34.50 28.99
CA PRO B 96 38.99 -35.02 27.93
C PRO B 96 37.86 -34.02 27.59
N CYS B 97 37.86 -32.87 28.27
CA CYS B 97 36.82 -31.83 28.19
C CYS B 97 37.23 -30.66 27.28
N ASP B 98 37.37 -30.99 26.00
CA ASP B 98 37.76 -30.08 24.91
C ASP B 98 36.50 -29.40 24.28
N GLU B 99 35.36 -29.98 24.64
CA GLU B 99 34.03 -29.46 24.34
C GLU B 99 33.84 -28.40 25.43
N GLN B 100 33.96 -27.14 25.01
CA GLN B 100 33.96 -26.06 26.00
C GLN B 100 32.61 -25.85 26.71
N ARG B 101 32.68 -25.41 27.94
CA ARG B 101 31.47 -25.08 28.60
C ARG B 101 31.41 -23.61 28.28
N CYS B 102 32.55 -22.92 28.33
CA CYS B 102 32.48 -21.46 28.47
C CYS B 102 32.54 -20.56 27.24
N LEU B 103 31.40 -19.93 26.95
CA LEU B 103 31.29 -19.07 25.80
C LEU B 103 32.06 -17.77 25.95
N VAL B 104 32.31 -17.32 27.16
CA VAL B 104 33.06 -16.07 27.24
C VAL B 104 34.49 -16.34 26.72
N VAL B 105 35.03 -17.52 27.02
CA VAL B 105 36.39 -17.86 26.57
C VAL B 105 36.38 -18.17 25.07
N LYS B 106 35.39 -18.95 24.67
CA LYS B 106 35.30 -19.44 23.31
C LYS B 106 34.98 -18.40 22.24
N LEU B 107 34.02 -17.51 22.52
CA LEU B 107 33.45 -16.62 21.50
C LEU B 107 33.92 -15.14 21.56
N SER B 108 34.39 -14.67 22.71
CA SER B 108 34.74 -13.26 22.86
C SER B 108 35.62 -12.68 21.78
N ALA B 109 36.84 -13.20 21.66
CA ALA B 109 37.75 -12.59 20.73
C ALA B 109 37.21 -12.68 19.30
N GLU B 110 36.50 -13.76 18.99
CA GLU B 110 36.04 -14.03 17.62
C GLU B 110 34.94 -13.04 17.24
N VAL B 111 33.97 -12.99 18.12
CA VAL B 111 32.71 -12.32 17.90
C VAL B 111 32.75 -10.80 18.19
N ALA B 112 33.70 -10.34 19.01
CA ALA B 112 33.75 -8.90 19.35
C ALA B 112 33.89 -7.96 18.14
N ASP B 113 34.65 -8.36 17.13
CA ASP B 113 34.82 -7.52 15.94
C ASP B 113 33.79 -7.78 14.85
N LEU B 114 32.91 -8.72 15.09
CA LEU B 114 32.06 -9.23 14.05
C LEU B 114 30.59 -8.93 14.25
N SER B 115 30.12 -8.99 15.48
CA SER B 115 28.73 -8.71 15.71
C SER B 115 28.56 -7.78 16.88
N GLU B 116 28.07 -6.57 16.63
CA GLU B 116 27.84 -5.62 17.72
C GLU B 116 26.85 -6.18 18.72
N SER B 117 25.80 -6.87 18.27
CA SER B 117 24.88 -7.40 19.25
C SER B 117 25.48 -8.52 20.09
N MET B 118 26.26 -9.42 19.48
CA MET B 118 26.84 -10.53 20.26
C MET B 118 27.90 -10.00 21.22
N ARG B 119 28.72 -9.06 20.77
CA ARG B 119 29.67 -8.37 21.64
C ARG B 119 28.99 -7.82 22.88
N ILE B 120 27.88 -7.09 22.68
CA ILE B 120 27.15 -6.51 23.80
C ILE B 120 26.65 -7.57 24.74
N THR B 121 26.09 -8.65 24.21
CA THR B 121 25.57 -9.66 25.11
C THR B 121 26.70 -10.27 25.91
N LEU B 122 27.85 -10.51 25.26
CA LEU B 122 29.00 -11.06 25.96
C LEU B 122 29.44 -10.10 27.05
N ARG B 123 29.49 -8.82 26.69
CA ARG B 123 29.94 -7.81 27.63
C ARG B 123 29.03 -7.71 28.84
N ASP B 124 27.70 -7.63 28.61
CA ASP B 124 26.78 -7.46 29.72
C ASP B 124 26.81 -8.70 30.60
N GLY B 125 26.83 -9.88 29.97
CA GLY B 125 26.90 -11.16 30.67
C GLY B 125 28.18 -11.27 31.49
N SER B 126 29.32 -10.83 30.95
CA SER B 126 30.54 -10.94 31.73
C SER B 126 30.37 -10.06 32.97
N ASP B 127 29.83 -8.86 32.78
CA ASP B 127 29.59 -7.94 33.87
C ASP B 127 28.66 -8.55 34.91
N GLY B 128 27.72 -9.35 34.45
CA GLY B 128 26.79 -10.02 35.34
C GLY B 128 27.49 -11.02 36.24
N ILE B 129 28.55 -11.61 35.68
CA ILE B 129 29.37 -12.54 36.40
C ILE B 129 30.16 -11.81 37.48
N ILE B 130 30.90 -10.82 37.03
CA ILE B 130 31.70 -10.03 37.94
C ILE B 130 30.79 -9.45 39.05
N GLU B 131 29.56 -9.04 38.73
CA GLU B 131 28.68 -8.52 39.77
C GLU B 131 28.46 -9.54 40.86
N ARG B 132 28.12 -10.77 40.46
CA ARG B 132 27.93 -11.82 41.46
C ARG B 132 29.18 -12.13 42.28
N LEU B 133 30.36 -12.02 41.67
CA LEU B 133 31.58 -12.18 42.42
C LEU B 133 31.73 -11.05 43.43
N VAL B 134 31.50 -9.80 43.01
CA VAL B 134 31.56 -8.63 43.89
C VAL B 134 30.61 -8.81 45.11
N GLY B 135 29.43 -9.35 44.87
CA GLY B 135 28.51 -9.59 45.96
C GLY B 135 29.00 -10.60 46.96
N CYS B 136 29.64 -11.67 46.48
CA CYS B 136 30.12 -12.72 47.36
C CYS B 136 31.30 -12.24 48.17
N LEU B 137 32.18 -11.55 47.48
CA LEU B 137 33.34 -10.94 48.08
C LEU B 137 32.78 -10.01 49.18
N GLY B 138 31.70 -9.30 48.88
CA GLY B 138 31.06 -8.41 49.86
C GLY B 138 30.47 -9.16 51.05
N GLN B 139 29.79 -10.27 50.78
CA GLN B 139 29.23 -11.13 51.81
C GLN B 139 30.34 -11.64 52.75
N GLY B 140 31.55 -11.81 52.24
CA GLY B 140 32.58 -12.36 53.08
C GLY B 140 33.19 -11.32 53.95
N ARG B 141 33.10 -10.08 53.50
CA ARG B 141 33.58 -8.98 54.30
C ARG B 141 32.56 -8.78 55.45
N ASP B 142 31.34 -9.29 55.26
CA ASP B 142 30.35 -9.27 56.31
C ASP B 142 30.42 -10.42 57.30
N ASP B 143 30.77 -11.61 56.85
CA ASP B 143 30.74 -12.78 57.75
C ASP B 143 32.12 -13.26 58.16
N GLY B 144 33.13 -12.42 57.91
CA GLY B 144 34.48 -12.68 58.36
C GLY B 144 35.26 -13.69 57.56
N SER B 145 34.60 -14.30 56.57
CA SER B 145 35.21 -15.29 55.70
C SER B 145 36.34 -14.76 54.82
N LEU B 146 36.27 -13.49 54.42
CA LEU B 146 37.27 -12.96 53.48
C LEU B 146 37.82 -11.64 53.94
N ALA B 147 39.10 -11.43 53.70
CA ALA B 147 39.81 -10.22 54.05
C ALA B 147 39.24 -8.98 53.40
N PRO B 148 39.57 -7.81 53.93
CA PRO B 148 39.09 -6.62 53.25
C PRO B 148 39.76 -6.49 51.92
N CYS B 149 39.06 -5.89 50.97
CA CYS B 149 39.63 -5.60 49.65
C CYS B 149 38.66 -4.67 48.94
N ASP B 150 39.10 -4.09 47.83
CA ASP B 150 38.20 -3.42 46.92
C ASP B 150 37.45 -4.53 46.16
N ALA B 151 36.22 -4.86 46.55
CA ALA B 151 35.56 -6.02 45.94
C ALA B 151 35.44 -5.92 44.42
N ARG B 152 35.13 -4.74 43.89
CA ARG B 152 35.01 -4.65 42.44
C ARG B 152 36.36 -4.84 41.79
N HIS B 153 37.41 -4.37 42.42
CA HIS B 153 38.74 -4.56 41.82
C HIS B 153 39.19 -5.97 41.85
N MET B 154 38.93 -6.67 42.94
CA MET B 154 39.36 -8.04 43.07
C MET B 154 38.60 -9.00 42.18
N ALA B 155 37.27 -8.92 42.16
CA ALA B 155 36.52 -9.84 41.30
C ALA B 155 36.97 -9.65 39.84
N SER B 156 37.19 -8.42 39.46
CA SER B 156 37.65 -8.17 38.11
C SER B 156 39.02 -8.82 37.89
N ALA B 157 39.96 -8.65 38.80
CA ALA B 157 41.27 -9.27 38.59
C ALA B 157 41.17 -10.78 38.58
N LEU B 158 40.39 -11.35 39.49
CA LEU B 158 40.23 -12.80 39.51
C LEU B 158 39.62 -13.33 38.23
N TYR B 159 38.53 -12.71 37.78
CA TYR B 159 37.85 -13.18 36.59
C TYR B 159 38.81 -13.06 35.40
N GLN B 160 39.53 -11.96 35.33
CA GLN B 160 40.51 -11.83 34.26
C GLN B 160 41.57 -12.93 34.34
N LEU B 161 41.97 -13.25 35.56
CA LEU B 161 43.03 -14.23 35.77
C LEU B 161 42.60 -15.59 35.22
N TRP B 162 41.40 -16.02 35.60
CA TRP B 162 40.84 -17.29 35.15
C TRP B 162 40.51 -17.28 33.66
N LEU B 163 40.19 -16.13 33.10
CA LEU B 163 39.90 -16.07 31.69
C LEU B 163 41.14 -16.44 30.90
N GLY B 164 42.26 -15.79 31.18
CA GLY B 164 43.50 -16.10 30.49
C GLY B 164 43.95 -17.53 30.76
N ALA B 165 43.83 -17.99 31.99
CA ALA B 165 44.20 -19.36 32.31
C ALA B 165 43.38 -20.34 31.47
N SER B 166 42.09 -20.07 31.28
CA SER B 166 41.25 -20.91 30.45
C SER B 166 41.79 -20.97 28.99
N LEU B 167 42.27 -19.82 28.50
CA LEU B 167 42.88 -19.72 27.19
C LEU B 167 44.09 -20.60 27.16
N LEU B 168 44.96 -20.45 28.17
CA LEU B 168 46.15 -21.28 28.15
C LEU B 168 45.83 -22.79 28.32
N SER B 169 44.79 -23.18 29.06
CA SER B 169 44.44 -24.61 29.07
C SER B 169 44.11 -25.15 27.71
N LYS B 170 43.35 -24.39 26.93
CA LYS B 170 42.94 -24.87 25.62
C LYS B 170 44.17 -25.03 24.74
N LEU B 171 45.10 -24.11 24.88
CA LEU B 171 46.33 -24.15 24.13
C LEU B 171 47.22 -25.34 24.51
N HIS B 172 47.18 -25.76 25.78
CA HIS B 172 48.02 -26.84 26.29
C HIS B 172 47.32 -28.22 26.41
N ARG B 173 46.01 -28.22 26.28
CA ARG B 173 45.21 -29.38 26.57
C ARG B 173 45.56 -29.93 27.95
N SER B 174 45.76 -29.01 28.89
CA SER B 174 46.06 -29.34 30.27
C SER B 174 45.34 -28.42 31.25
N PRO B 175 45.00 -28.91 32.45
CA PRO B 175 44.41 -28.04 33.46
C PRO B 175 45.50 -27.32 34.20
N GLY B 176 46.72 -27.51 33.73
CA GLY B 176 47.90 -26.93 34.33
C GLY B 176 47.72 -25.48 34.62
N PRO B 177 47.44 -24.68 33.58
CA PRO B 177 47.28 -23.23 33.80
C PRO B 177 46.13 -22.91 34.77
N LEU B 178 45.11 -23.75 34.87
CA LEU B 178 44.03 -23.43 35.81
C LEU B 178 44.47 -23.57 37.25
N GLU B 179 45.30 -24.55 37.55
CA GLU B 179 45.87 -24.69 38.90
C GLU B 179 46.71 -23.51 39.29
N THR B 180 47.48 -23.00 38.34
CA THR B 180 48.28 -21.81 38.57
C THR B 180 47.41 -20.62 39.03
N ALA B 181 46.26 -20.48 38.37
CA ALA B 181 45.30 -19.44 38.69
C ALA B 181 44.76 -19.67 40.09
N MET B 182 44.32 -20.89 40.34
CA MET B 182 43.75 -21.24 41.64
C MET B 182 44.71 -20.89 42.77
N GLN B 183 45.98 -21.20 42.55
CA GLN B 183 47.00 -20.84 43.51
C GLN B 183 47.15 -19.32 43.66
N THR B 184 47.25 -18.60 42.54
CA THR B 184 47.28 -17.14 42.62
C THR B 184 45.99 -16.60 43.26
N THR B 185 44.87 -17.26 43.03
CA THR B 185 43.63 -16.82 43.63
C THR B 185 43.76 -16.90 45.15
N ARG B 186 44.19 -18.05 45.65
CA ARG B 186 44.35 -18.20 47.09
C ARG B 186 45.34 -17.13 47.64
N SER B 187 46.45 -16.91 46.99
CA SER B 187 47.34 -15.87 47.43
C SER B 187 46.73 -14.45 47.44
N LEU B 188 45.86 -14.13 46.48
CA LEU B 188 45.29 -12.78 46.35
C LEU B 188 44.26 -12.51 47.44
N LEU B 189 43.46 -13.53 47.74
CA LEU B 189 42.55 -13.53 48.89
C LEU B 189 43.54 -13.86 50.03
N GLU B 190 43.14 -13.81 51.29
CA GLU B 190 44.14 -14.10 52.36
C GLU B 190 45.37 -13.17 52.32
N SER C 1 -15.33 -8.82 5.48
CA SER C 1 -14.02 -8.43 6.03
C SER C 1 -12.92 -9.48 5.80
N TYR C 2 -13.34 -10.70 5.55
CA TYR C 2 -12.45 -11.71 5.02
C TYR C 2 -12.23 -11.32 3.58
N ASP C 3 -13.34 -11.02 2.91
CA ASP C 3 -13.31 -10.62 1.51
C ASP C 3 -12.45 -9.38 1.33
N ASP C 4 -12.57 -8.45 2.27
CA ASP C 4 -11.84 -7.20 2.22
C ASP C 4 -10.33 -7.43 2.24
N THR C 5 -9.89 -8.29 3.15
CA THR C 5 -8.49 -8.68 3.22
C THR C 5 -8.03 -9.28 1.93
N ARG C 6 -8.81 -10.23 1.43
CA ARG C 6 -8.49 -10.92 0.19
C ARG C 6 -8.31 -9.92 -0.96
N GLN C 7 -9.19 -8.93 -1.04
CA GLN C 7 -9.06 -7.97 -2.12
C GLN C 7 -7.78 -7.19 -1.90
N HIS C 8 -7.48 -6.87 -0.64
CA HIS C 8 -6.26 -6.14 -0.31
C HIS C 8 -5.02 -6.94 -0.73
N LEU C 9 -5.09 -8.26 -0.61
CA LEU C 9 -3.99 -9.04 -1.06
C LEU C 9 -3.87 -8.87 -2.57
N LEU C 10 -4.99 -9.03 -3.27
CA LEU C 10 -5.06 -8.87 -4.71
C LEU C 10 -4.58 -7.44 -5.03
N ASP C 11 -5.05 -6.45 -4.28
CA ASP C 11 -4.63 -5.09 -4.58
C ASP C 11 -3.12 -4.95 -4.42
N THR C 12 -2.58 -5.53 -3.35
CA THR C 12 -1.14 -5.43 -3.10
C THR C 12 -0.33 -6.16 -4.17
N GLY C 13 -0.81 -7.32 -4.58
CA GLY C 13 -0.11 -8.06 -5.62
C GLY C 13 -0.02 -7.20 -6.89
N TYR C 14 -1.09 -6.50 -7.25
CA TYR C 14 -1.03 -5.68 -8.44
C TYR C 14 0.07 -4.60 -8.28
N ARG C 15 0.06 -3.84 -7.18
CA ARG C 15 1.06 -2.76 -6.96
C ARG C 15 2.45 -3.30 -7.12
N ILE C 16 2.68 -4.50 -6.59
CA ILE C 16 4.02 -5.03 -6.62
C ILE C 16 4.38 -5.77 -7.89
N MET C 17 3.48 -6.60 -8.42
CA MET C 17 3.82 -7.37 -9.62
C MET C 17 4.01 -6.49 -10.83
N ALA C 18 3.31 -5.36 -10.84
CA ALA C 18 3.42 -4.34 -11.86
C ALA C 18 4.87 -3.87 -12.01
N VAL C 19 5.63 -3.97 -10.91
CA VAL C 19 7.03 -3.61 -10.94
C VAL C 19 7.97 -4.81 -11.06
N LYS C 20 7.78 -5.83 -10.22
CA LYS C 20 8.74 -6.92 -10.11
C LYS C 20 8.37 -8.15 -10.93
N GLY C 21 7.16 -8.15 -11.48
CA GLY C 21 6.73 -9.27 -12.28
C GLY C 21 6.12 -10.35 -11.43
N PHE C 22 5.94 -11.54 -11.98
CA PHE C 22 5.33 -12.63 -11.25
C PHE C 22 6.42 -13.46 -10.57
N SER C 23 7.41 -13.94 -11.32
CA SER C 23 8.49 -14.74 -10.73
C SER C 23 9.37 -13.96 -9.72
N GLY C 24 9.42 -12.64 -9.84
CA GLY C 24 10.26 -11.84 -8.98
C GLY C 24 9.65 -11.32 -7.68
N VAL C 25 8.38 -11.63 -7.41
CA VAL C 25 7.82 -11.28 -6.12
C VAL C 25 7.62 -12.58 -5.41
N GLY C 26 7.77 -12.56 -4.10
CA GLY C 26 7.50 -13.73 -3.32
C GLY C 26 6.25 -13.51 -2.48
N LEU C 27 5.65 -14.61 -2.04
CA LEU C 27 4.48 -14.53 -1.20
C LEU C 27 4.76 -13.64 -0.01
N ASN C 28 5.95 -13.76 0.57
CA ASN C 28 6.25 -13.05 1.82
C ASN C 28 6.17 -11.53 1.67
N GLU C 29 6.74 -10.98 0.61
CA GLU C 29 6.68 -9.55 0.42
C GLU C 29 5.23 -9.09 0.28
N ILE C 30 4.42 -9.87 -0.43
CA ILE C 30 3.01 -9.51 -0.63
C ILE C 30 2.26 -9.54 0.70
N LEU C 31 2.41 -10.64 1.43
CA LEU C 31 1.74 -10.79 2.71
C LEU C 31 2.16 -9.69 3.69
N GLN C 32 3.46 -9.42 3.72
CA GLN C 32 4.00 -8.41 4.62
C GLN C 32 3.42 -7.03 4.30
N SER C 33 3.44 -6.62 3.04
CA SER C 33 2.95 -5.29 2.70
C SER C 33 1.47 -5.14 3.02
N ALA C 34 0.74 -6.25 2.97
CA ALA C 34 -0.71 -6.21 3.13
C ALA C 34 -1.14 -6.41 4.60
N GLY C 35 -0.18 -6.66 5.50
CA GLY C 35 -0.54 -6.84 6.90
C GLY C 35 -1.22 -8.17 7.17
N VAL C 36 -0.81 -9.18 6.45
CA VAL C 36 -1.35 -10.51 6.57
C VAL C 36 -0.24 -11.45 7.05
N PRO C 37 -0.56 -12.36 7.97
CA PRO C 37 0.52 -13.25 8.44
C PRO C 37 1.06 -14.20 7.39
N LYS C 38 2.35 -14.51 7.43
CA LYS C 38 2.96 -15.39 6.42
C LYS C 38 2.21 -16.72 6.32
N GLY C 39 1.86 -17.24 7.49
CA GLY C 39 1.24 -18.55 7.59
C GLY C 39 -0.13 -18.61 6.98
N SER C 40 -0.71 -17.43 6.75
CA SER C 40 -2.06 -17.31 6.24
C SER C 40 -2.31 -17.32 4.73
N PHE C 41 -1.27 -17.40 3.90
CA PHE C 41 -1.48 -17.20 2.46
C PHE C 41 -2.52 -18.11 1.87
N TYR C 42 -2.44 -19.38 2.22
CA TYR C 42 -3.32 -20.35 1.65
C TYR C 42 -4.69 -20.33 2.27
N HIS C 43 -4.95 -19.35 3.13
CA HIS C 43 -6.28 -19.09 3.65
C HIS C 43 -7.13 -18.35 2.64
N TYR C 44 -6.44 -17.62 1.78
CA TYR C 44 -7.05 -16.77 0.76
C TYR C 44 -6.93 -17.26 -0.70
N PHE C 45 -5.88 -18.03 -1.01
CA PHE C 45 -5.63 -18.53 -2.36
C PHE C 45 -5.08 -19.96 -2.36
N LYS C 46 -5.29 -20.71 -3.43
CA LYS C 46 -4.85 -22.13 -3.48
C LYS C 46 -3.37 -22.29 -3.82
N SER C 47 -2.85 -21.33 -4.57
CA SER C 47 -1.48 -21.37 -5.00
C SER C 47 -1.12 -19.97 -5.40
N LYS C 48 0.18 -19.74 -5.58
CA LYS C 48 0.65 -18.46 -6.11
C LYS C 48 0.08 -18.27 -7.54
N GLU C 49 0.00 -19.38 -8.30
CA GLU C 49 -0.55 -19.32 -9.64
C GLU C 49 -1.99 -18.85 -9.64
N GLN C 50 -2.80 -19.45 -8.79
CA GLN C 50 -4.20 -19.10 -8.79
C GLN C 50 -4.35 -17.67 -8.25
N PHE C 51 -3.42 -17.26 -7.39
CA PHE C 51 -3.42 -15.88 -6.91
C PHE C 51 -3.29 -14.96 -8.11
N GLY C 52 -2.30 -15.28 -8.95
CA GLY C 52 -2.03 -14.55 -10.18
C GLY C 52 -3.23 -14.44 -11.09
N GLN C 53 -3.91 -15.57 -11.29
CA GLN C 53 -5.09 -15.65 -12.13
C GLN C 53 -6.15 -14.70 -11.57
N ALA C 54 -6.38 -14.80 -10.27
CA ALA C 54 -7.31 -13.94 -9.58
C ALA C 54 -6.90 -12.46 -9.74
N LEU C 55 -5.61 -12.23 -9.56
CA LEU C 55 -5.03 -10.90 -9.63
C LEU C 55 -5.36 -10.28 -10.98
N LEU C 56 -5.09 -11.05 -12.03
CA LEU C 56 -5.35 -10.66 -13.40
C LEU C 56 -6.83 -10.49 -13.74
N GLU C 57 -7.65 -11.43 -13.28
CA GLU C 57 -9.08 -11.37 -13.52
C GLU C 57 -9.65 -10.08 -12.96
N ASP C 58 -9.26 -9.73 -11.76
CA ASP C 58 -9.77 -8.51 -11.19
C ASP C 58 -9.24 -7.33 -12.03
N TYR C 59 -7.99 -7.44 -12.51
CA TYR C 59 -7.39 -6.36 -13.28
C TYR C 59 -8.23 -6.04 -14.51
N PHE C 60 -8.60 -7.06 -15.28
CA PHE C 60 -9.41 -6.85 -16.47
C PHE C 60 -10.86 -6.43 -16.20
N ARG C 61 -11.45 -6.97 -15.14
CA ARG C 61 -12.81 -6.64 -14.79
C ARG C 61 -12.87 -5.11 -14.60
N VAL C 62 -11.93 -4.58 -13.85
CA VAL C 62 -11.90 -3.16 -13.62
C VAL C 62 -11.56 -2.39 -14.90
N TYR C 63 -10.63 -2.95 -15.68
CA TYR C 63 -10.10 -2.33 -16.89
C TYR C 63 -11.14 -2.22 -17.98
N LEU C 64 -11.75 -3.36 -18.30
CA LEU C 64 -12.71 -3.44 -19.38
C LEU C 64 -13.88 -2.57 -19.00
N ALA C 65 -14.18 -2.55 -17.71
CA ALA C 65 -15.23 -1.71 -17.16
C ALA C 65 -14.95 -0.23 -17.35
N ASP C 66 -13.73 0.22 -17.10
CA ASP C 66 -13.40 1.61 -17.36
C ASP C 66 -13.44 1.90 -18.86
N MET C 67 -12.96 0.96 -19.66
CA MET C 67 -13.02 1.15 -21.11
C MET C 67 -14.47 1.36 -21.56
N ASP C 68 -15.40 0.57 -21.03
CA ASP C 68 -16.81 0.70 -21.35
C ASP C 68 -17.35 2.08 -20.97
N GLN C 69 -17.03 2.53 -19.76
CA GLN C 69 -17.43 3.84 -19.28
C GLN C 69 -16.83 4.86 -20.24
N ARG C 70 -15.56 4.70 -20.56
CA ARG C 70 -14.87 5.67 -21.39
C ARG C 70 -15.50 5.78 -22.79
N PHE C 71 -15.92 4.64 -23.34
CA PHE C 71 -16.52 4.61 -24.66
C PHE C 71 -17.99 4.99 -24.64
N SER C 72 -18.42 5.56 -23.51
CA SER C 72 -19.77 6.07 -23.32
C SER C 72 -19.83 7.51 -22.75
N ALA C 73 -18.75 8.26 -22.87
CA ALA C 73 -18.76 9.61 -22.31
C ALA C 73 -19.73 10.52 -23.04
N PRO C 74 -20.65 11.15 -22.28
CA PRO C 74 -21.57 12.08 -22.90
C PRO C 74 -20.84 13.33 -23.45
N GLY C 75 -21.22 13.72 -24.66
CA GLY C 75 -20.72 14.92 -25.33
C GLY C 75 -19.54 14.68 -26.27
N LEU C 76 -19.09 13.43 -26.35
CA LEU C 76 -17.99 13.07 -27.24
C LEU C 76 -18.48 12.13 -28.33
N ASN C 77 -18.00 12.32 -29.56
CA ASN C 77 -18.29 11.34 -30.61
C ASN C 77 -17.39 10.12 -30.51
N ALA C 78 -17.57 9.18 -31.42
CA ALA C 78 -16.83 7.94 -31.35
C ALA C 78 -15.35 8.20 -31.48
N ARG C 79 -14.98 9.06 -32.44
CA ARG C 79 -13.57 9.42 -32.64
C ARG C 79 -13.00 10.07 -31.34
N GLU C 80 -13.71 10.99 -30.69
CA GLU C 80 -13.21 11.60 -29.44
C GLU C 80 -13.09 10.59 -28.28
N ARG C 81 -14.02 9.63 -28.23
CA ARG C 81 -13.98 8.56 -27.24
C ARG C 81 -12.75 7.69 -27.43
N LEU C 82 -12.58 7.19 -28.66
CA LEU C 82 -11.43 6.39 -29.01
C LEU C 82 -10.12 7.14 -28.75
N MET C 83 -10.08 8.42 -29.12
CA MET C 83 -8.84 9.15 -28.99
C MET C 83 -8.46 9.37 -27.54
N SER C 84 -9.44 9.50 -26.64
CA SER C 84 -9.15 9.72 -25.22
C SER C 84 -8.49 8.52 -24.55
N TYR C 85 -8.77 7.32 -25.06
CA TYR C 85 -8.16 6.12 -24.54
C TYR C 85 -6.69 6.09 -24.84
N TRP C 86 -6.36 6.18 -26.12
CA TRP C 86 -4.98 6.23 -26.53
C TRP C 86 -4.29 7.43 -25.87
N GLN C 87 -5.00 8.54 -25.74
CA GLN C 87 -4.40 9.70 -25.11
C GLN C 87 -4.06 9.43 -23.66
N LYS C 88 -4.95 8.74 -22.96
CA LYS C 88 -4.72 8.44 -21.55
C LYS C 88 -3.42 7.63 -21.40
N TRP C 89 -3.27 6.68 -22.32
CA TRP C 89 -2.12 5.79 -22.38
C TRP C 89 -0.82 6.56 -22.49
N LEU C 90 -0.82 7.58 -23.32
CA LEU C 90 0.35 8.41 -23.50
C LEU C 90 0.61 9.25 -22.29
N ASP C 91 -0.45 9.83 -21.75
CA ASP C 91 -0.33 10.76 -20.63
C ASP C 91 0.16 10.10 -19.34
N ASN C 92 -0.50 9.05 -18.89
CA ASN C 92 -0.16 8.51 -17.58
C ASN C 92 1.15 7.70 -17.63
N ALA C 93 1.80 7.87 -18.77
CA ALA C 93 3.17 7.47 -18.99
C ALA C 93 3.97 8.76 -19.06
N CYS C 94 3.78 9.64 -18.08
CA CYS C 94 4.79 10.69 -17.93
C CYS C 94 6.05 9.86 -17.70
N PRO C 95 7.17 10.30 -18.28
CA PRO C 95 8.09 9.39 -18.99
C PRO C 95 8.68 8.11 -18.31
N PRO C 96 9.21 8.22 -17.05
CA PRO C 96 9.69 7.06 -16.26
C PRO C 96 8.68 6.48 -15.28
N CYS C 97 7.47 6.11 -15.72
CA CYS C 97 6.55 5.51 -14.77
C CYS C 97 6.83 4.00 -15.01
N ASP C 98 7.66 3.46 -14.08
CA ASP C 98 8.11 2.04 -13.98
C ASP C 98 7.08 1.28 -13.16
N GLU C 99 6.27 2.07 -12.46
CA GLU C 99 5.12 1.57 -11.79
C GLU C 99 4.21 1.39 -12.98
N GLN C 100 4.18 0.16 -13.48
CA GLN C 100 3.43 -0.09 -14.69
C GLN C 100 1.97 0.02 -14.39
N ARG C 101 1.20 0.47 -15.37
CA ARG C 101 -0.19 0.29 -15.12
C ARG C 101 -0.39 -1.04 -15.83
N CYS C 102 0.24 -1.24 -16.98
CA CYS C 102 -0.31 -2.27 -17.83
C CYS C 102 0.26 -3.64 -17.63
N LEU C 103 -0.61 -4.52 -17.12
CA LEU C 103 -0.26 -5.91 -16.87
C LEU C 103 -0.13 -6.72 -18.16
N VAL C 104 -0.77 -6.26 -19.24
CA VAL C 104 -0.62 -6.96 -20.51
C VAL C 104 0.83 -6.81 -20.97
N VAL C 105 1.36 -5.60 -20.80
CA VAL C 105 2.76 -5.32 -21.14
C VAL C 105 3.72 -5.97 -20.18
N LYS C 106 3.45 -5.85 -18.88
CA LYS C 106 4.38 -6.31 -17.87
C LYS C 106 4.47 -7.84 -17.78
N LEU C 107 3.33 -8.51 -17.91
CA LEU C 107 3.24 -9.95 -17.64
C LEU C 107 3.19 -10.93 -18.82
N SER C 108 2.75 -10.47 -19.98
CA SER C 108 2.53 -11.38 -21.09
C SER C 108 3.69 -12.28 -21.40
N ALA C 109 4.83 -11.71 -21.79
CA ALA C 109 5.95 -12.54 -22.20
C ALA C 109 6.44 -13.47 -21.10
N GLU C 110 6.41 -13.00 -19.85
CA GLU C 110 6.91 -13.78 -18.73
C GLU C 110 6.04 -14.99 -18.39
N VAL C 111 4.75 -14.71 -18.30
CA VAL C 111 3.76 -15.62 -17.78
C VAL C 111 3.27 -16.69 -18.79
N ALA C 112 3.25 -16.32 -20.08
CA ALA C 112 2.73 -17.18 -21.15
C ALA C 112 3.45 -18.54 -21.25
N ASP C 113 4.75 -18.56 -21.04
CA ASP C 113 5.50 -19.81 -21.16
C ASP C 113 5.50 -20.56 -19.82
N LEU C 114 4.81 -19.99 -18.84
CA LEU C 114 4.93 -20.50 -17.49
C LEU C 114 3.63 -21.08 -16.91
N SER C 115 2.53 -20.36 -17.12
CA SER C 115 1.24 -20.73 -16.56
C SER C 115 0.13 -20.72 -17.62
N GLU C 116 -0.40 -21.89 -17.92
CA GLU C 116 -1.45 -22.02 -18.92
C GLU C 116 -2.71 -21.21 -18.46
N SER C 117 -2.98 -21.20 -17.17
CA SER C 117 -4.15 -20.49 -16.66
C SER C 117 -4.04 -18.99 -16.78
N MET C 118 -2.85 -18.46 -16.48
CA MET C 118 -2.60 -17.03 -16.53
C MET C 118 -2.53 -16.52 -17.98
N ARG C 119 -1.90 -17.34 -18.81
CA ARG C 119 -1.79 -17.12 -20.25
C ARG C 119 -3.18 -16.89 -20.85
N ILE C 120 -4.11 -17.81 -20.56
CA ILE C 120 -5.49 -17.71 -21.06
C ILE C 120 -6.19 -16.46 -20.49
N THR C 121 -5.94 -16.16 -19.24
CA THR C 121 -6.60 -15.04 -18.61
C THR C 121 -6.14 -13.79 -19.32
N LEU C 122 -4.84 -13.77 -19.59
CA LEU C 122 -4.22 -12.67 -20.30
C LEU C 122 -4.76 -12.61 -21.73
N ARG C 123 -4.83 -13.76 -22.40
CA ARG C 123 -5.33 -13.84 -23.79
C ARG C 123 -6.78 -13.37 -23.92
N ASP C 124 -7.65 -13.89 -23.07
CA ASP C 124 -9.07 -13.55 -23.11
C ASP C 124 -9.24 -12.10 -22.68
N GLY C 125 -8.42 -11.65 -21.75
CA GLY C 125 -8.52 -10.27 -21.29
C GLY C 125 -8.20 -9.29 -22.39
N SER C 126 -7.09 -9.56 -23.08
CA SER C 126 -6.63 -8.71 -24.18
C SER C 126 -7.58 -8.72 -25.38
N ASP C 127 -8.15 -9.88 -25.71
CA ASP C 127 -9.17 -9.99 -26.77
C ASP C 127 -10.34 -9.07 -26.41
N GLY C 128 -10.62 -8.98 -25.11
CA GLY C 128 -11.67 -8.12 -24.61
C GLY C 128 -11.39 -6.65 -24.83
N ILE C 129 -10.11 -6.29 -24.82
CA ILE C 129 -9.70 -4.91 -25.07
C ILE C 129 -9.99 -4.56 -26.53
N ILE C 130 -9.48 -5.45 -27.38
CA ILE C 130 -9.60 -5.35 -28.82
C ILE C 130 -11.07 -5.23 -29.16
N GLU C 131 -11.89 -6.06 -28.51
CA GLU C 131 -13.34 -6.12 -28.76
C GLU C 131 -14.04 -4.77 -28.52
N ARG C 132 -13.76 -4.17 -27.39
CA ARG C 132 -14.28 -2.87 -27.07
C ARG C 132 -13.77 -1.83 -28.06
N LEU C 133 -12.54 -2.02 -28.55
CA LEU C 133 -12.00 -1.12 -29.56
C LEU C 133 -12.77 -1.21 -30.88
N VAL C 134 -13.02 -2.45 -31.30
CA VAL C 134 -13.79 -2.75 -32.51
C VAL C 134 -15.13 -2.05 -32.40
N GLY C 135 -15.73 -2.13 -31.23
CA GLY C 135 -17.01 -1.50 -30.98
C GLY C 135 -16.99 0.00 -31.13
N CYS C 136 -15.90 0.62 -30.70
CA CYS C 136 -15.81 2.07 -30.81
C CYS C 136 -15.53 2.42 -32.26
N LEU C 137 -14.74 1.57 -32.92
CA LEU C 137 -14.48 1.78 -34.33
C LEU C 137 -15.80 1.73 -35.11
N GLY C 138 -16.62 0.73 -34.81
CA GLY C 138 -17.90 0.55 -35.49
C GLY C 138 -18.83 1.71 -35.18
N GLN C 139 -18.81 2.13 -33.93
CA GLN C 139 -19.57 3.27 -33.45
C GLN C 139 -19.21 4.52 -34.25
N GLY C 140 -17.98 4.57 -34.75
CA GLY C 140 -17.54 5.72 -35.52
C GLY C 140 -17.88 5.68 -37.00
N ARG C 141 -17.97 4.45 -37.51
CA ARG C 141 -18.38 4.22 -38.89
C ARG C 141 -19.88 4.51 -39.04
N ASP C 142 -20.59 4.44 -37.91
CA ASP C 142 -22.03 4.74 -37.79
C ASP C 142 -22.39 6.22 -37.63
N ASP C 143 -21.54 6.98 -36.94
CA ASP C 143 -21.83 8.40 -36.70
C ASP C 143 -20.92 9.28 -37.53
N GLY C 144 -20.20 8.62 -38.43
CA GLY C 144 -19.37 9.30 -39.40
C GLY C 144 -18.05 9.87 -38.91
N SER C 145 -17.80 9.80 -37.59
CA SER C 145 -16.60 10.38 -36.94
C SER C 145 -15.26 9.80 -37.41
N LEU C 146 -15.29 8.55 -37.85
CA LEU C 146 -14.10 7.82 -38.26
C LEU C 146 -14.33 7.21 -39.63
N ALA C 147 -13.29 7.22 -40.46
CA ALA C 147 -13.35 6.65 -41.79
C ALA C 147 -13.67 5.16 -41.70
N PRO C 148 -14.13 4.57 -42.79
CA PRO C 148 -14.37 3.12 -42.77
C PRO C 148 -13.07 2.34 -42.60
N CYS C 149 -13.19 1.12 -42.09
CA CYS C 149 -12.03 0.25 -41.96
C CYS C 149 -12.54 -1.14 -41.70
N ASP C 150 -11.62 -2.10 -41.77
CA ASP C 150 -11.89 -3.44 -41.26
C ASP C 150 -11.73 -3.33 -39.72
N ALA C 151 -12.83 -3.19 -38.96
CA ALA C 151 -12.69 -2.86 -37.53
C ALA C 151 -11.82 -3.83 -36.70
N ARG C 152 -12.00 -5.13 -36.91
CA ARG C 152 -11.23 -6.14 -36.18
C ARG C 152 -9.74 -6.11 -36.54
N HIS C 153 -9.41 -5.79 -37.77
CA HIS C 153 -8.01 -5.58 -38.13
C HIS C 153 -7.47 -4.26 -37.58
N MET C 154 -8.24 -3.18 -37.62
CA MET C 154 -7.67 -1.92 -37.19
C MET C 154 -7.38 -1.91 -35.69
N ALA C 155 -8.34 -2.36 -34.91
CA ALA C 155 -8.13 -2.43 -33.47
C ALA C 155 -6.96 -3.37 -33.17
N SER C 156 -6.95 -4.52 -33.82
CA SER C 156 -5.85 -5.45 -33.61
C SER C 156 -4.52 -4.82 -34.02
N ALA C 157 -4.47 -4.13 -35.15
CA ALA C 157 -3.21 -3.50 -35.51
C ALA C 157 -2.85 -2.35 -34.54
N LEU C 158 -3.82 -1.51 -34.17
CA LEU C 158 -3.56 -0.40 -33.23
C LEU C 158 -3.14 -0.87 -31.84
N TYR C 159 -3.85 -1.86 -31.32
CA TYR C 159 -3.53 -2.37 -30.00
C TYR C 159 -2.12 -2.95 -30.01
N GLN C 160 -1.81 -3.70 -31.07
CA GLN C 160 -0.47 -4.25 -31.20
C GLN C 160 0.56 -3.11 -31.20
N LEU C 161 0.23 -2.02 -31.87
CA LEU C 161 1.13 -0.91 -32.00
C LEU C 161 1.49 -0.28 -30.64
N TRP C 162 0.47 0.01 -29.83
CA TRP C 162 0.73 0.59 -28.51
C TRP C 162 1.41 -0.40 -27.55
N LEU C 163 1.18 -1.69 -27.73
CA LEU C 163 1.87 -2.64 -26.87
C LEU C 163 3.37 -2.55 -27.12
N GLY C 164 3.75 -2.64 -28.39
CA GLY C 164 5.16 -2.56 -28.74
C GLY C 164 5.71 -1.21 -28.34
N ALA C 165 4.91 -0.17 -28.49
CA ALA C 165 5.37 1.14 -28.08
C ALA C 165 5.70 1.16 -26.60
N SER C 166 4.86 0.54 -25.78
CA SER C 166 5.01 0.55 -24.32
C SER C 166 6.31 -0.13 -23.84
N LEU C 167 6.62 -1.23 -24.50
CA LEU C 167 7.84 -1.96 -24.25
C LEU C 167 9.02 -1.04 -24.49
N LEU C 168 9.07 -0.41 -25.67
CA LEU C 168 10.22 0.43 -25.93
C LEU C 168 10.23 1.59 -24.94
N SER C 169 9.04 2.03 -24.52
CA SER C 169 8.96 3.13 -23.56
C SER C 169 9.55 2.75 -22.21
N LYS C 170 9.34 1.52 -21.76
CA LYS C 170 9.99 1.03 -20.54
C LYS C 170 11.50 0.94 -20.71
N LEU C 171 11.95 0.49 -21.88
CA LEU C 171 13.36 0.33 -22.19
C LEU C 171 14.08 1.68 -22.21
N HIS C 172 13.36 2.73 -22.58
CA HIS C 172 13.97 4.06 -22.67
C HIS C 172 13.75 4.97 -21.50
N ARG C 173 12.74 4.65 -20.68
CA ARG C 173 12.22 5.56 -19.63
C ARG C 173 11.92 6.94 -20.25
N SER C 174 11.27 6.91 -21.41
CA SER C 174 10.87 8.08 -22.18
C SER C 174 9.49 7.77 -22.73
N PRO C 175 8.66 8.81 -22.92
CA PRO C 175 7.36 8.56 -23.53
C PRO C 175 7.49 8.67 -25.06
N GLY C 176 8.70 8.86 -25.54
CA GLY C 176 8.97 9.00 -26.96
C GLY C 176 8.30 7.98 -27.86
N PRO C 177 8.54 6.69 -27.62
CA PRO C 177 7.97 5.69 -28.50
C PRO C 177 6.45 5.74 -28.53
N LEU C 178 5.83 6.18 -27.44
CA LEU C 178 4.38 6.31 -27.38
C LEU C 178 3.90 7.48 -28.21
N GLU C 179 4.64 8.58 -28.18
CA GLU C 179 4.37 9.74 -29.04
C GLU C 179 4.39 9.28 -30.52
N THR C 180 5.34 8.40 -30.83
CA THR C 180 5.38 7.73 -32.12
C THR C 180 4.11 6.91 -32.42
N ALA C 181 3.64 6.12 -31.47
CA ALA C 181 2.45 5.33 -31.68
C ALA C 181 1.29 6.27 -31.99
N MET C 182 1.18 7.34 -31.19
CA MET C 182 0.12 8.31 -31.37
C MET C 182 0.08 8.88 -32.79
N GLN C 183 1.25 9.24 -33.32
CA GLN C 183 1.34 9.77 -34.69
C GLN C 183 0.82 8.77 -35.70
N THR C 184 1.33 7.55 -35.63
CA THR C 184 0.89 6.46 -36.49
C THR C 184 -0.61 6.15 -36.38
N THR C 185 -1.16 6.29 -35.17
CA THR C 185 -2.57 6.01 -34.95
C THR C 185 -3.41 7.03 -35.70
N ARG C 186 -3.05 8.31 -35.53
CA ARG C 186 -3.77 9.32 -36.28
C ARG C 186 -3.67 9.07 -37.79
N SER C 187 -2.49 8.75 -38.30
CA SER C 187 -2.37 8.44 -39.72
C SER C 187 -3.18 7.23 -40.15
N LEU C 188 -3.25 6.21 -39.31
CA LEU C 188 -3.94 4.99 -39.68
C LEU C 188 -5.47 5.21 -39.68
N LEU C 189 -5.94 6.02 -38.73
CA LEU C 189 -7.33 6.52 -38.73
C LEU C 189 -7.30 7.70 -39.70
N GLU C 190 -8.38 8.48 -39.77
CA GLU C 190 -8.52 9.60 -40.72
C GLU C 190 -7.52 9.67 -41.88
N ASP D 4 34.63 -20.58 -25.84
CA ASP D 4 34.51 -21.97 -25.38
C ASP D 4 33.58 -22.15 -24.17
N THR D 5 34.16 -22.40 -22.98
CA THR D 5 33.37 -22.60 -21.74
C THR D 5 32.46 -21.38 -21.49
N ARG D 6 33.05 -20.19 -21.57
CA ARG D 6 32.26 -18.98 -21.45
C ARG D 6 31.16 -18.95 -22.50
N GLN D 7 31.56 -19.23 -23.75
CA GLN D 7 30.63 -19.16 -24.86
C GLN D 7 29.56 -20.23 -24.74
N HIS D 8 29.95 -21.42 -24.24
CA HIS D 8 29.03 -22.52 -24.02
C HIS D 8 27.98 -22.13 -23.01
N LEU D 9 28.41 -21.40 -21.96
CA LEU D 9 27.49 -20.91 -20.96
C LEU D 9 26.52 -19.87 -21.53
N LEU D 10 27.05 -18.95 -22.33
CA LEU D 10 26.22 -17.93 -22.95
C LEU D 10 25.13 -18.60 -23.83
N ASP D 11 25.53 -19.59 -24.61
CA ASP D 11 24.63 -20.26 -25.52
C ASP D 11 23.52 -21.01 -24.79
N THR D 12 23.92 -21.77 -23.78
CA THR D 12 22.98 -22.57 -23.00
C THR D 12 22.04 -21.63 -22.29
N GLY D 13 22.59 -20.51 -21.84
CA GLY D 13 21.79 -19.51 -21.17
C GLY D 13 20.73 -18.94 -22.08
N TYR D 14 21.14 -18.55 -23.28
CA TYR D 14 20.23 -17.99 -24.27
C TYR D 14 19.08 -18.96 -24.58
N ARG D 15 19.46 -20.20 -24.83
CA ARG D 15 18.54 -21.28 -25.13
C ARG D 15 17.45 -21.46 -24.04
N ILE D 16 17.83 -21.39 -22.77
CA ILE D 16 16.91 -21.59 -21.66
C ILE D 16 16.17 -20.33 -21.24
N MET D 17 16.85 -19.20 -21.24
CA MET D 17 16.20 -17.98 -20.81
C MET D 17 15.16 -17.51 -21.81
N ALA D 18 15.39 -17.83 -23.08
CA ALA D 18 14.43 -17.54 -24.14
C ALA D 18 13.08 -18.17 -23.84
N VAL D 19 13.13 -19.26 -23.09
CA VAL D 19 11.89 -19.92 -22.73
C VAL D 19 11.45 -19.51 -21.32
N LYS D 20 12.33 -19.62 -20.33
CA LYS D 20 11.93 -19.47 -18.91
C LYS D 20 12.12 -18.07 -18.34
N GLY D 21 12.70 -17.17 -19.13
CA GLY D 21 12.87 -15.80 -18.68
C GLY D 21 14.16 -15.65 -17.90
N PHE D 22 14.32 -14.54 -17.19
CA PHE D 22 15.56 -14.32 -16.43
C PHE D 22 15.39 -14.74 -14.99
N SER D 23 14.37 -14.18 -14.35
CA SER D 23 14.08 -14.52 -12.98
C SER D 23 13.62 -15.96 -12.79
N GLY D 24 13.07 -16.57 -13.83
CA GLY D 24 12.52 -17.89 -13.67
C GLY D 24 13.46 -19.05 -13.89
N VAL D 25 14.73 -18.80 -14.16
CA VAL D 25 15.69 -19.89 -14.19
C VAL D 25 16.67 -19.72 -13.06
N GLY D 26 17.22 -20.83 -12.59
CA GLY D 26 18.27 -20.73 -11.59
C GLY D 26 19.59 -21.13 -12.21
N LEU D 27 20.67 -20.67 -11.61
CA LEU D 27 21.97 -20.99 -12.11
C LEU D 27 22.15 -22.49 -12.23
N ASN D 28 21.58 -23.27 -11.30
CA ASN D 28 21.79 -24.72 -11.38
C ASN D 28 21.29 -25.34 -12.68
N GLU D 29 20.07 -24.97 -13.10
CA GLU D 29 19.50 -25.53 -14.33
C GLU D 29 20.35 -25.19 -15.55
N ILE D 30 20.78 -23.93 -15.62
CA ILE D 30 21.64 -23.52 -16.72
C ILE D 30 22.90 -24.35 -16.62
N LEU D 31 23.47 -24.41 -15.42
CA LEU D 31 24.73 -25.08 -15.18
C LEU D 31 24.69 -26.58 -15.49
N GLN D 32 23.63 -27.23 -14.98
CA GLN D 32 23.45 -28.66 -15.13
C GLN D 32 23.27 -28.99 -16.60
N SER D 33 22.41 -28.20 -17.25
CA SER D 33 22.15 -28.40 -18.65
C SER D 33 23.40 -28.22 -19.51
N ALA D 34 24.35 -27.39 -19.07
CA ALA D 34 25.59 -27.16 -19.82
C ALA D 34 26.80 -27.95 -19.36
N GLY D 35 26.69 -28.66 -18.23
CA GLY D 35 27.81 -29.47 -17.75
C GLY D 35 29.00 -28.68 -17.21
N VAL D 36 28.71 -27.54 -16.60
CA VAL D 36 29.75 -26.70 -16.02
C VAL D 36 29.50 -26.54 -14.50
N PRO D 37 30.57 -26.59 -13.72
CA PRO D 37 30.50 -26.44 -12.26
C PRO D 37 30.18 -24.99 -11.83
N LYS D 38 29.53 -24.77 -10.69
CA LYS D 38 29.23 -23.40 -10.29
C LYS D 38 30.50 -22.53 -10.23
N GLY D 39 31.61 -23.07 -9.76
CA GLY D 39 32.78 -22.23 -9.60
C GLY D 39 33.29 -21.72 -10.93
N SER D 40 32.96 -22.43 -12.00
CA SER D 40 33.44 -22.00 -13.31
C SER D 40 32.55 -20.88 -13.77
N PHE D 41 31.28 -20.95 -13.39
CA PHE D 41 30.38 -19.93 -13.82
C PHE D 41 30.91 -18.63 -13.25
N TYR D 42 31.25 -18.63 -11.96
CA TYR D 42 31.69 -17.39 -11.35
C TYR D 42 33.13 -17.03 -11.63
N HIS D 43 33.84 -17.84 -12.41
CA HIS D 43 35.14 -17.46 -12.94
C HIS D 43 34.99 -16.57 -14.16
N TYR D 44 33.91 -16.75 -14.91
CA TYR D 44 33.70 -15.99 -16.14
C TYR D 44 32.72 -14.83 -15.99
N PHE D 45 31.84 -14.91 -15.00
CA PHE D 45 30.91 -13.82 -14.75
C PHE D 45 30.86 -13.54 -13.26
N LYS D 46 30.73 -12.27 -12.88
CA LYS D 46 30.78 -11.91 -11.48
C LYS D 46 29.43 -12.19 -10.86
N SER D 47 28.39 -12.20 -11.68
CA SER D 47 27.02 -12.40 -11.18
C SER D 47 26.08 -12.82 -12.29
N LYS D 48 24.91 -13.32 -11.90
CA LYS D 48 23.87 -13.70 -12.85
C LYS D 48 23.45 -12.49 -13.68
N GLU D 49 23.38 -11.32 -13.05
CA GLU D 49 23.07 -10.10 -13.78
C GLU D 49 24.11 -9.84 -14.86
N GLN D 50 25.39 -9.96 -14.52
CA GLN D 50 26.43 -9.65 -15.48
C GLN D 50 26.41 -10.67 -16.62
N PHE D 51 26.07 -11.90 -16.27
CA PHE D 51 25.89 -12.96 -17.23
C PHE D 51 24.75 -12.60 -18.17
N GLY D 52 23.64 -12.12 -17.61
CA GLY D 52 22.49 -11.71 -18.42
C GLY D 52 22.86 -10.71 -19.49
N GLN D 53 23.59 -9.69 -19.08
CA GLN D 53 24.04 -8.67 -19.99
C GLN D 53 24.91 -9.25 -21.11
N ALA D 54 25.86 -10.10 -20.73
CA ALA D 54 26.77 -10.71 -21.70
C ALA D 54 25.98 -11.46 -22.75
N LEU D 55 25.08 -12.30 -22.28
CA LEU D 55 24.27 -13.07 -23.19
C LEU D 55 23.46 -12.12 -24.06
N LEU D 56 22.88 -11.07 -23.49
CA LEU D 56 22.17 -10.10 -24.31
C LEU D 56 23.09 -9.39 -25.36
N GLU D 57 24.30 -8.98 -24.99
CA GLU D 57 25.24 -8.35 -25.94
C GLU D 57 25.60 -9.28 -27.10
N ASP D 58 25.91 -10.51 -26.75
CA ASP D 58 26.30 -11.50 -27.72
C ASP D 58 25.08 -11.69 -28.63
N TYR D 59 23.89 -11.73 -28.04
CA TYR D 59 22.65 -11.89 -28.80
C TYR D 59 22.51 -10.76 -29.83
N PHE D 60 22.64 -9.51 -29.40
CA PHE D 60 22.52 -8.42 -30.36
C PHE D 60 23.61 -8.34 -31.43
N ARG D 61 24.85 -8.72 -31.07
CA ARG D 61 25.95 -8.74 -32.04
C ARG D 61 25.58 -9.66 -33.16
N VAL D 62 25.11 -10.84 -32.77
CA VAL D 62 24.75 -11.84 -33.73
C VAL D 62 23.52 -11.46 -34.54
N TYR D 63 22.51 -10.91 -33.85
CA TYR D 63 21.24 -10.51 -34.48
C TYR D 63 21.48 -9.42 -35.51
N LEU D 64 22.18 -8.38 -35.06
CA LEU D 64 22.49 -7.27 -35.94
C LEU D 64 23.39 -7.69 -37.11
N ALA D 65 24.29 -8.65 -36.93
CA ALA D 65 25.09 -9.12 -38.06
C ALA D 65 24.18 -9.72 -39.12
N ASP D 66 23.23 -10.53 -38.68
CA ASP D 66 22.32 -11.10 -39.60
C ASP D 66 21.47 -10.04 -40.32
N MET D 67 20.98 -9.05 -39.59
CA MET D 67 20.21 -8.00 -40.22
C MET D 67 21.00 -7.31 -41.36
N ASP D 68 22.27 -7.02 -41.10
CA ASP D 68 23.15 -6.41 -42.08
C ASP D 68 23.35 -7.26 -43.32
N GLN D 69 23.57 -8.55 -43.10
CA GLN D 69 23.74 -9.49 -44.19
C GLN D 69 22.46 -9.45 -45.00
N ARG D 70 21.32 -9.54 -44.31
CA ARG D 70 20.01 -9.58 -44.96
C ARG D 70 19.72 -8.32 -45.76
N PHE D 71 20.07 -7.16 -45.22
CA PHE D 71 19.78 -5.90 -45.90
C PHE D 71 20.83 -5.51 -46.92
N SER D 72 21.74 -6.45 -47.20
CA SER D 72 22.71 -6.29 -48.27
C SER D 72 22.76 -7.54 -49.16
N ALA D 73 21.72 -8.36 -49.11
CA ALA D 73 21.65 -9.57 -49.94
C ALA D 73 21.55 -9.21 -51.42
N PRO D 74 22.44 -9.80 -52.24
CA PRO D 74 22.49 -9.54 -53.69
C PRO D 74 21.21 -10.05 -54.37
N GLY D 75 20.73 -9.29 -55.35
CA GLY D 75 19.63 -9.73 -56.19
C GLY D 75 18.26 -9.35 -55.72
N LEU D 76 18.20 -8.70 -54.56
CA LEU D 76 16.93 -8.18 -54.05
C LEU D 76 17.02 -6.67 -54.03
N ASN D 77 15.93 -5.98 -54.35
CA ASN D 77 15.92 -4.53 -54.16
C ASN D 77 15.62 -4.26 -52.68
N ALA D 78 15.56 -3.00 -52.29
CA ALA D 78 15.37 -2.71 -50.87
C ALA D 78 14.07 -3.25 -50.29
N ARG D 79 12.95 -3.04 -50.98
CA ARG D 79 11.65 -3.51 -50.51
C ARG D 79 11.71 -5.01 -50.26
N GLU D 80 12.32 -5.72 -51.19
CA GLU D 80 12.42 -7.17 -51.07
C GLU D 80 13.25 -7.55 -49.84
N ARG D 81 14.30 -6.78 -49.59
CA ARG D 81 15.12 -6.98 -48.42
C ARG D 81 14.32 -6.69 -47.15
N LEU D 82 13.70 -5.52 -47.08
CA LEU D 82 12.90 -5.17 -45.92
C LEU D 82 11.84 -6.24 -45.64
N MET D 83 11.10 -6.66 -46.65
CA MET D 83 10.02 -7.61 -46.40
C MET D 83 10.53 -8.99 -46.03
N SER D 84 11.76 -9.30 -46.40
CA SER D 84 12.33 -10.60 -46.08
C SER D 84 12.49 -10.75 -44.57
N TYR D 85 12.71 -9.61 -43.94
CA TYR D 85 12.88 -9.56 -42.50
C TYR D 85 11.56 -9.83 -41.80
N TRP D 86 10.54 -9.05 -42.12
CA TRP D 86 9.23 -9.26 -41.55
C TRP D 86 8.69 -10.67 -41.82
N GLN D 87 8.98 -11.21 -42.99
CA GLN D 87 8.51 -12.54 -43.37
C GLN D 87 9.16 -13.59 -42.47
N LYS D 88 10.46 -13.47 -42.22
CA LYS D 88 11.19 -14.40 -41.34
C LYS D 88 10.60 -14.37 -39.94
N TRP D 89 10.27 -13.16 -39.47
CA TRP D 89 9.63 -12.98 -38.18
C TRP D 89 8.32 -13.74 -38.15
N LEU D 90 7.53 -13.61 -39.20
CA LEU D 90 6.26 -14.29 -39.29
C LEU D 90 6.46 -15.80 -39.46
N ASP D 91 7.41 -16.20 -40.31
CA ASP D 91 7.62 -17.63 -40.63
C ASP D 91 8.07 -18.47 -39.43
N ASN D 92 9.22 -18.14 -38.86
CA ASN D 92 9.79 -18.98 -37.82
C ASN D 92 9.10 -18.73 -36.49
N ALA D 93 8.03 -17.94 -36.54
CA ALA D 93 7.12 -17.85 -35.42
C ALA D 93 5.71 -18.41 -35.73
N CYS D 94 5.63 -19.56 -36.40
CA CYS D 94 4.42 -20.35 -36.22
C CYS D 94 4.66 -21.00 -34.85
N PRO D 95 3.60 -21.17 -34.05
CA PRO D 95 3.67 -21.67 -32.65
C PRO D 95 3.91 -23.19 -32.37
N PRO D 96 4.32 -23.99 -33.39
CA PRO D 96 5.03 -25.23 -32.98
C PRO D 96 6.41 -24.89 -32.35
N CYS D 97 6.76 -23.60 -32.37
CA CYS D 97 7.97 -23.06 -31.75
C CYS D 97 7.68 -22.45 -30.37
N ASP D 98 8.10 -23.16 -29.32
CA ASP D 98 7.99 -22.69 -27.93
C ASP D 98 9.23 -21.91 -27.47
N GLU D 99 10.40 -22.42 -27.87
CA GLU D 99 11.66 -21.76 -27.59
C GLU D 99 11.74 -20.53 -28.50
N GLN D 100 11.45 -19.41 -27.85
CA GLN D 100 11.29 -18.13 -28.49
C GLN D 100 12.65 -17.68 -29.07
N ARG D 101 12.59 -16.93 -30.13
CA ARG D 101 13.83 -16.45 -30.66
C ARG D 101 14.06 -15.11 -29.97
N CYS D 102 13.02 -14.30 -29.83
CA CYS D 102 13.31 -12.89 -29.57
C CYS D 102 13.34 -12.44 -28.11
N LEU D 103 14.55 -12.12 -27.66
CA LEU D 103 14.84 -11.71 -26.31
C LEU D 103 14.27 -10.34 -26.01
N VAL D 104 14.11 -9.51 -27.02
CA VAL D 104 13.46 -8.22 -26.77
C VAL D 104 12.02 -8.42 -26.35
N VAL D 105 11.37 -9.41 -26.95
CA VAL D 105 9.99 -9.71 -26.59
C VAL D 105 9.91 -10.40 -25.24
N LYS D 106 10.81 -11.36 -25.03
CA LYS D 106 10.76 -12.19 -23.85
C LYS D 106 11.23 -11.43 -22.60
N LEU D 107 12.32 -10.66 -22.72
CA LEU D 107 12.99 -10.11 -21.53
C LEU D 107 12.73 -8.66 -21.21
N SER D 108 12.37 -7.84 -22.19
CA SER D 108 12.25 -6.39 -21.98
C SER D 108 11.45 -6.00 -20.77
N ALA D 109 10.17 -6.34 -20.73
CA ALA D 109 9.33 -5.90 -19.61
C ALA D 109 9.76 -6.48 -18.29
N GLU D 110 10.26 -7.71 -18.26
CA GLU D 110 10.64 -8.33 -16.99
C GLU D 110 11.84 -7.61 -16.41
N VAL D 111 12.83 -7.50 -17.27
CA VAL D 111 14.16 -7.07 -16.91
C VAL D 111 14.28 -5.54 -16.75
N ALA D 112 13.41 -4.79 -17.41
CA ALA D 112 13.51 -3.34 -17.43
C ALA D 112 13.58 -2.67 -16.06
N ASP D 113 12.80 -3.18 -15.09
CA ASP D 113 12.82 -2.61 -13.74
C ASP D 113 13.79 -3.32 -12.78
N LEU D 114 14.55 -4.27 -13.28
CA LEU D 114 15.30 -5.16 -12.42
C LEU D 114 16.80 -4.97 -12.57
N SER D 115 17.25 -4.75 -13.78
CA SER D 115 18.68 -4.62 -14.03
C SER D 115 18.94 -3.47 -14.99
N GLU D 116 19.62 -2.45 -14.50
CA GLU D 116 19.92 -1.30 -15.31
C GLU D 116 20.82 -1.72 -16.46
N SER D 117 21.76 -2.61 -16.20
CA SER D 117 22.63 -3.03 -17.29
C SER D 117 21.87 -3.79 -18.36
N MET D 118 20.93 -4.66 -17.98
CA MET D 118 20.19 -5.39 -19.01
C MET D 118 19.21 -4.39 -19.69
N ARG D 119 18.58 -3.51 -18.91
CA ARG D 119 17.70 -2.52 -19.51
C ARG D 119 18.38 -1.76 -20.65
N ILE D 120 19.54 -1.19 -20.37
CA ILE D 120 20.26 -0.43 -21.36
C ILE D 120 20.68 -1.29 -22.58
N THR D 121 21.10 -2.54 -22.35
CA THR D 121 21.56 -3.41 -23.43
C THR D 121 20.40 -3.73 -24.35
N LEU D 122 19.25 -4.01 -23.78
CA LEU D 122 18.05 -4.23 -24.55
C LEU D 122 17.77 -2.92 -25.30
N ARG D 123 17.88 -1.80 -24.61
CA ARG D 123 17.53 -0.52 -25.21
C ARG D 123 18.40 -0.19 -26.40
N ASP D 124 19.70 -0.32 -26.23
CA ASP D 124 20.61 0.00 -27.31
C ASP D 124 20.43 -0.99 -28.43
N GLY D 125 20.21 -2.25 -28.08
CA GLY D 125 20.06 -3.31 -29.08
C GLY D 125 18.86 -3.03 -29.94
N SER D 126 17.74 -2.66 -29.33
CA SER D 126 16.55 -2.35 -30.08
C SER D 126 16.79 -1.12 -30.96
N ASP D 127 17.47 -0.11 -30.43
CA ASP D 127 17.75 1.07 -31.23
C ASP D 127 18.56 0.73 -32.48
N GLY D 128 19.48 -0.22 -32.35
CA GLY D 128 20.28 -0.68 -33.46
C GLY D 128 19.46 -1.43 -34.48
N ILE D 129 18.45 -2.14 -33.99
CA ILE D 129 17.56 -2.84 -34.88
C ILE D 129 16.80 -1.81 -35.68
N ILE D 130 16.21 -0.86 -34.98
CA ILE D 130 15.51 0.22 -35.63
C ILE D 130 16.43 0.94 -36.61
N GLU D 131 17.70 1.10 -36.25
CA GLU D 131 18.65 1.81 -37.10
C GLU D 131 18.80 1.14 -38.49
N ARG D 132 18.98 -0.18 -38.49
CA ARG D 132 19.06 -0.95 -39.71
C ARG D 132 17.80 -0.81 -40.58
N LEU D 133 16.65 -0.71 -39.95
CA LEU D 133 15.39 -0.54 -40.67
C LEU D 133 15.40 0.80 -41.36
N VAL D 134 15.84 1.84 -40.67
CA VAL D 134 15.95 3.19 -41.23
C VAL D 134 16.83 3.22 -42.48
N GLY D 135 17.93 2.49 -42.43
CA GLY D 135 18.80 2.43 -43.58
C GLY D 135 18.17 1.78 -44.80
N CYS D 136 17.40 0.74 -44.57
CA CYS D 136 16.83 -0.03 -45.65
C CYS D 136 15.72 0.80 -46.23
N LEU D 137 14.94 1.42 -45.35
CA LEU D 137 13.87 2.28 -45.78
C LEU D 137 14.49 3.35 -46.65
N GLY D 138 15.66 3.85 -46.23
CA GLY D 138 16.37 4.87 -46.98
C GLY D 138 16.89 4.36 -48.32
N GLN D 139 17.43 3.15 -48.32
CA GLN D 139 17.91 2.48 -49.52
C GLN D 139 16.77 2.31 -50.56
N GLY D 140 15.54 2.17 -50.08
CA GLY D 140 14.41 1.94 -50.94
C GLY D 140 13.90 3.23 -51.55
N ARG D 141 14.22 4.32 -50.87
CA ARG D 141 13.95 5.64 -51.39
C ARG D 141 14.99 5.98 -52.46
N ASP D 142 16.11 5.27 -52.42
CA ASP D 142 17.11 5.43 -53.46
C ASP D 142 16.82 4.59 -54.70
N ASP D 143 16.25 3.41 -54.51
CA ASP D 143 16.07 2.53 -55.65
C ASP D 143 14.60 2.40 -56.05
N GLY D 144 13.76 3.27 -55.52
CA GLY D 144 12.39 3.31 -55.99
C GLY D 144 11.50 2.19 -55.49
N SER D 145 12.08 1.26 -54.73
CA SER D 145 11.35 0.11 -54.17
C SER D 145 10.26 0.48 -53.16
N LEU D 146 10.47 1.59 -52.46
CA LEU D 146 9.56 1.99 -51.41
C LEU D 146 9.16 3.45 -51.56
N ALA D 147 7.93 3.76 -51.17
CA ALA D 147 7.44 5.11 -51.19
C ALA D 147 8.24 6.01 -50.26
N PRO D 148 8.22 7.32 -50.52
CA PRO D 148 8.86 8.18 -49.52
C PRO D 148 8.07 8.21 -48.22
N CYS D 149 8.80 8.43 -47.13
CA CYS D 149 8.24 8.56 -45.79
C CYS D 149 9.35 9.07 -44.89
N ASP D 150 8.97 9.36 -43.66
CA ASP D 150 9.93 9.60 -42.58
C ASP D 150 10.46 8.24 -42.14
N ALA D 151 11.62 7.85 -42.65
CA ALA D 151 12.17 6.51 -42.41
C ALA D 151 12.35 6.20 -40.93
N ARG D 152 12.82 7.19 -40.15
CA ARG D 152 13.00 6.90 -38.75
C ARG D 152 11.68 6.65 -38.05
N HIS D 153 10.66 7.40 -38.41
CA HIS D 153 9.35 7.21 -37.78
C HIS D 153 8.73 5.90 -38.23
N MET D 154 8.88 5.59 -39.52
CA MET D 154 8.28 4.40 -40.06
C MET D 154 8.91 3.15 -39.42
N ALA D 155 10.24 3.11 -39.35
CA ALA D 155 10.94 1.97 -38.77
C ALA D 155 10.53 1.74 -37.31
N SER D 156 10.43 2.83 -36.54
CA SER D 156 9.98 2.70 -35.16
C SER D 156 8.55 2.16 -35.06
N ALA D 157 7.65 2.77 -35.80
CA ALA D 157 6.25 2.38 -35.72
C ALA D 157 6.07 0.93 -36.17
N LEU D 158 6.76 0.53 -37.24
CA LEU D 158 6.67 -0.84 -37.68
C LEU D 158 7.20 -1.78 -36.64
N TYR D 159 8.36 -1.44 -36.09
CA TYR D 159 9.02 -2.28 -35.08
C TYR D 159 8.15 -2.39 -33.83
N GLN D 160 7.55 -1.26 -33.41
CA GLN D 160 6.62 -1.30 -32.29
C GLN D 160 5.49 -2.25 -32.63
N LEU D 161 4.92 -2.12 -33.85
CA LEU D 161 3.76 -2.92 -34.26
C LEU D 161 4.10 -4.39 -34.20
N TRP D 162 5.26 -4.78 -34.72
CA TRP D 162 5.62 -6.19 -34.66
C TRP D 162 5.95 -6.71 -33.26
N LEU D 163 6.44 -5.84 -32.39
CA LEU D 163 6.72 -6.22 -31.01
C LEU D 163 5.40 -6.61 -30.35
N GLY D 164 4.40 -5.72 -30.47
CA GLY D 164 3.09 -5.96 -29.89
C GLY D 164 2.42 -7.23 -30.43
N ALA D 165 2.63 -7.48 -31.71
CA ALA D 165 2.07 -8.66 -32.33
C ALA D 165 2.66 -9.90 -31.69
N SER D 166 3.97 -9.88 -31.43
CA SER D 166 4.65 -11.03 -30.83
C SER D 166 4.11 -11.32 -29.41
N LEU D 167 3.81 -10.27 -28.65
CA LEU D 167 3.19 -10.46 -27.34
C LEU D 167 1.87 -11.20 -27.48
N LEU D 168 0.97 -10.65 -28.30
CA LEU D 168 -0.34 -11.26 -28.52
C LEU D 168 -0.18 -12.63 -29.17
N SER D 169 0.86 -12.79 -29.99
CA SER D 169 1.12 -14.09 -30.56
C SER D 169 1.42 -15.13 -29.49
N LYS D 170 2.27 -14.79 -28.53
CA LYS D 170 2.60 -15.72 -27.44
C LYS D 170 1.36 -15.95 -26.58
N LEU D 171 0.57 -14.89 -26.43
CA LEU D 171 -0.62 -14.98 -25.64
C LEU D 171 -1.61 -15.97 -26.27
N HIS D 172 -1.65 -16.06 -27.61
CA HIS D 172 -2.64 -16.90 -28.31
C HIS D 172 -2.16 -18.26 -28.77
N ARG D 173 -0.84 -18.46 -28.77
CA ARG D 173 -0.19 -19.59 -29.41
C ARG D 173 -0.67 -19.71 -30.85
N SER D 174 -0.79 -18.56 -31.47
CA SER D 174 -1.27 -18.43 -32.83
C SER D 174 -0.33 -17.47 -33.52
N PRO D 175 -0.08 -17.70 -34.81
CA PRO D 175 0.73 -16.70 -35.51
C PRO D 175 -0.23 -15.63 -36.02
N GLY D 176 -1.49 -15.75 -35.58
CA GLY D 176 -2.55 -14.87 -35.98
C GLY D 176 -2.20 -13.42 -35.93
N PRO D 177 -1.84 -12.93 -34.75
CA PRO D 177 -1.55 -11.48 -34.64
C PRO D 177 -0.40 -11.00 -35.54
N LEU D 178 0.51 -11.91 -35.88
CA LEU D 178 1.62 -11.56 -36.75
C LEU D 178 1.17 -11.33 -38.18
N GLU D 179 0.17 -12.12 -38.60
CA GLU D 179 -0.48 -11.93 -39.90
C GLU D 179 -1.11 -10.56 -40.00
N THR D 180 -1.74 -10.15 -38.93
CA THR D 180 -2.29 -8.81 -38.80
C THR D 180 -1.18 -7.77 -38.99
N ALA D 181 -0.01 -8.04 -38.38
CA ALA D 181 1.14 -7.13 -38.45
C ALA D 181 1.65 -6.97 -39.87
N MET D 182 1.87 -8.10 -40.52
CA MET D 182 2.36 -8.16 -41.88
C MET D 182 1.53 -7.36 -42.84
N GLN D 183 0.23 -7.58 -42.69
CA GLN D 183 -0.77 -6.91 -43.46
C GLN D 183 -0.80 -5.39 -43.17
N THR D 184 -0.76 -5.00 -41.92
CA THR D 184 -0.69 -3.57 -41.61
C THR D 184 0.59 -2.91 -42.17
N THR D 185 1.66 -3.71 -42.23
CA THR D 185 2.95 -3.26 -42.72
C THR D 185 2.88 -2.95 -44.21
N ARG D 186 2.31 -3.90 -44.95
CA ARG D 186 2.11 -3.71 -46.39
C ARG D 186 1.27 -2.46 -46.61
N SER D 187 0.25 -2.31 -45.78
CA SER D 187 -0.56 -1.13 -45.85
C SER D 187 0.24 0.14 -45.55
N LEU D 188 1.13 0.08 -44.56
CA LEU D 188 1.87 1.28 -44.11
C LEU D 188 2.93 1.72 -45.15
N LEU D 189 3.62 0.74 -45.75
CA LEU D 189 4.49 0.96 -46.89
C LEU D 189 3.54 1.06 -48.08
N GLU D 190 3.96 1.57 -49.23
CA GLU D 190 3.05 1.82 -50.38
C GLU D 190 1.74 2.56 -49.99
N SER E 1 -10.67 40.53 79.58
CA SER E 1 -10.77 39.24 78.90
C SER E 1 -10.46 38.13 79.88
N TYR E 2 -9.81 38.44 80.99
CA TYR E 2 -9.84 37.47 82.08
C TYR E 2 -11.23 37.57 82.64
N ASP E 3 -11.68 38.80 82.82
CA ASP E 3 -12.98 39.08 83.35
C ASP E 3 -14.05 38.50 82.44
N ASP E 4 -13.82 38.64 81.13
CA ASP E 4 -14.73 38.10 80.12
C ASP E 4 -14.89 36.58 80.20
N THR E 5 -13.76 35.87 80.28
CA THR E 5 -13.75 34.43 80.42
C THR E 5 -14.50 34.02 81.68
N ARG E 6 -14.20 34.73 82.76
CA ARG E 6 -14.87 34.49 84.04
C ARG E 6 -16.36 34.69 83.88
N GLN E 7 -16.75 35.72 83.14
CA GLN E 7 -18.16 36.03 82.96
C GLN E 7 -18.81 34.91 82.18
N HIS E 8 -18.07 34.43 81.19
CA HIS E 8 -18.54 33.34 80.34
C HIS E 8 -18.70 32.07 81.18
N LEU E 9 -17.79 31.86 82.11
CA LEU E 9 -17.94 30.70 82.96
C LEU E 9 -19.22 30.83 83.77
N LEU E 10 -19.48 32.03 84.28
CA LEU E 10 -20.70 32.27 85.07
C LEU E 10 -21.95 32.01 84.23
N ASP E 11 -21.95 32.52 83.01
CA ASP E 11 -23.12 32.40 82.13
C ASP E 11 -23.37 30.93 81.82
N THR E 12 -22.31 30.20 81.48
CA THR E 12 -22.44 28.80 81.11
C THR E 12 -22.92 28.00 82.31
N GLY E 13 -22.44 28.35 83.50
CA GLY E 13 -22.85 27.68 84.72
C GLY E 13 -24.33 27.85 84.95
N TYR E 14 -24.80 29.06 84.72
CA TYR E 14 -26.21 29.35 84.85
C TYR E 14 -27.02 28.54 83.85
N ARG E 15 -26.64 28.59 82.56
CA ARG E 15 -27.36 27.83 81.51
C ARG E 15 -27.48 26.35 81.78
N ILE E 16 -26.41 25.75 82.29
CA ILE E 16 -26.43 24.31 82.45
C ILE E 16 -27.06 23.93 83.80
N MET E 17 -26.74 24.69 84.86
CA MET E 17 -27.28 24.38 86.19
C MET E 17 -28.79 24.59 86.31
N ALA E 18 -29.31 25.55 85.56
CA ALA E 18 -30.74 25.76 85.49
C ALA E 18 -31.48 24.48 85.08
N VAL E 19 -30.79 23.60 84.36
CA VAL E 19 -31.40 22.34 83.96
C VAL E 19 -30.93 21.18 84.79
N LYS E 20 -29.65 21.10 85.01
CA LYS E 20 -29.09 19.91 85.58
C LYS E 20 -28.88 20.03 87.09
N GLY E 21 -29.05 21.24 87.61
CA GLY E 21 -28.88 21.42 89.03
C GLY E 21 -27.45 21.71 89.38
N PHE E 22 -27.09 21.59 90.65
CA PHE E 22 -25.71 21.83 91.10
C PHE E 22 -24.97 20.51 91.21
N SER E 23 -25.55 19.59 91.96
CA SER E 23 -24.96 18.27 92.14
C SER E 23 -24.99 17.46 90.85
N GLY E 24 -25.86 17.78 89.91
CA GLY E 24 -25.92 16.99 88.68
C GLY E 24 -25.06 17.39 87.47
N VAL E 25 -24.32 18.49 87.55
CA VAL E 25 -23.30 18.81 86.54
C VAL E 25 -21.92 18.71 87.12
N GLY E 26 -20.94 18.47 86.26
CA GLY E 26 -19.55 18.46 86.68
C GLY E 26 -18.80 19.67 86.13
N LEU E 27 -17.67 19.96 86.75
CA LEU E 27 -16.85 21.05 86.27
C LEU E 27 -16.53 20.81 84.81
N ASN E 28 -16.22 19.55 84.48
CA ASN E 28 -15.76 19.23 83.15
C ASN E 28 -16.77 19.64 82.07
N GLU E 29 -18.04 19.29 82.25
CA GLU E 29 -19.06 19.71 81.30
C GLU E 29 -19.16 21.21 81.17
N ILE E 30 -19.10 21.94 82.29
CA ILE E 30 -19.26 23.38 82.19
C ILE E 30 -18.10 24.00 81.44
N LEU E 31 -16.90 23.64 81.86
CA LEU E 31 -15.69 24.21 81.29
C LEU E 31 -15.59 23.94 79.80
N GLN E 32 -15.88 22.68 79.46
CA GLN E 32 -15.75 22.19 78.11
C GLN E 32 -16.74 22.93 77.26
N SER E 33 -17.95 23.01 77.77
CA SER E 33 -18.99 23.69 77.06
C SER E 33 -18.65 25.21 76.90
N ALA E 34 -17.82 25.74 77.81
CA ALA E 34 -17.49 27.17 77.78
C ALA E 34 -16.20 27.44 77.02
N GLY E 35 -15.53 26.36 76.62
CA GLY E 35 -14.28 26.47 75.89
C GLY E 35 -13.10 26.94 76.70
N VAL E 36 -13.12 26.60 77.98
CA VAL E 36 -12.05 26.88 78.91
C VAL E 36 -11.51 25.52 79.35
N PRO E 37 -10.18 25.40 79.46
CA PRO E 37 -9.68 24.08 79.81
C PRO E 37 -10.03 23.73 81.25
N LYS E 38 -10.40 22.49 81.52
CA LYS E 38 -10.79 22.08 82.87
C LYS E 38 -9.73 22.46 83.87
N GLY E 39 -8.48 22.31 83.45
CA GLY E 39 -7.35 22.55 84.31
C GLY E 39 -7.25 24.01 84.67
N SER E 40 -7.92 24.88 83.92
CA SER E 40 -7.89 26.31 84.24
C SER E 40 -8.93 26.80 85.27
N PHE E 41 -9.78 25.90 85.77
CA PHE E 41 -10.90 26.32 86.62
C PHE E 41 -10.50 27.18 87.82
N TYR E 42 -9.47 26.75 88.53
CA TYR E 42 -9.16 27.38 89.78
C TYR E 42 -8.44 28.67 89.54
N HIS E 43 -8.26 29.03 88.28
CA HIS E 43 -7.70 30.32 87.93
C HIS E 43 -8.82 31.31 88.07
N TYR E 44 -10.05 30.81 87.95
CA TYR E 44 -11.19 31.71 87.94
C TYR E 44 -12.06 31.70 89.19
N PHE E 45 -12.10 30.56 89.88
CA PHE E 45 -12.91 30.37 91.07
C PHE E 45 -12.19 29.54 92.13
N LYS E 46 -12.57 29.71 93.38
CA LYS E 46 -11.91 29.04 94.47
C LYS E 46 -12.33 27.57 94.61
N SER E 47 -13.55 27.26 94.22
CA SER E 47 -14.04 25.89 94.35
C SER E 47 -15.36 25.82 93.60
N LYS E 48 -15.89 24.61 93.41
CA LYS E 48 -17.18 24.49 92.77
C LYS E 48 -18.27 25.19 93.60
N GLU E 49 -18.19 25.08 94.93
CA GLU E 49 -19.15 25.77 95.82
C GLU E 49 -19.07 27.30 95.63
N GLN E 50 -17.86 27.83 95.58
CA GLN E 50 -17.80 29.28 95.41
C GLN E 50 -18.27 29.64 94.02
N PHE E 51 -18.06 28.72 93.07
CA PHE E 51 -18.51 28.95 91.72
C PHE E 51 -20.01 29.11 91.70
N GLY E 52 -20.70 28.17 92.36
CA GLY E 52 -22.14 28.24 92.50
C GLY E 52 -22.56 29.56 93.14
N GLN E 53 -21.89 29.88 94.23
CA GLN E 53 -22.17 31.09 94.96
C GLN E 53 -22.08 32.33 94.07
N ALA E 54 -20.98 32.44 93.34
CA ALA E 54 -20.73 33.54 92.42
C ALA E 54 -21.84 33.62 91.38
N LEU E 55 -22.21 32.44 90.91
CA LEU E 55 -23.26 32.32 89.93
C LEU E 55 -24.59 32.90 90.46
N LEU E 56 -24.98 32.48 91.66
CA LEU E 56 -26.19 32.98 92.31
C LEU E 56 -26.11 34.49 92.57
N GLU E 57 -24.97 34.97 93.06
CA GLU E 57 -24.87 36.42 93.25
C GLU E 57 -25.10 37.17 91.95
N ASP E 58 -24.49 36.70 90.88
CA ASP E 58 -24.61 37.39 89.63
C ASP E 58 -26.06 37.30 89.13
N TYR E 59 -26.66 36.12 89.34
CA TYR E 59 -28.04 35.92 88.93
C TYR E 59 -28.96 36.92 89.61
N PHE E 60 -28.94 36.94 90.94
CA PHE E 60 -29.77 37.86 91.69
C PHE E 60 -29.43 39.31 91.41
N ARG E 61 -28.19 39.60 91.07
CA ARG E 61 -27.84 40.98 90.81
C ARG E 61 -28.71 41.51 89.64
N VAL E 62 -28.75 40.76 88.54
CA VAL E 62 -29.45 41.14 87.33
C VAL E 62 -30.98 41.10 87.51
N TYR E 63 -31.43 40.11 88.26
CA TYR E 63 -32.87 39.89 88.49
C TYR E 63 -33.48 41.11 89.18
N LEU E 64 -32.87 41.51 90.29
CA LEU E 64 -33.35 42.62 91.10
C LEU E 64 -33.23 43.93 90.32
N ALA E 65 -32.20 44.05 89.51
CA ALA E 65 -32.05 45.27 88.72
C ALA E 65 -33.20 45.33 87.75
N ASP E 66 -33.60 44.17 87.23
CA ASP E 66 -34.72 44.14 86.31
C ASP E 66 -35.98 44.59 87.02
N MET E 67 -36.17 44.06 88.23
CA MET E 67 -37.29 44.44 89.09
C MET E 67 -37.28 45.94 89.37
N ASP E 68 -36.11 46.48 89.73
CA ASP E 68 -36.02 47.89 90.02
C ASP E 68 -36.44 48.73 88.80
N GLN E 69 -35.98 48.34 87.62
CA GLN E 69 -36.30 49.05 86.38
C GLN E 69 -37.80 48.99 86.09
N ARG E 70 -38.36 47.78 86.23
CA ARG E 70 -39.79 47.49 86.05
C ARG E 70 -40.70 48.20 87.07
N PHE E 71 -40.33 48.15 88.34
CA PHE E 71 -41.17 48.73 89.36
C PHE E 71 -40.96 50.25 89.42
N SER E 72 -40.23 50.80 88.47
CA SER E 72 -40.12 52.25 88.35
C SER E 72 -40.36 52.58 86.88
N ALA E 73 -41.02 51.65 86.19
CA ALA E 73 -41.32 51.84 84.78
C ALA E 73 -42.29 53.00 84.53
N PRO E 74 -41.87 53.98 83.74
CA PRO E 74 -42.66 55.17 83.43
C PRO E 74 -43.93 54.85 82.68
N GLY E 75 -45.03 55.51 83.06
CA GLY E 75 -46.32 55.42 82.39
C GLY E 75 -47.23 54.34 82.96
N LEU E 76 -46.74 53.58 83.94
CA LEU E 76 -47.57 52.57 84.59
C LEU E 76 -47.76 52.94 86.05
N ASN E 77 -48.95 52.72 86.57
CA ASN E 77 -49.13 52.94 87.99
C ASN E 77 -48.59 51.71 88.67
N ALA E 78 -48.64 51.72 89.99
CA ALA E 78 -48.09 50.62 90.74
C ALA E 78 -48.78 49.27 90.46
N ARG E 79 -50.12 49.24 90.37
CA ARG E 79 -50.78 47.96 90.11
C ARG E 79 -50.31 47.37 88.77
N GLU E 80 -50.17 48.24 87.77
CA GLU E 80 -49.77 47.84 86.43
C GLU E 80 -48.32 47.27 86.42
N ARG E 81 -47.46 47.89 87.23
CA ARG E 81 -46.10 47.45 87.40
C ARG E 81 -46.08 46.09 88.06
N LEU E 82 -46.71 46.02 89.22
CA LEU E 82 -46.79 44.78 89.97
C LEU E 82 -47.39 43.65 89.09
N MET E 83 -48.44 43.93 88.34
CA MET E 83 -49.01 42.86 87.54
C MET E 83 -48.13 42.48 86.34
N SER E 84 -47.40 43.45 85.79
CA SER E 84 -46.55 43.14 84.65
C SER E 84 -45.44 42.20 85.08
N TYR E 85 -45.01 42.29 86.34
CA TYR E 85 -44.02 41.34 86.87
C TYR E 85 -44.64 39.95 86.93
N TRP E 86 -45.78 39.82 87.59
CA TRP E 86 -46.48 38.53 87.63
C TRP E 86 -46.80 38.01 86.23
N GLN E 87 -47.15 38.92 85.31
CA GLN E 87 -47.53 38.51 83.96
C GLN E 87 -46.38 37.82 83.30
N LYS E 88 -45.19 38.39 83.40
CA LYS E 88 -44.00 37.78 82.82
C LYS E 88 -43.71 36.38 83.33
N TRP E 89 -43.86 36.21 84.62
CA TRP E 89 -43.63 34.93 85.24
C TRP E 89 -44.50 33.85 84.58
N LEU E 90 -45.74 34.21 84.28
CA LEU E 90 -46.70 33.34 83.60
C LEU E 90 -46.32 33.10 82.15
N ASP E 91 -45.96 34.20 81.48
CA ASP E 91 -45.63 34.23 80.07
C ASP E 91 -44.37 33.42 79.78
N ASN E 92 -43.29 33.79 80.47
CA ASN E 92 -42.01 33.24 80.16
C ASN E 92 -41.90 31.81 80.70
N ALA E 93 -42.99 31.28 81.24
CA ALA E 93 -42.94 29.86 81.49
C ALA E 93 -44.00 29.15 80.72
N CYS E 94 -44.21 29.56 79.48
CA CYS E 94 -44.80 28.64 78.53
C CYS E 94 -43.63 27.69 78.30
N PRO E 95 -43.91 26.38 78.27
CA PRO E 95 -42.77 25.47 78.17
C PRO E 95 -42.23 25.13 76.75
N PRO E 96 -41.91 26.12 75.87
CA PRO E 96 -41.14 25.50 74.78
C PRO E 96 -39.72 25.05 75.16
N CYS E 97 -39.07 25.80 76.04
CA CYS E 97 -37.75 25.43 76.48
C CYS E 97 -37.91 24.82 77.89
N ASP E 98 -37.10 23.79 78.17
CA ASP E 98 -37.04 23.06 79.46
C ASP E 98 -36.05 23.76 80.41
N GLU E 99 -35.28 24.65 79.82
CA GLU E 99 -34.17 25.26 80.52
C GLU E 99 -34.80 26.26 81.46
N GLN E 100 -34.63 26.01 82.75
CA GLN E 100 -35.24 26.83 83.77
C GLN E 100 -34.69 28.23 83.63
N ARG E 101 -35.55 29.20 83.84
CA ARG E 101 -35.10 30.56 83.85
C ARG E 101 -34.85 30.91 85.35
N CYS E 102 -35.68 30.42 86.28
CA CYS E 102 -35.62 30.87 87.71
C CYS E 102 -34.78 29.96 88.63
N LEU E 103 -33.68 30.48 89.13
CA LEU E 103 -32.79 29.72 90.02
C LEU E 103 -33.30 29.41 91.42
N VAL E 104 -34.18 30.28 91.95
CA VAL E 104 -34.77 30.05 93.26
C VAL E 104 -35.66 28.82 93.18
N VAL E 105 -36.39 28.71 92.09
CA VAL E 105 -37.26 27.55 91.92
C VAL E 105 -36.40 26.29 91.73
N LYS E 106 -35.35 26.42 90.92
CA LYS E 106 -34.48 25.30 90.57
C LYS E 106 -33.48 24.81 91.63
N LEU E 107 -32.82 25.73 92.34
CA LEU E 107 -31.71 25.31 93.20
C LEU E 107 -31.96 25.20 94.73
N SER E 108 -32.92 25.97 95.23
CA SER E 108 -33.18 26.12 96.68
C SER E 108 -33.23 24.84 97.47
N ALA E 109 -34.20 23.99 97.20
CA ALA E 109 -34.33 22.81 98.01
C ALA E 109 -33.06 21.98 97.93
N GLU E 110 -32.43 21.97 96.76
CA GLU E 110 -31.25 21.14 96.55
C GLU E 110 -30.08 21.66 97.32
N VAL E 111 -29.89 22.95 97.14
CA VAL E 111 -28.67 23.59 97.54
C VAL E 111 -28.62 23.95 99.03
N ALA E 112 -29.79 24.16 99.62
CA ALA E 112 -29.92 24.64 101.02
C ALA E 112 -29.28 23.76 102.08
N ASP E 113 -29.41 22.45 101.92
CA ASP E 113 -28.95 21.58 102.97
C ASP E 113 -27.49 21.25 102.72
N LEU E 114 -26.98 21.83 101.65
CA LEU E 114 -25.71 21.39 101.11
C LEU E 114 -24.61 22.42 101.24
N SER E 115 -24.94 23.68 101.02
CA SER E 115 -23.94 24.74 101.04
C SER E 115 -24.40 25.95 101.84
N GLU E 116 -23.75 26.26 102.95
CA GLU E 116 -24.20 27.41 103.70
C GLU E 116 -24.06 28.69 102.88
N SER E 117 -22.98 28.84 102.14
CA SER E 117 -22.78 30.08 101.39
C SER E 117 -23.79 30.26 100.27
N MET E 118 -24.17 29.14 99.63
CA MET E 118 -25.13 29.21 98.54
C MET E 118 -26.56 29.47 99.06
N ARG E 119 -26.94 28.76 100.12
CA ARG E 119 -28.21 28.99 100.82
C ARG E 119 -28.33 30.45 101.22
N ILE E 120 -27.30 30.99 101.84
CA ILE E 120 -27.38 32.36 102.28
C ILE E 120 -27.64 33.31 101.13
N THR E 121 -26.98 33.07 100.00
CA THR E 121 -27.10 33.95 98.85
C THR E 121 -28.51 33.90 98.28
N LEU E 122 -29.06 32.69 98.25
CA LEU E 122 -30.40 32.43 97.78
C LEU E 122 -31.39 33.14 98.68
N ARG E 123 -31.17 32.96 99.99
CA ARG E 123 -32.04 33.51 101.02
C ARG E 123 -32.06 35.03 100.91
N ASP E 124 -30.89 35.63 100.89
CA ASP E 124 -30.78 37.08 100.82
C ASP E 124 -31.32 37.58 99.48
N GLY E 125 -31.19 36.74 98.44
CA GLY E 125 -31.71 37.06 97.12
C GLY E 125 -33.22 37.04 97.10
N SER E 126 -33.79 35.99 97.68
CA SER E 126 -35.24 35.89 97.70
C SER E 126 -35.79 37.02 98.56
N ASP E 127 -35.13 37.31 99.67
CA ASP E 127 -35.57 38.42 100.52
C ASP E 127 -35.56 39.72 99.71
N GLY E 128 -34.56 39.86 98.85
CA GLY E 128 -34.46 41.03 97.99
C GLY E 128 -35.60 41.14 97.00
N ILE E 129 -36.11 39.98 96.57
CA ILE E 129 -37.25 40.00 95.68
C ILE E 129 -38.48 40.51 96.42
N ILE E 130 -38.80 39.85 97.55
CA ILE E 130 -39.94 40.21 98.38
C ILE E 130 -39.95 41.68 98.75
N GLU E 131 -38.78 42.16 99.18
CA GLU E 131 -38.62 43.54 99.55
C GLU E 131 -39.01 44.48 98.39
N ARG E 132 -38.64 44.11 97.18
CA ARG E 132 -39.07 44.91 96.05
C ARG E 132 -40.56 44.88 95.80
N LEU E 133 -41.17 43.71 96.03
CA LEU E 133 -42.62 43.57 95.88
C LEU E 133 -43.33 44.44 96.94
N VAL E 134 -42.84 44.33 98.17
CA VAL E 134 -43.32 45.13 99.28
C VAL E 134 -43.30 46.59 98.94
N GLY E 135 -42.22 47.01 98.30
CA GLY E 135 -42.12 48.38 97.86
C GLY E 135 -43.14 48.75 96.80
N CYS E 136 -43.46 47.82 95.90
CA CYS E 136 -44.41 48.13 94.82
C CYS E 136 -45.83 48.11 95.36
N LEU E 137 -46.08 47.06 96.15
CA LEU E 137 -47.35 46.87 96.84
C LEU E 137 -47.60 48.09 97.67
N GLY E 138 -46.59 48.55 98.41
CA GLY E 138 -46.72 49.73 99.22
C GLY E 138 -46.93 50.96 98.35
N GLN E 139 -46.21 51.01 97.25
CA GLN E 139 -46.27 52.10 96.30
C GLN E 139 -47.66 52.32 95.75
N GLY E 140 -48.44 51.24 95.72
CA GLY E 140 -49.79 51.29 95.17
C GLY E 140 -50.80 51.80 96.16
N ARG E 141 -50.49 51.56 97.43
CA ARG E 141 -51.29 52.06 98.52
C ARG E 141 -51.10 53.59 98.57
N ASP E 142 -50.01 54.11 98.01
CA ASP E 142 -49.84 55.57 97.89
C ASP E 142 -50.59 56.16 96.70
N ASP E 143 -50.74 55.41 95.59
CA ASP E 143 -51.43 55.99 94.42
C ASP E 143 -52.79 55.33 94.13
N GLY E 144 -53.19 54.47 95.06
CA GLY E 144 -54.48 53.82 95.06
C GLY E 144 -54.67 52.62 94.17
N SER E 145 -53.66 52.28 93.37
CA SER E 145 -53.79 51.17 92.42
C SER E 145 -54.08 49.87 93.12
N LEU E 146 -53.65 49.75 94.36
CA LEU E 146 -53.75 48.51 95.12
C LEU E 146 -54.41 48.76 96.49
N ALA E 147 -55.24 47.81 96.92
CA ALA E 147 -55.87 47.94 98.23
C ALA E 147 -54.86 47.88 99.36
N PRO E 148 -55.19 48.51 100.48
CA PRO E 148 -54.26 48.37 101.61
C PRO E 148 -54.26 46.95 102.17
N CYS E 149 -53.11 46.59 102.73
CA CYS E 149 -52.85 45.27 103.31
C CYS E 149 -51.53 45.31 104.10
N ASP E 150 -51.22 44.23 104.80
CA ASP E 150 -49.92 44.10 105.44
C ASP E 150 -48.98 43.79 104.30
N ALA E 151 -48.27 44.84 103.84
CA ALA E 151 -47.48 44.73 102.62
C ALA E 151 -46.46 43.59 102.65
N ARG E 152 -45.73 43.44 103.76
CA ARG E 152 -44.73 42.40 103.88
C ARG E 152 -45.38 41.05 103.91
N HIS E 153 -46.53 40.98 104.53
CA HIS E 153 -47.23 39.72 104.56
C HIS E 153 -47.76 39.36 103.18
N MET E 154 -48.23 40.35 102.42
CA MET E 154 -48.80 40.02 101.11
C MET E 154 -47.74 39.55 100.11
N ALA E 155 -46.64 40.31 100.03
CA ALA E 155 -45.57 40.00 99.11
C ALA E 155 -45.09 38.59 99.39
N SER E 156 -44.90 38.23 100.66
CA SER E 156 -44.46 36.89 101.01
C SER E 156 -45.47 35.83 100.57
N ALA E 157 -46.76 36.12 100.72
CA ALA E 157 -47.79 35.16 100.33
C ALA E 157 -47.92 34.99 98.81
N LEU E 158 -47.88 36.10 98.07
CA LEU E 158 -47.88 36.00 96.62
C LEU E 158 -46.62 35.25 96.12
N TYR E 159 -45.43 35.71 96.54
CA TYR E 159 -44.19 35.10 96.09
C TYR E 159 -44.18 33.63 96.50
N GLN E 160 -44.64 33.30 97.69
CA GLN E 160 -44.76 31.89 98.03
C GLN E 160 -45.70 31.17 97.08
N LEU E 161 -46.80 31.84 96.73
CA LEU E 161 -47.84 31.26 95.89
C LEU E 161 -47.26 30.90 94.53
N TRP E 162 -46.56 31.86 93.92
CA TRP E 162 -45.95 31.61 92.61
C TRP E 162 -44.78 30.62 92.63
N LEU E 163 -44.05 30.55 93.73
CA LEU E 163 -42.96 29.60 93.87
C LEU E 163 -43.52 28.19 93.77
N GLY E 164 -44.60 27.92 94.50
CA GLY E 164 -45.25 26.63 94.46
C GLY E 164 -45.83 26.36 93.08
N ALA E 165 -46.34 27.41 92.45
CA ALA E 165 -46.90 27.23 91.12
C ALA E 165 -45.83 26.70 90.16
N SER E 166 -44.66 27.31 90.24
CA SER E 166 -43.51 26.97 89.40
C SER E 166 -43.09 25.52 89.60
N LEU E 167 -43.10 25.07 90.84
CA LEU E 167 -42.81 23.67 91.14
C LEU E 167 -43.81 22.75 90.48
N LEU E 168 -45.09 22.99 90.68
CA LEU E 168 -46.09 22.12 90.07
C LEU E 168 -46.04 22.24 88.57
N SER E 169 -45.74 23.46 88.12
CA SER E 169 -45.70 23.73 86.69
C SER E 169 -44.61 22.88 86.02
N LYS E 170 -43.44 22.76 86.63
CA LYS E 170 -42.41 21.88 86.10
C LYS E 170 -42.82 20.42 86.15
N LEU E 171 -43.57 20.05 87.17
CA LEU E 171 -44.02 18.67 87.34
C LEU E 171 -45.02 18.25 86.25
N HIS E 172 -45.80 19.20 85.75
CA HIS E 172 -46.81 18.87 84.75
C HIS E 172 -46.36 19.20 83.31
N ARG E 173 -45.34 20.04 83.18
CA ARG E 173 -44.96 20.68 81.91
C ARG E 173 -46.18 21.36 81.30
N SER E 174 -46.97 22.04 82.12
CA SER E 174 -48.18 22.76 81.71
C SER E 174 -48.11 24.12 82.39
N PRO E 175 -48.71 25.16 81.78
CA PRO E 175 -48.69 26.44 82.50
C PRO E 175 -49.88 26.57 83.46
N GLY E 176 -50.67 25.51 83.57
CA GLY E 176 -51.86 25.53 84.41
C GLY E 176 -51.73 26.09 85.82
N PRO E 177 -50.85 25.48 86.63
CA PRO E 177 -50.71 25.95 88.01
C PRO E 177 -50.31 27.41 88.02
N LEU E 178 -49.64 27.86 86.97
CA LEU E 178 -49.29 29.26 86.94
C LEU E 178 -50.52 30.13 86.66
N GLU E 179 -51.44 29.66 85.84
CA GLU E 179 -52.71 30.35 85.61
C GLU E 179 -53.49 30.40 86.94
N THR E 180 -53.50 29.27 87.65
CA THR E 180 -54.12 29.19 88.96
C THR E 180 -53.60 30.26 89.88
N ALA E 181 -52.28 30.37 89.95
CA ALA E 181 -51.60 31.34 90.78
C ALA E 181 -51.96 32.78 90.37
N MET E 182 -51.98 33.02 89.07
CA MET E 182 -52.27 34.35 88.57
C MET E 182 -53.63 34.79 89.09
N GLN E 183 -54.61 33.90 89.04
CA GLN E 183 -55.97 34.18 89.51
C GLN E 183 -56.07 34.47 91.03
N THR E 184 -55.49 33.59 91.84
CA THR E 184 -55.45 33.77 93.27
C THR E 184 -54.77 35.09 93.56
N THR E 185 -53.88 35.52 92.69
CA THR E 185 -53.22 36.80 92.83
C THR E 185 -54.20 37.95 92.63
N ARG E 186 -55.00 37.90 91.58
CA ARG E 186 -56.03 38.94 91.40
C ARG E 186 -57.03 38.95 92.56
N SER E 187 -57.40 37.75 92.95
CA SER E 187 -58.32 37.53 94.04
C SER E 187 -57.78 38.13 95.35
N LEU E 188 -56.47 38.01 95.59
CA LEU E 188 -55.83 38.50 96.81
C LEU E 188 -55.67 40.03 96.83
N LEU E 189 -55.36 40.62 95.69
CA LEU E 189 -55.33 42.08 95.58
C LEU E 189 -56.76 42.51 95.32
N GLU E 190 -56.98 43.80 95.02
CA GLU E 190 -58.35 44.35 94.78
C GLU E 190 -59.51 43.78 95.64
N ASP F 4 -38.66 -6.74 104.80
CA ASP F 4 -37.79 -6.28 105.87
C ASP F 4 -36.60 -5.55 105.23
N THR F 5 -35.67 -6.27 104.60
CA THR F 5 -34.49 -5.66 103.94
C THR F 5 -34.82 -4.62 102.86
N ARG F 6 -35.71 -4.97 101.94
CA ARG F 6 -36.13 -4.02 100.92
C ARG F 6 -36.69 -2.74 101.55
N GLN F 7 -37.59 -2.95 102.50
CA GLN F 7 -38.29 -1.85 103.14
C GLN F 7 -37.29 -1.03 103.95
N HIS F 8 -36.26 -1.69 104.50
CA HIS F 8 -35.23 -0.98 105.27
C HIS F 8 -34.45 -0.01 104.38
N LEU F 9 -34.16 -0.46 103.15
CA LEU F 9 -33.46 0.37 102.17
C LEU F 9 -34.36 1.53 101.81
N LEU F 10 -35.63 1.21 101.53
CA LEU F 10 -36.60 2.24 101.17
C LEU F 10 -36.64 3.30 102.25
N ASP F 11 -36.74 2.83 103.49
CA ASP F 11 -36.80 3.76 104.61
C ASP F 11 -35.47 4.52 104.75
N THR F 12 -34.34 3.82 104.70
CA THR F 12 -33.04 4.49 104.87
C THR F 12 -32.75 5.50 103.76
N GLY F 13 -33.15 5.13 102.54
CA GLY F 13 -32.94 5.99 101.40
C GLY F 13 -33.71 7.25 101.67
N TYR F 14 -34.92 7.05 102.16
CA TYR F 14 -35.80 8.16 102.43
C TYR F 14 -35.20 9.14 103.43
N ARG F 15 -34.69 8.61 104.53
CA ARG F 15 -34.13 9.46 105.55
C ARG F 15 -33.00 10.34 105.02
N ILE F 16 -32.18 9.81 104.12
CA ILE F 16 -31.03 10.56 103.61
C ILE F 16 -31.36 11.51 102.44
N MET F 17 -32.20 11.06 101.52
CA MET F 17 -32.53 11.88 100.36
C MET F 17 -33.30 13.11 100.77
N ALA F 18 -34.05 12.98 101.86
CA ALA F 18 -34.74 14.12 102.43
C ALA F 18 -33.75 15.25 102.78
N VAL F 19 -32.48 14.88 103.00
CA VAL F 19 -31.43 15.86 103.32
C VAL F 19 -30.55 16.21 102.11
N LYS F 20 -30.04 15.19 101.43
CA LYS F 20 -29.04 15.45 100.41
C LYS F 20 -29.56 15.51 98.96
N GLY F 21 -30.83 15.17 98.76
CA GLY F 21 -31.42 15.17 97.43
C GLY F 21 -31.20 13.81 96.80
N PHE F 22 -31.41 13.70 95.49
CA PHE F 22 -31.22 12.44 94.77
C PHE F 22 -29.82 12.33 94.19
N SER F 23 -29.42 13.33 93.39
CA SER F 23 -28.06 13.38 92.85
C SER F 23 -26.99 13.65 93.92
N GLY F 24 -27.35 14.22 95.05
CA GLY F 24 -26.33 14.57 96.04
C GLY F 24 -25.97 13.46 97.02
N VAL F 25 -26.61 12.31 96.91
CA VAL F 25 -26.28 11.15 97.72
C VAL F 25 -25.73 10.06 96.89
N GLY F 26 -24.88 9.25 97.49
CA GLY F 26 -24.36 8.08 96.79
C GLY F 26 -24.91 6.80 97.36
N LEU F 27 -24.89 5.75 96.57
CA LEU F 27 -25.33 4.46 97.01
C LEU F 27 -24.55 4.03 98.27
N ASN F 28 -23.25 4.31 98.32
CA ASN F 28 -22.44 3.90 99.48
C ASN F 28 -22.89 4.55 100.77
N GLU F 29 -23.25 5.83 100.75
CA GLU F 29 -23.73 6.40 102.01
C GLU F 29 -25.00 5.68 102.45
N ILE F 30 -25.93 5.51 101.52
CA ILE F 30 -27.18 4.83 101.82
C ILE F 30 -26.93 3.42 102.24
N LEU F 31 -26.13 2.72 101.48
CA LEU F 31 -25.84 1.33 101.76
C LEU F 31 -25.13 1.12 103.10
N GLN F 32 -24.13 1.94 103.39
CA GLN F 32 -23.35 1.84 104.63
C GLN F 32 -24.21 2.18 105.84
N SER F 33 -24.87 3.33 105.74
CA SER F 33 -25.71 3.87 106.81
C SER F 33 -26.90 2.95 107.16
N ALA F 34 -27.32 2.12 106.21
CA ALA F 34 -28.40 1.17 106.43
C ALA F 34 -27.88 -0.23 106.71
N GLY F 35 -26.57 -0.41 106.60
CA GLY F 35 -25.95 -1.69 106.86
C GLY F 35 -26.31 -2.83 105.90
N VAL F 36 -26.60 -2.50 104.65
CA VAL F 36 -26.96 -3.50 103.64
C VAL F 36 -25.94 -3.48 102.49
N PRO F 37 -25.56 -4.66 101.97
CA PRO F 37 -24.59 -4.89 100.89
C PRO F 37 -25.08 -4.47 99.51
N LYS F 38 -24.14 -4.10 98.64
CA LYS F 38 -24.50 -3.66 97.31
C LYS F 38 -25.31 -4.77 96.66
N GLY F 39 -24.92 -6.01 96.93
CA GLY F 39 -25.56 -7.17 96.30
C GLY F 39 -27.03 -7.32 96.64
N SER F 40 -27.46 -6.71 97.73
CA SER F 40 -28.86 -6.77 98.13
C SER F 40 -29.63 -5.70 97.41
N PHE F 41 -29.04 -4.50 97.38
CA PHE F 41 -29.66 -3.32 96.82
C PHE F 41 -30.05 -3.60 95.37
N TYR F 42 -29.16 -4.27 94.66
CA TYR F 42 -29.41 -4.62 93.26
C TYR F 42 -30.23 -5.91 93.13
N HIS F 43 -30.64 -6.51 94.25
CA HIS F 43 -31.60 -7.60 94.20
C HIS F 43 -33.04 -7.10 94.20
N TYR F 44 -33.27 -5.96 94.84
CA TYR F 44 -34.61 -5.43 94.97
C TYR F 44 -34.88 -4.33 93.96
N PHE F 45 -33.81 -3.73 93.46
CA PHE F 45 -33.98 -2.65 92.51
C PHE F 45 -33.02 -2.88 91.38
N LYS F 46 -33.40 -2.51 90.15
CA LYS F 46 -32.51 -2.72 89.01
C LYS F 46 -31.53 -1.55 88.91
N SER F 47 -31.96 -0.38 89.39
CA SER F 47 -31.14 0.82 89.37
C SER F 47 -31.55 1.88 90.40
N LYS F 48 -30.66 2.85 90.63
CA LYS F 48 -30.93 3.95 91.54
C LYS F 48 -32.13 4.77 91.11
N GLU F 49 -32.33 4.97 89.83
CA GLU F 49 -33.52 5.70 89.43
C GLU F 49 -34.78 4.92 89.89
N GLN F 50 -34.78 3.59 89.71
CA GLN F 50 -35.97 2.84 90.10
C GLN F 50 -36.19 2.78 91.63
N PHE F 51 -35.10 2.65 92.38
CA PHE F 51 -35.12 2.73 93.85
C PHE F 51 -35.67 4.06 94.27
N GLY F 52 -35.18 5.11 93.61
CA GLY F 52 -35.68 6.44 93.78
C GLY F 52 -37.17 6.49 93.50
N GLN F 53 -37.60 5.87 92.41
CA GLN F 53 -39.02 5.88 92.10
C GLN F 53 -39.80 5.21 93.22
N ALA F 54 -39.35 4.02 93.60
CA ALA F 54 -40.03 3.22 94.60
C ALA F 54 -40.20 4.02 95.87
N LEU F 55 -39.14 4.71 96.24
CA LEU F 55 -39.11 5.57 97.41
C LEU F 55 -40.24 6.55 97.33
N LEU F 56 -40.40 7.22 96.20
CA LEU F 56 -41.51 8.15 96.02
C LEU F 56 -42.87 7.43 96.03
N GLU F 57 -42.98 6.25 95.44
CA GLU F 57 -44.23 5.49 95.52
C GLU F 57 -44.65 5.12 96.95
N ASP F 58 -43.68 4.63 97.73
CA ASP F 58 -43.88 4.24 99.13
C ASP F 58 -44.27 5.46 99.96
N TYR F 59 -43.59 6.57 99.70
CA TYR F 59 -43.82 7.82 100.39
C TYR F 59 -45.25 8.27 100.19
N PHE F 60 -45.69 8.33 98.94
CA PHE F 60 -47.06 8.72 98.66
C PHE F 60 -48.15 7.77 99.21
N ARG F 61 -47.86 6.47 99.28
CA ARG F 61 -48.80 5.51 99.86
C ARG F 61 -49.05 5.96 101.29
N VAL F 62 -47.96 6.16 102.02
CA VAL F 62 -48.02 6.58 103.40
C VAL F 62 -48.61 7.97 103.54
N TYR F 63 -48.19 8.92 102.70
CA TYR F 63 -48.66 10.30 102.82
C TYR F 63 -50.16 10.39 102.54
N LEU F 64 -50.61 9.79 101.43
CA LEU F 64 -52.04 9.83 101.11
C LEU F 64 -52.92 9.01 102.07
N ALA F 65 -52.44 7.88 102.56
CA ALA F 65 -53.20 7.07 103.53
C ALA F 65 -53.40 7.85 104.83
N ASP F 66 -52.36 8.53 105.27
CA ASP F 66 -52.43 9.40 106.43
C ASP F 66 -53.40 10.53 106.15
N MET F 67 -53.38 11.06 104.93
CA MET F 67 -54.35 12.09 104.58
C MET F 67 -55.76 11.57 104.72
N ASP F 68 -56.00 10.33 104.29
CA ASP F 68 -57.34 9.71 104.43
C ASP F 68 -57.79 9.53 105.89
N GLN F 69 -56.90 9.04 106.74
CA GLN F 69 -57.19 8.85 108.17
C GLN F 69 -57.53 10.17 108.86
N ARG F 70 -56.71 11.17 108.60
CA ARG F 70 -56.87 12.49 109.16
C ARG F 70 -58.17 13.10 108.65
N PHE F 71 -58.52 12.79 107.40
CA PHE F 71 -59.75 13.31 106.81
C PHE F 71 -61.01 12.48 107.04
N SER F 72 -60.89 11.45 107.89
CA SER F 72 -62.05 10.66 108.32
C SER F 72 -62.00 10.54 109.83
N ALA F 73 -61.28 11.45 110.46
CA ALA F 73 -61.09 11.44 111.91
C ALA F 73 -62.41 11.68 112.64
N PRO F 74 -62.75 10.75 113.54
CA PRO F 74 -63.99 10.81 114.31
C PRO F 74 -63.99 12.01 115.26
N GLY F 75 -65.13 12.68 115.37
CA GLY F 75 -65.30 13.76 116.31
C GLY F 75 -64.89 15.08 115.73
N LEU F 76 -64.43 15.04 114.48
CA LEU F 76 -64.03 16.24 113.75
C LEU F 76 -64.90 16.50 112.52
N ASN F 77 -65.26 17.77 112.28
CA ASN F 77 -65.89 18.16 111.01
C ASN F 77 -64.84 18.43 109.95
N ALA F 78 -65.28 18.89 108.79
CA ALA F 78 -64.36 19.12 107.72
C ALA F 78 -63.35 20.20 108.07
N ARG F 79 -63.78 21.36 108.55
CA ARG F 79 -62.80 22.40 108.89
C ARG F 79 -61.77 21.97 109.96
N GLU F 80 -62.20 21.22 110.97
CA GLU F 80 -61.26 20.76 111.98
C GLU F 80 -60.24 19.81 111.35
N ARG F 81 -60.75 18.96 110.45
CA ARG F 81 -59.93 18.00 109.71
C ARG F 81 -58.96 18.70 108.75
N LEU F 82 -59.51 19.58 107.91
CA LEU F 82 -58.69 20.33 106.96
C LEU F 82 -57.54 21.00 107.68
N MET F 83 -57.86 21.66 108.78
CA MET F 83 -56.84 22.37 109.50
C MET F 83 -55.84 21.45 110.18
N SER F 84 -56.27 20.23 110.51
CA SER F 84 -55.36 19.28 111.13
C SER F 84 -54.22 18.88 110.19
N TYR F 85 -54.52 18.94 108.88
CA TYR F 85 -53.55 18.67 107.83
C TYR F 85 -52.54 19.81 107.73
N TRP F 86 -53.01 21.04 107.53
CA TRP F 86 -52.07 22.16 107.46
C TRP F 86 -51.24 22.30 108.74
N GLN F 87 -51.87 22.04 109.88
CA GLN F 87 -51.16 22.17 111.13
C GLN F 87 -50.03 21.16 111.17
N LYS F 88 -50.30 19.93 110.76
CA LYS F 88 -49.28 18.89 110.78
C LYS F 88 -48.09 19.34 109.97
N TRP F 89 -48.37 19.91 108.80
CA TRP F 89 -47.33 20.45 107.91
C TRP F 89 -46.56 21.58 108.58
N LEU F 90 -47.12 22.24 109.60
CA LEU F 90 -46.34 23.30 110.24
C LEU F 90 -45.58 22.74 111.44
N ASP F 91 -46.21 21.82 112.13
CA ASP F 91 -45.63 21.26 113.34
C ASP F 91 -44.38 20.43 113.03
N ASN F 92 -44.49 19.37 112.23
CA ASN F 92 -43.33 18.50 111.97
C ASN F 92 -42.43 19.04 110.85
N ALA F 93 -42.77 20.23 110.36
CA ALA F 93 -41.91 20.93 109.42
C ALA F 93 -41.37 22.19 110.06
N CYS F 94 -41.02 21.98 111.32
CA CYS F 94 -40.05 22.74 112.05
C CYS F 94 -38.63 22.34 111.59
N PRO F 95 -37.79 23.33 111.23
CA PRO F 95 -36.44 23.23 110.61
C PRO F 95 -35.11 22.88 111.38
N PRO F 96 -35.11 22.48 112.68
CA PRO F 96 -33.87 21.88 113.19
C PRO F 96 -33.69 20.48 112.71
N CYS F 97 -34.77 19.92 112.18
CA CYS F 97 -34.68 18.65 111.52
C CYS F 97 -34.60 19.31 110.18
N ASP F 98 -33.41 19.32 109.59
CA ASP F 98 -33.19 20.10 108.38
C ASP F 98 -33.66 19.18 107.27
N GLU F 99 -33.93 17.97 107.72
CA GLU F 99 -34.56 16.94 106.97
C GLU F 99 -36.06 17.21 106.91
N GLN F 100 -36.53 17.73 105.78
CA GLN F 100 -37.95 18.04 105.66
C GLN F 100 -38.64 16.66 105.64
N ARG F 101 -39.86 16.56 106.11
CA ARG F 101 -40.55 15.31 105.92
C ARG F 101 -40.84 15.26 104.42
N CYS F 102 -40.98 16.42 103.76
CA CYS F 102 -41.61 16.47 102.44
C CYS F 102 -40.76 16.34 101.17
N LEU F 103 -40.93 15.20 100.49
CA LEU F 103 -40.22 14.90 99.24
C LEU F 103 -40.69 15.73 98.03
N VAL F 104 -41.92 16.22 98.01
CA VAL F 104 -42.29 17.10 96.93
C VAL F 104 -41.44 18.36 97.02
N VAL F 105 -41.17 18.81 98.22
CA VAL F 105 -40.41 20.03 98.38
C VAL F 105 -38.96 19.82 98.01
N LYS F 106 -38.42 18.69 98.46
CA LYS F 106 -37.02 18.37 98.32
C LYS F 106 -36.63 18.00 96.88
N LEU F 107 -37.48 17.22 96.22
CA LEU F 107 -37.11 16.59 94.96
C LEU F 107 -37.68 17.20 93.66
N SER F 108 -38.82 17.88 93.71
CA SER F 108 -39.44 18.33 92.46
C SER F 108 -38.54 19.02 91.43
N ALA F 109 -37.96 20.17 91.77
CA ALA F 109 -37.16 20.85 90.77
C ALA F 109 -35.94 20.02 90.36
N GLU F 110 -35.34 19.28 91.28
CA GLU F 110 -34.14 18.53 90.93
C GLU F 110 -34.48 17.40 89.98
N VAL F 111 -35.48 16.62 90.35
CA VAL F 111 -35.78 15.37 89.68
C VAL F 111 -36.58 15.56 88.39
N ALA F 112 -37.28 16.68 88.28
CA ALA F 112 -38.16 16.91 87.12
C ALA F 112 -37.43 16.84 85.78
N ASP F 113 -36.25 17.43 85.71
CA ASP F 113 -35.56 17.49 84.43
C ASP F 113 -34.66 16.27 84.22
N LEU F 114 -34.59 15.41 85.23
CA LEU F 114 -33.56 14.38 85.29
C LEU F 114 -34.13 13.00 85.14
N SER F 115 -35.29 12.74 85.72
CA SER F 115 -35.89 11.41 85.64
C SER F 115 -37.35 11.49 85.27
N GLU F 116 -37.74 10.88 84.17
CA GLU F 116 -39.15 10.90 83.78
C GLU F 116 -40.03 10.12 84.72
N SER F 117 -39.58 8.96 85.20
CA SER F 117 -40.45 8.14 86.05
C SER F 117 -40.72 8.83 87.39
N MET F 118 -39.70 9.49 87.93
CA MET F 118 -39.84 10.22 89.19
C MET F 118 -40.70 11.48 89.03
N ARG F 119 -40.50 12.18 87.92
CA ARG F 119 -41.33 13.31 87.58
C ARG F 119 -42.78 12.85 87.59
N ILE F 120 -43.05 11.74 86.90
CA ILE F 120 -44.43 11.26 86.79
C ILE F 120 -45.01 10.93 88.15
N THR F 121 -44.24 10.21 88.96
CA THR F 121 -44.71 9.82 90.28
C THR F 121 -45.01 11.07 91.13
N LEU F 122 -44.15 12.07 91.06
CA LEU F 122 -44.36 13.32 91.77
C LEU F 122 -45.61 14.01 91.28
N ARG F 123 -45.80 14.03 89.97
CA ARG F 123 -46.98 14.68 89.41
C ARG F 123 -48.24 13.97 89.90
N ASP F 124 -48.21 12.65 89.83
CA ASP F 124 -49.38 11.88 90.23
C ASP F 124 -49.66 12.00 91.71
N GLY F 125 -48.62 11.97 92.52
CA GLY F 125 -48.79 12.10 93.96
C GLY F 125 -49.34 13.47 94.31
N SER F 126 -48.76 14.51 93.74
CA SER F 126 -49.22 15.84 94.06
C SER F 126 -50.68 16.00 93.65
N ASP F 127 -51.05 15.45 92.50
CA ASP F 127 -52.45 15.49 92.11
C ASP F 127 -53.30 14.75 93.15
N GLY F 128 -52.80 13.63 93.67
CA GLY F 128 -53.50 12.84 94.67
C GLY F 128 -53.69 13.59 95.98
N ILE F 129 -52.71 14.41 96.31
CA ILE F 129 -52.79 15.29 97.44
C ILE F 129 -53.87 16.32 97.18
N ILE F 130 -53.80 16.97 96.02
CA ILE F 130 -54.81 17.97 95.68
C ILE F 130 -56.21 17.35 95.69
N GLU F 131 -56.35 16.11 95.21
CA GLU F 131 -57.69 15.49 95.17
C GLU F 131 -58.31 15.30 96.53
N ARG F 132 -57.54 14.73 97.45
CA ARG F 132 -58.01 14.51 98.80
C ARG F 132 -58.36 15.83 99.50
N LEU F 133 -57.61 16.86 99.16
CA LEU F 133 -57.84 18.24 99.62
C LEU F 133 -59.18 18.75 99.12
N VAL F 134 -59.43 18.53 97.84
CA VAL F 134 -60.68 18.90 97.21
C VAL F 134 -61.85 18.22 97.94
N GLY F 135 -61.63 16.98 98.40
CA GLY F 135 -62.63 16.22 99.12
C GLY F 135 -63.03 16.87 100.44
N CYS F 136 -62.06 17.46 101.15
CA CYS F 136 -62.33 18.06 102.45
C CYS F 136 -63.12 19.35 102.30
N LEU F 137 -62.78 20.17 101.31
CA LEU F 137 -63.55 21.36 101.02
C LEU F 137 -64.97 20.94 100.65
N GLY F 138 -65.09 19.79 100.01
CA GLY F 138 -66.42 19.29 99.67
C GLY F 138 -67.22 18.94 100.91
N GLN F 139 -66.58 18.26 101.87
CA GLN F 139 -67.23 17.95 103.14
C GLN F 139 -67.61 19.23 103.87
N GLY F 140 -66.80 20.26 103.70
CA GLY F 140 -67.02 21.50 104.42
C GLY F 140 -68.07 22.35 103.77
N ARG F 141 -68.24 22.21 102.46
CA ARG F 141 -69.36 22.85 101.80
C ARG F 141 -70.66 22.04 102.11
N ASP F 142 -70.51 20.78 102.55
CA ASP F 142 -71.65 19.95 103.00
C ASP F 142 -72.16 20.19 104.43
N ASP F 143 -71.23 20.44 105.35
CA ASP F 143 -71.61 20.59 106.75
C ASP F 143 -71.45 22.06 107.22
N GLY F 144 -71.31 22.98 106.28
CA GLY F 144 -71.32 24.40 106.59
C GLY F 144 -70.03 24.92 107.21
N SER F 145 -69.08 24.01 107.50
CA SER F 145 -67.82 24.39 108.16
C SER F 145 -67.01 25.41 107.37
N LEU F 146 -67.09 25.31 106.05
CA LEU F 146 -66.20 26.05 105.16
C LEU F 146 -67.01 26.82 104.14
N ALA F 147 -66.58 28.04 103.85
CA ALA F 147 -67.29 28.89 102.90
C ALA F 147 -67.35 28.24 101.51
N PRO F 148 -68.32 28.67 100.71
CA PRO F 148 -68.29 28.12 99.35
C PRO F 148 -67.08 28.70 98.63
N CYS F 149 -66.55 27.95 97.66
CA CYS F 149 -65.44 28.40 96.83
C CYS F 149 -65.35 27.41 95.66
N ASP F 150 -64.53 27.70 94.66
CA ASP F 150 -64.21 26.71 93.64
C ASP F 150 -63.23 25.70 94.24
N ALA F 151 -63.75 24.54 94.62
CA ALA F 151 -62.97 23.61 95.39
C ALA F 151 -61.67 23.19 94.74
N ARG F 152 -61.73 22.89 93.45
CA ARG F 152 -60.53 22.43 92.75
C ARG F 152 -59.53 23.58 92.68
N HIS F 153 -60.00 24.81 92.50
CA HIS F 153 -59.08 25.94 92.46
C HIS F 153 -58.44 26.21 93.84
N MET F 154 -59.26 26.19 94.88
CA MET F 154 -58.79 26.55 96.21
C MET F 154 -57.80 25.52 96.70
N ALA F 155 -58.08 24.25 96.46
CA ALA F 155 -57.17 23.20 96.90
C ALA F 155 -55.81 23.37 96.26
N SER F 156 -55.80 23.70 94.98
CA SER F 156 -54.55 23.92 94.28
C SER F 156 -53.75 25.15 94.74
N ALA F 157 -54.38 26.32 94.80
CA ALA F 157 -53.65 27.53 95.20
C ALA F 157 -53.13 27.41 96.66
N LEU F 158 -53.89 26.75 97.52
CA LEU F 158 -53.40 26.54 98.86
C LEU F 158 -52.16 25.67 98.84
N TYR F 159 -52.23 24.54 98.13
CA TYR F 159 -51.10 23.61 98.10
C TYR F 159 -49.89 24.31 97.53
N GLN F 160 -50.12 25.14 96.52
CA GLN F 160 -49.07 25.97 95.95
C GLN F 160 -48.48 26.89 97.03
N LEU F 161 -49.34 27.44 97.85
CA LEU F 161 -48.91 28.36 98.88
C LEU F 161 -47.95 27.65 99.84
N TRP F 162 -48.31 26.46 100.29
CA TRP F 162 -47.45 25.74 101.24
C TRP F 162 -46.13 25.28 100.67
N LEU F 163 -46.14 24.93 99.39
CA LEU F 163 -44.95 24.53 98.67
C LEU F 163 -43.95 25.69 98.61
N GLY F 164 -44.41 26.88 98.22
CA GLY F 164 -43.52 28.03 98.17
C GLY F 164 -43.00 28.34 99.55
N ALA F 165 -43.86 28.25 100.55
CA ALA F 165 -43.45 28.48 101.92
C ALA F 165 -42.44 27.44 102.36
N SER F 166 -42.70 26.18 102.03
CA SER F 166 -41.81 25.12 102.47
C SER F 166 -40.41 25.33 101.95
N LEU F 167 -40.33 25.87 100.74
CA LEU F 167 -39.06 26.23 100.14
C LEU F 167 -38.32 27.28 100.94
N LEU F 168 -38.98 28.42 101.12
CA LEU F 168 -38.40 29.57 101.80
C LEU F 168 -38.09 29.23 103.27
N SER F 169 -38.88 28.34 103.85
CA SER F 169 -38.56 27.91 105.20
C SER F 169 -37.18 27.26 105.18
N LYS F 170 -36.89 26.43 104.16
CA LYS F 170 -35.59 25.76 104.05
C LYS F 170 -34.52 26.83 103.79
N LEU F 171 -34.92 27.84 103.04
CA LEU F 171 -33.99 28.90 102.73
C LEU F 171 -33.62 29.67 103.99
N HIS F 172 -34.55 29.75 104.94
CA HIS F 172 -34.34 30.51 106.16
C HIS F 172 -34.01 29.61 107.36
N ARG F 173 -34.25 28.31 107.21
CA ARG F 173 -34.20 27.37 108.33
C ARG F 173 -35.08 27.81 109.48
N SER F 174 -36.26 28.32 109.15
CA SER F 174 -37.22 28.81 110.11
C SER F 174 -38.59 28.40 109.60
N PRO F 175 -39.56 28.16 110.49
CA PRO F 175 -40.89 27.89 109.97
C PRO F 175 -41.61 29.22 109.81
N GLY F 176 -40.89 30.33 109.97
CA GLY F 176 -41.45 31.65 109.75
C GLY F 176 -42.31 31.78 108.51
N PRO F 177 -41.78 31.41 107.33
CA PRO F 177 -42.62 31.53 106.11
C PRO F 177 -43.86 30.61 106.14
N LEU F 178 -43.75 29.43 106.74
CA LEU F 178 -44.90 28.54 106.82
C LEU F 178 -46.01 29.16 107.68
N GLU F 179 -45.62 29.95 108.67
CA GLU F 179 -46.57 30.71 109.48
C GLU F 179 -47.33 31.70 108.62
N THR F 180 -46.64 32.39 107.71
CA THR F 180 -47.28 33.25 106.73
C THR F 180 -48.26 32.39 105.92
N ALA F 181 -47.90 31.14 105.64
CA ALA F 181 -48.80 30.27 104.88
C ALA F 181 -50.12 30.00 105.63
N MET F 182 -49.99 29.45 106.84
CA MET F 182 -51.13 29.08 107.70
C MET F 182 -52.09 30.21 107.93
N GLN F 183 -51.52 31.38 108.16
CA GLN F 183 -52.27 32.60 108.28
C GLN F 183 -53.00 32.96 107.00
N THR F 184 -52.33 32.93 105.85
CA THR F 184 -52.97 33.22 104.55
C THR F 184 -54.06 32.20 104.18
N THR F 185 -53.85 30.95 104.58
CA THR F 185 -54.77 29.87 104.31
C THR F 185 -56.07 30.18 105.01
N ARG F 186 -55.97 30.54 106.29
CA ARG F 186 -57.15 30.91 107.09
C ARG F 186 -57.90 32.08 106.44
N SER F 187 -57.18 33.13 106.01
CA SER F 187 -57.83 34.27 105.38
C SER F 187 -58.56 33.90 104.08
N LEU F 188 -57.98 32.95 103.35
CA LEU F 188 -58.49 32.54 102.05
C LEU F 188 -59.77 31.72 102.21
N LEU F 189 -59.77 30.79 103.17
CA LEU F 189 -61.02 30.12 103.50
C LEU F 189 -61.70 31.14 104.41
N GLU F 190 -62.91 30.87 104.89
CA GLU F 190 -63.67 31.86 105.68
C GLU F 190 -63.53 33.32 105.21
N ASP G 4 6.21 8.72 78.16
CA ASP G 4 6.57 8.49 79.58
C ASP G 4 5.47 7.80 80.41
N THR G 5 4.65 8.59 81.12
CA THR G 5 3.53 8.04 81.88
C THR G 5 2.68 7.25 80.93
N ARG G 6 2.40 7.85 79.77
CA ARG G 6 1.64 7.18 78.74
C ARG G 6 2.35 5.91 78.32
N GLN G 7 3.65 6.00 78.03
CA GLN G 7 4.38 4.84 77.53
C GLN G 7 4.51 3.78 78.60
N HIS G 8 4.75 4.23 79.83
CA HIS G 8 4.89 3.32 80.94
C HIS G 8 3.59 2.52 81.13
N LEU G 9 2.45 3.18 80.95
CA LEU G 9 1.17 2.52 81.04
C LEU G 9 1.00 1.45 79.93
N LEU G 10 1.38 1.84 78.71
CA LEU G 10 1.34 0.96 77.55
C LEU G 10 2.26 -0.26 77.78
N ASP G 11 3.46 -0.01 78.30
CA ASP G 11 4.39 -1.11 78.55
C ASP G 11 3.76 -2.08 79.57
N THR G 12 3.26 -1.51 80.65
CA THR G 12 2.69 -2.30 81.74
C THR G 12 1.48 -3.07 81.27
N GLY G 13 0.66 -2.41 80.46
CA GLY G 13 -0.50 -3.07 79.89
C GLY G 13 -0.07 -4.24 79.00
N TYR G 14 0.97 -4.03 78.20
CA TYR G 14 1.43 -5.10 77.35
C TYR G 14 1.88 -6.33 78.14
N ARG G 15 2.76 -6.12 79.14
CA ARG G 15 3.28 -7.22 79.97
C ARG G 15 2.14 -7.98 80.67
N ILE G 16 1.12 -7.29 81.15
CA ILE G 16 0.08 -7.98 81.86
C ILE G 16 -0.93 -8.62 80.91
N MET G 17 -1.31 -7.91 79.84
CA MET G 17 -2.34 -8.45 78.93
C MET G 17 -1.83 -9.64 78.15
N ALA G 18 -0.53 -9.65 77.92
CA ALA G 18 0.11 -10.78 77.27
C ALA G 18 -0.17 -12.09 78.00
N VAL G 19 -0.38 -12.01 79.31
CA VAL G 19 -0.62 -13.20 80.12
C VAL G 19 -2.09 -13.43 80.41
N LYS G 20 -2.76 -12.37 80.85
CA LYS G 20 -4.12 -12.49 81.31
C LYS G 20 -5.14 -12.15 80.24
N GLY G 21 -4.69 -11.63 79.10
CA GLY G 21 -5.62 -11.27 78.05
C GLY G 21 -6.17 -9.87 78.27
N PHE G 22 -7.26 -9.54 77.57
CA PHE G 22 -7.82 -8.20 77.69
C PHE G 22 -8.95 -8.12 78.73
N SER G 23 -10.00 -8.93 78.55
CA SER G 23 -11.12 -8.90 79.49
C SER G 23 -10.76 -9.40 80.89
N GLY G 24 -9.70 -10.19 81.01
CA GLY G 24 -9.34 -10.80 82.27
C GLY G 24 -8.47 -9.97 83.17
N VAL G 25 -8.15 -8.75 82.75
CA VAL G 25 -7.43 -7.81 83.59
C VAL G 25 -8.30 -6.63 83.87
N GLY G 26 -8.11 -6.00 85.02
CA GLY G 26 -8.85 -4.79 85.31
C GLY G 26 -7.91 -3.61 85.31
N LEU G 27 -8.47 -2.42 85.17
CA LEU G 27 -7.64 -1.24 85.21
C LEU G 27 -6.77 -1.12 86.49
N ASN G 28 -7.33 -1.48 87.65
CA ASN G 28 -6.62 -1.33 88.92
C ASN G 28 -5.32 -2.09 88.95
N GLU G 29 -5.32 -3.34 88.47
CA GLU G 29 -4.08 -4.13 88.46
C GLU G 29 -3.01 -3.46 87.60
N ILE G 30 -3.42 -2.96 86.43
CA ILE G 30 -2.47 -2.33 85.53
C ILE G 30 -1.94 -1.08 86.22
N LEU G 31 -2.88 -0.31 86.75
CA LEU G 31 -2.55 0.93 87.42
C LEU G 31 -1.62 0.66 88.59
N GLN G 32 -1.96 -0.38 89.31
CA GLN G 32 -1.18 -0.69 90.46
C GLN G 32 0.25 -1.11 90.06
N SER G 33 0.39 -2.01 89.08
CA SER G 33 1.74 -2.44 88.72
C SER G 33 2.57 -1.27 88.19
N ALA G 34 1.94 -0.26 87.61
CA ALA G 34 2.70 0.84 87.00
C ALA G 34 2.91 2.02 87.91
N GLY G 35 2.24 2.01 89.06
CA GLY G 35 2.38 3.12 89.98
C GLY G 35 1.72 4.37 89.47
N VAL G 36 0.61 4.20 88.74
CA VAL G 36 -0.13 5.32 88.19
C VAL G 36 -1.56 5.35 88.74
N PRO G 37 -2.05 6.54 89.11
CA PRO G 37 -3.40 6.77 89.59
C PRO G 37 -4.45 6.67 88.48
N LYS G 38 -5.65 6.22 88.83
CA LYS G 38 -6.73 5.99 87.86
C LYS G 38 -7.03 7.22 87.00
N GLY G 39 -7.00 8.39 87.61
CA GLY G 39 -7.34 9.59 86.91
C GLY G 39 -6.30 9.94 85.88
N SER G 40 -5.09 9.43 86.04
CA SER G 40 -4.06 9.78 85.10
C SER G 40 -4.25 8.90 83.87
N PHE G 41 -4.82 7.72 84.09
CA PHE G 41 -5.04 6.79 83.03
C PHE G 41 -5.98 7.43 82.04
N TYR G 42 -7.06 8.01 82.55
CA TYR G 42 -8.05 8.57 81.65
C TYR G 42 -7.63 9.92 81.20
N HIS G 43 -6.44 10.35 81.60
CA HIS G 43 -5.89 11.55 80.99
C HIS G 43 -5.33 11.24 79.63
N TYR G 44 -4.80 10.02 79.49
CA TYR G 44 -4.12 9.59 78.28
C TYR G 44 -4.97 8.73 77.35
N PHE G 45 -5.98 8.04 77.86
CA PHE G 45 -6.81 7.25 77.00
C PHE G 45 -8.26 7.49 77.38
N LYS G 46 -9.18 7.48 76.40
CA LYS G 46 -10.57 7.80 76.70
C LYS G 46 -11.28 6.58 77.26
N SER G 47 -10.75 5.40 76.97
CA SER G 47 -11.38 4.18 77.48
C SER G 47 -10.40 3.04 77.50
N LYS G 48 -10.77 1.97 78.19
CA LYS G 48 -9.94 0.78 78.19
C LYS G 48 -9.78 0.24 76.77
N GLU G 49 -10.85 0.33 75.97
CA GLU G 49 -10.81 -0.12 74.60
C GLU G 49 -9.76 0.64 73.80
N GLN G 50 -9.76 1.96 73.92
CA GLN G 50 -8.80 2.69 73.12
C GLN G 50 -7.37 2.43 73.59
N PHE G 51 -7.23 2.16 74.89
CA PHE G 51 -5.97 1.77 75.47
C PHE G 51 -5.50 0.49 74.81
N GLY G 52 -6.42 -0.46 74.68
CA GLY G 52 -6.18 -1.70 73.95
C GLY G 52 -5.70 -1.45 72.52
N GLN G 53 -6.39 -0.57 71.82
CA GLN G 53 -5.97 -0.28 70.47
C GLN G 53 -4.54 0.28 70.42
N ALA G 54 -4.27 1.25 71.28
CA ALA G 54 -2.98 1.91 71.31
C ALA G 54 -1.86 0.90 71.58
N LEU G 55 -2.09 0.03 72.55
CA LEU G 55 -1.19 -1.01 72.94
C LEU G 55 -0.88 -1.90 71.74
N LEU G 56 -1.92 -2.35 71.07
CA LEU G 56 -1.75 -3.18 69.87
C LEU G 56 -1.00 -2.44 68.75
N GLU G 57 -1.33 -1.18 68.52
CA GLU G 57 -0.61 -0.42 67.51
C GLU G 57 0.86 -0.32 67.83
N ASP G 58 1.16 -0.04 69.09
CA ASP G 58 2.54 0.08 69.49
C ASP G 58 3.23 -1.28 69.33
N TYR G 59 2.50 -2.33 69.67
CA TYR G 59 3.07 -3.66 69.52
C TYR G 59 3.50 -3.96 68.09
N PHE G 60 2.60 -3.77 67.14
CA PHE G 60 2.94 -4.04 65.77
C PHE G 60 4.02 -3.10 65.23
N ARG G 61 4.05 -1.86 65.70
CA ARG G 61 5.08 -0.93 65.25
C ARG G 61 6.47 -1.51 65.57
N VAL G 62 6.66 -1.97 66.78
CA VAL G 62 7.93 -2.57 67.18
C VAL G 62 8.20 -3.91 66.49
N TYR G 63 7.17 -4.75 66.39
CA TYR G 63 7.33 -6.08 65.80
C TYR G 63 7.71 -6.00 64.33
N LEU G 64 6.97 -5.20 63.57
CA LEU G 64 7.26 -5.06 62.16
C LEU G 64 8.62 -4.40 61.96
N ALA G 65 8.98 -3.46 62.82
CA ALA G 65 10.28 -2.81 62.72
C ALA G 65 11.39 -3.80 62.91
N ASP G 66 11.16 -4.70 63.87
CA ASP G 66 12.11 -5.73 64.18
C ASP G 66 12.18 -6.73 63.00
N MET G 67 11.03 -7.10 62.44
CA MET G 67 11.02 -7.93 61.22
C MET G 67 11.85 -7.26 60.14
N ASP G 68 11.68 -5.96 59.94
CA ASP G 68 12.46 -5.27 58.92
C ASP G 68 13.96 -5.39 59.16
N GLN G 69 14.37 -5.26 60.40
CA GLN G 69 15.79 -5.34 60.71
C GLN G 69 16.33 -6.72 60.37
N ARG G 70 15.59 -7.72 60.80
CA ARG G 70 15.96 -9.10 60.67
C ARG G 70 16.08 -9.48 59.20
N PHE G 71 15.17 -8.96 58.39
CA PHE G 71 15.13 -9.30 56.96
C PHE G 71 16.06 -8.42 56.13
N SER G 72 16.92 -7.68 56.80
CA SER G 72 17.91 -6.95 56.09
C SER G 72 19.29 -7.17 56.74
N ALA G 73 19.35 -8.24 57.51
CA ALA G 73 20.55 -8.58 58.27
C ALA G 73 21.73 -8.82 57.34
N PRO G 74 22.84 -8.12 57.61
CA PRO G 74 24.03 -8.21 56.76
C PRO G 74 24.61 -9.62 56.73
N GLY G 75 25.05 -10.04 55.53
CA GLY G 75 25.78 -11.28 55.33
C GLY G 75 24.88 -12.49 55.17
N LEU G 76 23.58 -12.29 55.33
CA LEU G 76 22.67 -13.41 55.22
C LEU G 76 21.90 -13.21 53.94
N ASN G 77 21.66 -14.32 53.27
CA ASN G 77 20.80 -14.30 52.11
C ASN G 77 19.39 -14.42 52.59
N ALA G 78 18.47 -14.42 51.65
CA ALA G 78 17.06 -14.39 51.96
C ALA G 78 16.55 -15.61 52.72
N ARG G 79 16.88 -16.82 52.28
CA ARG G 79 16.43 -18.03 53.00
C ARG G 79 16.93 -17.97 54.43
N GLU G 80 18.18 -17.51 54.54
CA GLU G 80 18.84 -17.41 55.84
C GLU G 80 18.11 -16.42 56.73
N ARG G 81 17.65 -15.32 56.14
CA ARG G 81 16.86 -14.34 56.86
C ARG G 81 15.52 -14.93 57.26
N LEU G 82 14.77 -15.44 56.30
CA LEU G 82 13.46 -16.01 56.56
C LEU G 82 13.50 -17.05 57.63
N MET G 83 14.46 -17.95 57.56
CA MET G 83 14.51 -19.03 58.54
C MET G 83 14.88 -18.53 59.94
N SER G 84 15.61 -17.42 60.01
CA SER G 84 15.96 -16.84 61.31
C SER G 84 14.72 -16.37 62.07
N TYR G 85 13.70 -15.93 61.34
CA TYR G 85 12.45 -15.50 61.94
C TYR G 85 11.75 -16.70 62.53
N TRP G 86 11.50 -17.71 61.72
CA TRP G 86 10.85 -18.92 62.19
C TRP G 86 11.63 -19.56 63.35
N GLN G 87 12.95 -19.48 63.28
CA GLN G 87 13.74 -20.02 64.36
C GLN G 87 13.46 -19.26 65.64
N LYS G 88 13.44 -17.93 65.57
CA LYS G 88 13.20 -17.08 66.74
C LYS G 88 11.87 -17.41 67.37
N TRP G 89 10.86 -17.64 66.55
CA TRP G 89 9.56 -18.01 67.03
C TRP G 89 9.67 -19.30 67.83
N LEU G 90 10.43 -20.28 67.34
CA LEU G 90 10.59 -21.56 68.05
C LEU G 90 11.41 -21.44 69.35
N ASP G 91 12.54 -20.76 69.25
CA ASP G 91 13.51 -20.64 70.34
C ASP G 91 12.91 -19.85 71.50
N ASN G 92 12.55 -18.60 71.24
CA ASN G 92 12.13 -17.73 72.33
C ASN G 92 10.68 -18.07 72.71
N ALA G 93 10.15 -19.12 72.10
CA ALA G 93 8.90 -19.67 72.58
C ALA G 93 9.14 -21.08 73.11
N CYS G 94 10.20 -21.21 73.90
CA CYS G 94 10.28 -22.28 74.89
C CYS G 94 9.25 -21.93 75.94
N PRO G 95 8.20 -22.76 76.07
CA PRO G 95 7.05 -22.49 76.94
C PRO G 95 7.18 -22.70 78.48
N PRO G 96 8.39 -22.86 79.11
CA PRO G 96 8.30 -22.91 80.58
C PRO G 96 7.82 -21.64 81.29
N CYS G 97 7.66 -20.56 80.53
CA CYS G 97 7.13 -19.33 81.09
C CYS G 97 5.65 -19.13 80.67
N ASP G 98 4.88 -18.44 81.52
CA ASP G 98 3.49 -18.12 81.20
C ASP G 98 3.39 -16.78 80.45
N GLU G 99 4.50 -16.03 80.46
CA GLU G 99 4.60 -14.71 79.84
C GLU G 99 4.70 -14.80 78.31
N GLN G 100 3.58 -14.51 77.67
CA GLN G 100 3.46 -14.60 76.22
C GLN G 100 4.26 -13.46 75.51
N ARG G 101 4.81 -13.70 74.33
CA ARG G 101 5.37 -12.57 73.61
C ARG G 101 4.29 -12.11 72.68
N CYS G 102 3.64 -13.06 72.01
CA CYS G 102 2.84 -12.74 70.83
C CYS G 102 1.36 -12.43 71.05
N LEU G 103 0.98 -11.16 70.84
CA LEU G 103 -0.39 -10.71 71.02
C LEU G 103 -1.39 -11.23 69.97
N VAL G 104 -0.92 -11.60 68.80
CA VAL G 104 -1.83 -12.10 67.77
C VAL G 104 -2.42 -13.43 68.23
N VAL G 105 -1.59 -14.23 68.89
CA VAL G 105 -2.02 -15.54 69.41
C VAL G 105 -2.93 -15.37 70.61
N LYS G 106 -2.49 -14.52 71.54
CA LYS G 106 -3.14 -14.34 72.84
C LYS G 106 -4.49 -13.63 72.75
N LEU G 107 -4.56 -12.62 71.89
CA LEU G 107 -5.69 -11.74 71.87
C LEU G 107 -6.67 -11.93 70.74
N SER G 108 -6.23 -12.49 69.61
CA SER G 108 -7.09 -12.53 68.41
C SER G 108 -8.48 -13.08 68.67
N ALA G 109 -8.60 -14.34 69.10
CA ALA G 109 -9.93 -14.91 69.26
C ALA G 109 -10.77 -14.17 70.30
N GLU G 110 -10.14 -13.73 71.39
CA GLU G 110 -10.86 -13.07 72.49
C GLU G 110 -11.44 -11.72 72.05
N VAL G 111 -10.58 -10.93 71.43
CA VAL G 111 -10.83 -9.55 71.11
C VAL G 111 -11.69 -9.36 69.84
N ALA G 112 -11.63 -10.35 68.95
CA ALA G 112 -12.29 -10.22 67.65
C ALA G 112 -13.80 -9.98 67.70
N ASP G 113 -14.47 -10.66 68.62
CA ASP G 113 -15.91 -10.56 68.69
C ASP G 113 -16.33 -9.43 69.63
N LEU G 114 -15.33 -8.75 70.20
CA LEU G 114 -15.53 -7.83 71.34
C LEU G 114 -15.29 -6.34 71.12
N SER G 115 -14.26 -6.01 70.34
CA SER G 115 -13.85 -4.64 70.00
C SER G 115 -13.56 -4.53 68.49
N GLU G 116 -14.37 -3.76 67.79
CA GLU G 116 -14.10 -3.61 66.37
C GLU G 116 -12.76 -2.93 66.07
N SER G 117 -12.40 -1.91 66.84
CA SER G 117 -11.19 -1.20 66.55
C SER G 117 -9.97 -2.07 66.79
N MET G 118 -10.03 -2.89 67.84
CA MET G 118 -8.90 -3.77 68.12
C MET G 118 -8.81 -4.86 67.06
N ARG G 119 -9.97 -5.41 66.66
CA ARG G 119 -10.04 -6.41 65.60
C ARG G 119 -9.30 -5.92 64.39
N ILE G 120 -9.65 -4.71 63.96
CA ILE G 120 -9.03 -4.10 62.81
C ILE G 120 -7.52 -3.92 62.99
N THR G 121 -7.07 -3.55 64.19
CA THR G 121 -5.66 -3.37 64.41
C THR G 121 -4.91 -4.70 64.27
N LEU G 122 -5.49 -5.77 64.82
CA LEU G 122 -4.92 -7.12 64.74
C LEU G 122 -4.87 -7.60 63.29
N ARG G 123 -5.96 -7.37 62.57
CA ARG G 123 -6.07 -7.78 61.17
C ARG G 123 -4.99 -7.12 60.35
N ASP G 124 -4.90 -5.80 60.48
CA ASP G 124 -3.96 -5.03 59.70
C ASP G 124 -2.52 -5.34 60.06
N GLY G 125 -2.28 -5.57 61.34
CA GLY G 125 -0.93 -5.86 61.80
C GLY G 125 -0.48 -7.20 61.27
N SER G 126 -1.39 -8.18 61.39
CA SER G 126 -1.07 -9.50 60.94
C SER G 126 -0.81 -9.42 59.45
N ASP G 127 -1.60 -8.63 58.72
CA ASP G 127 -1.35 -8.47 57.29
C ASP G 127 0.02 -7.94 56.99
N GLY G 128 0.46 -7.01 57.82
CA GLY G 128 1.76 -6.39 57.73
C GLY G 128 2.88 -7.37 57.97
N ILE G 129 2.60 -8.38 58.81
CA ILE G 129 3.56 -9.43 59.05
C ILE G 129 3.72 -10.24 57.78
N ILE G 130 2.60 -10.72 57.26
CA ILE G 130 2.60 -11.50 56.02
C ILE G 130 3.30 -10.75 54.87
N GLU G 131 3.06 -9.46 54.81
CA GLU G 131 3.66 -8.65 53.77
C GLU G 131 5.19 -8.72 53.88
N ARG G 132 5.73 -8.60 55.08
CA ARG G 132 7.18 -8.68 55.23
C ARG G 132 7.71 -10.04 54.77
N LEU G 133 6.95 -11.08 55.06
CA LEU G 133 7.26 -12.44 54.67
C LEU G 133 7.26 -12.55 53.15
N VAL G 134 6.21 -11.99 52.54
CA VAL G 134 6.08 -11.97 51.10
C VAL G 134 7.30 -11.30 50.45
N GLY G 135 7.71 -10.18 51.00
CA GLY G 135 8.86 -9.48 50.47
C GLY G 135 10.13 -10.30 50.57
N CYS G 136 10.22 -11.10 51.63
CA CYS G 136 11.41 -11.91 51.84
C CYS G 136 11.42 -13.11 50.90
N LEU G 137 10.26 -13.77 50.76
CA LEU G 137 10.13 -14.88 49.84
C LEU G 137 10.56 -14.37 48.46
N GLY G 138 10.09 -13.19 48.10
CA GLY G 138 10.46 -12.61 46.83
C GLY G 138 11.94 -12.32 46.76
N GLN G 139 12.50 -11.83 47.85
CA GLN G 139 13.93 -11.54 47.90
C GLN G 139 14.77 -12.79 47.62
N GLY G 140 14.23 -13.96 48.01
CA GLY G 140 14.91 -15.23 47.88
C GLY G 140 14.79 -15.86 46.53
N ARG G 141 13.71 -15.51 45.85
CA ARG G 141 13.52 -15.95 44.50
C ARG G 141 14.49 -15.15 43.60
N ASP G 142 14.89 -13.95 44.00
CA ASP G 142 15.84 -13.15 43.21
C ASP G 142 17.30 -13.55 43.39
N ASP G 143 17.68 -14.03 44.58
CA ASP G 143 19.10 -14.34 44.85
C ASP G 143 19.38 -15.85 44.93
N GLY G 144 18.33 -16.62 44.60
CA GLY G 144 18.38 -18.06 44.50
C GLY G 144 18.30 -18.91 45.75
N SER G 145 18.36 -18.28 46.93
CA SER G 145 18.32 -19.01 48.21
C SER G 145 17.00 -19.77 48.44
N LEU G 146 15.93 -19.33 47.81
CA LEU G 146 14.62 -19.95 48.02
C LEU G 146 14.04 -20.31 46.69
N ALA G 147 13.26 -21.38 46.68
CA ALA G 147 12.56 -21.85 45.49
C ALA G 147 11.49 -20.89 45.02
N PRO G 148 11.14 -20.95 43.72
CA PRO G 148 9.98 -20.18 43.29
C PRO G 148 8.70 -20.80 43.89
N CYS G 149 7.69 -19.94 44.12
CA CYS G 149 6.39 -20.30 44.72
C CYS G 149 5.41 -19.14 44.59
N ASP G 150 4.14 -19.36 44.94
CA ASP G 150 3.23 -18.22 45.07
C ASP G 150 3.53 -17.49 46.37
N ALA G 151 4.28 -16.40 46.31
CA ALA G 151 4.75 -15.77 47.52
C ALA G 151 3.61 -15.39 48.45
N ARG G 152 2.53 -14.79 47.95
CA ARG G 152 1.50 -14.37 48.90
C ARG G 152 0.83 -15.58 49.50
N HIS G 153 0.68 -16.62 48.70
CA HIS G 153 0.06 -17.82 49.23
C HIS G 153 0.95 -18.53 50.25
N MET G 154 2.23 -18.55 49.97
CA MET G 154 3.15 -19.28 50.82
C MET G 154 3.31 -18.61 52.15
N ALA G 155 3.57 -17.31 52.11
CA ALA G 155 3.75 -16.53 53.32
C ALA G 155 2.50 -16.67 54.15
N SER G 156 1.35 -16.62 53.51
CA SER G 156 0.09 -16.75 54.24
C SER G 156 -0.06 -18.08 54.91
N ALA G 157 0.22 -19.15 54.17
CA ALA G 157 0.03 -20.49 54.71
C ALA G 157 0.99 -20.77 55.86
N LEU G 158 2.23 -20.35 55.69
CA LEU G 158 3.21 -20.55 56.73
C LEU G 158 2.80 -19.80 58.00
N TYR G 159 2.38 -18.55 57.86
CA TYR G 159 1.98 -17.80 59.03
C TYR G 159 0.80 -18.47 59.71
N GLN G 160 -0.15 -18.94 58.92
CA GLN G 160 -1.29 -19.67 59.47
C GLN G 160 -0.86 -20.90 60.23
N LEU G 161 0.11 -21.62 59.65
CA LEU G 161 0.61 -22.86 60.24
C LEU G 161 1.19 -22.59 61.63
N TRP G 162 2.09 -21.61 61.69
CA TRP G 162 2.73 -21.26 62.94
C TRP G 162 1.78 -20.62 63.95
N LEU G 163 0.72 -19.97 63.50
CA LEU G 163 -0.25 -19.45 64.46
C LEU G 163 -0.87 -20.62 65.21
N GLY G 164 -1.39 -21.60 64.47
CA GLY G 164 -2.04 -22.76 65.08
C GLY G 164 -1.09 -23.54 65.96
N ALA G 165 0.15 -23.64 65.50
CA ALA G 165 1.15 -24.32 66.25
C ALA G 165 1.31 -23.61 67.59
N SER G 166 1.30 -22.29 67.58
CA SER G 166 1.48 -21.53 68.81
C SER G 166 0.37 -21.83 69.78
N LEU G 167 -0.83 -22.01 69.24
CA LEU G 167 -2.00 -22.36 70.03
C LEU G 167 -1.75 -23.67 70.75
N LEU G 168 -1.30 -24.68 70.01
CA LEU G 168 -1.07 -25.98 70.60
C LEU G 168 0.08 -25.97 71.65
N SER G 169 1.12 -25.18 71.46
CA SER G 169 2.18 -25.07 72.46
C SER G 169 1.62 -24.59 73.78
N LYS G 170 0.66 -23.67 73.72
CA LYS G 170 0.07 -23.16 74.93
C LYS G 170 -0.65 -24.26 75.69
N LEU G 171 -1.37 -25.12 74.95
CA LEU G 171 -2.11 -26.23 75.53
C LEU G 171 -1.21 -27.34 76.13
N HIS G 172 -0.04 -27.56 75.53
CA HIS G 172 0.83 -28.64 75.99
C HIS G 172 1.95 -28.17 76.88
N ARG G 173 2.20 -26.88 76.88
CA ARG G 173 3.41 -26.33 77.49
C ARG G 173 4.62 -27.05 76.92
N SER G 174 4.60 -27.23 75.60
CA SER G 174 5.65 -27.94 74.89
C SER G 174 5.99 -27.20 73.60
N PRO G 175 7.24 -27.29 73.16
CA PRO G 175 7.67 -26.72 71.88
C PRO G 175 7.43 -27.71 70.80
N GLY G 176 6.77 -28.81 71.15
CA GLY G 176 6.47 -29.86 70.20
C GLY G 176 5.82 -29.38 68.93
N PRO G 177 4.63 -28.78 69.04
CA PRO G 177 3.92 -28.34 67.83
C PRO G 177 4.73 -27.29 67.07
N LEU G 178 5.55 -26.56 67.78
CA LEU G 178 6.37 -25.57 67.11
C LEU G 178 7.43 -26.26 66.27
N GLU G 179 7.99 -27.34 66.79
CA GLU G 179 8.94 -28.10 65.97
C GLU G 179 8.23 -28.74 64.75
N THR G 180 7.02 -29.23 64.94
CA THR G 180 6.26 -29.71 63.80
C THR G 180 6.17 -28.67 62.70
N ALA G 181 5.85 -27.44 63.09
CA ALA G 181 5.74 -26.37 62.13
C ALA G 181 7.06 -26.18 61.43
N MET G 182 8.12 -26.03 62.22
CA MET G 182 9.43 -25.77 61.67
C MET G 182 9.79 -26.78 60.63
N GLN G 183 9.48 -28.04 60.89
CA GLN G 183 9.73 -29.07 59.89
C GLN G 183 8.86 -28.94 58.63
N THR G 184 7.53 -28.79 58.78
CA THR G 184 6.67 -28.58 57.61
C THR G 184 7.10 -27.34 56.84
N THR G 185 7.60 -26.34 57.54
CA THR G 185 8.08 -25.16 56.88
C THR G 185 9.28 -25.50 55.98
N ARG G 186 10.26 -26.25 56.49
CA ARG G 186 11.40 -26.64 55.66
C ARG G 186 10.91 -27.41 54.42
N SER G 187 9.93 -28.30 54.60
CA SER G 187 9.33 -29.06 53.49
C SER G 187 8.56 -28.20 52.47
N LEU G 188 7.84 -27.18 52.94
CA LEU G 188 7.02 -26.36 52.06
C LEU G 188 7.93 -25.48 51.21
N LEU G 189 8.98 -24.94 51.82
CA LEU G 189 10.06 -24.30 51.03
C LEU G 189 10.94 -25.45 50.55
N GLU G 190 12.03 -25.16 49.84
CA GLU G 190 12.88 -26.22 49.22
C GLU G 190 12.20 -27.56 48.89
N SER H 1 -35.16 -34.31 84.54
CA SER H 1 -35.41 -32.89 84.28
C SER H 1 -34.46 -32.01 85.08
N TYR H 2 -33.81 -32.56 86.09
CA TYR H 2 -32.68 -31.86 86.64
C TYR H 2 -31.53 -32.04 85.65
N ASP H 3 -31.30 -33.28 85.23
CA ASP H 3 -30.21 -33.59 84.30
C ASP H 3 -30.37 -32.78 83.02
N ASP H 4 -31.63 -32.59 82.65
CA ASP H 4 -32.03 -31.72 81.54
C ASP H 4 -31.65 -30.25 81.76
N THR H 5 -32.13 -29.66 82.85
CA THR H 5 -31.76 -28.27 83.16
C THR H 5 -30.23 -28.03 83.19
N ARG H 6 -29.48 -28.86 83.89
CA ARG H 6 -28.00 -28.74 83.90
C ARG H 6 -27.42 -28.84 82.46
N GLN H 7 -27.93 -29.77 81.65
CA GLN H 7 -27.47 -29.89 80.24
C GLN H 7 -27.92 -28.66 79.43
N HIS H 8 -29.09 -28.11 79.74
CA HIS H 8 -29.54 -26.91 79.03
C HIS H 8 -28.57 -25.73 79.30
N LEU H 9 -28.12 -25.64 80.54
CA LEU H 9 -27.17 -24.60 80.96
C LEU H 9 -25.86 -24.79 80.21
N LEU H 10 -25.40 -26.02 80.11
CA LEU H 10 -24.20 -26.33 79.33
C LEU H 10 -24.37 -25.97 77.83
N ASP H 11 -25.51 -26.27 77.23
CA ASP H 11 -25.70 -25.90 75.82
C ASP H 11 -25.67 -24.38 75.69
N THR H 12 -26.35 -23.68 76.60
CA THR H 12 -26.34 -22.22 76.62
C THR H 12 -24.95 -21.61 76.89
N GLY H 13 -24.16 -22.22 77.76
CA GLY H 13 -22.81 -21.75 78.02
C GLY H 13 -22.01 -21.76 76.73
N TYR H 14 -22.16 -22.83 75.95
CA TYR H 14 -21.51 -22.95 74.67
C TYR H 14 -21.95 -21.84 73.74
N ARG H 15 -23.27 -21.66 73.64
CA ARG H 15 -23.86 -20.70 72.72
C ARG H 15 -23.30 -19.29 72.91
N ILE H 16 -23.13 -18.88 74.17
CA ILE H 16 -22.62 -17.55 74.49
C ILE H 16 -21.09 -17.47 74.54
N MET H 17 -20.43 -18.45 75.14
CA MET H 17 -18.97 -18.42 75.25
C MET H 17 -18.30 -18.52 73.89
N ALA H 18 -18.97 -19.16 72.96
CA ALA H 18 -18.46 -19.23 71.60
C ALA H 18 -18.25 -17.83 71.05
N VAL H 19 -19.04 -16.89 71.54
CA VAL H 19 -18.95 -15.52 71.11
C VAL H 19 -18.17 -14.63 72.06
N LYS H 20 -18.51 -14.66 73.35
CA LYS H 20 -17.97 -13.70 74.29
C LYS H 20 -16.75 -14.21 75.06
N GLY H 21 -16.40 -15.47 74.86
CA GLY H 21 -15.22 -16.02 75.49
C GLY H 21 -15.58 -16.50 76.88
N PHE H 22 -14.58 -16.80 77.70
CA PHE H 22 -14.90 -17.33 79.02
C PHE H 22 -15.08 -16.22 80.06
N SER H 23 -14.08 -15.34 80.17
CA SER H 23 -14.13 -14.26 81.14
C SER H 23 -15.24 -13.28 80.82
N GLY H 24 -15.67 -13.23 79.56
CA GLY H 24 -16.61 -12.21 79.14
C GLY H 24 -18.09 -12.51 79.29
N VAL H 25 -18.42 -13.71 79.73
CA VAL H 25 -19.81 -14.02 80.02
C VAL H 25 -19.88 -14.09 81.50
N GLY H 26 -21.04 -13.73 82.02
CA GLY H 26 -21.29 -13.81 83.44
C GLY H 26 -22.28 -14.90 83.74
N LEU H 27 -22.32 -15.32 85.00
CA LEU H 27 -23.31 -16.29 85.39
C LEU H 27 -24.72 -15.79 85.09
N ASN H 28 -24.97 -14.51 85.37
CA ASN H 28 -26.31 -13.98 85.24
C ASN H 28 -26.82 -14.10 83.82
N GLU H 29 -25.98 -13.74 82.85
CA GLU H 29 -26.41 -13.81 81.45
C GLU H 29 -26.77 -15.25 81.07
N ILE H 30 -25.94 -16.18 81.51
CA ILE H 30 -26.20 -17.57 81.19
C ILE H 30 -27.49 -18.06 81.82
N LEU H 31 -27.69 -17.80 83.11
CA LEU H 31 -28.90 -18.29 83.76
C LEU H 31 -30.11 -17.68 83.10
N GLN H 32 -30.12 -16.37 82.83
CA GLN H 32 -31.31 -15.81 82.15
C GLN H 32 -31.53 -16.36 80.73
N SER H 33 -30.45 -16.45 79.97
CA SER H 33 -30.57 -16.96 78.63
C SER H 33 -31.10 -18.42 78.62
N ALA H 34 -30.90 -19.12 79.75
CA ALA H 34 -31.35 -20.51 79.88
C ALA H 34 -32.68 -20.66 80.63
N GLY H 35 -33.22 -19.57 81.16
CA GLY H 35 -34.48 -19.64 81.89
C GLY H 35 -34.39 -20.30 83.26
N VAL H 36 -33.24 -20.12 83.92
CA VAL H 36 -32.93 -20.66 85.25
C VAL H 36 -32.79 -19.51 86.25
N PRO H 37 -33.32 -19.66 87.47
CA PRO H 37 -33.24 -18.50 88.37
C PRO H 37 -31.81 -18.19 88.81
N LYS H 38 -31.61 -16.91 89.07
CA LYS H 38 -30.32 -16.32 89.39
C LYS H 38 -29.59 -17.02 90.54
N GLY H 39 -30.34 -17.36 91.58
CA GLY H 39 -29.83 -17.97 92.80
C GLY H 39 -29.35 -19.41 92.67
N SER H 40 -29.72 -20.03 91.56
CA SER H 40 -29.56 -21.47 91.36
C SER H 40 -28.22 -22.03 90.94
N PHE H 41 -27.30 -21.21 90.49
CA PHE H 41 -26.10 -21.72 89.80
C PHE H 41 -25.28 -22.78 90.54
N TYR H 42 -25.04 -22.61 91.83
CA TYR H 42 -24.16 -23.56 92.49
C TYR H 42 -24.89 -24.86 92.85
N HIS H 43 -26.18 -24.87 92.53
CA HIS H 43 -26.96 -26.07 92.60
C HIS H 43 -26.61 -26.93 91.43
N TYR H 44 -26.17 -26.33 90.32
CA TYR H 44 -25.87 -27.13 89.14
C TYR H 44 -24.38 -27.38 88.92
N PHE H 45 -23.52 -26.50 89.43
CA PHE H 45 -22.05 -26.67 89.32
C PHE H 45 -21.32 -26.14 90.56
N LYS H 46 -20.09 -26.61 90.81
CA LYS H 46 -19.36 -26.14 91.99
C LYS H 46 -18.71 -24.78 91.85
N SER H 47 -18.41 -24.41 90.61
CA SER H 47 -17.80 -23.11 90.31
C SER H 47 -17.94 -22.81 88.84
N LYS H 48 -17.76 -21.55 88.50
CA LYS H 48 -17.75 -21.16 87.11
C LYS H 48 -16.62 -21.90 86.39
N GLU H 49 -15.49 -22.05 87.06
CA GLU H 49 -14.40 -22.78 86.47
C GLU H 49 -14.83 -24.20 86.15
N GLN H 50 -15.52 -24.87 87.08
CA GLN H 50 -15.93 -26.25 86.82
C GLN H 50 -16.94 -26.36 85.69
N PHE H 51 -17.81 -25.36 85.62
CA PHE H 51 -18.80 -25.25 84.55
C PHE H 51 -18.02 -25.25 83.25
N GLY H 52 -16.98 -24.45 83.19
CA GLY H 52 -16.13 -24.43 82.01
C GLY H 52 -15.60 -25.80 81.62
N GLN H 53 -15.07 -26.54 82.59
CA GLN H 53 -14.51 -27.87 82.34
C GLN H 53 -15.58 -28.77 81.78
N ALA H 54 -16.75 -28.73 82.40
CA ALA H 54 -17.87 -29.53 81.97
C ALA H 54 -18.25 -29.16 80.54
N LEU H 55 -18.42 -27.87 80.35
CA LEU H 55 -18.83 -27.29 79.09
C LEU H 55 -17.90 -27.76 78.00
N LEU H 56 -16.60 -27.70 78.26
CA LEU H 56 -15.63 -28.18 77.27
C LEU H 56 -15.67 -29.69 77.00
N GLU H 57 -15.79 -30.47 78.08
CA GLU H 57 -15.89 -31.93 77.98
C GLU H 57 -17.09 -32.35 77.15
N ASP H 58 -18.22 -31.69 77.36
CA ASP H 58 -19.37 -31.98 76.52
C ASP H 58 -19.08 -31.53 75.08
N TYR H 59 -18.40 -30.40 74.91
CA TYR H 59 -18.11 -29.93 73.57
C TYR H 59 -17.29 -30.98 72.83
N PHE H 60 -16.17 -31.41 73.42
CA PHE H 60 -15.35 -32.40 72.73
C PHE H 60 -16.04 -33.76 72.56
N ARG H 61 -16.89 -34.12 73.52
CA ARG H 61 -17.58 -35.40 73.45
C ARG H 61 -18.39 -35.48 72.16
N VAL H 62 -19.23 -34.48 71.92
CA VAL H 62 -20.06 -34.46 70.71
C VAL H 62 -19.19 -34.27 69.46
N TYR H 63 -18.21 -33.39 69.55
CA TYR H 63 -17.35 -33.08 68.42
C TYR H 63 -16.54 -34.34 68.06
N LEU H 64 -15.91 -34.97 69.06
CA LEU H 64 -15.14 -36.20 68.79
C LEU H 64 -16.04 -37.34 68.31
N ALA H 65 -17.28 -37.36 68.77
CA ALA H 65 -18.25 -38.37 68.33
C ALA H 65 -18.57 -38.24 66.84
N ASP H 66 -18.83 -37.01 66.40
CA ASP H 66 -19.11 -36.77 65.02
C ASP H 66 -17.90 -37.04 64.13
N MET H 67 -16.72 -36.60 64.55
CA MET H 67 -15.50 -36.89 63.79
C MET H 67 -15.34 -38.41 63.57
N ASP H 68 -15.64 -39.22 64.60
CA ASP H 68 -15.66 -40.69 64.50
C ASP H 68 -16.66 -41.15 63.45
N GLN H 69 -17.83 -40.50 63.45
CA GLN H 69 -18.86 -40.74 62.45
C GLN H 69 -18.33 -40.35 61.05
N ARG H 70 -17.61 -39.22 60.96
CA ARG H 70 -17.05 -38.77 59.70
C ARG H 70 -16.09 -39.79 59.14
N PHE H 71 -15.28 -40.38 60.02
CA PHE H 71 -14.26 -41.35 59.61
C PHE H 71 -14.78 -42.79 59.49
N SER H 72 -16.11 -42.92 59.55
CA SER H 72 -16.82 -44.17 59.32
C SER H 72 -17.93 -43.89 58.32
N ALA H 73 -17.73 -42.83 57.55
CA ALA H 73 -18.70 -42.37 56.58
C ALA H 73 -18.90 -43.41 55.51
N PRO H 74 -20.17 -43.75 55.24
CA PRO H 74 -20.50 -44.73 54.20
C PRO H 74 -20.11 -44.25 52.79
N GLY H 75 -19.41 -45.11 52.05
CA GLY H 75 -19.10 -44.84 50.66
C GLY H 75 -17.85 -44.03 50.35
N LEU H 76 -17.13 -43.56 51.37
CA LEU H 76 -15.93 -42.79 51.10
C LEU H 76 -14.67 -43.53 51.52
N ASN H 77 -13.60 -43.40 50.72
CA ASN H 77 -12.29 -43.96 51.07
C ASN H 77 -11.58 -42.98 52.01
N ALA H 78 -10.34 -43.25 52.35
CA ALA H 78 -9.63 -42.38 53.30
C ALA H 78 -9.51 -40.92 52.79
N ARG H 79 -9.14 -40.71 51.52
CA ARG H 79 -9.11 -39.34 50.98
C ARG H 79 -10.47 -38.64 51.04
N GLU H 80 -11.52 -39.35 50.62
CA GLU H 80 -12.84 -38.77 50.54
C GLU H 80 -13.31 -38.34 51.91
N ARG H 81 -13.01 -39.15 52.94
CA ARG H 81 -13.35 -38.86 54.35
C ARG H 81 -12.60 -37.68 55.01
N LEU H 82 -11.28 -37.72 54.91
CA LEU H 82 -10.44 -36.64 55.40
C LEU H 82 -10.87 -35.29 54.79
N MET H 83 -11.04 -35.24 53.46
CA MET H 83 -11.41 -34.00 52.75
C MET H 83 -12.82 -33.54 53.00
N SER H 84 -13.70 -34.47 53.34
CA SER H 84 -15.07 -34.13 53.66
C SER H 84 -15.05 -33.31 54.93
N TYR H 85 -14.04 -33.56 55.77
CA TYR H 85 -13.85 -32.83 57.03
C TYR H 85 -13.34 -31.41 56.86
N TRP H 86 -12.23 -31.22 56.16
CA TRP H 86 -11.72 -29.87 55.97
C TRP H 86 -12.78 -28.99 55.34
N GLN H 87 -13.57 -29.57 54.44
CA GLN H 87 -14.60 -28.82 53.76
C GLN H 87 -15.68 -28.33 54.74
N LYS H 88 -16.04 -29.14 55.72
CA LYS H 88 -17.06 -28.72 56.69
C LYS H 88 -16.60 -27.48 57.44
N TRP H 89 -15.33 -27.52 57.81
CA TRP H 89 -14.67 -26.43 58.51
C TRP H 89 -14.76 -25.12 57.74
N LEU H 90 -14.46 -25.17 56.44
CA LEU H 90 -14.53 -24.01 55.56
C LEU H 90 -15.96 -23.62 55.27
N ASP H 91 -16.78 -24.63 55.01
CA ASP H 91 -18.16 -24.39 54.63
C ASP H 91 -18.88 -23.74 55.79
N ASN H 92 -18.85 -24.38 56.95
CA ASN H 92 -19.67 -23.89 58.04
C ASN H 92 -19.09 -22.65 58.72
N ALA H 93 -17.98 -22.17 58.20
CA ALA H 93 -17.46 -20.89 58.61
C ALA H 93 -17.45 -19.88 57.49
N CYS H 94 -18.55 -19.73 56.78
CA CYS H 94 -18.75 -18.50 56.02
C CYS H 94 -18.99 -17.49 57.11
N PRO H 95 -18.37 -16.30 56.98
CA PRO H 95 -18.49 -15.34 58.09
C PRO H 95 -19.84 -14.60 58.22
N PRO H 96 -20.93 -15.02 57.52
CA PRO H 96 -22.11 -14.39 58.13
C PRO H 96 -22.43 -14.97 59.53
N CYS H 97 -21.87 -16.12 59.89
CA CYS H 97 -22.01 -16.59 61.26
C CYS H 97 -20.66 -16.40 61.99
N ASP H 98 -20.62 -15.37 62.84
CA ASP H 98 -19.50 -15.02 63.75
C ASP H 98 -19.69 -15.67 65.14
N GLU H 99 -20.85 -16.31 65.29
CA GLU H 99 -21.13 -17.17 66.43
C GLU H 99 -20.17 -18.31 66.09
N GLN H 100 -19.08 -18.38 66.84
CA GLN H 100 -18.03 -19.33 66.49
C GLN H 100 -18.53 -20.78 66.75
N ARG H 101 -18.02 -21.74 65.97
CA ARG H 101 -18.37 -23.13 66.24
C ARG H 101 -17.26 -23.69 67.15
N CYS H 102 -16.00 -23.33 66.87
CA CYS H 102 -14.89 -24.01 67.50
C CYS H 102 -14.30 -23.39 68.77
N LEU H 103 -14.50 -24.04 69.90
CA LEU H 103 -14.01 -23.54 71.17
C LEU H 103 -12.48 -23.63 71.28
N VAL H 104 -11.87 -24.54 70.52
CA VAL H 104 -10.41 -24.65 70.53
C VAL H 104 -9.82 -23.37 70.00
N VAL H 105 -10.45 -22.83 68.96
CA VAL H 105 -10.02 -21.55 68.40
C VAL H 105 -10.40 -20.43 69.35
N LYS H 106 -11.63 -20.45 69.84
CA LYS H 106 -12.12 -19.35 70.64
C LYS H 106 -11.49 -19.27 72.03
N LEU H 107 -11.30 -20.40 72.70
CA LEU H 107 -10.93 -20.42 74.13
C LEU H 107 -9.45 -20.74 74.48
N SER H 108 -8.74 -21.41 73.58
CA SER H 108 -7.41 -21.88 73.95
C SER H 108 -6.54 -20.84 74.61
N ALA H 109 -6.18 -19.80 73.86
CA ALA H 109 -5.24 -18.80 74.37
C ALA H 109 -5.77 -18.06 75.60
N GLU H 110 -7.09 -17.86 75.65
CA GLU H 110 -7.67 -17.13 76.75
C GLU H 110 -7.51 -17.93 78.03
N VAL H 111 -7.93 -19.18 77.93
CA VAL H 111 -8.11 -20.07 79.05
C VAL H 111 -6.85 -20.80 79.56
N ALA H 112 -5.91 -21.02 78.66
CA ALA H 112 -4.71 -21.81 78.93
C ALA H 112 -3.86 -21.33 80.12
N ASP H 113 -3.67 -20.03 80.29
CA ASP H 113 -2.90 -19.50 81.41
C ASP H 113 -3.77 -19.22 82.66
N LEU H 114 -5.06 -19.56 82.58
CA LEU H 114 -6.06 -19.17 83.58
C LEU H 114 -6.65 -20.33 84.37
N SER H 115 -6.95 -21.42 83.67
CA SER H 115 -7.59 -22.56 84.29
C SER H 115 -6.88 -23.84 83.87
N GLU H 116 -6.24 -24.49 84.85
CA GLU H 116 -5.52 -25.72 84.56
C GLU H 116 -6.42 -26.83 84.11
N SER H 117 -7.61 -26.88 84.67
CA SER H 117 -8.56 -27.92 84.33
C SER H 117 -9.03 -27.75 82.89
N MET H 118 -9.28 -26.51 82.50
CA MET H 118 -9.76 -26.23 81.14
C MET H 118 -8.64 -26.42 80.11
N ARG H 119 -7.44 -26.01 80.48
CA ARG H 119 -6.27 -26.20 79.65
C ARG H 119 -6.13 -27.63 79.22
N ILE H 120 -6.19 -28.53 80.18
CA ILE H 120 -6.05 -29.96 79.94
C ILE H 120 -7.20 -30.53 79.12
N THR H 121 -8.42 -30.08 79.37
CA THR H 121 -9.53 -30.59 78.60
C THR H 121 -9.31 -30.23 77.16
N LEU H 122 -8.90 -28.98 76.94
CA LEU H 122 -8.62 -28.47 75.62
C LEU H 122 -7.45 -29.23 75.02
N ARG H 123 -6.41 -29.46 75.80
CA ARG H 123 -5.24 -30.15 75.29
C ARG H 123 -5.62 -31.55 74.85
N ASP H 124 -6.27 -32.28 75.75
CA ASP H 124 -6.64 -33.66 75.47
C ASP H 124 -7.69 -33.69 74.35
N GLY H 125 -8.62 -32.74 74.36
CA GLY H 125 -9.66 -32.67 73.35
C GLY H 125 -9.02 -32.44 71.99
N SER H 126 -8.08 -31.51 71.94
CA SER H 126 -7.36 -31.26 70.69
C SER H 126 -6.53 -32.47 70.23
N ASP H 127 -5.81 -33.11 71.17
CA ASP H 127 -5.05 -34.34 70.86
C ASP H 127 -5.98 -35.44 70.35
N GLY H 128 -7.18 -35.49 70.92
CA GLY H 128 -8.20 -36.45 70.54
C GLY H 128 -8.61 -36.18 69.11
N ILE H 129 -8.58 -34.91 68.71
CA ILE H 129 -8.87 -34.56 67.32
C ILE H 129 -7.83 -35.08 66.37
N ILE H 130 -6.57 -34.77 66.68
CA ILE H 130 -5.46 -35.20 65.84
C ILE H 130 -5.46 -36.71 65.62
N GLU H 131 -5.73 -37.48 66.68
CA GLU H 131 -5.68 -38.94 66.58
C GLU H 131 -6.59 -39.47 65.47
N ARG H 132 -7.81 -38.95 65.39
CA ARG H 132 -8.72 -39.39 64.35
C ARG H 132 -8.10 -39.14 62.97
N LEU H 133 -7.39 -38.02 62.84
CA LEU H 133 -6.70 -37.64 61.61
C LEU H 133 -5.54 -38.58 61.29
N VAL H 134 -4.72 -38.88 62.31
CA VAL H 134 -3.61 -39.84 62.18
C VAL H 134 -4.24 -41.15 61.73
N GLY H 135 -5.38 -41.48 62.36
CA GLY H 135 -6.11 -42.68 62.02
C GLY H 135 -6.67 -42.67 60.60
N CYS H 136 -7.19 -41.52 60.17
CA CYS H 136 -7.79 -41.44 58.85
C CYS H 136 -6.74 -41.44 57.76
N LEU H 137 -5.64 -40.74 58.02
CA LEU H 137 -4.45 -40.72 57.15
C LEU H 137 -3.84 -42.12 56.96
N GLY H 138 -3.71 -42.83 58.09
CA GLY H 138 -3.16 -44.18 58.16
C GLY H 138 -4.03 -45.11 57.34
N GLN H 139 -5.34 -44.84 57.38
CA GLN H 139 -6.32 -45.56 56.59
C GLN H 139 -5.98 -45.39 55.09
N GLY H 140 -5.36 -44.27 54.73
CA GLY H 140 -5.05 -43.97 53.35
C GLY H 140 -3.80 -44.64 52.87
N ARG H 141 -2.89 -44.92 53.79
CA ARG H 141 -1.67 -45.67 53.49
C ARG H 141 -1.99 -47.14 53.23
N ASP H 142 -3.09 -47.62 53.81
CA ASP H 142 -3.56 -48.98 53.61
C ASP H 142 -4.36 -49.15 52.32
N ASP H 143 -5.20 -48.16 52.02
CA ASP H 143 -6.13 -48.27 50.91
C ASP H 143 -5.79 -47.40 49.69
N GLY H 144 -4.59 -46.82 49.70
CA GLY H 144 -4.06 -46.11 48.55
C GLY H 144 -4.56 -44.70 48.25
N SER H 145 -5.51 -44.22 49.05
CA SER H 145 -6.09 -42.88 48.87
C SER H 145 -5.09 -41.75 49.07
N LEU H 146 -4.12 -42.01 49.94
CA LEU H 146 -3.16 -41.01 50.32
C LEU H 146 -1.74 -41.52 50.23
N ALA H 147 -0.87 -40.62 49.77
CA ALA H 147 0.56 -40.86 49.65
C ALA H 147 1.15 -41.15 51.03
N PRO H 148 2.35 -41.76 51.07
CA PRO H 148 3.01 -42.00 52.36
C PRO H 148 3.42 -40.72 53.07
N CYS H 149 3.49 -40.78 54.39
CA CYS H 149 3.92 -39.64 55.20
C CYS H 149 4.20 -40.14 56.60
N ASP H 150 4.82 -39.30 57.43
CA ASP H 150 4.82 -39.58 58.86
C ASP H 150 3.45 -39.11 59.29
N ALA H 151 2.49 -40.02 59.40
CA ALA H 151 1.08 -39.67 59.59
C ALA H 151 0.87 -38.73 60.76
N ARG H 152 1.63 -38.94 61.83
CA ARG H 152 1.50 -38.09 63.01
C ARG H 152 1.89 -36.65 62.73
N HIS H 153 2.92 -36.51 61.89
CA HIS H 153 3.45 -35.22 61.53
C HIS H 153 2.55 -34.46 60.58
N MET H 154 1.95 -35.18 59.65
CA MET H 154 1.10 -34.55 58.67
C MET H 154 -0.22 -34.09 59.34
N ALA H 155 -0.82 -34.94 60.17
CA ALA H 155 -2.06 -34.56 60.85
C ALA H 155 -1.85 -33.33 61.73
N SER H 156 -0.73 -33.31 62.45
CA SER H 156 -0.39 -32.14 63.28
C SER H 156 -0.22 -30.89 62.42
N ALA H 157 0.48 -31.01 61.29
CA ALA H 157 0.67 -29.86 60.40
C ALA H 157 -0.66 -29.39 59.80
N LEU H 158 -1.51 -30.32 59.42
CA LEU H 158 -2.80 -29.90 58.91
C LEU H 158 -3.62 -29.20 59.98
N TYR H 159 -3.65 -29.73 61.21
CA TYR H 159 -4.49 -29.10 62.24
C TYR H 159 -4.00 -27.73 62.63
N GLN H 160 -2.69 -27.60 62.78
CA GLN H 160 -2.07 -26.33 63.11
C GLN H 160 -2.42 -25.29 62.04
N LEU H 161 -2.37 -25.72 60.79
CA LEU H 161 -2.68 -24.87 59.66
C LEU H 161 -4.13 -24.36 59.70
N TRP H 162 -5.09 -25.27 59.90
CA TRP H 162 -6.49 -24.85 59.96
C TRP H 162 -6.83 -24.04 61.20
N LEU H 163 -6.12 -24.30 62.28
CA LEU H 163 -6.36 -23.56 63.49
C LEU H 163 -6.06 -22.11 63.21
N GLY H 164 -4.85 -21.86 62.70
CA GLY H 164 -4.39 -20.52 62.37
C GLY H 164 -5.24 -19.85 61.30
N ALA H 165 -5.67 -20.61 60.31
CA ALA H 165 -6.54 -20.07 59.29
C ALA H 165 -7.83 -19.60 59.95
N SER H 166 -8.34 -20.36 60.90
CA SER H 166 -9.56 -19.98 61.55
C SER H 166 -9.39 -18.64 62.28
N LEU H 167 -8.23 -18.44 62.91
CA LEU H 167 -7.91 -17.18 63.59
C LEU H 167 -7.93 -15.96 62.68
N LEU H 168 -7.14 -16.01 61.59
CA LEU H 168 -7.08 -14.93 60.64
C LEU H 168 -8.47 -14.70 60.04
N SER H 169 -9.24 -15.78 59.93
CA SER H 169 -10.58 -15.69 59.41
C SER H 169 -11.47 -14.84 60.34
N LYS H 170 -11.35 -15.06 61.66
CA LYS H 170 -12.14 -14.30 62.62
C LYS H 170 -11.73 -12.84 62.58
N LEU H 171 -10.44 -12.66 62.38
CA LEU H 171 -9.82 -11.34 62.29
C LEU H 171 -10.27 -10.56 61.05
N HIS H 172 -10.51 -11.29 59.96
CA HIS H 172 -10.84 -10.65 58.69
C HIS H 172 -12.33 -10.61 58.35
N ARG H 173 -13.13 -11.45 59.01
CA ARG H 173 -14.53 -11.65 58.59
C ARG H 173 -14.61 -11.96 57.09
N SER H 174 -13.76 -12.89 56.67
CA SER H 174 -13.66 -13.33 55.30
C SER H 174 -13.36 -14.82 55.36
N PRO H 175 -13.80 -15.59 54.35
CA PRO H 175 -13.40 -16.99 54.40
C PRO H 175 -12.04 -17.20 53.70
N GLY H 176 -11.48 -16.11 53.23
CA GLY H 176 -10.22 -16.12 52.51
C GLY H 176 -9.11 -16.94 53.11
N PRO H 177 -8.76 -16.64 54.36
CA PRO H 177 -7.71 -17.42 54.98
C PRO H 177 -8.07 -18.91 55.09
N LEU H 178 -9.35 -19.25 55.18
CA LEU H 178 -9.68 -20.67 55.23
C LEU H 178 -9.42 -21.37 53.91
N GLU H 179 -9.77 -20.70 52.84
CA GLU H 179 -9.52 -21.18 51.50
C GLU H 179 -8.04 -21.37 51.26
N THR H 180 -7.22 -20.45 51.78
CA THR H 180 -5.77 -20.56 51.66
C THR H 180 -5.32 -21.89 52.23
N ALA H 181 -5.86 -22.23 53.39
CA ALA H 181 -5.51 -23.46 54.08
C ALA H 181 -5.90 -24.60 53.16
N MET H 182 -7.14 -24.51 52.68
CA MET H 182 -7.71 -25.55 51.83
C MET H 182 -6.84 -25.94 50.66
N GLN H 183 -6.38 -24.93 49.96
CA GLN H 183 -5.46 -25.14 48.87
C GLN H 183 -4.14 -25.76 49.35
N THR H 184 -3.57 -25.19 50.40
CA THR H 184 -2.33 -25.68 51.00
C THR H 184 -2.49 -27.09 51.45
N THR H 185 -3.70 -27.42 51.85
CA THR H 185 -3.98 -28.78 52.27
C THR H 185 -3.81 -29.74 51.10
N ARG H 186 -4.49 -29.47 50.00
CA ARG H 186 -4.39 -30.38 48.88
C ARG H 186 -2.97 -30.50 48.41
N SER H 187 -2.29 -29.39 48.27
CA SER H 187 -0.89 -29.45 47.83
C SER H 187 0.01 -30.27 48.79
N LEU H 188 -0.25 -30.21 50.10
CA LEU H 188 0.60 -30.92 51.06
C LEU H 188 0.39 -32.43 50.92
N LEU H 189 -0.88 -32.85 50.76
CA LEU H 189 -1.16 -34.25 50.46
C LEU H 189 -0.95 -34.43 48.94
N GLU H 190 -1.12 -35.65 48.42
CA GLU H 190 -0.84 -35.94 47.01
C GLU H 190 0.43 -35.25 46.47
N SER I 1 -1.25 22.82 -66.39
CA SER I 1 -0.70 22.43 -65.10
C SER I 1 -0.48 23.66 -64.23
N TYR I 2 -0.41 24.86 -64.79
CA TYR I 2 -0.61 26.04 -63.92
C TYR I 2 -2.12 26.07 -63.68
N ASP I 3 -2.92 25.94 -64.75
CA ASP I 3 -4.38 25.89 -64.59
C ASP I 3 -4.81 24.72 -63.71
N ASP I 4 -4.14 23.57 -63.85
CA ASP I 4 -4.45 22.43 -63.00
C ASP I 4 -4.17 22.77 -61.53
N THR I 5 -3.00 23.32 -61.21
CA THR I 5 -2.74 23.73 -59.81
C THR I 5 -3.76 24.73 -59.31
N ARG I 6 -4.05 25.73 -60.13
CA ARG I 6 -5.05 26.69 -59.71
C ARG I 6 -6.43 26.01 -59.40
N GLN I 7 -6.86 25.09 -60.26
CA GLN I 7 -8.13 24.42 -60.08
C GLN I 7 -8.08 23.55 -58.85
N HIS I 8 -6.95 22.90 -58.62
CA HIS I 8 -6.79 22.06 -57.46
C HIS I 8 -6.88 22.91 -56.19
N LEU I 9 -6.32 24.12 -56.23
CA LEU I 9 -6.44 24.99 -55.08
C LEU I 9 -7.93 25.30 -54.82
N LEU I 10 -8.68 25.58 -55.88
CA LEU I 10 -10.11 25.84 -55.76
C LEU I 10 -10.88 24.64 -55.16
N ASP I 11 -10.58 23.43 -55.64
CA ASP I 11 -11.28 22.25 -55.20
C ASP I 11 -10.99 22.06 -53.73
N THR I 12 -9.72 22.21 -53.39
CA THR I 12 -9.30 21.98 -52.02
C THR I 12 -9.91 23.01 -51.09
N GLY I 13 -10.00 24.25 -51.55
CA GLY I 13 -10.63 25.28 -50.76
C GLY I 13 -12.10 24.94 -50.54
N TYR I 14 -12.75 24.43 -51.58
CA TYR I 14 -14.15 24.08 -51.46
C TYR I 14 -14.39 22.99 -50.43
N ARG I 15 -13.62 21.94 -50.60
CA ARG I 15 -13.71 20.78 -49.75
C ARG I 15 -13.53 21.17 -48.28
N ILE I 16 -12.60 22.07 -47.99
CA ILE I 16 -12.32 22.46 -46.62
C ILE I 16 -13.24 23.57 -46.11
N MET I 17 -13.53 24.55 -46.95
CA MET I 17 -14.43 25.64 -46.52
C MET I 17 -15.88 25.16 -46.30
N ALA I 18 -16.29 24.12 -47.00
CA ALA I 18 -17.61 23.50 -46.77
C ALA I 18 -17.76 23.05 -45.32
N VAL I 19 -16.65 22.71 -44.70
CA VAL I 19 -16.65 22.31 -43.32
C VAL I 19 -16.22 23.41 -42.36
N LYS I 20 -15.09 24.04 -42.65
CA LYS I 20 -14.58 24.96 -41.67
C LYS I 20 -15.03 26.41 -41.87
N GLY I 21 -15.73 26.72 -42.98
CA GLY I 21 -16.16 28.09 -43.25
C GLY I 21 -15.13 28.94 -43.97
N PHE I 22 -15.27 30.27 -43.97
CA PHE I 22 -14.27 31.09 -44.65
C PHE I 22 -13.25 31.65 -43.63
N SER I 23 -13.74 32.31 -42.57
CA SER I 23 -12.83 32.83 -41.56
C SER I 23 -12.13 31.77 -40.73
N GLY I 24 -12.70 30.58 -40.65
CA GLY I 24 -12.13 29.55 -39.82
C GLY I 24 -11.11 28.66 -40.50
N VAL I 25 -10.79 28.95 -41.75
CA VAL I 25 -9.72 28.23 -42.43
C VAL I 25 -8.64 29.24 -42.59
N GLY I 26 -7.41 28.73 -42.65
CA GLY I 26 -6.28 29.56 -42.98
C GLY I 26 -5.68 29.11 -44.28
N LEU I 27 -4.95 30.02 -44.91
CA LEU I 27 -4.28 29.72 -46.17
C LEU I 27 -3.34 28.53 -46.06
N ASN I 28 -2.64 28.46 -44.95
CA ASN I 28 -1.65 27.42 -44.85
C ASN I 28 -2.23 26.02 -44.95
N GLU I 29 -3.35 25.82 -44.28
CA GLU I 29 -4.01 24.52 -44.37
C GLU I 29 -4.48 24.21 -45.80
N ILE I 30 -5.08 25.20 -46.46
CA ILE I 30 -5.60 24.92 -47.80
C ILE I 30 -4.45 24.58 -48.71
N LEU I 31 -3.45 25.46 -48.71
CA LEU I 31 -2.29 25.34 -49.57
C LEU I 31 -1.56 24.02 -49.25
N GLN I 32 -1.40 23.71 -47.97
CA GLN I 32 -0.71 22.49 -47.64
C GLN I 32 -1.49 21.26 -48.04
N SER I 33 -2.80 21.27 -47.79
CA SER I 33 -3.61 20.10 -48.19
C SER I 33 -3.51 19.88 -49.67
N ALA I 34 -3.33 20.96 -50.41
CA ALA I 34 -3.32 20.90 -51.86
C ALA I 34 -1.92 20.67 -52.44
N GLY I 35 -0.92 20.62 -51.57
CA GLY I 35 0.43 20.38 -52.05
C GLY I 35 1.05 21.52 -52.85
N VAL I 36 0.70 22.73 -52.48
CA VAL I 36 1.21 23.94 -53.07
C VAL I 36 1.85 24.67 -51.90
N PRO I 37 3.05 25.25 -52.12
CA PRO I 37 3.71 25.92 -51.00
C PRO I 37 3.00 27.22 -50.64
N LYS I 38 2.92 27.55 -49.36
CA LYS I 38 2.21 28.76 -48.96
C LYS I 38 2.73 29.99 -49.71
N GLY I 39 4.04 30.06 -49.90
CA GLY I 39 4.64 31.24 -50.50
C GLY I 39 4.20 31.45 -51.95
N SER I 40 3.64 30.41 -52.56
CA SER I 40 3.17 30.50 -53.92
C SER I 40 1.75 31.05 -54.08
N PHE I 41 1.03 31.24 -52.99
CA PHE I 41 -0.40 31.52 -53.08
C PHE I 41 -0.76 32.63 -54.06
N TYR I 42 0.03 33.71 -54.02
CA TYR I 42 -0.35 34.89 -54.77
C TYR I 42 0.05 34.77 -56.21
N HIS I 43 0.62 33.65 -56.56
CA HIS I 43 0.90 33.37 -57.94
C HIS I 43 -0.41 33.00 -58.58
N TYR I 44 -1.34 32.47 -57.77
CA TYR I 44 -2.64 31.99 -58.26
C TYR I 44 -3.90 32.86 -57.98
N PHE I 45 -3.89 33.63 -56.89
CA PHE I 45 -5.05 34.46 -56.50
C PHE I 45 -4.55 35.81 -55.93
N LYS I 46 -5.38 36.85 -55.98
CA LYS I 46 -4.92 38.17 -55.53
C LYS I 46 -4.91 38.29 -54.02
N SER I 47 -5.82 37.55 -53.39
CA SER I 47 -6.03 37.65 -51.98
C SER I 47 -6.84 36.44 -51.52
N LYS I 48 -6.96 36.24 -50.19
CA LYS I 48 -7.83 35.17 -49.72
C LYS I 48 -9.24 35.50 -50.14
N GLU I 49 -9.59 36.79 -50.06
CA GLU I 49 -10.94 37.19 -50.46
C GLU I 49 -11.25 36.85 -51.91
N GLN I 50 -10.36 37.17 -52.84
CA GLN I 50 -10.66 36.86 -54.23
C GLN I 50 -10.66 35.34 -54.41
N PHE I 51 -9.85 34.62 -53.63
CA PHE I 51 -9.84 33.15 -53.68
C PHE I 51 -11.24 32.66 -53.32
N GLY I 52 -11.80 33.26 -52.28
CA GLY I 52 -13.17 32.97 -51.90
C GLY I 52 -14.10 33.16 -53.06
N GLN I 53 -14.03 34.32 -53.73
CA GLN I 53 -14.88 34.56 -54.88
C GLN I 53 -14.69 33.54 -56.01
N ALA I 54 -13.44 33.25 -56.37
CA ALA I 54 -13.15 32.29 -57.43
C ALA I 54 -13.79 30.94 -57.07
N LEU I 55 -13.57 30.53 -55.82
CA LEU I 55 -14.09 29.33 -55.25
C LEU I 55 -15.61 29.30 -55.41
N LEU I 56 -16.30 30.34 -54.96
CA LEU I 56 -17.75 30.36 -55.10
C LEU I 56 -18.23 30.32 -56.54
N GLU I 57 -17.59 31.07 -57.43
CA GLU I 57 -17.94 31.06 -58.86
C GLU I 57 -17.83 29.69 -59.51
N ASP I 58 -16.79 28.94 -59.19
CA ASP I 58 -16.61 27.64 -59.78
C ASP I 58 -17.73 26.72 -59.32
N TYR I 59 -18.09 26.85 -58.04
CA TYR I 59 -19.14 26.03 -57.45
C TYR I 59 -20.47 26.23 -58.18
N PHE I 60 -20.91 27.49 -58.30
CA PHE I 60 -22.17 27.76 -58.96
C PHE I 60 -22.15 27.34 -60.44
N ARG I 61 -20.99 27.45 -61.08
CA ARG I 61 -20.84 27.01 -62.45
C ARG I 61 -21.13 25.53 -62.53
N VAL I 62 -20.52 24.77 -61.64
CA VAL I 62 -20.74 23.34 -61.66
C VAL I 62 -22.17 23.05 -61.27
N TYR I 63 -22.64 23.74 -60.24
CA TYR I 63 -23.97 23.49 -59.70
C TYR I 63 -25.05 23.73 -60.74
N LEU I 64 -25.05 24.91 -61.33
CA LEU I 64 -26.07 25.28 -62.31
C LEU I 64 -26.01 24.41 -63.57
N ALA I 65 -24.82 23.99 -63.96
CA ALA I 65 -24.69 23.12 -65.12
C ALA I 65 -25.40 21.81 -64.84
N ASP I 66 -25.26 21.38 -63.59
CA ASP I 66 -25.88 20.16 -63.14
C ASP I 66 -27.39 20.27 -63.19
N MET I 67 -27.90 21.38 -62.67
CA MET I 67 -29.32 21.68 -62.68
C MET I 67 -29.91 21.68 -64.08
N ASP I 68 -29.18 22.31 -65.00
CA ASP I 68 -29.54 22.41 -66.40
C ASP I 68 -29.67 20.98 -67.01
N GLN I 69 -28.74 20.06 -66.72
CA GLN I 69 -28.94 18.67 -67.18
C GLN I 69 -30.16 18.04 -66.59
N ARG I 70 -30.32 18.15 -65.29
CA ARG I 70 -31.43 17.51 -64.62
C ARG I 70 -32.73 18.03 -65.19
N PHE I 71 -32.82 19.33 -65.41
CA PHE I 71 -34.08 19.92 -65.85
C PHE I 71 -34.26 19.79 -67.37
N SER I 72 -33.40 19.01 -68.00
CA SER I 72 -33.59 18.68 -69.40
C SER I 72 -33.42 17.17 -69.57
N ALA I 73 -33.53 16.42 -68.49
CA ALA I 73 -33.30 14.99 -68.57
C ALA I 73 -34.35 14.29 -69.41
N PRO I 74 -33.92 13.58 -70.44
CA PRO I 74 -34.84 12.85 -71.32
C PRO I 74 -35.59 11.79 -70.57
N GLY I 75 -36.87 11.68 -70.85
CA GLY I 75 -37.72 10.65 -70.29
C GLY I 75 -38.38 11.09 -69.00
N LEU I 76 -38.08 12.30 -68.55
CA LEU I 76 -38.74 12.79 -67.35
C LEU I 76 -39.59 13.96 -67.75
N ASN I 77 -40.77 14.06 -67.15
CA ASN I 77 -41.57 15.26 -67.33
C ASN I 77 -41.08 16.32 -66.35
N ALA I 78 -41.71 17.48 -66.39
CA ALA I 78 -41.25 18.53 -65.53
C ALA I 78 -41.41 18.20 -64.05
N ARG I 79 -42.56 17.64 -63.64
CA ARG I 79 -42.78 17.27 -62.23
C ARG I 79 -41.66 16.31 -61.81
N GLU I 80 -41.37 15.35 -62.66
CA GLU I 80 -40.36 14.36 -62.34
C GLU I 80 -38.96 14.98 -62.26
N ARG I 81 -38.67 15.95 -63.12
CA ARG I 81 -37.39 16.61 -63.06
C ARG I 81 -37.30 17.40 -61.79
N LEU I 82 -38.25 18.29 -61.59
CA LEU I 82 -38.31 19.15 -60.43
C LEU I 82 -38.20 18.36 -59.14
N MET I 83 -38.93 17.25 -59.05
CA MET I 83 -38.89 16.49 -57.81
C MET I 83 -37.57 15.75 -57.63
N SER I 84 -36.89 15.42 -58.72
CA SER I 84 -35.60 14.72 -58.54
C SER I 84 -34.58 15.64 -57.88
N TYR I 85 -34.72 16.95 -58.12
CA TYR I 85 -33.83 17.93 -57.52
C TYR I 85 -34.09 17.98 -56.02
N TRP I 86 -35.34 18.21 -55.63
CA TRP I 86 -35.68 18.25 -54.23
C TRP I 86 -35.33 16.96 -53.52
N GLN I 87 -35.53 15.84 -54.20
CA GLN I 87 -35.16 14.55 -53.64
C GLN I 87 -33.65 14.46 -53.41
N LYS I 88 -32.85 14.90 -54.38
CA LYS I 88 -31.40 14.86 -54.28
C LYS I 88 -30.95 15.62 -53.04
N TRP I 89 -31.53 16.77 -52.81
CA TRP I 89 -31.23 17.57 -51.63
C TRP I 89 -31.53 16.79 -50.33
N LEU I 90 -32.68 16.11 -50.29
CA LEU I 90 -33.06 15.30 -49.13
C LEU I 90 -32.16 14.10 -48.95
N ASP I 91 -31.91 13.40 -50.05
CA ASP I 91 -31.17 12.18 -49.97
C ASP I 91 -29.77 12.48 -49.48
N ASN I 92 -29.06 13.35 -50.16
CA ASN I 92 -27.65 13.45 -49.82
C ASN I 92 -27.35 14.24 -48.57
N ALA I 93 -28.38 14.58 -47.83
CA ALA I 93 -28.10 15.12 -46.52
C ALA I 93 -28.57 14.16 -45.44
N CYS I 94 -28.27 12.86 -45.59
CA CYS I 94 -28.28 11.98 -44.41
C CYS I 94 -27.04 12.42 -43.60
N PRO I 95 -27.13 12.40 -42.26
CA PRO I 95 -26.04 12.94 -41.42
C PRO I 95 -24.71 12.14 -41.21
N PRO I 96 -24.47 10.99 -41.90
CA PRO I 96 -23.08 10.51 -41.98
C PRO I 96 -22.25 11.44 -42.89
N CYS I 97 -22.96 12.41 -43.48
CA CYS I 97 -22.36 13.44 -44.29
C CYS I 97 -22.28 14.68 -43.39
N ASP I 98 -21.12 14.85 -42.77
CA ASP I 98 -20.80 16.02 -41.97
C ASP I 98 -20.04 17.08 -42.82
N GLU I 99 -19.43 16.59 -43.90
CA GLU I 99 -18.74 17.41 -44.89
C GLU I 99 -19.77 18.00 -45.84
N GLN I 100 -19.99 19.30 -45.70
CA GLN I 100 -21.05 20.03 -46.39
C GLN I 100 -21.00 19.99 -47.96
N ARG I 101 -22.16 20.01 -48.58
CA ARG I 101 -22.16 20.14 -50.00
C ARG I 101 -22.47 21.60 -50.26
N CYS I 102 -23.43 22.15 -49.55
CA CYS I 102 -24.04 23.38 -50.04
C CYS I 102 -23.47 24.65 -49.53
N LEU I 103 -22.81 25.38 -50.43
CA LEU I 103 -22.19 26.63 -50.08
C LEU I 103 -23.16 27.77 -49.77
N VAL I 104 -24.37 27.74 -50.32
CA VAL I 104 -25.31 28.82 -49.99
C VAL I 104 -25.68 28.76 -48.54
N VAL I 105 -25.85 27.54 -48.03
CA VAL I 105 -26.20 27.32 -46.65
C VAL I 105 -25.00 27.57 -45.76
N LYS I 106 -23.83 27.03 -46.15
CA LYS I 106 -22.64 27.12 -45.28
C LYS I 106 -22.03 28.53 -45.16
N LEU I 107 -21.91 29.25 -46.27
CA LEU I 107 -21.18 30.53 -46.28
C LEU I 107 -22.06 31.83 -46.26
N SER I 108 -23.31 31.79 -46.76
CA SER I 108 -24.08 33.03 -46.92
C SER I 108 -24.05 33.95 -45.73
N ALA I 109 -24.60 33.52 -44.60
CA ALA I 109 -24.68 34.43 -43.45
C ALA I 109 -23.30 34.83 -42.95
N GLU I 110 -22.31 33.96 -43.09
CA GLU I 110 -20.98 34.28 -42.58
C GLU I 110 -20.38 35.40 -43.39
N VAL I 111 -20.45 35.18 -44.70
CA VAL I 111 -19.77 35.99 -45.68
C VAL I 111 -20.47 37.32 -46.07
N ALA I 112 -21.81 37.35 -45.94
CA ALA I 112 -22.62 38.49 -46.38
C ALA I 112 -22.23 39.82 -45.78
N ASP I 113 -21.89 39.84 -44.51
CA ASP I 113 -21.56 41.08 -43.83
C ASP I 113 -20.09 41.36 -43.95
N LEU I 114 -19.38 40.45 -44.60
CA LEU I 114 -17.93 40.44 -44.50
C LEU I 114 -17.24 40.76 -45.80
N SER I 115 -17.75 40.21 -46.89
CA SER I 115 -17.18 40.40 -48.22
C SER I 115 -18.25 40.69 -49.28
N GLU I 116 -18.20 41.91 -49.81
CA GLU I 116 -19.11 42.35 -50.84
C GLU I 116 -18.98 41.45 -52.10
N SER I 117 -17.77 41.05 -52.44
CA SER I 117 -17.63 40.18 -53.61
C SER I 117 -18.21 38.79 -53.41
N MET I 118 -17.98 38.21 -52.23
CA MET I 118 -18.46 36.87 -51.98
C MET I 118 -19.97 36.96 -51.85
N ARG I 119 -20.44 37.99 -51.16
CA ARG I 119 -21.87 38.24 -51.06
C ARG I 119 -22.55 38.27 -52.43
N ILE I 120 -22.01 39.07 -53.36
CA ILE I 120 -22.60 39.20 -54.70
C ILE I 120 -22.57 37.83 -55.43
N THR I 121 -21.49 37.08 -55.27
CA THR I 121 -21.43 35.82 -55.98
C THR I 121 -22.50 34.87 -55.45
N LEU I 122 -22.71 34.84 -54.14
CA LEU I 122 -23.75 34.00 -53.56
C LEU I 122 -25.11 34.48 -54.03
N ARG I 123 -25.30 35.79 -54.00
CA ARG I 123 -26.54 36.41 -54.42
C ARG I 123 -26.87 36.04 -55.88
N ASP I 124 -25.90 36.21 -56.78
CA ASP I 124 -26.15 35.94 -58.19
C ASP I 124 -26.36 34.46 -58.40
N GLY I 125 -25.54 33.65 -57.73
CA GLY I 125 -25.54 32.20 -57.85
C GLY I 125 -26.84 31.65 -57.36
N SER I 126 -27.28 32.15 -56.21
CA SER I 126 -28.52 31.71 -55.67
C SER I 126 -29.62 32.10 -56.66
N ASP I 127 -29.53 33.30 -57.24
CA ASP I 127 -30.53 33.72 -58.24
C ASP I 127 -30.60 32.78 -59.42
N GLY I 128 -29.44 32.30 -59.82
CA GLY I 128 -29.37 31.39 -60.93
C GLY I 128 -30.07 30.13 -60.61
N ILE I 129 -30.00 29.70 -59.35
CA ILE I 129 -30.71 28.51 -58.94
C ILE I 129 -32.22 28.75 -59.00
N ILE I 130 -32.69 29.81 -58.36
CA ILE I 130 -34.09 30.12 -58.46
C ILE I 130 -34.55 30.22 -59.95
N GLU I 131 -33.74 30.80 -60.81
CA GLU I 131 -34.13 30.92 -62.21
C GLU I 131 -34.43 29.55 -62.86
N ARG I 132 -33.54 28.58 -62.65
CA ARG I 132 -33.72 27.24 -63.18
C ARG I 132 -35.01 26.59 -62.64
N LEU I 133 -35.31 26.86 -61.38
CA LEU I 133 -36.51 26.34 -60.78
C LEU I 133 -37.71 26.92 -61.52
N VAL I 134 -37.70 28.23 -61.69
CA VAL I 134 -38.76 28.91 -62.42
C VAL I 134 -38.95 28.34 -63.82
N GLY I 135 -37.85 28.08 -64.51
CA GLY I 135 -37.92 27.51 -65.83
C GLY I 135 -38.58 26.14 -65.78
N CYS I 136 -38.29 25.38 -64.72
CA CYS I 136 -38.80 24.03 -64.64
C CYS I 136 -40.26 24.06 -64.27
N LEU I 137 -40.60 24.96 -63.35
CA LEU I 137 -41.98 25.10 -62.96
C LEU I 137 -42.79 25.39 -64.21
N GLY I 138 -42.30 26.33 -65.00
CA GLY I 138 -43.02 26.75 -66.19
C GLY I 138 -43.14 25.62 -67.18
N GLN I 139 -42.05 24.88 -67.32
CA GLN I 139 -41.99 23.74 -68.19
C GLN I 139 -43.12 22.73 -67.84
N GLY I 140 -43.49 22.67 -66.57
CA GLY I 140 -44.51 21.75 -66.07
C GLY I 140 -45.93 22.25 -66.27
N ARG I 141 -46.05 23.56 -66.31
CA ARG I 141 -47.30 24.16 -66.65
C ARG I 141 -47.58 23.97 -68.17
N ASP I 142 -46.53 23.76 -68.96
CA ASP I 142 -46.67 23.49 -70.38
C ASP I 142 -47.01 22.03 -70.65
N ASP I 143 -46.50 21.11 -69.84
CA ASP I 143 -46.74 19.69 -70.12
C ASP I 143 -47.71 19.04 -69.15
N GLY I 144 -48.37 19.86 -68.34
CA GLY I 144 -49.42 19.37 -67.46
C GLY I 144 -48.99 18.66 -66.19
N SER I 145 -47.68 18.48 -66.02
CA SER I 145 -47.13 17.81 -64.84
C SER I 145 -47.37 18.57 -63.54
N LEU I 146 -47.44 19.91 -63.63
CA LEU I 146 -47.53 20.70 -62.42
C LEU I 146 -48.67 21.71 -62.50
N ALA I 147 -49.36 21.90 -61.38
CA ALA I 147 -50.48 22.83 -61.30
C ALA I 147 -50.03 24.25 -61.62
N PRO I 148 -50.98 25.08 -62.04
CA PRO I 148 -50.62 26.47 -62.31
C PRO I 148 -50.22 27.20 -61.05
N CYS I 149 -49.33 28.18 -61.20
CA CYS I 149 -48.94 29.01 -60.08
C CYS I 149 -48.12 30.17 -60.60
N ASP I 150 -47.84 31.12 -59.71
CA ASP I 150 -46.89 32.17 -59.95
C ASP I 150 -45.45 31.57 -59.80
N ALA I 151 -44.85 31.15 -60.91
CA ALA I 151 -43.60 30.41 -60.84
C ALA I 151 -42.45 31.13 -60.13
N ARG I 152 -42.32 32.44 -60.33
CA ARG I 152 -41.22 33.11 -59.67
C ARG I 152 -41.45 33.12 -58.17
N HIS I 153 -42.72 33.22 -57.78
CA HIS I 153 -43.03 33.23 -56.38
C HIS I 153 -42.84 31.85 -55.77
N MET I 154 -43.26 30.81 -56.49
CA MET I 154 -43.18 29.46 -55.96
C MET I 154 -41.73 28.97 -55.80
N ALA I 155 -40.93 29.20 -56.82
CA ALA I 155 -39.53 28.78 -56.77
C ALA I 155 -38.80 29.45 -55.65
N SER I 156 -38.99 30.75 -55.51
CA SER I 156 -38.37 31.50 -54.45
C SER I 156 -38.83 30.99 -53.10
N ALA I 157 -40.12 30.69 -52.96
CA ALA I 157 -40.63 30.20 -51.69
C ALA I 157 -40.09 28.81 -51.34
N LEU I 158 -40.10 27.92 -52.31
CA LEU I 158 -39.56 26.59 -52.09
C LEU I 158 -38.10 26.64 -51.75
N TYR I 159 -37.32 27.41 -52.50
CA TYR I 159 -35.89 27.46 -52.24
C TYR I 159 -35.65 27.98 -50.84
N GLN I 160 -36.41 29.01 -50.44
CA GLN I 160 -36.23 29.56 -49.11
C GLN I 160 -36.48 28.49 -48.07
N LEU I 161 -37.53 27.70 -48.32
CA LEU I 161 -37.99 26.68 -47.38
C LEU I 161 -36.85 25.69 -47.17
N TRP I 162 -36.29 25.17 -48.25
CA TRP I 162 -35.22 24.19 -48.11
C TRP I 162 -33.90 24.76 -47.51
N LEU I 163 -33.64 26.03 -47.71
CA LEU I 163 -32.44 26.57 -47.11
C LEU I 163 -32.63 26.47 -45.63
N GLY I 164 -33.81 26.87 -45.16
CA GLY I 164 -34.14 26.82 -43.73
C GLY I 164 -34.10 25.40 -43.18
N ALA I 165 -34.61 24.47 -43.97
CA ALA I 165 -34.56 23.10 -43.56
C ALA I 165 -33.11 22.67 -43.44
N SER I 166 -32.25 23.12 -44.35
CA SER I 166 -30.84 22.76 -44.24
C SER I 166 -30.14 23.31 -42.99
N LEU I 167 -30.44 24.55 -42.60
CA LEU I 167 -29.92 25.06 -41.36
C LEU I 167 -30.36 24.19 -40.19
N LEU I 168 -31.68 23.95 -40.08
CA LEU I 168 -32.20 23.18 -38.94
C LEU I 168 -31.68 21.75 -38.93
N SER I 169 -31.54 21.17 -40.12
CA SER I 169 -30.97 19.83 -40.25
C SER I 169 -29.55 19.78 -39.71
N LYS I 170 -28.74 20.80 -39.98
CA LYS I 170 -27.39 20.81 -39.45
C LYS I 170 -27.37 20.89 -37.93
N LEU I 171 -28.27 21.70 -37.39
CA LEU I 171 -28.39 21.91 -35.98
C LEU I 171 -28.81 20.63 -35.24
N HIS I 172 -29.60 19.80 -35.91
CA HIS I 172 -30.16 18.56 -35.34
C HIS I 172 -29.39 17.29 -35.75
N ARG I 173 -28.53 17.39 -36.73
CA ARG I 173 -27.89 16.22 -37.33
C ARG I 173 -28.91 15.18 -37.68
N SER I 174 -30.02 15.63 -38.25
CA SER I 174 -31.12 14.75 -38.66
C SER I 174 -31.64 15.20 -39.99
N PRO I 175 -32.12 14.26 -40.81
CA PRO I 175 -32.75 14.67 -42.06
C PRO I 175 -34.20 15.04 -41.79
N GLY I 176 -34.56 15.06 -40.51
CA GLY I 176 -35.92 15.37 -40.12
C GLY I 176 -36.52 16.58 -40.80
N PRO I 177 -35.89 17.75 -40.60
CA PRO I 177 -36.35 19.02 -41.15
C PRO I 177 -36.47 19.06 -42.69
N LEU I 178 -35.63 18.29 -43.37
CA LEU I 178 -35.67 18.21 -44.82
C LEU I 178 -36.91 17.43 -45.24
N GLU I 179 -37.28 16.43 -44.45
CA GLU I 179 -38.51 15.69 -44.71
C GLU I 179 -39.72 16.58 -44.57
N THR I 180 -39.70 17.45 -43.56
CA THR I 180 -40.74 18.45 -43.41
C THR I 180 -40.85 19.30 -44.65
N ALA I 181 -39.72 19.76 -45.16
CA ALA I 181 -39.71 20.60 -46.36
C ALA I 181 -40.29 19.81 -47.51
N MET I 182 -39.84 18.57 -47.66
CA MET I 182 -40.31 17.74 -48.74
C MET I 182 -41.84 17.60 -48.72
N GLN I 183 -42.39 17.39 -47.53
CA GLN I 183 -43.84 17.28 -47.38
C GLN I 183 -44.53 18.59 -47.74
N THR I 184 -44.05 19.70 -47.18
CA THR I 184 -44.59 21.02 -47.51
C THR I 184 -44.50 21.32 -48.99
N THR I 185 -43.43 20.84 -49.62
CA THR I 185 -43.22 21.07 -51.03
C THR I 185 -44.32 20.39 -51.81
N ARG I 186 -44.56 19.12 -51.50
CA ARG I 186 -45.58 18.39 -52.20
C ARG I 186 -46.93 19.07 -51.99
N SER I 187 -47.19 19.48 -50.77
CA SER I 187 -48.43 20.18 -50.47
C SER I 187 -48.58 21.48 -51.28
N LEU I 188 -47.50 22.24 -51.41
CA LEU I 188 -47.57 23.50 -52.12
C LEU I 188 -47.74 23.26 -53.63
N LEU I 189 -47.07 22.25 -54.17
CA LEU I 189 -47.17 21.99 -55.60
C LEU I 189 -48.33 21.20 -56.20
N GLU I 190 -49.22 20.62 -55.40
CA GLU I 190 -50.39 19.95 -56.01
C GLU I 190 -51.66 20.53 -55.41
N ASP J 4 -23.32 42.14 -14.35
CA ASP J 4 -22.90 43.50 -14.79
C ASP J 4 -21.65 43.46 -15.69
N THR J 5 -20.45 43.25 -15.18
CA THR J 5 -19.29 43.08 -16.09
C THR J 5 -19.57 41.89 -17.01
N ARG J 6 -20.01 40.80 -16.39
CA ARG J 6 -20.33 39.62 -17.15
C ARG J 6 -21.42 39.88 -18.18
N GLN J 7 -22.48 40.57 -17.78
CA GLN J 7 -23.58 40.79 -18.72
C GLN J 7 -23.15 41.74 -19.84
N HIS J 8 -22.31 42.70 -19.48
CA HIS J 8 -21.78 43.65 -20.42
C HIS J 8 -20.93 42.95 -21.47
N LEU J 9 -20.18 41.94 -21.03
CA LEU J 9 -19.39 41.19 -21.98
C LEU J 9 -20.31 40.45 -22.95
N LEU J 10 -21.35 39.82 -22.41
CA LEU J 10 -22.33 39.10 -23.22
C LEU J 10 -22.99 40.03 -24.23
N ASP J 11 -23.37 41.20 -23.77
CA ASP J 11 -24.05 42.14 -24.62
C ASP J 11 -23.14 42.57 -25.72
N THR J 12 -21.92 42.96 -25.36
CA THR J 12 -20.99 43.45 -26.38
C THR J 12 -20.69 42.37 -27.37
N GLY J 13 -20.53 41.14 -26.88
CA GLY J 13 -20.26 40.01 -27.72
C GLY J 13 -21.37 39.80 -28.72
N TYR J 14 -22.61 39.94 -28.24
CA TYR J 14 -23.77 39.82 -29.11
C TYR J 14 -23.80 40.88 -30.23
N ARG J 15 -23.61 42.16 -29.86
CA ARG J 15 -23.62 43.25 -30.84
C ARG J 15 -22.60 43.03 -31.98
N ILE J 16 -21.42 42.53 -31.64
CA ILE J 16 -20.40 42.28 -32.65
C ILE J 16 -20.54 40.93 -33.37
N MET J 17 -20.87 39.87 -32.64
CA MET J 17 -20.93 38.58 -33.31
C MET J 17 -22.09 38.52 -34.29
N ALA J 18 -23.13 39.30 -34.02
CA ALA J 18 -24.27 39.42 -34.92
C ALA J 18 -23.84 39.87 -36.32
N VAL J 19 -22.77 40.64 -36.36
CA VAL J 19 -22.21 41.11 -37.61
C VAL J 19 -21.03 40.30 -38.06
N LYS J 20 -20.05 40.11 -37.19
CA LYS J 20 -18.81 39.49 -37.65
C LYS J 20 -18.76 37.98 -37.48
N GLY J 21 -19.76 37.39 -36.80
CA GLY J 21 -19.78 35.95 -36.66
C GLY J 21 -18.97 35.47 -35.45
N PHE J 22 -18.64 34.18 -35.37
CA PHE J 22 -17.88 33.71 -34.23
C PHE J 22 -16.38 33.66 -34.53
N SER J 23 -16.02 32.95 -35.58
CA SER J 23 -14.62 32.89 -35.96
C SER J 23 -14.08 34.23 -36.45
N GLY J 24 -14.92 35.12 -36.94
CA GLY J 24 -14.43 36.38 -37.47
C GLY J 24 -14.29 37.54 -36.47
N VAL J 25 -14.59 37.30 -35.20
CA VAL J 25 -14.35 38.28 -34.17
C VAL J 25 -13.23 37.79 -33.37
N GLY J 26 -12.46 38.72 -32.85
CA GLY J 26 -11.39 38.37 -31.95
C GLY J 26 -11.75 38.89 -30.57
N LEU J 27 -11.11 38.28 -29.58
CA LEU J 27 -11.31 38.72 -28.23
C LEU J 27 -10.96 40.22 -28.03
N ASN J 28 -9.88 40.75 -28.68
CA ASN J 28 -9.48 42.14 -28.39
C ASN J 28 -10.54 43.15 -28.76
N GLU J 29 -11.18 42.94 -29.91
CA GLU J 29 -12.26 43.84 -30.29
C GLU J 29 -13.43 43.87 -29.30
N ILE J 30 -13.81 42.69 -28.79
CA ILE J 30 -14.91 42.57 -27.84
C ILE J 30 -14.46 43.29 -26.58
N LEU J 31 -13.27 42.95 -26.14
CA LEU J 31 -12.70 43.48 -24.93
C LEU J 31 -12.52 45.00 -25.01
N GLN J 32 -11.99 45.46 -26.13
CA GLN J 32 -11.83 46.90 -26.30
C GLN J 32 -13.20 47.61 -26.34
N SER J 33 -14.18 47.06 -27.06
CA SER J 33 -15.47 47.71 -27.13
C SER J 33 -16.10 47.79 -25.78
N ALA J 34 -15.78 46.83 -24.94
CA ALA J 34 -16.48 46.75 -23.65
C ALA J 34 -15.77 47.43 -22.51
N GLY J 35 -14.51 47.82 -22.72
CA GLY J 35 -13.79 48.45 -21.64
C GLY J 35 -13.51 47.44 -20.54
N VAL J 36 -13.31 46.19 -20.92
CA VAL J 36 -12.99 45.11 -19.99
C VAL J 36 -11.63 44.47 -20.33
N PRO J 37 -10.81 44.19 -19.31
CA PRO J 37 -9.49 43.56 -19.45
C PRO J 37 -9.57 42.05 -19.63
N LYS J 38 -8.56 41.50 -20.30
CA LYS J 38 -8.50 40.07 -20.56
C LYS J 38 -8.66 39.26 -19.28
N GLY J 39 -8.09 39.75 -18.19
CA GLY J 39 -8.18 38.97 -16.97
C GLY J 39 -9.59 38.81 -16.48
N SER J 40 -10.46 39.76 -16.83
CA SER J 40 -11.85 39.65 -16.34
C SER J 40 -12.62 38.73 -17.22
N PHE J 41 -12.30 38.73 -18.51
CA PHE J 41 -13.03 37.92 -19.46
C PHE J 41 -12.86 36.51 -19.00
N TYR J 42 -11.61 36.18 -18.70
CA TYR J 42 -11.29 34.83 -18.33
C TYR J 42 -11.56 34.49 -16.88
N HIS J 43 -12.03 35.47 -16.12
CA HIS J 43 -12.59 35.18 -14.82
C HIS J 43 -14.00 34.64 -14.98
N TYR J 44 -14.73 35.06 -16.00
CA TYR J 44 -16.13 34.65 -16.17
C TYR J 44 -16.29 33.53 -17.16
N PHE J 45 -15.34 33.38 -18.07
CA PHE J 45 -15.46 32.33 -19.07
C PHE J 45 -14.12 31.61 -19.20
N LYS J 46 -14.16 30.29 -19.38
CA LYS J 46 -12.92 29.55 -19.37
C LYS J 46 -12.29 29.64 -20.73
N SER J 47 -13.14 29.88 -21.73
CA SER J 47 -12.74 29.95 -23.13
C SER J 47 -13.72 30.76 -23.97
N LYS J 48 -13.27 31.13 -25.17
CA LYS J 48 -14.10 31.87 -26.12
C LYS J 48 -15.28 31.04 -26.47
N GLU J 49 -15.10 29.72 -26.62
CA GLU J 49 -16.23 28.85 -26.91
C GLU J 49 -17.28 28.89 -25.81
N GLN J 50 -16.86 28.84 -24.55
CA GLN J 50 -17.88 28.85 -23.50
C GLN J 50 -18.58 30.20 -23.43
N PHE J 51 -17.86 31.27 -23.73
CA PHE J 51 -18.44 32.61 -23.83
C PHE J 51 -19.50 32.57 -24.95
N GLY J 52 -19.13 31.94 -26.06
CA GLY J 52 -20.04 31.75 -27.15
C GLY J 52 -21.35 31.10 -26.72
N GLN J 53 -21.25 30.03 -25.97
CA GLN J 53 -22.41 29.34 -25.44
C GLN J 53 -23.23 30.21 -24.51
N ALA J 54 -22.54 30.90 -23.61
CA ALA J 54 -23.21 31.73 -22.64
C ALA J 54 -24.07 32.78 -23.32
N LEU J 55 -23.45 33.47 -24.27
CA LEU J 55 -24.09 34.51 -25.03
C LEU J 55 -25.32 33.97 -25.75
N LEU J 56 -25.16 32.86 -26.46
CA LEU J 56 -26.27 32.23 -27.14
C LEU J 56 -27.38 31.86 -26.16
N GLU J 57 -27.01 31.33 -25.00
CA GLU J 57 -27.99 31.03 -23.95
C GLU J 57 -28.74 32.24 -23.50
N ASP J 58 -28.01 33.32 -23.28
CA ASP J 58 -28.64 34.57 -22.87
C ASP J 58 -29.50 35.09 -24.03
N TYR J 59 -29.04 34.91 -25.26
CA TYR J 59 -29.81 35.35 -26.40
C TYR J 59 -31.18 34.72 -26.40
N PHE J 60 -31.24 33.40 -26.29
CA PHE J 60 -32.52 32.70 -26.30
C PHE J 60 -33.43 32.97 -25.11
N ARG J 61 -32.84 33.22 -23.94
CA ARG J 61 -33.62 33.51 -22.74
C ARG J 61 -34.46 34.76 -23.03
N VAL J 62 -33.78 35.79 -23.51
CA VAL J 62 -34.39 37.08 -23.79
C VAL J 62 -35.39 36.97 -24.95
N TYR J 63 -35.02 36.23 -25.98
CA TYR J 63 -35.83 36.06 -27.17
C TYR J 63 -37.13 35.32 -26.86
N LEU J 64 -37.02 34.19 -26.20
CA LEU J 64 -38.22 33.43 -25.90
C LEU J 64 -39.11 34.23 -24.92
N ALA J 65 -38.49 34.98 -24.03
CA ALA J 65 -39.24 35.81 -23.08
C ALA J 65 -40.08 36.82 -23.80
N ASP J 66 -39.45 37.42 -24.79
CA ASP J 66 -40.07 38.39 -25.65
C ASP J 66 -41.15 37.71 -26.50
N MET J 67 -40.86 36.53 -27.06
CA MET J 67 -41.91 35.79 -27.78
C MET J 67 -43.17 35.54 -26.94
N ASP J 68 -42.97 35.16 -25.68
CA ASP J 68 -44.08 34.91 -24.78
C ASP J 68 -44.95 36.17 -24.60
N GLN J 69 -44.32 37.35 -24.49
CA GLN J 69 -45.03 38.63 -24.46
C GLN J 69 -45.82 38.86 -25.74
N ARG J 70 -45.15 38.74 -26.87
CA ARG J 70 -45.81 39.01 -28.11
C ARG J 70 -46.99 38.08 -28.29
N PHE J 71 -46.84 36.83 -27.88
CA PHE J 71 -47.94 35.90 -28.06
C PHE J 71 -48.97 35.90 -26.94
N SER J 72 -48.83 36.85 -26.03
CA SER J 72 -49.81 36.99 -24.97
C SER J 72 -50.31 38.42 -24.92
N ALA J 73 -50.13 39.13 -26.03
CA ALA J 73 -50.48 40.55 -26.11
C ALA J 73 -51.96 40.74 -25.93
N PRO J 74 -52.35 41.68 -25.05
CA PRO J 74 -53.72 41.96 -24.64
C PRO J 74 -54.59 42.42 -25.79
N GLY J 75 -55.77 41.84 -25.93
CA GLY J 75 -56.71 42.33 -26.91
C GLY J 75 -56.54 41.75 -28.29
N LEU J 76 -55.59 40.87 -28.49
CA LEU J 76 -55.41 40.30 -29.83
C LEU J 76 -55.79 38.84 -29.82
N ASN J 77 -56.39 38.32 -30.87
CA ASN J 77 -56.57 36.90 -30.92
C ASN J 77 -55.30 36.22 -31.41
N ALA J 78 -55.37 34.90 -31.50
CA ALA J 78 -54.18 34.11 -31.81
C ALA J 78 -53.61 34.44 -33.18
N ARG J 79 -54.48 34.53 -34.19
CA ARG J 79 -54.04 34.90 -35.54
C ARG J 79 -53.30 36.25 -35.50
N GLU J 80 -53.88 37.21 -34.80
CA GLU J 80 -53.29 38.52 -34.78
C GLU J 80 -51.91 38.51 -34.14
N ARG J 81 -51.76 37.73 -33.08
CA ARG J 81 -50.48 37.60 -32.40
C ARG J 81 -49.45 36.91 -33.27
N LEU J 82 -49.85 35.78 -33.85
CA LEU J 82 -48.97 35.06 -34.74
C LEU J 82 -48.47 35.97 -35.85
N MET J 83 -49.37 36.73 -36.47
CA MET J 83 -48.94 37.56 -37.59
C MET J 83 -48.08 38.73 -37.10
N SER J 84 -48.26 39.15 -35.86
CA SER J 84 -47.43 40.23 -35.37
C SER J 84 -45.97 39.78 -35.32
N TYR J 85 -45.75 38.48 -35.11
CA TYR J 85 -44.39 37.94 -35.05
C TYR J 85 -43.81 37.98 -36.46
N TRP J 86 -44.50 37.37 -37.41
CA TRP J 86 -44.01 37.41 -38.78
C TRP J 86 -43.85 38.86 -39.30
N GLN J 87 -44.76 39.75 -38.94
CA GLN J 87 -44.67 41.13 -39.40
C GLN J 87 -43.41 41.79 -38.83
N LYS J 88 -43.10 41.56 -37.58
CA LYS J 88 -41.91 42.14 -36.97
C LYS J 88 -40.63 41.68 -37.68
N TRP J 89 -40.60 40.40 -38.01
CA TRP J 89 -39.46 39.85 -38.67
C TRP J 89 -39.24 40.63 -39.98
N LEU J 90 -40.31 40.83 -40.73
CA LEU J 90 -40.27 41.55 -42.00
C LEU J 90 -39.91 43.01 -41.83
N ASP J 91 -40.51 43.66 -40.84
CA ASP J 91 -40.28 45.07 -40.65
C ASP J 91 -38.84 45.35 -40.24
N ASN J 92 -38.39 44.74 -39.15
CA ASN J 92 -37.10 45.19 -38.65
C ASN J 92 -35.96 44.60 -39.45
N ALA J 93 -36.32 43.90 -40.51
CA ALA J 93 -35.32 43.61 -41.50
C ALA J 93 -35.68 44.24 -42.83
N CYS J 94 -36.21 45.45 -42.83
CA CYS J 94 -36.10 46.32 -44.01
C CYS J 94 -34.64 46.78 -43.85
N PRO J 95 -33.91 46.99 -44.97
CA PRO J 95 -32.46 47.23 -45.02
C PRO J 95 -31.85 48.61 -44.64
N PRO J 96 -32.56 49.53 -43.93
CA PRO J 96 -31.69 50.61 -43.42
C PRO J 96 -30.49 50.12 -42.60
N CYS J 97 -30.30 48.81 -42.35
CA CYS J 97 -29.09 48.44 -41.61
C CYS J 97 -28.46 47.07 -42.01
N ASP J 98 -27.12 47.12 -42.08
CA ASP J 98 -26.19 46.00 -42.28
C ASP J 98 -25.63 45.30 -41.04
N GLU J 99 -26.47 45.08 -40.03
CA GLU J 99 -26.06 44.28 -38.88
C GLU J 99 -27.18 43.27 -38.58
N GLN J 100 -26.87 41.97 -38.50
CA GLN J 100 -27.97 41.00 -38.29
C GLN J 100 -28.53 41.10 -36.84
N ARG J 101 -29.81 40.80 -36.63
CA ARG J 101 -30.33 40.73 -35.28
C ARG J 101 -30.30 39.28 -34.81
N CYS J 102 -30.64 38.36 -35.71
CA CYS J 102 -30.95 36.97 -35.37
C CYS J 102 -29.78 35.99 -35.39
N LEU J 103 -29.40 35.52 -34.20
CA LEU J 103 -28.27 34.62 -34.10
C LEU J 103 -28.49 33.22 -34.73
N VAL J 104 -29.72 32.74 -34.86
CA VAL J 104 -29.95 31.45 -35.49
C VAL J 104 -29.56 31.53 -36.96
N VAL J 105 -29.82 32.66 -37.60
CA VAL J 105 -29.45 32.82 -38.99
C VAL J 105 -27.93 33.04 -39.18
N LYS J 106 -27.36 33.90 -38.35
CA LYS J 106 -25.96 34.29 -38.45
C LYS J 106 -24.96 33.18 -38.05
N LEU J 107 -25.26 32.45 -36.98
CA LEU J 107 -24.28 31.52 -36.38
C LEU J 107 -24.48 30.03 -36.73
N SER J 108 -25.68 29.62 -37.10
CA SER J 108 -25.95 28.19 -37.27
C SER J 108 -24.98 27.45 -38.13
N ALA J 109 -24.90 27.78 -39.40
CA ALA J 109 -24.02 27.01 -40.28
C ALA J 109 -22.55 27.11 -39.90
N GLU J 110 -22.13 28.26 -39.38
CA GLU J 110 -20.71 28.45 -39.06
C GLU J 110 -20.36 27.55 -37.89
N VAL J 111 -21.17 27.66 -36.88
CA VAL J 111 -20.93 27.08 -35.57
C VAL J 111 -21.30 25.59 -35.48
N ALA J 112 -22.20 25.16 -36.34
CA ALA J 112 -22.67 23.80 -36.25
C ALA J 112 -21.57 22.75 -36.33
N ASP J 113 -20.64 22.92 -37.25
CA ASP J 113 -19.61 21.91 -37.50
C ASP J 113 -18.40 22.11 -36.59
N LEU J 114 -18.47 23.15 -35.75
CA LEU J 114 -17.30 23.66 -35.07
C LEU J 114 -17.26 23.48 -33.55
N SER J 115 -18.41 23.70 -32.91
CA SER J 115 -18.59 23.63 -31.46
C SER J 115 -19.85 22.85 -31.05
N GLU J 116 -19.69 21.73 -30.37
CA GLU J 116 -20.86 20.97 -29.94
C GLU J 116 -21.71 21.77 -28.95
N SER J 117 -21.06 22.57 -28.11
CA SER J 117 -21.81 23.34 -27.14
C SER J 117 -22.69 24.35 -27.81
N MET J 118 -22.13 25.01 -28.82
CA MET J 118 -22.90 26.05 -29.46
C MET J 118 -23.98 25.44 -30.33
N ARG J 119 -23.61 24.40 -31.04
CA ARG J 119 -24.55 23.67 -31.85
C ARG J 119 -25.79 23.27 -31.03
N ILE J 120 -25.59 22.63 -29.88
CA ILE J 120 -26.70 22.16 -29.06
C ILE J 120 -27.55 23.35 -28.59
N THR J 121 -26.90 24.43 -28.17
CA THR J 121 -27.64 25.59 -27.71
C THR J 121 -28.54 26.18 -28.83
N LEU J 122 -28.01 26.28 -30.04
CA LEU J 122 -28.80 26.72 -31.18
C LEU J 122 -29.94 25.72 -31.41
N ARG J 123 -29.66 24.44 -31.34
CA ARG J 123 -30.70 23.47 -31.58
C ARG J 123 -31.82 23.64 -30.56
N ASP J 124 -31.46 23.72 -29.29
CA ASP J 124 -32.50 23.81 -28.28
C ASP J 124 -33.26 25.12 -28.39
N GLY J 125 -32.54 26.21 -28.65
CA GLY J 125 -33.18 27.51 -28.81
C GLY J 125 -34.15 27.48 -29.99
N SER J 126 -33.73 26.89 -31.11
CA SER J 126 -34.58 26.89 -32.28
C SER J 126 -35.84 26.10 -31.93
N ASP J 127 -35.68 25.00 -31.21
CA ASP J 127 -36.80 24.20 -30.81
C ASP J 127 -37.77 24.94 -29.92
N GLY J 128 -37.24 25.75 -29.02
CA GLY J 128 -38.06 26.56 -28.14
C GLY J 128 -38.85 27.59 -28.92
N ILE J 129 -38.25 28.07 -30.01
CA ILE J 129 -38.93 29.01 -30.87
C ILE J 129 -40.08 28.31 -31.54
N ILE J 130 -39.79 27.17 -32.17
CA ILE J 130 -40.83 26.40 -32.83
C ILE J 130 -41.94 26.01 -31.86
N GLU J 131 -41.57 25.67 -30.62
CA GLU J 131 -42.57 25.25 -29.63
C GLU J 131 -43.65 26.30 -29.41
N ARG J 132 -43.22 27.55 -29.25
CA ARG J 132 -44.13 28.68 -29.07
C ARG J 132 -45.07 28.91 -30.24
N LEU J 133 -44.59 28.64 -31.45
CA LEU J 133 -45.41 28.72 -32.64
C LEU J 133 -46.52 27.67 -32.59
N VAL J 134 -46.11 26.47 -32.21
CA VAL J 134 -47.06 25.37 -32.02
C VAL J 134 -48.13 25.77 -31.01
N GLY J 135 -47.69 26.45 -29.96
CA GLY J 135 -48.59 26.91 -28.95
C GLY J 135 -49.56 27.92 -29.50
N CYS J 136 -49.07 28.75 -30.40
CA CYS J 136 -49.91 29.81 -30.93
C CYS J 136 -50.92 29.27 -31.93
N LEU J 137 -50.46 28.36 -32.78
CA LEU J 137 -51.33 27.72 -33.73
C LEU J 137 -52.45 27.04 -32.96
N GLY J 138 -52.07 26.40 -31.87
CA GLY J 138 -53.02 25.66 -31.07
C GLY J 138 -54.04 26.59 -30.45
N GLN J 139 -53.58 27.74 -29.98
CA GLN J 139 -54.51 28.72 -29.45
C GLN J 139 -55.49 29.22 -30.47
N GLY J 140 -55.09 29.26 -31.73
CA GLY J 140 -55.95 29.77 -32.77
C GLY J 140 -56.95 28.73 -33.21
N ARG J 141 -56.58 27.47 -33.03
CA ARG J 141 -57.50 26.39 -33.31
C ARG J 141 -58.56 26.37 -32.19
N ASP J 142 -58.23 26.90 -31.01
CA ASP J 142 -59.18 27.01 -29.90
C ASP J 142 -60.07 28.23 -29.94
N ASP J 143 -59.57 29.34 -30.48
CA ASP J 143 -60.36 30.59 -30.46
C ASP J 143 -60.87 31.00 -31.84
N GLY J 144 -60.77 30.09 -32.80
CA GLY J 144 -61.32 30.30 -34.12
C GLY J 144 -60.55 31.19 -35.08
N SER J 145 -59.48 31.82 -34.59
CA SER J 145 -58.66 32.70 -35.42
C SER J 145 -57.93 32.00 -36.55
N LEU J 146 -57.58 30.74 -36.35
CA LEU J 146 -56.77 30.06 -37.33
C LEU J 146 -57.34 28.74 -37.71
N ALA J 147 -57.16 28.42 -38.98
CA ALA J 147 -57.62 27.17 -39.52
C ALA J 147 -56.94 26.03 -38.83
N PRO J 148 -57.58 24.86 -38.85
CA PRO J 148 -56.96 23.67 -38.32
C PRO J 148 -55.80 23.28 -39.20
N CYS J 149 -54.82 22.64 -38.58
CA CYS J 149 -53.67 22.13 -39.30
C CYS J 149 -52.91 21.22 -38.35
N ASP J 150 -51.92 20.54 -38.87
CA ASP J 150 -50.93 19.88 -38.03
C ASP J 150 -49.95 20.94 -37.47
N ALA J 151 -50.18 21.41 -36.25
CA ALA J 151 -49.43 22.55 -35.71
C ALA J 151 -47.94 22.37 -35.69
N ARG J 152 -47.47 21.19 -35.31
CA ARG J 152 -46.02 21.01 -35.23
C ARG J 152 -45.44 21.07 -36.62
N HIS J 153 -46.19 20.57 -37.59
CA HIS J 153 -45.67 20.59 -38.94
C HIS J 153 -45.66 21.99 -39.52
N MET J 154 -46.72 22.74 -39.27
CA MET J 154 -46.81 24.09 -39.81
C MET J 154 -45.77 25.02 -39.18
N ALA J 155 -45.62 24.96 -37.87
CA ALA J 155 -44.69 25.85 -37.19
C ALA J 155 -43.33 25.60 -37.75
N SER J 156 -43.00 24.32 -37.93
CA SER J 156 -41.69 23.99 -38.47
C SER J 156 -41.54 24.48 -39.89
N ALA J 157 -42.52 24.26 -40.74
CA ALA J 157 -42.38 24.67 -42.14
C ALA J 157 -42.22 26.17 -42.25
N LEU J 158 -42.99 26.90 -41.46
CA LEU J 158 -42.94 28.34 -41.49
C LEU J 158 -41.59 28.82 -41.09
N TYR J 159 -41.13 28.26 -39.98
CA TYR J 159 -39.87 28.72 -39.41
C TYR J 159 -38.77 28.46 -40.39
N GLN J 160 -38.83 27.28 -41.01
CA GLN J 160 -37.86 26.95 -42.03
C GLN J 160 -37.96 28.00 -43.14
N LEU J 161 -39.18 28.36 -43.55
CA LEU J 161 -39.37 29.30 -44.67
C LEU J 161 -38.70 30.65 -44.39
N TRP J 162 -38.99 31.23 -43.23
CA TRP J 162 -38.42 32.51 -42.86
C TRP J 162 -36.90 32.46 -42.60
N LEU J 163 -36.39 31.29 -42.25
CA LEU J 163 -34.96 31.19 -42.06
C LEU J 163 -34.32 31.42 -43.41
N GLY J 164 -34.82 30.70 -44.39
CA GLY J 164 -34.31 30.79 -45.76
C GLY J 164 -34.50 32.19 -46.31
N ALA J 165 -35.64 32.78 -46.01
CA ALA J 165 -35.92 34.13 -46.42
C ALA J 165 -34.87 35.08 -45.81
N SER J 166 -34.49 34.86 -44.56
CA SER J 166 -33.54 35.74 -43.91
C SER J 166 -32.19 35.70 -44.55
N LEU J 167 -31.78 34.52 -44.97
CA LEU J 167 -30.53 34.32 -45.69
C LEU J 167 -30.58 35.06 -47.03
N LEU J 168 -31.61 34.80 -47.83
CA LEU J 168 -31.67 35.46 -49.12
C LEU J 168 -31.80 36.97 -48.94
N SER J 169 -32.46 37.40 -47.88
CA SER J 169 -32.50 38.83 -47.62
C SER J 169 -31.11 39.42 -47.38
N LYS J 170 -30.28 38.76 -46.60
CA LYS J 170 -28.96 39.32 -46.33
C LYS J 170 -28.12 39.38 -47.62
N LEU J 171 -28.28 38.36 -48.44
CA LEU J 171 -27.57 38.24 -49.69
C LEU J 171 -27.96 39.36 -50.68
N HIS J 172 -29.21 39.83 -50.63
CA HIS J 172 -29.71 40.85 -51.54
C HIS J 172 -29.73 42.27 -50.99
N ARG J 173 -29.54 42.39 -49.69
CA ARG J 173 -29.73 43.63 -48.95
C ARG J 173 -31.09 44.18 -49.28
N SER J 174 -32.07 43.29 -49.31
CA SER J 174 -33.43 43.67 -49.65
C SER J 174 -34.43 42.92 -48.77
N PRO J 175 -35.56 43.55 -48.46
CA PRO J 175 -36.56 42.81 -47.69
C PRO J 175 -37.42 41.97 -48.60
N GLY J 176 -37.10 41.98 -49.88
CA GLY J 176 -37.83 41.22 -50.87
C GLY J 176 -38.16 39.78 -50.57
N PRO J 177 -37.13 38.95 -50.32
CA PRO J 177 -37.40 37.54 -50.05
C PRO J 177 -38.31 37.36 -48.80
N LEU J 178 -38.25 38.30 -47.87
CA LEU J 178 -39.07 38.19 -46.71
C LEU J 178 -40.52 38.45 -47.03
N GLU J 179 -40.78 39.37 -47.94
CA GLU J 179 -42.13 39.66 -48.41
C GLU J 179 -42.66 38.41 -49.07
N THR J 180 -41.81 37.72 -49.81
CA THR J 180 -42.20 36.42 -50.36
C THR J 180 -42.60 35.46 -49.24
N ALA J 181 -41.80 35.43 -48.18
CA ALA J 181 -42.12 34.53 -47.08
C ALA J 181 -43.49 34.92 -46.49
N MET J 182 -43.67 36.20 -46.20
CA MET J 182 -44.92 36.68 -45.62
C MET J 182 -46.12 36.28 -46.45
N GLN J 183 -46.03 36.44 -47.76
CA GLN J 183 -47.12 36.02 -48.63
C GLN J 183 -47.36 34.52 -48.60
N THR J 184 -46.32 33.71 -48.72
CA THR J 184 -46.51 32.27 -48.61
C THR J 184 -47.09 31.86 -47.26
N THR J 185 -46.71 32.58 -46.21
CA THR J 185 -47.21 32.27 -44.89
C THR J 185 -48.71 32.46 -44.86
N ARG J 186 -49.17 33.61 -45.33
CA ARG J 186 -50.60 33.89 -45.33
C ARG J 186 -51.34 32.82 -46.11
N SER J 187 -50.80 32.42 -47.25
CA SER J 187 -51.49 31.38 -47.98
C SER J 187 -51.53 30.07 -47.18
N LEU J 188 -50.45 29.74 -46.50
CA LEU J 188 -50.36 28.46 -45.81
C LEU J 188 -51.35 28.46 -44.62
N LEU J 189 -51.47 29.60 -43.94
CA LEU J 189 -52.45 29.70 -42.85
C LEU J 189 -53.94 29.89 -43.19
N GLU J 190 -54.35 29.95 -44.46
CA GLU J 190 -55.79 30.00 -44.63
C GLU J 190 -56.28 29.01 -45.68
N SER K 1 -5.15 27.02 11.46
CA SER K 1 -5.75 26.69 10.15
C SER K 1 -5.41 27.71 9.08
N TYR K 2 -5.03 28.91 9.46
CA TYR K 2 -4.38 29.75 8.47
C TYR K 2 -2.99 29.18 8.33
N ASP K 3 -2.30 28.96 9.44
CA ASP K 3 -0.94 28.42 9.37
C ASP K 3 -0.90 27.08 8.63
N ASP K 4 -1.92 26.26 8.80
CA ASP K 4 -2.04 24.97 8.12
C ASP K 4 -2.07 25.07 6.59
N THR K 5 -2.96 25.93 6.10
CA THR K 5 -3.09 26.22 4.68
C THR K 5 -1.77 26.74 4.08
N ARG K 6 -1.17 27.73 4.76
CA ARG K 6 0.06 28.32 4.30
C ARG K 6 1.09 27.19 4.19
N GLN K 7 1.12 26.29 5.17
CA GLN K 7 2.07 25.20 5.09
C GLN K 7 1.74 24.30 3.93
N HIS K 8 0.45 24.09 3.71
CA HIS K 8 0.03 23.24 2.61
C HIS K 8 0.48 23.86 1.28
N LEU K 9 0.43 25.18 1.18
CA LEU K 9 0.82 25.85 -0.05
C LEU K 9 2.29 25.59 -0.30
N LEU K 10 3.07 25.73 0.77
CA LEU K 10 4.49 25.47 0.73
C LEU K 10 4.79 24.02 0.30
N ASP K 11 4.07 23.07 0.88
CA ASP K 11 4.31 21.67 0.57
C ASP K 11 3.99 21.41 -0.88
N THR K 12 2.89 21.98 -1.33
CA THR K 12 2.45 21.84 -2.69
C THR K 12 3.44 22.49 -3.65
N GLY K 13 3.94 23.65 -3.24
CA GLY K 13 4.95 24.35 -4.01
C GLY K 13 6.17 23.47 -4.15
N TYR K 14 6.57 22.83 -3.06
CA TYR K 14 7.70 21.95 -3.14
C TYR K 14 7.43 20.80 -4.10
N ARG K 15 6.31 20.11 -3.94
CA ARG K 15 6.02 18.95 -4.81
C ARG K 15 6.07 19.31 -6.28
N ILE K 16 5.53 20.46 -6.65
CA ILE K 16 5.49 20.78 -8.05
C ILE K 16 6.79 21.37 -8.53
N MET K 17 7.40 22.23 -7.74
CA MET K 17 8.63 22.86 -8.20
C MET K 17 9.76 21.85 -8.30
N ALA K 18 9.71 20.81 -7.49
CA ALA K 18 10.69 19.74 -7.60
C ALA K 18 10.70 19.20 -9.03
N VAL K 19 9.55 19.26 -9.68
CA VAL K 19 9.43 18.79 -11.07
C VAL K 19 9.52 19.90 -12.13
N LYS K 20 8.78 20.98 -11.96
CA LYS K 20 8.67 22.00 -13.01
C LYS K 20 9.63 23.19 -12.90
N GLY K 21 10.37 23.26 -11.80
CA GLY K 21 11.32 24.37 -11.64
C GLY K 21 10.61 25.56 -11.04
N PHE K 22 11.21 26.74 -11.10
CA PHE K 22 10.55 27.88 -10.50
C PHE K 22 9.72 28.65 -11.51
N SER K 23 10.32 29.12 -12.61
CA SER K 23 9.58 29.89 -13.61
C SER K 23 8.50 29.10 -14.34
N GLY K 24 8.62 27.78 -14.38
CA GLY K 24 7.68 26.93 -15.11
C GLY K 24 6.45 26.52 -14.31
N VAL K 25 6.33 26.97 -13.06
CA VAL K 25 5.12 26.72 -12.33
C VAL K 25 4.46 28.05 -12.16
N GLY K 26 3.13 28.03 -12.11
CA GLY K 26 2.39 29.25 -11.90
C GLY K 26 1.67 29.25 -10.59
N LEU K 27 1.32 30.45 -10.13
CA LEU K 27 0.57 30.54 -8.90
C LEU K 27 -0.70 29.71 -9.02
N ASN K 28 -1.34 29.76 -10.18
CA ASN K 28 -2.63 29.10 -10.34
C ASN K 28 -2.52 27.58 -10.15
N GLU K 29 -1.50 26.94 -10.74
CA GLU K 29 -1.42 25.49 -10.57
C GLU K 29 -1.26 25.13 -9.10
N ILE K 30 -0.40 25.89 -8.41
CA ILE K 30 -0.14 25.67 -7.00
C ILE K 30 -1.41 25.89 -6.21
N LEU K 31 -2.07 27.03 -6.42
CA LEU K 31 -3.27 27.34 -5.65
C LEU K 31 -4.36 26.26 -5.83
N GLN K 32 -4.60 25.88 -7.08
CA GLN K 32 -5.60 24.89 -7.36
C GLN K 32 -5.23 23.54 -6.79
N SER K 33 -4.02 23.14 -7.05
CA SER K 33 -3.62 21.83 -6.62
C SER K 33 -3.70 21.74 -5.05
N ALA K 34 -3.63 22.87 -4.34
CA ALA K 34 -3.75 22.90 -2.86
C ALA K 34 -5.15 23.22 -2.34
N GLY K 35 -6.10 23.46 -3.22
CA GLY K 35 -7.45 23.78 -2.80
C GLY K 35 -7.65 25.13 -2.18
N VAL K 36 -6.89 26.12 -2.64
CA VAL K 36 -6.97 27.49 -2.19
C VAL K 36 -7.42 28.33 -3.37
N PRO K 37 -8.30 29.31 -3.16
CA PRO K 37 -8.75 30.09 -4.32
C PRO K 37 -7.67 30.93 -4.98
N LYS K 38 -7.74 31.07 -6.31
CA LYS K 38 -6.74 31.79 -7.10
C LYS K 38 -6.51 33.17 -6.57
N GLY K 39 -7.63 33.78 -6.21
CA GLY K 39 -7.64 35.15 -5.74
C GLY K 39 -6.97 35.36 -4.41
N SER K 40 -6.76 34.27 -3.69
CA SER K 40 -6.26 34.36 -2.33
C SER K 40 -4.72 34.31 -2.12
N PHE K 41 -3.94 34.32 -3.18
CA PHE K 41 -2.50 34.09 -3.00
C PHE K 41 -1.79 35.08 -2.07
N TYR K 42 -2.05 36.36 -2.25
CA TYR K 42 -1.28 37.36 -1.54
C TYR K 42 -1.75 37.54 -0.09
N HIS K 43 -2.70 36.69 0.30
CA HIS K 43 -3.14 36.53 1.67
C HIS K 43 -2.11 35.70 2.41
N TYR K 44 -1.42 34.83 1.68
CA TYR K 44 -0.44 33.94 2.27
C TYR K 44 1.05 34.29 2.05
N PHE K 45 1.39 34.97 0.95
CA PHE K 45 2.78 35.34 0.63
C PHE K 45 2.84 36.73 -0.03
N LYS K 46 3.99 37.40 0.03
CA LYS K 46 4.09 38.76 -0.54
C LYS K 46 4.36 38.79 -2.06
N SER K 47 5.02 37.75 -2.58
CA SER K 47 5.31 37.70 -4.00
C SER K 47 5.65 36.25 -4.28
N LYS K 48 5.71 35.90 -5.57
CA LYS K 48 6.11 34.57 -5.97
C LYS K 48 7.50 34.30 -5.52
N GLU K 49 8.34 35.33 -5.63
CA GLU K 49 9.72 35.21 -5.19
C GLU K 49 9.78 34.90 -3.71
N GLN K 50 9.04 35.65 -2.89
CA GLN K 50 9.13 35.45 -1.45
C GLN K 50 8.54 34.09 -1.08
N PHE K 51 7.57 33.63 -1.86
CA PHE K 51 6.99 32.29 -1.72
C PHE K 51 8.13 31.29 -1.88
N GLY K 52 8.90 31.50 -2.93
CA GLY K 52 10.04 30.66 -3.25
C GLY K 52 11.02 30.54 -2.11
N GLN K 53 11.40 31.69 -1.55
CA GLN K 53 12.32 31.74 -0.43
C GLN K 53 11.77 30.98 0.75
N ALA K 54 10.50 31.25 1.05
CA ALA K 54 9.84 30.60 2.16
C ALA K 54 9.86 29.10 1.95
N LEU K 55 9.48 28.67 0.77
CA LEU K 55 9.46 27.25 0.45
C LEU K 55 10.83 26.60 0.68
N LEU K 56 11.88 27.24 0.18
CA LEU K 56 13.26 26.76 0.35
C LEU K 56 13.73 26.75 1.82
N GLU K 57 13.41 27.81 2.55
CA GLU K 57 13.77 27.87 3.97
C GLU K 57 13.18 26.70 4.75
N ASP K 58 11.92 26.39 4.49
CA ASP K 58 11.27 25.26 5.16
C ASP K 58 11.98 23.97 4.68
N TYR K 59 12.36 23.92 3.40
CA TYR K 59 13.02 22.74 2.83
C TYR K 59 14.29 22.39 3.58
N PHE K 60 15.16 23.37 3.73
CA PHE K 60 16.40 23.16 4.43
C PHE K 60 16.19 22.89 5.92
N ARG K 61 15.19 23.54 6.52
CA ARG K 61 14.88 23.34 7.93
C ARG K 61 14.57 21.86 8.13
N VAL K 62 13.69 21.33 7.29
CA VAL K 62 13.36 19.91 7.36
C VAL K 62 14.57 19.02 7.00
N TYR K 63 15.32 19.38 5.96
CA TYR K 63 16.43 18.58 5.44
C TYR K 63 17.57 18.44 6.41
N LEU K 64 18.05 19.59 6.91
CA LEU K 64 19.19 19.64 7.82
C LEU K 64 18.84 18.97 9.14
N ALA K 65 17.57 19.07 9.53
CA ALA K 65 17.08 18.39 10.73
C ALA K 65 17.19 16.87 10.57
N ASP K 66 16.81 16.36 9.41
CA ASP K 66 16.94 14.93 9.13
C ASP K 66 18.41 14.55 9.16
N MET K 67 19.25 15.37 8.54
CA MET K 67 20.67 15.10 8.56
C MET K 67 21.17 14.98 10.00
N ASP K 68 20.75 15.90 10.88
CA ASP K 68 21.15 15.86 12.29
C ASP K 68 20.71 14.54 12.95
N GLN K 69 19.48 14.12 12.68
CA GLN K 69 18.99 12.88 13.24
C GLN K 69 19.82 11.69 12.79
N ARG K 70 20.06 11.63 11.50
CA ARG K 70 20.79 10.56 10.87
C ARG K 70 22.23 10.49 11.43
N PHE K 71 22.84 11.64 11.69
CA PHE K 71 24.22 11.68 12.20
C PHE K 71 24.38 11.59 13.72
N SER K 72 23.29 11.32 14.42
CA SER K 72 23.33 11.08 15.85
C SER K 72 22.50 9.81 16.12
N ALA K 73 22.37 8.99 15.08
CA ALA K 73 21.60 7.75 15.14
C ALA K 73 22.22 6.74 16.12
N PRO K 74 21.41 6.20 17.03
CA PRO K 74 21.95 5.27 18.03
C PRO K 74 22.51 3.98 17.43
N GLY K 75 23.67 3.58 17.93
CA GLY K 75 24.27 2.29 17.61
C GLY K 75 25.15 2.23 16.39
N LEU K 76 25.29 3.34 15.70
CA LEU K 76 26.10 3.35 14.52
C LEU K 76 27.33 4.23 14.74
N ASN K 77 28.45 3.83 14.17
CA ASN K 77 29.62 4.69 14.24
C ASN K 77 29.56 5.80 13.19
N ALA K 78 30.58 6.65 13.15
CA ALA K 78 30.56 7.77 12.23
C ALA K 78 30.56 7.32 10.77
N ARG K 79 31.42 6.35 10.43
CA ARG K 79 31.42 5.80 9.08
C ARG K 79 30.03 5.28 8.74
N GLU K 80 29.42 4.55 9.68
CA GLU K 80 28.09 4.02 9.43
C GLU K 80 27.08 5.14 9.26
N ARG K 81 27.25 6.22 10.00
CA ARG K 81 26.36 7.36 9.84
C ARG K 81 26.52 8.09 8.52
N LEU K 82 27.75 8.46 8.21
CA LEU K 82 28.03 9.16 6.99
C LEU K 82 27.53 8.39 5.78
N MET K 83 27.82 7.10 5.72
CA MET K 83 27.42 6.31 4.56
C MET K 83 25.91 6.13 4.47
N SER K 84 25.20 6.19 5.60
CA SER K 84 23.75 6.02 5.54
C SER K 84 23.10 7.15 4.74
N TYR K 85 23.72 8.32 4.77
CA TYR K 85 23.29 9.49 4.01
C TYR K 85 23.56 9.28 2.51
N TRP K 86 24.80 8.97 2.16
CA TRP K 86 25.09 8.73 0.75
C TRP K 86 24.24 7.58 0.20
N GLN K 87 24.01 6.53 1.00
CA GLN K 87 23.21 5.40 0.51
C GLN K 87 21.78 5.85 0.26
N LYS K 88 21.24 6.70 1.14
CA LYS K 88 19.88 7.21 0.96
C LYS K 88 19.74 7.96 -0.35
N TRP K 89 20.75 8.80 -0.64
CA TRP K 89 20.76 9.60 -1.84
C TRP K 89 20.68 8.70 -3.08
N LEU K 90 21.47 7.63 -3.08
CA LEU K 90 21.47 6.69 -4.17
C LEU K 90 20.16 5.94 -4.24
N ASP K 91 19.70 5.44 -3.10
CA ASP K 91 18.52 4.57 -3.04
C ASP K 91 17.24 5.27 -3.43
N ASN K 92 16.97 6.40 -2.81
CA ASN K 92 15.68 7.00 -3.04
C ASN K 92 15.64 7.75 -4.39
N ALA K 93 16.68 7.52 -5.18
CA ALA K 93 16.65 7.81 -6.61
C ALA K 93 16.92 6.56 -7.45
N CYS K 94 16.35 5.42 -7.09
CA CYS K 94 16.25 4.28 -8.02
C CYS K 94 15.21 4.68 -9.08
N PRO K 95 14.89 3.82 -10.06
CA PRO K 95 14.06 4.52 -11.05
C PRO K 95 12.54 4.87 -10.81
N PRO K 96 11.97 4.62 -9.61
CA PRO K 96 10.66 5.23 -9.30
C PRO K 96 10.61 6.71 -8.88
N CYS K 97 11.73 7.32 -8.50
CA CYS K 97 11.67 8.68 -8.02
C CYS K 97 12.26 9.80 -8.92
N ASP K 98 11.55 10.10 -10.00
CA ASP K 98 11.79 11.28 -10.88
C ASP K 98 10.90 12.49 -10.51
N GLU K 99 9.98 12.24 -9.59
CA GLU K 99 9.31 13.34 -8.91
C GLU K 99 10.49 13.69 -7.98
N GLN K 100 11.17 14.78 -8.29
CA GLN K 100 12.47 15.05 -7.66
C GLN K 100 12.44 15.21 -6.15
N ARG K 101 13.57 14.84 -5.56
CA ARG K 101 13.71 15.06 -4.17
C ARG K 101 14.45 16.36 -3.93
N CYS K 102 15.57 16.57 -4.62
CA CYS K 102 16.50 17.60 -4.18
C CYS K 102 16.36 18.94 -4.82
N LEU K 103 16.01 19.95 -4.02
CA LEU K 103 15.93 21.32 -4.52
C LEU K 103 17.27 21.97 -4.85
N VAL K 104 18.38 21.51 -4.27
CA VAL K 104 19.66 22.12 -4.61
C VAL K 104 20.05 21.81 -6.05
N VAL K 105 19.74 20.60 -6.47
CA VAL K 105 20.00 20.19 -7.83
C VAL K 105 19.05 20.87 -8.83
N LYS K 106 17.76 20.92 -8.48
CA LYS K 106 16.73 21.42 -9.36
C LYS K 106 16.74 22.93 -9.56
N LEU K 107 16.98 23.67 -8.49
CA LEU K 107 16.76 25.12 -8.53
C LEU K 107 18.02 25.99 -8.61
N SER K 108 19.17 25.47 -8.18
CA SER K 108 20.37 26.30 -8.11
C SER K 108 20.69 27.03 -9.40
N ALA K 109 20.96 26.31 -10.48
CA ALA K 109 21.38 26.96 -11.73
C ALA K 109 20.32 27.92 -12.25
N GLU K 110 19.05 27.56 -12.07
CA GLU K 110 17.93 28.36 -12.53
C GLU K 110 17.75 29.65 -11.75
N VAL K 111 17.71 29.50 -10.44
CA VAL K 111 17.32 30.58 -9.55
C VAL K 111 18.47 31.57 -9.24
N ALA K 112 19.71 31.13 -9.36
CA ALA K 112 20.89 31.91 -8.99
C ALA K 112 21.00 33.28 -9.68
N ASP K 113 20.69 33.31 -10.96
CA ASP K 113 20.83 34.51 -11.76
C ASP K 113 19.57 35.33 -11.68
N LEU K 114 18.59 34.81 -10.95
CA LEU K 114 17.25 35.34 -10.99
C LEU K 114 16.72 35.96 -9.70
N SER K 115 17.02 35.37 -8.56
CA SER K 115 16.54 35.89 -7.28
C SER K 115 17.67 35.96 -6.26
N GLU K 116 18.00 37.15 -5.81
CA GLU K 116 19.08 37.22 -4.85
C GLU K 116 18.68 36.51 -3.56
N SER K 117 17.43 36.63 -3.15
CA SER K 117 17.05 35.95 -1.93
C SER K 117 17.08 34.43 -2.07
N MET K 118 16.64 33.92 -3.20
CA MET K 118 16.58 32.48 -3.32
C MET K 118 18.00 31.97 -3.45
N ARG K 119 18.82 32.72 -4.17
CA ARG K 119 20.24 32.37 -4.28
C ARG K 119 20.90 32.23 -2.90
N ILE K 120 20.76 33.25 -2.05
CA ILE K 120 21.40 33.25 -0.74
C ILE K 120 20.89 32.10 0.11
N THR K 121 19.59 31.85 0.03
CA THR K 121 19.02 30.79 0.82
C THR K 121 19.63 29.48 0.40
N LEU K 122 19.80 29.33 -0.91
CA LEU K 122 20.36 28.10 -1.46
C LEU K 122 21.81 27.95 -0.99
N ARG K 123 22.56 29.05 -1.06
CA ARG K 123 23.97 29.07 -0.69
C ARG K 123 24.16 28.69 0.79
N ASP K 124 23.38 29.33 1.66
CA ASP K 124 23.43 29.11 3.09
C ASP K 124 22.95 27.69 3.43
N GLY K 125 21.94 27.22 2.71
CA GLY K 125 21.42 25.88 2.95
C GLY K 125 22.44 24.81 2.62
N SER K 126 23.07 24.96 1.46
CA SER K 126 24.07 24.01 1.03
C SER K 126 25.26 24.03 2.00
N ASP K 127 25.63 25.24 2.47
CA ASP K 127 26.68 25.41 3.48
C ASP K 127 26.32 24.65 4.73
N GLY K 128 25.05 24.69 5.09
CA GLY K 128 24.60 23.94 6.23
C GLY K 128 24.74 22.45 6.02
N ILE K 129 24.51 22.02 4.79
CA ILE K 129 24.67 20.61 4.50
C ILE K 129 26.13 20.20 4.63
N ILE K 130 27.00 20.96 3.96
CA ILE K 130 28.44 20.71 4.01
C ILE K 130 28.96 20.63 5.43
N GLU K 131 28.48 21.56 6.26
CA GLU K 131 28.90 21.66 7.64
C GLU K 131 28.63 20.37 8.40
N ARG K 132 27.40 19.88 8.29
CA ARG K 132 27.03 18.65 8.97
C ARG K 132 27.86 17.46 8.51
N LEU K 133 28.23 17.46 7.22
CA LEU K 133 29.12 16.46 6.69
C LEU K 133 30.51 16.59 7.30
N VAL K 134 30.98 17.83 7.42
CA VAL K 134 32.27 18.15 8.05
C VAL K 134 32.31 17.56 9.45
N GLY K 135 31.21 17.74 10.18
CA GLY K 135 31.05 17.23 11.53
C GLY K 135 31.05 15.74 11.65
N CYS K 136 30.41 15.07 10.71
CA CYS K 136 30.31 13.63 10.80
C CYS K 136 31.66 13.08 10.52
N LEU K 137 32.37 13.73 9.60
CA LEU K 137 33.75 13.38 9.28
C LEU K 137 34.65 13.49 10.50
N GLY K 138 34.53 14.60 11.25
CA GLY K 138 35.32 14.81 12.44
C GLY K 138 34.97 13.77 13.49
N GLN K 139 33.69 13.51 13.61
CA GLN K 139 33.15 12.52 14.51
C GLN K 139 33.81 11.17 14.24
N GLY K 140 34.22 10.95 13.00
CA GLY K 140 34.83 9.72 12.55
C GLY K 140 36.33 9.66 12.78
N ARG K 141 36.94 10.82 12.86
CA ARG K 141 38.36 10.93 13.18
C ARG K 141 38.56 10.62 14.66
N ASP K 142 37.50 10.85 15.44
CA ASP K 142 37.44 10.62 16.88
C ASP K 142 37.28 9.17 17.26
N ASP K 143 36.55 8.43 16.46
CA ASP K 143 36.27 7.06 16.82
C ASP K 143 36.98 6.09 15.89
N GLY K 144 37.86 6.63 15.05
CA GLY K 144 38.65 5.77 14.19
C GLY K 144 37.94 5.16 12.99
N SER K 145 36.63 5.40 12.82
CA SER K 145 35.86 4.84 11.68
C SER K 145 36.33 5.33 10.31
N LEU K 146 36.86 6.55 10.26
CA LEU K 146 37.22 7.17 9.01
C LEU K 146 38.64 7.67 9.08
N ALA K 147 39.41 7.47 8.01
CA ALA K 147 40.81 7.90 7.94
C ALA K 147 40.88 9.40 8.11
N PRO K 148 42.05 9.91 8.53
CA PRO K 148 42.19 11.36 8.66
C PRO K 148 42.15 12.10 7.31
N CYS K 149 41.65 13.34 7.31
CA CYS K 149 41.60 14.15 6.10
C CYS K 149 41.29 15.58 6.47
N ASP K 150 41.41 16.46 5.49
CA ASP K 150 40.96 17.84 5.63
C ASP K 150 39.42 17.83 5.51
N ALA K 151 38.74 17.87 6.64
CA ALA K 151 37.30 17.66 6.64
C ALA K 151 36.48 18.66 5.82
N ARG K 152 36.81 19.95 5.88
CA ARG K 152 36.04 20.95 5.13
C ARG K 152 36.28 20.75 3.62
N HIS K 153 37.48 20.32 3.26
CA HIS K 153 37.73 20.03 1.87
C HIS K 153 37.01 18.77 1.44
N MET K 154 37.04 17.72 2.26
CA MET K 154 36.44 16.45 1.85
C MET K 154 34.93 16.53 1.77
N ALA K 155 34.31 17.17 2.75
CA ALA K 155 32.86 17.30 2.72
C ALA K 155 32.44 18.03 1.45
N SER K 156 33.14 19.11 1.14
CA SER K 156 32.83 19.89 -0.05
C SER K 156 33.03 19.11 -1.34
N ALA K 157 34.12 18.37 -1.46
CA ALA K 157 34.37 17.61 -2.69
C ALA K 157 33.33 16.53 -2.86
N LEU K 158 32.97 15.87 -1.78
CA LEU K 158 31.92 14.85 -1.82
C LEU K 158 30.53 15.41 -2.19
N TYR K 159 30.12 16.51 -1.58
CA TYR K 159 28.83 17.05 -1.90
C TYR K 159 28.86 17.48 -3.39
N GLN K 160 29.96 18.10 -3.79
CA GLN K 160 30.10 18.47 -5.20
C GLN K 160 29.98 17.26 -6.09
N LEU K 161 30.60 16.15 -5.70
CA LEU K 161 30.59 14.94 -6.50
C LEU K 161 29.14 14.42 -6.67
N TRP K 162 28.38 14.34 -5.58
CA TRP K 162 27.01 13.88 -5.68
C TRP K 162 26.02 14.85 -6.39
N LEU K 163 26.25 16.16 -6.30
CA LEU K 163 25.39 17.11 -6.97
C LEU K 163 25.44 16.86 -8.45
N GLY K 164 26.64 16.75 -8.99
CA GLY K 164 26.80 16.45 -10.39
C GLY K 164 26.25 15.09 -10.77
N ALA K 165 26.39 14.10 -9.92
CA ALA K 165 25.82 12.79 -10.20
C ALA K 165 24.31 12.92 -10.33
N SER K 166 23.70 13.77 -9.49
CA SER K 166 22.27 13.99 -9.57
C SER K 166 21.83 14.61 -10.89
N LEU K 167 22.61 15.58 -11.37
CA LEU K 167 22.36 16.15 -12.65
C LEU K 167 22.41 15.09 -13.73
N LEU K 168 23.51 14.34 -13.81
CA LEU K 168 23.64 13.38 -14.89
C LEU K 168 22.56 12.31 -14.76
N SER K 169 22.18 12.02 -13.54
CA SER K 169 21.11 11.06 -13.28
C SER K 169 19.77 11.52 -13.87
N LYS K 170 19.51 12.82 -13.73
CA LYS K 170 18.31 13.37 -14.29
C LYS K 170 18.38 13.30 -15.83
N LEU K 171 19.54 13.59 -16.40
CA LEU K 171 19.76 13.54 -17.84
C LEU K 171 19.63 12.11 -18.37
N HIS K 172 19.99 11.13 -17.54
CA HIS K 172 19.95 9.75 -18.03
C HIS K 172 18.72 8.96 -17.64
N ARG K 173 17.99 9.47 -16.65
CA ARG K 173 16.88 8.72 -16.07
C ARG K 173 17.35 7.36 -15.63
N SER K 174 18.54 7.34 -15.04
CA SER K 174 19.12 6.10 -14.49
C SER K 174 19.83 6.51 -13.21
N PRO K 175 19.90 5.62 -12.22
CA PRO K 175 20.68 5.95 -11.02
C PRO K 175 22.17 5.65 -11.19
N GLY K 176 22.55 5.27 -12.42
CA GLY K 176 23.90 4.94 -12.83
C GLY K 176 24.96 5.92 -12.40
N PRO K 177 24.80 7.20 -12.76
CA PRO K 177 25.77 8.19 -12.31
C PRO K 177 25.93 8.26 -10.80
N LEU K 178 24.89 7.94 -10.03
CA LEU K 178 24.97 7.94 -8.57
C LEU K 178 25.78 6.74 -8.05
N GLU K 179 25.68 5.60 -8.73
CA GLU K 179 26.50 4.45 -8.36
C GLU K 179 27.95 4.87 -8.47
N THR K 180 28.25 5.56 -9.55
CA THR K 180 29.58 6.08 -9.79
C THR K 180 30.03 6.96 -8.64
N ALA K 181 29.15 7.83 -8.17
CA ALA K 181 29.51 8.72 -7.07
C ALA K 181 29.81 7.90 -5.84
N MET K 182 28.93 6.95 -5.53
CA MET K 182 29.07 6.10 -4.36
C MET K 182 30.43 5.37 -4.30
N GLN K 183 30.82 4.80 -5.43
CA GLN K 183 32.08 4.09 -5.52
C GLN K 183 33.25 5.01 -5.28
N THR K 184 33.22 6.18 -5.92
CA THR K 184 34.22 7.21 -5.73
C THR K 184 34.28 7.74 -4.30
N THR K 185 33.14 7.78 -3.62
CA THR K 185 33.11 8.22 -2.24
C THR K 185 33.90 7.19 -1.45
N ARG K 186 33.64 5.90 -1.70
CA ARG K 186 34.40 4.87 -1.01
C ARG K 186 35.90 5.01 -1.25
N SER K 187 36.34 5.26 -2.49
CA SER K 187 37.76 5.44 -2.72
C SER K 187 38.33 6.64 -1.97
N LEU K 188 37.59 7.74 -1.94
CA LEU K 188 38.09 8.96 -1.34
C LEU K 188 38.17 8.88 0.20
N LEU K 189 37.20 8.23 0.84
CA LEU K 189 37.27 7.90 2.27
C LEU K 189 38.13 6.63 2.27
N GLU K 190 38.53 6.11 3.44
CA GLU K 190 39.45 4.95 3.51
C GLU K 190 40.58 4.95 2.46
N ASP L 4 22.91 32.37 -41.45
CA ASP L 4 22.51 33.80 -41.50
C ASP L 4 21.38 34.17 -40.53
N THR L 5 20.14 34.38 -41.01
CA THR L 5 19.05 34.70 -40.08
C THR L 5 18.88 33.58 -39.06
N ARG L 6 18.86 32.34 -39.56
CA ARG L 6 18.74 31.21 -38.67
C ARG L 6 19.85 31.16 -37.63
N GLN L 7 21.10 31.29 -38.09
CA GLN L 7 22.25 31.22 -37.20
C GLN L 7 22.25 32.39 -36.25
N HIS L 8 21.84 33.55 -36.73
CA HIS L 8 21.79 34.73 -35.88
C HIS L 8 20.83 34.48 -34.72
N LEU L 9 19.72 33.79 -34.98
CA LEU L 9 18.75 33.48 -33.93
C LEU L 9 19.38 32.54 -32.90
N LEU L 10 20.05 31.49 -33.36
CA LEU L 10 20.65 30.53 -32.45
C LEU L 10 21.64 31.26 -31.52
N ASP L 11 22.46 32.13 -32.09
CA ASP L 11 23.48 32.81 -31.33
C ASP L 11 22.83 33.70 -30.29
N THR L 12 21.84 34.47 -30.70
CA THR L 12 21.19 35.36 -29.77
C THR L 12 20.54 34.55 -28.66
N GLY L 13 19.96 33.41 -29.03
CA GLY L 13 19.33 32.56 -28.05
C GLY L 13 20.28 31.98 -27.03
N TYR L 14 21.41 31.49 -27.51
CA TYR L 14 22.41 30.95 -26.62
C TYR L 14 22.86 32.00 -25.63
N ARG L 15 23.20 33.16 -26.15
CA ARG L 15 23.69 34.28 -25.37
C ARG L 15 22.71 34.69 -24.25
N ILE L 16 21.42 34.69 -24.56
CA ILE L 16 20.41 35.08 -23.58
C ILE L 16 19.99 33.93 -22.67
N MET L 17 19.86 32.74 -23.23
CA MET L 17 19.47 31.59 -22.42
C MET L 17 20.56 31.15 -21.45
N ALA L 18 21.81 31.41 -21.80
CA ALA L 18 22.92 31.13 -20.90
C ALA L 18 22.72 31.84 -19.56
N VAL L 19 21.99 32.96 -19.61
CA VAL L 19 21.72 33.72 -18.41
C VAL L 19 20.33 33.47 -17.83
N LYS L 20 19.30 33.55 -18.65
CA LYS L 20 17.93 33.50 -18.13
C LYS L 20 17.30 32.11 -18.14
N GLY L 21 17.96 31.14 -18.79
CA GLY L 21 17.44 29.78 -18.85
C GLY L 21 16.49 29.57 -20.03
N PHE L 22 15.72 28.48 -20.02
CA PHE L 22 14.82 28.23 -21.15
C PHE L 22 13.42 28.77 -20.84
N SER L 23 12.84 28.33 -19.73
CA SER L 23 11.52 28.78 -19.32
C SER L 23 11.43 30.24 -18.87
N GLY L 24 12.57 30.85 -18.54
CA GLY L 24 12.59 32.23 -18.06
C GLY L 24 12.79 33.32 -19.09
N VAL L 25 12.94 32.96 -20.35
CA VAL L 25 13.02 33.94 -21.43
C VAL L 25 11.78 33.80 -22.26
N GLY L 26 11.36 34.90 -22.88
CA GLY L 26 10.27 34.81 -23.82
C GLY L 26 10.76 35.03 -25.24
N LEU L 27 10.00 34.53 -26.20
CA LEU L 27 10.34 34.68 -27.58
C LEU L 27 10.56 36.15 -27.97
N ASN L 28 9.74 37.06 -27.43
CA ASN L 28 9.85 38.45 -27.83
C ASN L 28 11.20 39.02 -27.49
N GLU L 29 11.69 38.77 -26.29
CA GLU L 29 13.00 39.28 -25.90
C GLU L 29 14.09 38.77 -26.83
N ILE L 30 14.07 37.49 -27.18
CA ILE L 30 15.04 36.94 -28.10
C ILE L 30 14.86 37.65 -29.45
N LEU L 31 13.63 37.73 -29.91
CA LEU L 31 13.36 38.32 -31.21
C LEU L 31 13.76 39.80 -31.28
N GLN L 32 13.44 40.58 -30.25
CA GLN L 32 13.78 42.00 -30.25
C GLN L 32 15.27 42.19 -30.26
N SER L 33 15.91 41.47 -29.37
CA SER L 33 17.32 41.58 -29.21
C SER L 33 18.04 41.20 -30.52
N ALA L 34 17.47 40.34 -31.34
CA ALA L 34 18.15 39.94 -32.60
C ALA L 34 17.69 40.68 -33.84
N GLY L 35 16.69 41.54 -33.73
CA GLY L 35 16.18 42.28 -34.88
C GLY L 35 15.42 41.40 -35.88
N VAL L 36 14.76 40.37 -35.38
CA VAL L 36 14.00 39.45 -36.22
C VAL L 36 12.51 39.41 -35.83
N PRO L 37 11.63 39.40 -36.84
CA PRO L 37 10.16 39.37 -36.70
C PRO L 37 9.67 38.01 -36.21
N LYS L 38 8.53 37.93 -35.52
CA LYS L 38 8.07 36.63 -35.05
C LYS L 38 7.93 35.62 -36.15
N GLY L 39 7.38 36.03 -37.27
CA GLY L 39 7.09 35.07 -38.30
C GLY L 39 8.34 34.40 -38.86
N SER L 40 9.47 35.06 -38.70
CA SER L 40 10.67 34.53 -39.31
C SER L 40 11.20 33.43 -38.45
N PHE L 41 11.04 33.59 -37.15
CA PHE L 41 11.47 32.59 -36.18
C PHE L 41 10.75 31.28 -36.57
N TYR L 42 9.45 31.39 -36.84
CA TYR L 42 8.70 30.19 -37.13
C TYR L 42 8.85 29.71 -38.57
N HIS L 43 9.64 30.44 -39.35
CA HIS L 43 10.04 29.93 -40.63
C HIS L 43 11.16 28.93 -40.46
N TYR L 44 12.01 29.17 -39.46
CA TYR L 44 13.22 28.38 -39.25
C TYR L 44 13.07 27.31 -38.18
N PHE L 45 12.16 27.53 -37.24
CA PHE L 45 11.96 26.54 -36.20
C PHE L 45 10.48 26.35 -36.03
N LYS L 46 10.06 25.13 -35.74
CA LYS L 46 8.62 24.92 -35.68
C LYS L 46 8.10 25.32 -34.33
N SER L 47 8.96 25.32 -33.32
CA SER L 47 8.57 25.68 -31.95
C SER L 47 9.75 26.11 -31.09
N LYS L 48 9.46 26.72 -29.95
CA LYS L 48 10.51 27.12 -29.03
C LYS L 48 11.32 25.92 -28.56
N GLU L 49 10.65 24.80 -28.31
CA GLU L 49 11.36 23.62 -27.90
C GLU L 49 12.37 23.20 -28.96
N GLN L 50 11.95 23.13 -30.22
CA GLN L 50 12.86 22.69 -31.26
C GLN L 50 14.05 23.67 -31.46
N PHE L 51 13.78 24.95 -31.25
CA PHE L 51 14.80 25.96 -31.26
C PHE L 51 15.79 25.66 -30.16
N GLY L 52 15.29 25.33 -28.97
CA GLY L 52 16.12 24.95 -27.84
C GLY L 52 17.03 23.78 -28.14
N GLN L 53 16.44 22.73 -28.70
CA GLN L 53 17.22 21.58 -29.09
C GLN L 53 18.31 21.94 -30.06
N ALA L 54 17.97 22.73 -31.07
CA ALA L 54 18.92 23.10 -32.10
C ALA L 54 20.10 23.83 -31.48
N LEU L 55 19.79 24.79 -30.65
CA LEU L 55 20.78 25.57 -29.95
C LEU L 55 21.64 24.63 -29.10
N LEU L 56 21.04 23.72 -28.36
CA LEU L 56 21.86 22.76 -27.62
C LEU L 56 22.70 21.92 -28.58
N GLU L 57 22.14 21.41 -29.68
CA GLU L 57 22.94 20.66 -30.67
C GLU L 57 24.10 21.48 -31.20
N ASP L 58 23.84 22.76 -31.48
CA ASP L 58 24.85 23.62 -32.00
C ASP L 58 25.91 23.84 -30.95
N TYR L 59 25.48 23.96 -29.71
CA TYR L 59 26.40 24.18 -28.59
C TYR L 59 27.40 23.06 -28.46
N PHE L 60 26.92 21.82 -28.42
CA PHE L 60 27.82 20.68 -28.29
C PHE L 60 28.72 20.44 -29.48
N ARG L 61 28.25 20.73 -30.69
CA ARG L 61 29.06 20.54 -31.90
C ARG L 61 30.35 21.32 -31.75
N VAL L 62 30.19 22.56 -31.34
CA VAL L 62 31.31 23.44 -31.15
C VAL L 62 32.13 23.04 -29.94
N TYR L 63 31.44 22.72 -28.85
CA TYR L 63 32.10 22.44 -27.57
C TYR L 63 33.01 21.26 -27.73
N LEU L 64 32.47 20.21 -28.32
CA LEU L 64 33.24 19.02 -28.49
C LEU L 64 34.40 19.21 -29.48
N ALA L 65 34.21 20.00 -30.52
CA ALA L 65 35.28 20.24 -31.49
C ALA L 65 36.49 20.89 -30.83
N ASP L 66 36.19 21.85 -29.98
CA ASP L 66 37.19 22.52 -29.20
C ASP L 66 37.89 21.51 -28.25
N MET L 67 37.15 20.64 -27.56
CA MET L 67 37.78 19.62 -26.73
C MET L 67 38.77 18.79 -27.54
N ASP L 68 38.35 18.36 -28.72
CA ASP L 68 39.17 17.54 -29.60
C ASP L 68 40.48 18.23 -29.99
N GLN L 69 40.35 19.51 -30.31
CA GLN L 69 41.51 20.32 -30.66
C GLN L 69 42.46 20.40 -29.46
N ARG L 70 41.89 20.72 -28.32
CA ARG L 70 42.62 20.87 -27.07
C ARG L 70 43.32 19.54 -26.65
N PHE L 71 42.63 18.41 -26.86
CA PHE L 71 43.16 17.09 -26.49
C PHE L 71 44.05 16.51 -27.58
N SER L 72 44.37 17.35 -28.56
CA SER L 72 45.33 16.99 -29.59
C SER L 72 46.33 18.13 -29.77
N ALA L 73 46.46 18.98 -28.76
CA ALA L 73 47.34 20.15 -28.86
C ALA L 73 48.78 19.68 -29.01
N PRO L 74 49.48 20.20 -30.04
CA PRO L 74 50.86 19.82 -30.34
C PRO L 74 51.80 20.26 -29.22
N GLY L 75 52.71 19.38 -28.84
CA GLY L 75 53.73 19.75 -27.89
C GLY L 75 53.39 19.57 -26.42
N LEU L 76 52.18 19.11 -26.12
CA LEU L 76 51.77 18.86 -24.73
C LEU L 76 51.56 17.37 -24.57
N ASN L 77 51.88 16.84 -23.39
CA ASN L 77 51.59 15.44 -23.15
C ASN L 77 50.15 15.32 -22.70
N ALA L 78 49.67 14.09 -22.52
CA ALA L 78 48.25 13.92 -22.22
C ALA L 78 47.81 14.63 -20.93
N ARG L 79 48.55 14.44 -19.84
CA ARG L 79 48.24 15.09 -18.57
C ARG L 79 48.16 16.60 -18.75
N GLU L 80 49.07 17.17 -19.51
CA GLU L 80 49.06 18.62 -19.74
C GLU L 80 47.80 19.04 -20.48
N ARG L 81 47.39 18.21 -21.43
CA ARG L 81 46.16 18.43 -22.18
C ARG L 81 44.93 18.33 -21.25
N LEU L 82 44.82 17.21 -20.52
CA LEU L 82 43.73 17.02 -19.58
C LEU L 82 43.64 18.16 -18.58
N MET L 83 44.74 18.58 -17.99
CA MET L 83 44.66 19.64 -16.99
C MET L 83 44.38 20.99 -17.63
N SER L 84 44.71 21.14 -18.90
CA SER L 84 44.45 22.44 -19.52
C SER L 84 42.96 22.69 -19.53
N TYR L 85 42.20 21.59 -19.68
CA TYR L 85 40.75 21.62 -19.73
C TYR L 85 40.18 21.97 -18.38
N TRP L 86 40.58 21.25 -17.34
CA TRP L 86 40.08 21.60 -16.01
C TRP L 86 40.47 23.04 -15.69
N GLN L 87 41.64 23.46 -16.15
CA GLN L 87 42.10 24.81 -15.87
C GLN L 87 41.23 25.88 -16.53
N LYS L 88 40.85 25.66 -17.79
CA LYS L 88 40.00 26.63 -18.48
C LYS L 88 38.70 26.76 -17.72
N TRP L 89 38.19 25.64 -17.23
CA TRP L 89 36.95 25.63 -16.49
C TRP L 89 37.07 26.52 -15.26
N LEU L 90 38.13 26.34 -14.50
CA LEU L 90 38.37 27.14 -13.29
C LEU L 90 38.70 28.58 -13.60
N ASP L 91 39.55 28.81 -14.59
CA ASP L 91 40.03 30.15 -14.95
C ASP L 91 38.86 30.99 -15.39
N ASN L 92 38.08 30.48 -16.31
CA ASN L 92 36.99 31.30 -16.81
C ASN L 92 35.76 31.40 -15.90
N ALA L 93 35.89 30.99 -14.64
CA ALA L 93 34.87 31.37 -13.68
C ALA L 93 35.43 32.27 -12.59
N CYS L 94 36.35 33.15 -13.00
CA CYS L 94 36.75 34.36 -12.27
C CYS L 94 35.72 35.47 -12.49
N PRO L 95 35.96 36.70 -11.98
CA PRO L 95 34.73 37.52 -12.05
C PRO L 95 34.27 38.18 -13.39
N PRO L 96 34.92 37.92 -14.54
CA PRO L 96 34.25 38.37 -15.79
C PRO L 96 32.97 37.64 -16.25
N CYS L 97 32.49 36.62 -15.55
CA CYS L 97 31.27 35.93 -16.03
C CYS L 97 29.91 36.21 -15.36
N ASP L 98 29.10 37.04 -16.01
CA ASP L 98 27.70 37.17 -15.66
C ASP L 98 26.97 36.29 -16.67
N GLU L 99 27.29 36.53 -17.94
CA GLU L 99 26.81 35.65 -18.95
C GLU L 99 27.66 34.38 -18.81
N GLN L 100 27.04 33.36 -18.24
CA GLN L 100 27.63 32.06 -17.93
C GLN L 100 27.85 31.35 -19.27
N ARG L 101 28.81 30.45 -19.34
CA ARG L 101 29.04 29.73 -20.56
C ARG L 101 28.35 28.38 -20.59
N CYS L 102 28.32 27.66 -19.47
CA CYS L 102 28.05 26.23 -19.60
C CYS L 102 26.60 25.78 -19.63
N LEU L 103 26.13 25.33 -20.80
CA LEU L 103 24.74 24.95 -20.86
C LEU L 103 24.37 23.69 -20.09
N VAL L 104 25.30 22.77 -19.89
CA VAL L 104 24.99 21.58 -19.09
C VAL L 104 24.71 21.96 -17.61
N VAL L 105 25.43 22.93 -17.08
CA VAL L 105 25.17 23.37 -15.73
C VAL L 105 23.86 24.16 -15.65
N LYS L 106 23.65 25.07 -16.59
CA LYS L 106 22.51 25.99 -16.56
C LYS L 106 21.15 25.37 -16.87
N LEU L 107 21.11 24.48 -17.87
CA LEU L 107 19.83 24.00 -18.38
C LEU L 107 19.41 22.61 -17.94
N SER L 108 20.36 21.75 -17.59
CA SER L 108 20.06 20.34 -17.35
C SER L 108 18.91 20.11 -16.41
N ALA L 109 19.05 20.56 -15.17
CA ALA L 109 17.99 20.31 -14.23
C ALA L 109 16.68 21.00 -14.63
N GLU L 110 16.75 22.18 -15.25
CA GLU L 110 15.53 22.91 -15.58
C GLU L 110 14.76 22.21 -16.65
N VAL L 111 15.48 21.89 -17.71
CA VAL L 111 14.94 21.41 -18.96
C VAL L 111 14.66 19.90 -18.95
N ALA L 112 15.31 19.16 -18.08
CA ALA L 112 15.24 17.69 -18.08
C ALA L 112 13.85 17.07 -17.95
N ASP L 113 13.01 17.60 -17.06
CA ASP L 113 11.66 17.07 -16.84
C ASP L 113 10.62 17.75 -17.76
N LEU L 114 11.09 18.59 -18.68
CA LEU L 114 10.27 19.49 -19.52
C LEU L 114 10.29 19.17 -20.99
N SER L 115 11.43 18.77 -21.51
CA SER L 115 11.53 18.51 -22.93
C SER L 115 12.33 17.24 -23.17
N GLU L 116 11.76 16.21 -23.75
CA GLU L 116 12.56 15.04 -24.03
C GLU L 116 13.65 15.31 -25.04
N SER L 117 13.33 16.07 -26.06
CA SER L 117 14.34 16.28 -27.08
C SER L 117 15.55 17.03 -26.51
N MET L 118 15.32 18.00 -25.63
CA MET L 118 16.42 18.73 -24.98
C MET L 118 17.15 17.87 -23.94
N ARG L 119 16.39 17.11 -23.17
CA ARG L 119 16.99 16.20 -22.21
C ARG L 119 18.01 15.32 -22.90
N ILE L 120 17.56 14.63 -23.95
CA ILE L 120 18.40 13.71 -24.70
C ILE L 120 19.60 14.41 -25.31
N THR L 121 19.43 15.64 -25.79
CA THR L 121 20.55 16.38 -26.37
C THR L 121 21.59 16.68 -25.32
N LEU L 122 21.10 17.08 -24.14
CA LEU L 122 21.97 17.38 -23.01
C LEU L 122 22.70 16.09 -22.61
N ARG L 123 21.96 15.00 -22.58
CA ARG L 123 22.50 13.72 -22.17
C ARG L 123 23.63 13.31 -23.07
N ASP L 124 23.37 13.35 -24.37
CA ASP L 124 24.33 12.91 -25.36
C ASP L 124 25.53 13.84 -25.39
N GLY L 125 25.27 15.12 -25.18
CA GLY L 125 26.35 16.07 -25.21
C GLY L 125 27.29 15.74 -24.09
N SER L 126 26.73 15.56 -22.90
CA SER L 126 27.53 15.29 -21.71
C SER L 126 28.29 13.98 -21.89
N ASP L 127 27.64 12.98 -22.43
CA ASP L 127 28.32 11.73 -22.70
C ASP L 127 29.48 11.93 -23.71
N GLY L 128 29.27 12.84 -24.65
CA GLY L 128 30.30 13.14 -25.60
C GLY L 128 31.47 13.78 -24.88
N ILE L 129 31.20 14.57 -23.85
CA ILE L 129 32.28 15.17 -23.11
C ILE L 129 33.09 14.12 -22.36
N ILE L 130 32.39 13.29 -21.58
CA ILE L 130 33.00 12.21 -20.84
C ILE L 130 33.81 11.34 -21.80
N GLU L 131 33.27 11.10 -22.98
CA GLU L 131 33.96 10.26 -23.94
C GLU L 131 35.34 10.82 -24.28
N ARG L 132 35.39 12.12 -24.54
CA ARG L 132 36.64 12.81 -24.82
C ARG L 132 37.64 12.72 -23.68
N LEU L 133 37.14 12.77 -22.46
CA LEU L 133 37.96 12.65 -21.27
C LEU L 133 38.55 11.27 -21.20
N VAL L 134 37.74 10.27 -21.49
CA VAL L 134 38.18 8.88 -21.44
C VAL L 134 39.37 8.65 -22.35
N GLY L 135 39.30 9.24 -23.53
CA GLY L 135 40.35 9.13 -24.54
C GLY L 135 41.67 9.75 -24.11
N CYS L 136 41.59 10.87 -23.41
CA CYS L 136 42.77 11.59 -22.96
C CYS L 136 43.41 10.85 -21.80
N LEU L 137 42.59 10.33 -20.89
CA LEU L 137 43.09 9.54 -19.79
C LEU L 137 43.80 8.34 -20.38
N GLY L 138 43.16 7.72 -21.36
CA GLY L 138 43.72 6.55 -21.99
C GLY L 138 45.00 6.92 -22.69
N GLN L 139 44.98 8.09 -23.29
CA GLN L 139 46.12 8.64 -23.99
C GLN L 139 47.29 8.83 -23.02
N GLY L 140 46.97 9.11 -21.75
CA GLY L 140 47.96 9.34 -20.70
C GLY L 140 48.48 8.06 -20.07
N ARG L 141 47.67 7.01 -20.16
CA ARG L 141 48.06 5.69 -19.73
C ARG L 141 49.05 5.12 -20.76
N ASP L 142 49.01 5.66 -21.98
CA ASP L 142 49.96 5.29 -23.02
C ASP L 142 51.31 6.03 -22.94
N ASP L 143 51.29 7.30 -22.55
CA ASP L 143 52.52 8.08 -22.59
C ASP L 143 53.11 8.33 -21.20
N GLY L 144 52.52 7.67 -20.21
CA GLY L 144 53.02 7.72 -18.85
C GLY L 144 52.69 8.99 -18.09
N SER L 145 52.06 9.95 -18.76
CA SER L 145 51.70 11.23 -18.14
C SER L 145 50.75 11.05 -16.96
N LEU L 146 49.91 10.02 -17.03
CA LEU L 146 48.86 9.76 -16.04
C LEU L 146 48.89 8.31 -15.57
N ALA L 147 48.62 8.13 -14.28
CA ALA L 147 48.57 6.83 -13.64
C ALA L 147 47.49 5.94 -14.25
N PRO L 148 47.59 4.63 -14.05
CA PRO L 148 46.47 3.82 -14.54
C PRO L 148 45.18 4.05 -13.72
N CYS L 149 44.03 3.79 -14.36
CA CYS L 149 42.74 3.86 -13.69
C CYS L 149 41.71 3.26 -14.62
N ASP L 150 40.50 3.09 -14.11
CA ASP L 150 39.35 2.78 -14.94
C ASP L 150 38.99 4.11 -15.59
N ALA L 151 39.36 4.27 -16.86
CA ALA L 151 39.19 5.56 -17.51
C ALA L 151 37.74 6.03 -17.53
N ARG L 152 36.81 5.13 -17.80
CA ARG L 152 35.43 5.55 -17.86
C ARG L 152 34.92 5.97 -16.50
N HIS L 153 35.35 5.28 -15.45
CA HIS L 153 34.92 5.64 -14.11
C HIS L 153 35.55 6.93 -13.66
N MET L 154 36.82 7.14 -13.99
CA MET L 154 37.52 8.34 -13.57
C MET L 154 36.94 9.59 -14.26
N ALA L 155 36.76 9.49 -15.58
CA ALA L 155 36.25 10.62 -16.36
C ALA L 155 34.87 11.06 -15.89
N SER L 156 34.02 10.08 -15.62
CA SER L 156 32.68 10.37 -15.14
C SER L 156 32.72 11.07 -13.78
N ALA L 157 33.53 10.53 -12.88
CA ALA L 157 33.59 11.06 -11.53
C ALA L 157 34.12 12.49 -11.53
N LEU L 158 35.15 12.72 -12.32
CA LEU L 158 35.70 14.06 -12.39
C LEU L 158 34.66 15.02 -12.93
N TYR L 159 33.98 14.64 -14.01
CA TYR L 159 32.99 15.51 -14.63
C TYR L 159 31.89 15.80 -13.64
N GLN L 160 31.44 14.77 -12.93
CA GLN L 160 30.43 14.97 -11.91
C GLN L 160 30.93 15.97 -10.92
N LEU L 161 32.20 15.82 -10.55
CA LEU L 161 32.79 16.65 -9.52
C LEU L 161 32.71 18.12 -9.91
N TRP L 162 33.13 18.41 -11.13
CA TRP L 162 33.10 19.78 -11.63
C TRP L 162 31.67 20.31 -11.87
N LEU L 163 30.74 19.44 -12.22
CA LEU L 163 29.38 19.91 -12.38
C LEU L 163 28.91 20.40 -11.01
N GLY L 164 29.09 19.57 -9.98
CA GLY L 164 28.68 19.98 -8.66
C GLY L 164 29.41 21.24 -8.25
N ALA L 165 30.70 21.32 -8.55
CA ALA L 165 31.45 22.50 -8.20
C ALA L 165 30.86 23.74 -8.90
N SER L 166 30.46 23.61 -10.15
CA SER L 166 29.90 24.74 -10.88
C SER L 166 28.61 25.25 -10.24
N LEU L 167 27.78 24.35 -9.75
CA LEU L 167 26.55 24.76 -9.07
C LEU L 167 26.85 25.62 -7.88
N LEU L 168 27.70 25.11 -7.00
CA LEU L 168 28.01 25.83 -5.78
C LEU L 168 28.70 27.15 -6.09
N SER L 169 29.46 27.14 -7.17
CA SER L 169 30.13 28.33 -7.61
C SER L 169 29.14 29.43 -7.94
N LYS L 170 28.10 29.07 -8.67
CA LYS L 170 27.08 30.03 -9.04
C LYS L 170 26.31 30.52 -7.81
N LEU L 171 26.09 29.63 -6.85
CA LEU L 171 25.36 29.95 -5.62
C LEU L 171 26.17 30.95 -4.77
N HIS L 172 27.50 30.84 -4.84
CA HIS L 172 28.38 31.67 -4.01
C HIS L 172 28.93 32.93 -4.70
N ARG L 173 28.87 33.00 -6.03
CA ARG L 173 29.58 34.01 -6.81
C ARG L 173 31.08 34.01 -6.46
N SER L 174 31.61 32.79 -6.39
CA SER L 174 32.99 32.54 -5.99
C SER L 174 33.62 31.43 -6.83
N PRO L 175 34.94 31.49 -7.05
CA PRO L 175 35.56 30.36 -7.73
C PRO L 175 35.94 29.31 -6.70
N GLY L 176 35.57 29.56 -5.46
CA GLY L 176 35.93 28.70 -4.36
C GLY L 176 35.73 27.21 -4.59
N PRO L 177 34.48 26.81 -4.84
CA PRO L 177 34.17 25.38 -5.01
C PRO L 177 34.95 24.78 -6.16
N LEU L 178 35.24 25.62 -7.17
CA LEU L 178 36.00 25.18 -8.33
C LEU L 178 37.44 24.93 -7.97
N GLU L 179 37.99 25.72 -7.06
CA GLU L 179 39.33 25.43 -6.55
C GLU L 179 39.31 24.07 -5.85
N THR L 180 38.29 23.83 -5.01
CA THR L 180 38.13 22.53 -4.33
C THR L 180 38.12 21.36 -5.33
N ALA L 181 37.41 21.56 -6.43
CA ALA L 181 37.32 20.54 -7.45
C ALA L 181 38.70 20.25 -7.99
N MET L 182 39.40 21.33 -8.36
CA MET L 182 40.72 21.23 -8.96
C MET L 182 41.69 20.48 -8.07
N GLN L 183 41.66 20.81 -6.79
CA GLN L 183 42.52 20.11 -5.86
C GLN L 183 42.17 18.64 -5.79
N THR L 184 40.89 18.33 -5.64
CA THR L 184 40.46 16.94 -5.60
C THR L 184 40.84 16.22 -6.88
N THR L 185 40.84 16.96 -7.97
CA THR L 185 41.15 16.41 -9.28
C THR L 185 42.58 15.92 -9.28
N ARG L 186 43.48 16.80 -8.83
CA ARG L 186 44.89 16.45 -8.74
C ARG L 186 45.11 15.24 -7.84
N SER L 187 44.49 15.25 -6.68
CA SER L 187 44.60 14.14 -5.77
C SER L 187 44.08 12.86 -6.40
N LEU L 188 43.01 12.98 -7.16
CA LEU L 188 42.35 11.81 -7.72
C LEU L 188 43.21 11.19 -8.82
N LEU L 189 43.79 12.04 -9.67
CA LEU L 189 44.75 11.59 -10.65
C LEU L 189 46.06 11.49 -9.84
N GLU L 190 47.14 10.98 -10.43
CA GLU L 190 48.38 10.76 -9.64
C GLU L 190 48.13 10.20 -8.22
N SER M 1 -16.59 16.11 -65.29
CA SER M 1 -16.41 15.10 -64.25
C SER M 1 -16.55 13.71 -64.80
N TYR M 2 -17.19 13.56 -65.95
CA TYR M 2 -16.99 12.33 -66.66
C TYR M 2 -15.61 12.43 -67.26
N ASP M 3 -15.36 13.60 -67.88
CA ASP M 3 -14.09 13.92 -68.49
C ASP M 3 -12.97 13.91 -67.46
N ASP M 4 -13.28 14.44 -66.27
CA ASP M 4 -12.34 14.47 -65.16
C ASP M 4 -11.92 13.04 -64.76
N THR M 5 -12.88 12.15 -64.57
CA THR M 5 -12.58 10.75 -64.27
C THR M 5 -11.72 10.09 -65.36
N ARG M 6 -12.08 10.31 -66.62
CA ARG M 6 -11.31 9.73 -67.72
C ARG M 6 -9.88 10.20 -67.61
N GLN M 7 -9.72 11.48 -67.32
CA GLN M 7 -8.42 12.07 -67.24
C GLN M 7 -7.64 11.50 -66.06
N HIS M 8 -8.33 11.29 -64.94
CA HIS M 8 -7.67 10.70 -63.79
C HIS M 8 -7.18 9.31 -64.16
N LEU M 9 -8.00 8.61 -64.96
CA LEU M 9 -7.58 7.29 -65.37
C LEU M 9 -6.29 7.31 -66.20
N LEU M 10 -6.22 8.20 -67.19
CA LEU M 10 -5.03 8.34 -68.04
C LEU M 10 -3.83 8.70 -67.18
N ASP M 11 -4.00 9.65 -66.26
CA ASP M 11 -2.90 10.12 -65.41
C ASP M 11 -2.41 8.97 -64.56
N THR M 12 -3.35 8.23 -63.98
CA THR M 12 -2.99 7.12 -63.13
C THR M 12 -2.27 6.08 -63.95
N GLY M 13 -2.74 5.88 -65.18
CA GLY M 13 -2.14 4.93 -66.10
C GLY M 13 -0.71 5.33 -66.42
N TYR M 14 -0.50 6.63 -66.62
CA TYR M 14 0.83 7.13 -66.87
C TYR M 14 1.72 6.83 -65.69
N ARG M 15 1.25 7.19 -64.48
CA ARG M 15 2.02 7.02 -63.26
C ARG M 15 2.43 5.60 -63.02
N ILE M 16 1.55 4.65 -63.26
CA ILE M 16 1.89 3.25 -63.02
C ILE M 16 2.60 2.58 -64.20
N MET M 17 2.18 2.86 -65.44
CA MET M 17 2.85 2.22 -66.57
C MET M 17 4.29 2.71 -66.79
N ALA M 18 4.55 3.97 -66.41
CA ALA M 18 5.88 4.54 -66.46
C ALA M 18 6.88 3.69 -65.67
N VAL M 19 6.38 2.95 -64.69
CA VAL M 19 7.25 2.04 -63.93
C VAL M 19 7.10 0.58 -64.30
N LYS M 20 5.87 0.11 -64.36
CA LYS M 20 5.63 -1.33 -64.50
C LYS M 20 5.46 -1.76 -65.92
N GLY M 21 5.41 -0.81 -66.84
CA GLY M 21 5.25 -1.19 -68.23
C GLY M 21 3.79 -1.31 -68.61
N PHE M 22 3.52 -1.94 -69.73
CA PHE M 22 2.16 -2.11 -70.20
C PHE M 22 1.65 -3.50 -69.82
N SER M 23 2.39 -4.52 -70.25
CA SER M 23 2.04 -5.90 -69.96
C SER M 23 2.09 -6.28 -68.47
N GLY M 24 2.84 -5.53 -67.68
CA GLY M 24 2.95 -5.84 -66.27
C GLY M 24 1.92 -5.18 -65.36
N VAL M 25 1.01 -4.37 -65.90
CA VAL M 25 -0.05 -3.82 -65.10
C VAL M 25 -1.35 -4.40 -65.52
N GLY M 26 -2.28 -4.50 -64.57
CA GLY M 26 -3.61 -4.99 -64.86
C GLY M 26 -4.55 -3.84 -64.72
N LEU M 27 -5.71 -3.96 -65.39
CA LEU M 27 -6.71 -2.92 -65.32
C LEU M 27 -7.05 -2.68 -63.86
N ASN M 28 -7.09 -3.78 -63.12
CA ASN M 28 -7.53 -3.72 -61.76
C ASN M 28 -6.66 -2.78 -60.92
N GLU M 29 -5.35 -2.93 -61.03
CA GLU M 29 -4.46 -2.05 -60.28
C GLU M 29 -4.64 -0.61 -60.67
N ILE M 30 -4.81 -0.37 -61.98
CA ILE M 30 -4.99 1.00 -62.41
C ILE M 30 -6.29 1.59 -61.86
N LEU M 31 -7.37 0.85 -62.08
CA LEU M 31 -8.67 1.32 -61.70
C LEU M 31 -8.73 1.49 -60.20
N GLN M 32 -8.27 0.48 -59.49
CA GLN M 32 -8.38 0.49 -58.06
C GLN M 32 -7.57 1.64 -57.54
N SER M 33 -6.40 1.84 -58.11
CA SER M 33 -5.58 2.94 -57.67
C SER M 33 -6.25 4.31 -57.96
N ALA M 34 -7.08 4.41 -59.00
CA ALA M 34 -7.69 5.70 -59.34
C ALA M 34 -9.06 5.89 -58.72
N GLY M 35 -9.52 4.89 -57.99
CA GLY M 35 -10.82 4.95 -57.35
C GLY M 35 -12.03 4.84 -58.23
N VAL M 36 -11.88 4.06 -59.31
CA VAL M 36 -12.96 3.76 -60.24
C VAL M 36 -13.21 2.25 -60.19
N PRO M 37 -14.47 1.84 -60.23
CA PRO M 37 -14.65 0.39 -60.17
C PRO M 37 -14.15 -0.27 -61.45
N LYS M 38 -13.60 -1.48 -61.34
CA LYS M 38 -13.07 -2.20 -62.49
C LYS M 38 -14.11 -2.38 -63.57
N GLY M 39 -15.34 -2.67 -63.12
CA GLY M 39 -16.47 -2.94 -63.97
C GLY M 39 -16.81 -1.70 -64.74
N SER M 40 -16.30 -0.55 -64.33
CA SER M 40 -16.57 0.71 -65.03
C SER M 40 -15.61 1.03 -66.18
N PHE M 41 -14.55 0.27 -66.34
CA PHE M 41 -13.50 0.67 -67.30
C PHE M 41 -13.98 0.97 -68.71
N TYR M 42 -14.83 0.10 -69.22
CA TYR M 42 -15.17 0.21 -70.63
C TYR M 42 -16.19 1.31 -70.87
N HIS M 43 -16.52 2.02 -69.81
CA HIS M 43 -17.33 3.21 -69.91
C HIS M 43 -16.42 4.34 -70.37
N TYR M 44 -15.12 4.21 -70.10
CA TYR M 44 -14.13 5.24 -70.44
C TYR M 44 -13.17 4.94 -71.63
N PHE M 45 -12.91 3.65 -71.88
CA PHE M 45 -12.00 3.19 -72.95
C PHE M 45 -12.48 1.91 -73.66
N LYS M 46 -12.07 1.70 -74.91
CA LYS M 46 -12.59 0.58 -75.70
C LYS M 46 -11.94 -0.78 -75.40
N SER M 47 -10.70 -0.74 -74.96
CA SER M 47 -9.93 -1.94 -74.64
C SER M 47 -8.75 -1.47 -73.83
N LYS M 48 -7.98 -2.41 -73.27
CA LYS M 48 -6.76 -2.02 -72.58
C LYS M 48 -5.80 -1.39 -73.57
N GLU M 49 -5.74 -1.94 -74.78
CA GLU M 49 -4.87 -1.39 -75.81
C GLU M 49 -5.20 0.06 -76.15
N GLN M 50 -6.48 0.37 -76.32
CA GLN M 50 -6.83 1.73 -76.71
C GLN M 50 -6.55 2.71 -75.57
N PHE M 51 -6.65 2.23 -74.34
CA PHE M 51 -6.29 3.01 -73.15
C PHE M 51 -4.83 3.37 -73.26
N GLY M 52 -4.01 2.37 -73.57
CA GLY M 52 -2.59 2.60 -73.78
C GLY M 52 -2.34 3.70 -74.80
N GLN M 53 -3.03 3.62 -75.92
CA GLN M 53 -2.86 4.63 -76.94
C GLN M 53 -3.23 6.02 -76.45
N ALA M 54 -4.39 6.13 -75.80
CA ALA M 54 -4.90 7.40 -75.33
C ALA M 54 -3.88 8.04 -74.42
N LEU M 55 -3.33 7.20 -73.57
CA LEU M 55 -2.32 7.55 -72.59
C LEU M 55 -1.11 8.20 -73.24
N LEU M 56 -0.59 7.47 -74.24
CA LEU M 56 0.54 7.89 -75.02
C LEU M 56 0.26 9.18 -75.82
N GLU M 57 -0.90 9.27 -76.45
CA GLU M 57 -1.25 10.48 -77.17
C GLU M 57 -1.24 11.66 -76.22
N ASP M 58 -1.80 11.43 -75.04
CA ASP M 58 -1.91 12.49 -74.07
C ASP M 58 -0.53 12.91 -73.67
N TYR M 59 0.35 11.92 -73.54
CA TYR M 59 1.73 12.17 -73.13
C TYR M 59 2.44 13.09 -74.10
N PHE M 60 2.41 12.70 -75.37
CA PHE M 60 3.08 13.48 -76.39
C PHE M 60 2.47 14.85 -76.56
N ARG M 61 1.15 14.93 -76.38
CA ARG M 61 0.47 16.21 -76.49
C ARG M 61 1.11 17.17 -75.49
N VAL M 62 1.26 16.72 -74.26
CA VAL M 62 1.82 17.54 -73.21
C VAL M 62 3.32 17.78 -73.44
N TYR M 63 4.03 16.72 -73.81
CA TYR M 63 5.47 16.79 -74.03
C TYR M 63 5.81 17.76 -75.16
N LEU M 64 5.20 17.60 -76.33
CA LEU M 64 5.51 18.46 -77.49
C LEU M 64 5.17 19.90 -77.24
N ALA M 65 4.09 20.14 -76.50
CA ALA M 65 3.68 21.49 -76.13
C ALA M 65 4.77 22.16 -75.30
N ASP M 66 5.41 21.35 -74.46
CA ASP M 66 6.50 21.79 -73.62
C ASP M 66 7.71 22.23 -74.41
N MET M 67 8.09 21.37 -75.36
CA MET M 67 9.19 21.65 -76.28
C MET M 67 8.93 22.94 -77.04
N ASP M 68 7.73 23.11 -77.58
CA ASP M 68 7.42 24.33 -78.34
C ASP M 68 7.61 25.59 -77.49
N GLN M 69 7.12 25.53 -76.26
CA GLN M 69 7.23 26.64 -75.31
C GLN M 69 8.71 26.90 -74.97
N ARG M 70 9.43 25.83 -74.67
CA ARG M 70 10.85 25.93 -74.35
C ARG M 70 11.64 26.51 -75.53
N PHE M 71 11.36 26.03 -76.73
CA PHE M 71 12.11 26.45 -77.91
C PHE M 71 11.63 27.79 -78.47
N SER M 72 10.78 28.49 -77.72
CA SER M 72 10.39 29.84 -78.08
C SER M 72 10.56 30.72 -76.84
N ALA M 73 11.36 30.25 -75.89
CA ALA M 73 11.52 31.00 -74.65
C ALA M 73 12.19 32.32 -74.89
N PRO M 74 11.52 33.39 -74.51
CA PRO M 74 12.07 34.73 -74.71
C PRO M 74 13.37 34.90 -73.93
N GLY M 75 14.37 35.53 -74.54
CA GLY M 75 15.63 35.85 -73.86
C GLY M 75 16.71 34.78 -73.94
N LEU M 76 16.41 33.65 -74.57
CA LEU M 76 17.43 32.64 -74.79
C LEU M 76 17.63 32.52 -76.29
N ASN M 77 18.87 32.34 -76.74
CA ASN M 77 19.09 32.06 -78.16
C ASN M 77 18.89 30.58 -78.36
N ALA M 78 19.01 30.15 -79.60
CA ALA M 78 18.74 28.78 -79.93
C ALA M 78 19.70 27.83 -79.24
N ARG M 79 20.97 28.16 -79.16
CA ARG M 79 21.88 27.26 -78.46
C ARG M 79 21.38 27.11 -77.03
N GLU M 80 20.99 28.23 -76.45
CA GLU M 80 20.54 28.21 -75.07
C GLU M 80 19.26 27.39 -74.92
N ARG M 81 18.34 27.55 -75.86
CA ARG M 81 17.09 26.82 -75.78
C ARG M 81 17.36 25.32 -75.91
N LEU M 82 18.05 24.96 -76.98
CA LEU M 82 18.40 23.58 -77.24
C LEU M 82 19.14 22.99 -76.04
N MET M 83 20.07 23.72 -75.43
CA MET M 83 20.82 23.10 -74.34
C MET M 83 20.00 22.88 -73.09
N SER M 84 19.02 23.74 -72.86
CA SER M 84 18.17 23.61 -71.69
C SER M 84 17.36 22.33 -71.76
N TYR M 85 17.03 21.91 -72.97
CA TYR M 85 16.30 20.69 -73.21
C TYR M 85 17.16 19.54 -72.80
N TRP M 86 18.39 19.52 -73.32
CA TRP M 86 19.34 18.46 -72.94
C TRP M 86 19.65 18.50 -71.46
N GLN M 87 19.74 19.71 -70.90
CA GLN M 87 20.08 19.84 -69.48
C GLN M 87 19.02 19.20 -68.59
N LYS M 88 17.75 19.49 -68.89
CA LYS M 88 16.66 18.96 -68.11
C LYS M 88 16.71 17.46 -68.13
N TRP M 89 16.98 16.93 -69.30
CA TRP M 89 17.06 15.50 -69.48
C TRP M 89 18.13 14.94 -68.54
N LEU M 90 19.23 15.66 -68.40
CA LEU M 90 20.30 15.24 -67.52
C LEU M 90 19.87 15.37 -66.06
N ASP M 91 19.27 16.51 -65.77
CA ASP M 91 18.88 16.87 -64.43
C ASP M 91 17.79 15.96 -63.91
N ASN M 92 16.72 15.86 -64.68
CA ASN M 92 15.52 15.23 -64.20
C ASN M 92 15.71 13.71 -64.10
N ALA M 93 16.90 13.22 -64.43
CA ALA M 93 17.18 11.83 -64.17
C ALA M 93 18.35 11.65 -63.23
N CYS M 94 18.30 12.39 -62.12
CA CYS M 94 19.02 11.92 -60.97
C CYS M 94 18.13 10.75 -60.68
N PRO M 95 18.71 9.58 -60.38
CA PRO M 95 17.77 8.47 -60.14
C PRO M 95 17.33 8.31 -58.67
N PRO M 96 17.02 9.42 -57.91
CA PRO M 96 16.40 8.95 -56.68
C PRO M 96 15.06 8.33 -57.00
N CYS M 97 14.30 8.84 -57.97
CA CYS M 97 13.01 8.19 -58.30
C CYS M 97 13.13 7.38 -59.61
N ASP M 98 12.96 6.09 -59.41
CA ASP M 98 12.80 5.04 -60.40
C ASP M 98 11.44 5.15 -61.14
N GLU M 99 10.51 5.99 -60.70
CA GLU M 99 9.33 6.10 -61.56
C GLU M 99 9.88 6.94 -62.72
N GLN M 100 9.97 6.28 -63.88
CA GLN M 100 10.55 6.90 -65.06
C GLN M 100 9.59 8.03 -65.55
N ARG M 101 10.15 9.07 -66.13
CA ARG M 101 9.37 10.16 -66.66
C ARG M 101 9.07 9.86 -68.15
N CYS M 102 10.02 9.28 -68.89
CA CYS M 102 9.91 9.18 -70.36
C CYS M 102 9.32 7.87 -70.89
N LEU M 103 8.16 7.98 -71.52
CA LEU M 103 7.49 6.82 -72.06
C LEU M 103 8.15 6.22 -73.30
N VAL M 104 8.89 7.03 -74.03
CA VAL M 104 9.61 6.55 -75.21
C VAL M 104 10.72 5.60 -74.77
N VAL M 105 11.40 5.95 -73.68
CA VAL M 105 12.45 5.09 -73.19
C VAL M 105 11.84 3.86 -72.57
N LYS M 106 10.75 4.08 -71.83
CA LYS M 106 10.10 3.04 -71.06
C LYS M 106 9.28 2.05 -71.87
N LEU M 107 8.50 2.54 -72.84
CA LEU M 107 7.54 1.66 -73.50
C LEU M 107 7.92 1.12 -74.89
N SER M 108 8.75 1.86 -75.63
CA SER M 108 9.07 1.56 -77.03
C SER M 108 9.42 0.12 -77.33
N ALA M 109 10.50 -0.41 -76.77
CA ALA M 109 10.86 -1.78 -77.12
C ALA M 109 9.75 -2.77 -76.75
N GLU M 110 9.07 -2.54 -75.63
CA GLU M 110 8.02 -3.45 -75.15
C GLU M 110 6.80 -3.44 -76.02
N VAL M 111 6.31 -2.24 -76.26
CA VAL M 111 5.03 -2.05 -76.88
C VAL M 111 5.09 -2.11 -78.40
N ALA M 112 6.25 -1.82 -78.96
CA ALA M 112 6.39 -1.72 -80.42
C ALA M 112 5.98 -3.01 -81.14
N ASP M 113 6.32 -4.14 -80.56
CA ASP M 113 6.09 -5.42 -81.19
C ASP M 113 4.71 -5.95 -80.81
N LEU M 114 3.97 -5.19 -80.03
CA LEU M 114 2.77 -5.74 -79.40
C LEU M 114 1.45 -5.13 -79.88
N SER M 115 1.50 -3.83 -80.11
CA SER M 115 0.32 -3.05 -80.46
C SER M 115 0.58 -2.13 -81.63
N GLU M 116 -0.10 -2.33 -82.75
CA GLU M 116 0.16 -1.45 -83.86
C GLU M 116 -0.23 0.00 -83.53
N SER M 117 -1.36 0.21 -82.85
CA SER M 117 -1.80 1.59 -82.59
C SER M 117 -0.84 2.30 -81.65
N MET M 118 -0.28 1.55 -80.70
CA MET M 118 0.68 2.12 -79.77
C MET M 118 2.04 2.36 -80.44
N ARG M 119 2.50 1.40 -81.24
CA ARG M 119 3.77 1.56 -82.00
C ARG M 119 3.74 2.86 -82.78
N ILE M 120 2.66 3.04 -83.54
CA ILE M 120 2.49 4.24 -84.36
C ILE M 120 2.49 5.52 -83.55
N THR M 121 1.82 5.51 -82.40
CA THR M 121 1.66 6.73 -81.60
C THR M 121 3.02 7.16 -81.08
N LEU M 122 3.80 6.16 -80.67
CA LEU M 122 5.14 6.28 -80.16
C LEU M 122 6.09 6.83 -81.24
N ARG M 123 5.98 6.21 -82.43
CA ARG M 123 6.78 6.60 -83.59
C ARG M 123 6.49 8.02 -84.01
N ASP M 124 5.23 8.33 -84.23
CA ASP M 124 4.89 9.66 -84.70
C ASP M 124 5.26 10.67 -83.60
N GLY M 125 5.07 10.28 -82.34
CA GLY M 125 5.40 11.13 -81.21
C GLY M 125 6.89 11.38 -81.18
N SER M 126 7.69 10.31 -81.29
CA SER M 126 9.13 10.50 -81.31
C SER M 126 9.55 11.38 -82.51
N ASP M 127 8.93 11.16 -83.67
CA ASP M 127 9.17 11.98 -84.87
C ASP M 127 8.87 13.43 -84.58
N GLY M 128 7.85 13.68 -83.77
CA GLY M 128 7.51 15.04 -83.41
C GLY M 128 8.58 15.71 -82.57
N ILE M 129 9.25 14.91 -81.76
CA ILE M 129 10.33 15.45 -80.94
C ILE M 129 11.46 15.87 -81.84
N ILE M 130 11.88 14.94 -82.69
CA ILE M 130 12.99 15.19 -83.59
C ILE M 130 12.71 16.41 -84.45
N GLU M 131 11.49 16.55 -84.95
CA GLU M 131 11.14 17.69 -85.75
C GLU M 131 11.41 19.00 -85.00
N ARG M 132 11.01 19.07 -83.73
CA ARG M 132 11.28 20.26 -82.93
C ARG M 132 12.77 20.56 -82.76
N LEU M 133 13.56 19.51 -82.60
CA LEU M 133 15.01 19.66 -82.47
C LEU M 133 15.58 20.29 -83.75
N VAL M 134 15.13 19.75 -84.88
CA VAL M 134 15.54 20.23 -86.18
C VAL M 134 15.28 21.73 -86.32
N GLY M 135 14.10 22.18 -85.94
CA GLY M 135 13.77 23.58 -86.02
C GLY M 135 14.65 24.43 -85.11
N CYS M 136 15.01 23.88 -83.97
CA CYS M 136 15.79 24.64 -83.02
C CYS M 136 17.21 24.76 -83.55
N LEU M 137 17.73 23.68 -84.13
CA LEU M 137 19.03 23.71 -84.80
C LEU M 137 18.99 24.80 -85.88
N GLY M 138 17.90 24.79 -86.64
CA GLY M 138 17.70 25.74 -87.70
C GLY M 138 17.62 27.15 -87.18
N GLN M 139 16.92 27.31 -86.08
CA GLN M 139 16.79 28.62 -85.48
C GLN M 139 18.16 29.16 -85.04
N GLY M 140 19.09 28.25 -84.77
CA GLY M 140 20.43 28.60 -84.30
C GLY M 140 21.38 28.94 -85.42
N ARG M 141 21.11 28.34 -86.56
CA ARG M 141 21.82 28.63 -87.78
C ARG M 141 21.40 29.97 -88.32
N ASP M 142 20.20 30.42 -87.95
CA ASP M 142 19.73 31.75 -88.34
C ASP M 142 20.32 32.84 -87.45
N ASP M 143 20.56 32.55 -86.17
CA ASP M 143 21.06 33.59 -85.27
C ASP M 143 22.50 33.34 -84.81
N GLY M 144 23.14 32.34 -85.39
CA GLY M 144 24.54 32.12 -85.12
C GLY M 144 24.93 31.44 -83.83
N SER M 145 23.95 31.10 -83.00
CA SER M 145 24.21 30.44 -81.72
C SER M 145 24.83 29.05 -81.92
N LEU M 146 24.48 28.43 -83.03
CA LEU M 146 24.93 27.07 -83.31
C LEU M 146 25.58 26.99 -84.68
N ALA M 147 26.63 26.17 -84.79
CA ALA M 147 27.33 25.99 -86.06
C ALA M 147 26.39 25.38 -87.09
N PRO M 148 26.70 25.58 -88.38
CA PRO M 148 25.88 24.90 -89.39
C PRO M 148 26.16 23.41 -89.36
N CYS M 149 25.17 22.62 -89.76
CA CYS M 149 25.24 21.16 -89.74
C CYS M 149 24.08 20.57 -90.56
N ASP M 150 24.08 19.27 -90.76
CA ASP M 150 22.90 18.67 -91.37
C ASP M 150 21.83 18.60 -90.27
N ALA M 151 20.88 19.52 -90.28
CA ALA M 151 19.94 19.61 -89.14
C ALA M 151 19.14 18.32 -88.87
N ARG M 152 18.57 17.70 -89.91
CA ARG M 152 17.79 16.50 -89.68
C ARG M 152 18.69 15.35 -89.21
N HIS M 153 19.92 15.35 -89.66
CA HIS M 153 20.81 14.30 -89.23
C HIS M 153 21.26 14.47 -87.78
N MET M 154 21.59 15.70 -87.38
CA MET M 154 22.14 15.92 -86.05
C MET M 154 21.10 15.62 -84.99
N ALA M 155 19.89 16.12 -85.22
CA ALA M 155 18.81 15.93 -84.28
C ALA M 155 18.58 14.45 -84.06
N SER M 156 18.50 13.71 -85.13
CA SER M 156 18.30 12.29 -84.97
C SER M 156 19.50 11.67 -84.27
N ALA M 157 20.70 12.11 -84.62
CA ALA M 157 21.88 11.51 -84.01
C ALA M 157 21.93 11.79 -82.52
N LEU M 158 21.61 13.04 -82.15
CA LEU M 158 21.57 13.44 -80.75
C LEU M 158 20.51 12.71 -79.95
N TYR M 159 19.28 12.68 -80.46
CA TYR M 159 18.14 12.07 -79.78
C TYR M 159 18.38 10.59 -79.58
N GLN M 160 18.95 9.95 -80.59
CA GLN M 160 19.32 8.54 -80.46
C GLN M 160 20.33 8.40 -79.31
N LEU M 161 21.24 9.37 -79.24
CA LEU M 161 22.29 9.30 -78.26
C LEU M 161 21.71 9.29 -76.85
N TRP M 162 20.82 10.25 -76.58
CA TRP M 162 20.21 10.36 -75.26
C TRP M 162 19.26 9.20 -74.93
N LEU M 163 18.61 8.61 -75.92
CA LEU M 163 17.77 7.44 -75.66
C LEU M 163 18.66 6.33 -75.12
N GLY M 164 19.76 6.09 -75.80
CA GLY M 164 20.68 5.05 -75.39
C GLY M 164 21.29 5.34 -74.04
N ALA M 165 21.53 6.61 -73.75
CA ALA M 165 22.06 6.98 -72.44
C ALA M 165 21.05 6.62 -71.36
N SER M 166 19.79 6.94 -71.64
CA SER M 166 18.71 6.71 -70.71
C SER M 166 18.60 5.25 -70.34
N LEU M 167 18.71 4.38 -71.33
CA LEU M 167 18.66 2.95 -71.08
C LEU M 167 19.77 2.55 -70.17
N LEU M 168 20.97 2.99 -70.45
CA LEU M 168 22.10 2.61 -69.62
C LEU M 168 22.00 3.20 -68.21
N SER M 169 21.50 4.43 -68.08
CA SER M 169 21.38 5.02 -66.74
C SER M 169 20.37 4.21 -65.89
N LYS M 170 19.29 3.76 -66.49
CA LYS M 170 18.33 2.90 -65.79
C LYS M 170 18.96 1.59 -65.40
N LEU M 171 19.84 1.08 -66.25
CA LEU M 171 20.51 -0.17 -65.94
C LEU M 171 21.49 0.01 -64.78
N HIS M 172 22.06 1.21 -64.63
CA HIS M 172 23.08 1.47 -63.60
C HIS M 172 22.56 2.21 -62.35
N ARG M 173 21.40 2.82 -62.50
CA ARG M 173 20.89 3.75 -61.50
C ARG M 173 21.91 4.82 -61.18
N SER M 174 22.54 5.34 -62.23
CA SER M 174 23.53 6.40 -62.16
C SER M 174 23.23 7.38 -63.26
N PRO M 175 23.57 8.66 -63.08
CA PRO M 175 23.39 9.64 -64.16
C PRO M 175 24.65 9.65 -65.04
N GLY M 176 25.54 8.69 -64.76
CA GLY M 176 26.81 8.56 -65.46
C GLY M 176 26.65 8.61 -66.97
N PRO M 177 25.90 7.65 -67.53
CA PRO M 177 25.70 7.62 -68.97
C PRO M 177 25.08 8.89 -69.51
N LEU M 178 24.31 9.60 -68.71
CA LEU M 178 23.72 10.82 -69.23
C LEU M 178 24.77 11.91 -69.28
N GLU M 179 25.74 11.86 -68.39
CA GLU M 179 26.85 12.81 -68.45
C GLU M 179 27.68 12.60 -69.71
N THR M 180 27.90 11.33 -70.05
CA THR M 180 28.57 10.97 -71.28
C THR M 180 27.85 11.58 -72.48
N ALA M 181 26.55 11.42 -72.53
CA ALA M 181 25.79 11.97 -73.64
C ALA M 181 25.94 13.46 -73.65
N MET M 182 25.84 14.07 -72.48
CA MET M 182 25.91 15.52 -72.42
C MET M 182 27.21 16.03 -73.07
N GLN M 183 28.34 15.39 -72.74
CA GLN M 183 29.64 15.75 -73.32
C GLN M 183 29.76 15.57 -74.85
N THR M 184 29.37 14.40 -75.33
CA THR M 184 29.34 14.09 -76.74
C THR M 184 28.45 15.07 -77.45
N THR M 185 27.38 15.50 -76.78
CA THR M 185 26.45 16.44 -77.37
C THR M 185 27.15 17.77 -77.60
N ARG M 186 27.85 18.21 -76.57
CA ARG M 186 28.56 19.48 -76.68
C ARG M 186 29.56 19.38 -77.81
N SER M 187 30.25 18.24 -77.86
CA SER M 187 31.22 17.96 -78.91
C SER M 187 30.63 17.92 -80.35
N LEU M 188 29.43 17.38 -80.53
CA LEU M 188 28.87 17.26 -81.87
C LEU M 188 28.47 18.64 -82.37
N LEU M 189 27.96 19.47 -81.48
CA LEU M 189 27.70 20.87 -81.83
C LEU M 189 29.04 21.57 -81.61
N GLU M 190 29.10 22.90 -81.81
CA GLU M 190 30.38 23.66 -81.76
C GLU M 190 31.63 22.86 -82.18
N ASP N 4 21.26 -29.82 -73.17
CA ASP N 4 20.36 -30.22 -74.26
C ASP N 4 18.97 -29.67 -73.98
N THR N 5 18.22 -30.29 -73.05
CA THR N 5 16.90 -29.77 -72.66
C THR N 5 17.00 -28.39 -71.99
N ARG N 6 17.96 -28.22 -71.09
CA ARG N 6 18.15 -26.91 -70.51
C ARG N 6 18.44 -25.87 -71.61
N GLN N 7 19.36 -26.18 -72.52
CA GLN N 7 19.73 -25.22 -73.55
C GLN N 7 18.58 -25.03 -74.53
N HIS N 8 17.85 -26.11 -74.80
CA HIS N 8 16.73 -25.99 -75.73
C HIS N 8 15.73 -25.00 -75.17
N LEU N 9 15.52 -25.04 -73.85
CA LEU N 9 14.62 -24.09 -73.20
C LEU N 9 15.18 -22.68 -73.30
N LEU N 10 16.48 -22.51 -72.99
CA LEU N 10 17.11 -21.20 -73.08
C LEU N 10 16.99 -20.62 -74.48
N ASP N 11 17.23 -21.48 -75.49
CA ASP N 11 17.22 -21.04 -76.87
C ASP N 11 15.82 -20.55 -77.23
N THR N 12 14.80 -21.35 -76.91
CA THR N 12 13.42 -20.98 -77.22
C THR N 12 12.99 -19.73 -76.46
N GLY N 13 13.47 -19.63 -75.23
CA GLY N 13 13.14 -18.47 -74.45
C GLY N 13 13.67 -17.22 -75.12
N TYR N 14 14.92 -17.30 -75.57
CA TYR N 14 15.54 -16.18 -76.27
C TYR N 14 14.76 -15.86 -77.55
N ARG N 15 14.47 -16.91 -78.32
CA ARG N 15 13.78 -16.76 -79.59
C ARG N 15 12.43 -16.05 -79.35
N ILE N 16 11.69 -16.42 -78.31
CA ILE N 16 10.37 -15.80 -78.09
C ILE N 16 10.37 -14.50 -77.29
N MET N 17 11.23 -14.41 -76.29
CA MET N 17 11.29 -13.18 -75.50
C MET N 17 11.85 -12.02 -76.34
N ALA N 18 12.69 -12.34 -77.33
CA ALA N 18 13.23 -11.34 -78.27
C ALA N 18 12.12 -10.59 -78.99
N VAL N 19 10.99 -11.27 -79.11
CA VAL N 19 9.81 -10.73 -79.74
C VAL N 19 8.76 -10.24 -78.72
N LYS N 20 8.46 -11.06 -77.74
CA LYS N 20 7.33 -10.80 -76.87
C LYS N 20 7.63 -10.05 -75.56
N GLY N 21 8.91 -9.85 -75.25
CA GLY N 21 9.31 -9.18 -74.02
C GLY N 21 9.39 -10.20 -72.89
N PHE N 22 9.48 -9.74 -71.65
CA PHE N 22 9.52 -10.68 -70.53
C PHE N 22 8.11 -10.90 -69.91
N SER N 23 7.49 -9.81 -69.49
CA SER N 23 6.16 -9.84 -68.89
C SER N 23 5.10 -10.35 -69.90
N GLY N 24 5.38 -10.17 -71.20
CA GLY N 24 4.43 -10.47 -72.26
C GLY N 24 4.45 -11.89 -72.81
N VAL N 25 5.34 -12.73 -72.29
CA VAL N 25 5.29 -14.12 -72.68
C VAL N 25 4.84 -14.92 -71.53
N GLY N 26 4.19 -16.02 -71.83
CA GLY N 26 3.83 -16.89 -70.75
C GLY N 26 4.65 -18.13 -70.89
N LEU N 27 4.79 -18.84 -69.77
CA LEU N 27 5.46 -20.10 -69.78
C LEU N 27 4.85 -21.09 -70.80
N ASN N 28 3.53 -21.14 -70.93
CA ASN N 28 2.96 -22.12 -71.87
C ASN N 28 3.37 -21.87 -73.31
N GLU N 29 3.48 -20.63 -73.76
CA GLU N 29 3.93 -20.44 -75.12
C GLU N 29 5.36 -20.98 -75.27
N ILE N 30 6.22 -20.72 -74.28
CA ILE N 30 7.59 -21.22 -74.35
C ILE N 30 7.59 -22.72 -74.28
N LEU N 31 6.87 -23.26 -73.31
CA LEU N 31 6.86 -24.70 -73.10
C LEU N 31 6.28 -25.46 -74.28
N GLN N 32 5.17 -24.95 -74.78
CA GLN N 32 4.51 -25.60 -75.89
C GLN N 32 5.34 -25.52 -77.15
N SER N 33 5.81 -24.31 -77.47
CA SER N 33 6.59 -24.14 -78.69
C SER N 33 7.90 -24.93 -78.62
N ALA N 34 8.43 -25.15 -77.43
CA ALA N 34 9.69 -25.84 -77.34
C ALA N 34 9.50 -27.34 -77.09
N GLY N 35 8.25 -27.77 -76.92
CA GLY N 35 7.94 -29.18 -76.74
C GLY N 35 8.47 -29.81 -75.45
N VAL N 36 8.56 -29.02 -74.37
CA VAL N 36 9.03 -29.49 -73.08
C VAL N 36 7.94 -29.31 -72.02
N PRO N 37 7.76 -30.33 -71.13
CA PRO N 37 6.76 -30.39 -70.06
C PRO N 37 7.06 -29.46 -68.92
N LYS N 38 6.02 -28.95 -68.27
CA LYS N 38 6.22 -28.02 -67.16
C LYS N 38 7.16 -28.58 -66.10
N GLY N 39 7.08 -29.90 -65.88
CA GLY N 39 7.88 -30.50 -64.83
C GLY N 39 9.36 -30.40 -65.15
N SER N 40 9.71 -30.27 -66.43
CA SER N 40 11.11 -30.23 -66.78
C SER N 40 11.62 -28.83 -66.58
N PHE N 41 10.78 -27.87 -66.97
CA PHE N 41 11.16 -26.46 -66.93
C PHE N 41 11.56 -26.15 -65.52
N TYR N 42 10.74 -26.61 -64.57
CA TYR N 42 10.99 -26.37 -63.14
C TYR N 42 11.99 -27.34 -62.54
N HIS N 43 12.54 -28.22 -63.36
CA HIS N 43 13.69 -28.98 -62.88
C HIS N 43 14.98 -28.19 -63.03
N TYR N 44 15.03 -27.34 -64.04
CA TYR N 44 16.26 -26.62 -64.37
C TYR N 44 16.25 -25.20 -63.86
N PHE N 45 15.06 -24.67 -63.58
CA PHE N 45 14.97 -23.30 -63.10
C PHE N 45 14.00 -23.26 -61.94
N LYS N 46 14.23 -22.38 -60.94
CA LYS N 46 13.31 -22.31 -59.80
C LYS N 46 12.13 -21.48 -60.18
N SER N 47 12.37 -20.54 -61.09
CA SER N 47 11.33 -19.63 -61.53
C SER N 47 11.59 -18.98 -62.87
N LYS N 48 10.54 -18.44 -63.46
CA LYS N 48 10.64 -17.71 -64.70
C LYS N 48 11.66 -16.61 -64.58
N GLU N 49 11.71 -15.96 -63.42
CA GLU N 49 12.67 -14.91 -63.23
C GLU N 49 14.11 -15.43 -63.34
N GLN N 50 14.42 -16.53 -62.66
CA GLN N 50 15.80 -17.02 -62.69
C GLN N 50 16.13 -17.57 -64.09
N PHE N 51 15.11 -18.13 -64.74
CA PHE N 51 15.18 -18.58 -66.13
C PHE N 51 15.59 -17.43 -67.02
N GLY N 52 14.92 -16.30 -66.82
CA GLY N 52 15.26 -15.09 -67.51
C GLY N 52 16.72 -14.72 -67.32
N GLN N 53 17.19 -14.79 -66.09
CA GLN N 53 18.58 -14.49 -65.81
C GLN N 53 19.49 -15.42 -66.58
N ALA N 54 19.21 -16.73 -66.52
CA ALA N 54 20.03 -17.74 -67.20
C ALA N 54 20.11 -17.45 -68.70
N LEU N 55 18.96 -17.18 -69.29
CA LEU N 55 18.89 -16.81 -70.68
C LEU N 55 19.74 -15.56 -70.90
N LEU N 56 19.60 -14.52 -70.10
CA LEU N 56 20.45 -13.34 -70.30
C LEU N 56 21.93 -13.68 -70.11
N GLU N 57 22.26 -14.49 -69.13
CA GLU N 57 23.64 -14.89 -68.97
C GLU N 57 24.16 -15.60 -70.19
N ASP N 58 23.36 -16.52 -70.74
CA ASP N 58 23.80 -17.27 -71.91
C ASP N 58 23.96 -16.34 -73.12
N TYR N 59 23.02 -15.42 -73.29
CA TYR N 59 23.01 -14.46 -74.39
C TYR N 59 24.29 -13.69 -74.33
N PHE N 60 24.61 -13.17 -73.15
CA PHE N 60 25.87 -12.46 -73.04
C PHE N 60 27.13 -13.32 -73.22
N ARG N 61 27.12 -14.58 -72.78
CA ARG N 61 28.33 -15.41 -72.93
C ARG N 61 28.65 -15.46 -74.43
N VAL N 62 27.62 -15.79 -75.19
CA VAL N 62 27.73 -15.90 -76.63
C VAL N 62 28.00 -14.58 -77.34
N TYR N 63 27.32 -13.51 -76.94
CA TYR N 63 27.48 -12.24 -77.61
C TYR N 63 28.91 -11.77 -77.46
N LEU N 64 29.43 -11.85 -76.24
CA LEU N 64 30.79 -11.40 -75.98
C LEU N 64 31.83 -12.30 -76.68
N ALA N 65 31.55 -13.60 -76.77
CA ALA N 65 32.50 -14.50 -77.42
C ALA N 65 32.69 -14.09 -78.87
N ASP N 66 31.58 -13.86 -79.54
CA ASP N 66 31.57 -13.39 -80.92
C ASP N 66 32.21 -12.02 -81.01
N MET N 67 31.99 -11.15 -80.03
CA MET N 67 32.69 -9.88 -80.06
C MET N 67 34.20 -10.12 -80.08
N ASP N 68 34.66 -11.07 -79.26
CA ASP N 68 36.07 -11.46 -79.22
C ASP N 68 36.62 -11.99 -80.57
N GLN N 69 35.83 -12.77 -81.32
CA GLN N 69 36.27 -13.23 -82.64
C GLN N 69 36.53 -12.03 -83.55
N ARG N 70 35.58 -11.12 -83.60
CA ARG N 70 35.68 -9.95 -84.49
C ARG N 70 36.87 -9.09 -84.19
N PHE N 71 37.19 -8.95 -82.91
CA PHE N 71 38.26 -8.07 -82.50
C PHE N 71 39.65 -8.75 -82.47
N SER N 72 39.71 -9.97 -82.96
CA SER N 72 41.00 -10.63 -83.13
C SER N 72 41.07 -11.27 -84.52
N ALA N 73 40.20 -10.80 -85.41
CA ALA N 73 40.06 -11.37 -86.75
C ALA N 73 41.32 -11.19 -87.55
N PRO N 74 41.83 -12.32 -88.10
CA PRO N 74 43.07 -12.35 -88.87
C PRO N 74 42.92 -11.54 -90.16
N GLY N 75 43.94 -10.76 -90.46
CA GLY N 75 43.98 -10.06 -91.73
C GLY N 75 43.29 -8.71 -91.75
N LEU N 76 42.68 -8.33 -90.62
CA LEU N 76 42.05 -7.03 -90.54
C LEU N 76 42.77 -6.17 -89.53
N ASN N 77 42.82 -4.88 -89.80
CA ASN N 77 43.32 -3.94 -88.82
C ASN N 77 42.23 -3.61 -87.83
N ALA N 78 42.55 -2.80 -86.84
CA ALA N 78 41.59 -2.50 -85.79
C ALA N 78 40.37 -1.81 -86.37
N ARG N 79 40.57 -0.79 -87.21
CA ARG N 79 39.44 -0.08 -87.81
C ARG N 79 38.54 -1.06 -88.56
N GLU N 80 39.12 -1.98 -89.32
CA GLU N 80 38.26 -2.93 -90.02
C GLU N 80 37.51 -3.85 -89.05
N ARG N 81 38.16 -4.19 -87.95
CA ARG N 81 37.55 -5.02 -86.92
C ARG N 81 36.42 -4.28 -86.19
N LEU N 82 36.72 -3.09 -85.67
CA LEU N 82 35.73 -2.27 -84.99
C LEU N 82 34.52 -2.08 -85.87
N MET N 83 34.74 -1.76 -87.14
CA MET N 83 33.62 -1.54 -88.05
C MET N 83 32.90 -2.84 -88.40
N SER N 84 33.56 -3.99 -88.26
CA SER N 84 32.91 -5.26 -88.59
C SER N 84 31.72 -5.54 -87.67
N TYR N 85 31.84 -4.99 -86.45
CA TYR N 85 30.83 -5.04 -85.38
C TYR N 85 29.63 -4.14 -85.67
N TRP N 86 29.89 -2.85 -85.87
CA TRP N 86 28.79 -1.94 -86.18
C TRP N 86 28.04 -2.39 -87.44
N GLN N 87 28.78 -2.91 -88.40
CA GLN N 87 28.18 -3.42 -89.62
C GLN N 87 27.29 -4.61 -89.30
N LYS N 88 27.72 -5.52 -88.41
CA LYS N 88 26.89 -6.67 -88.08
C LYS N 88 25.55 -6.19 -87.51
N TRP N 89 25.63 -5.21 -86.64
CA TRP N 89 24.46 -4.62 -86.02
C TRP N 89 23.50 -4.06 -87.04
N LEU N 90 24.02 -3.35 -88.03
CA LEU N 90 23.14 -2.78 -89.06
C LEU N 90 22.54 -3.86 -89.96
N ASP N 91 23.35 -4.83 -90.34
CA ASP N 91 22.93 -5.85 -91.28
C ASP N 91 21.87 -6.79 -90.69
N ASN N 92 22.26 -7.64 -89.75
CA ASN N 92 21.37 -8.72 -89.27
C ASN N 92 20.33 -8.28 -88.24
N ALA N 93 20.35 -7.00 -87.95
CA ALA N 93 19.29 -6.39 -87.19
C ALA N 93 18.63 -5.48 -88.17
N CYS N 94 18.07 -6.06 -89.22
CA CYS N 94 17.06 -5.32 -89.93
C CYS N 94 15.93 -5.30 -88.87
N PRO N 95 15.36 -4.10 -88.62
CA PRO N 95 14.38 -3.72 -87.55
C PRO N 95 12.84 -3.91 -87.65
N PRO N 96 12.24 -3.99 -88.87
CA PRO N 96 10.79 -4.03 -89.09
C PRO N 96 9.83 -5.20 -88.68
N CYS N 97 10.31 -6.31 -88.17
CA CYS N 97 9.35 -7.29 -87.70
C CYS N 97 9.33 -7.17 -86.21
N ASP N 98 8.92 -8.25 -85.55
CA ASP N 98 8.98 -8.31 -84.09
C ASP N 98 10.27 -8.95 -83.52
N GLU N 99 11.00 -9.62 -84.40
CA GLU N 99 12.25 -10.20 -83.95
C GLU N 99 13.38 -9.18 -83.88
N GLN N 100 14.38 -9.63 -83.13
CA GLN N 100 15.50 -8.82 -82.72
C GLN N 100 16.50 -9.85 -82.26
N ARG N 101 17.74 -9.46 -82.37
CA ARG N 101 18.80 -10.30 -81.93
C ARG N 101 19.08 -9.78 -80.51
N CYS N 102 18.93 -8.48 -80.33
CA CYS N 102 19.45 -7.81 -79.13
C CYS N 102 18.50 -7.64 -77.94
N LEU N 103 18.81 -8.37 -76.88
CA LEU N 103 18.06 -8.34 -75.62
C LEU N 103 18.27 -7.06 -74.82
N VAL N 104 19.42 -6.40 -74.97
CA VAL N 104 19.64 -5.16 -74.24
C VAL N 104 18.65 -4.12 -74.72
N VAL N 105 18.35 -4.12 -76.00
CA VAL N 105 17.37 -3.16 -76.50
C VAL N 105 15.96 -3.60 -76.11
N LYS N 106 15.68 -4.89 -76.23
CA LYS N 106 14.33 -5.42 -76.01
C LYS N 106 13.86 -5.44 -74.54
N LEU N 107 14.77 -5.84 -73.64
CA LEU N 107 14.43 -6.10 -72.25
C LEU N 107 14.83 -5.02 -71.23
N SER N 108 15.82 -4.17 -71.53
CA SER N 108 16.31 -3.25 -70.50
C SER N 108 15.26 -2.45 -69.77
N ALA N 109 14.53 -1.57 -70.44
CA ALA N 109 13.60 -0.71 -69.70
C ALA N 109 12.51 -1.54 -69.00
N GLU N 110 12.08 -2.63 -69.63
CA GLU N 110 11.01 -3.48 -69.08
C GLU N 110 11.49 -4.18 -67.83
N VAL N 111 12.65 -4.81 -67.94
CA VAL N 111 13.16 -5.65 -66.89
C VAL N 111 13.84 -4.84 -65.78
N ALA N 112 14.33 -3.64 -66.10
CA ALA N 112 15.06 -2.83 -65.14
C ALA N 112 14.32 -2.60 -63.84
N ASP N 113 13.04 -2.29 -63.92
CA ASP N 113 12.34 -1.92 -62.70
C ASP N 113 11.69 -3.13 -62.03
N LEU N 114 11.86 -4.29 -62.65
CA LEU N 114 11.05 -5.45 -62.34
C LEU N 114 11.85 -6.56 -61.69
N SER N 115 13.09 -6.76 -62.12
CA SER N 115 13.90 -7.84 -61.56
C SER N 115 15.28 -7.33 -61.26
N GLU N 116 15.71 -7.42 -60.01
CA GLU N 116 17.05 -6.98 -59.69
C GLU N 116 18.10 -7.85 -60.33
N SER N 117 17.89 -9.17 -60.31
CA SER N 117 18.91 -10.03 -60.86
C SER N 117 19.04 -9.85 -62.38
N MET N 118 17.90 -9.71 -63.08
CA MET N 118 18.00 -9.52 -64.53
C MET N 118 18.61 -8.15 -64.83
N ARG N 119 18.17 -7.11 -64.14
CA ARG N 119 18.79 -5.79 -64.30
C ARG N 119 20.33 -5.86 -64.17
N ILE N 120 20.82 -6.60 -63.17
CA ILE N 120 22.26 -6.69 -62.95
C ILE N 120 22.96 -7.36 -64.13
N THR N 121 22.35 -8.41 -64.64
CA THR N 121 22.94 -9.18 -65.73
C THR N 121 23.10 -8.32 -66.98
N LEU N 122 22.08 -7.53 -67.25
CA LEU N 122 22.06 -6.56 -68.33
C LEU N 122 23.14 -5.49 -68.09
N ARG N 123 23.27 -5.03 -66.86
CA ARG N 123 24.27 -4.01 -66.60
C ARG N 123 25.69 -4.58 -66.81
N ASP N 124 25.98 -5.74 -66.24
CA ASP N 124 27.33 -6.31 -66.34
C ASP N 124 27.62 -6.64 -67.79
N GLY N 125 26.62 -7.17 -68.47
CA GLY N 125 26.76 -7.55 -69.86
C GLY N 125 27.05 -6.34 -70.72
N SER N 126 26.30 -5.27 -70.51
CA SER N 126 26.50 -4.05 -71.29
C SER N 126 27.89 -3.53 -70.99
N ASP N 127 28.30 -3.64 -69.74
CA ASP N 127 29.62 -3.22 -69.36
C ASP N 127 30.66 -4.00 -70.14
N GLY N 128 30.41 -5.29 -70.36
CA GLY N 128 31.35 -6.11 -71.10
C GLY N 128 31.48 -5.68 -72.54
N ILE N 129 30.36 -5.26 -73.10
CA ILE N 129 30.31 -4.78 -74.45
C ILE N 129 31.12 -3.51 -74.56
N ILE N 130 30.87 -2.53 -73.70
CA ILE N 130 31.65 -1.30 -73.78
C ILE N 130 33.15 -1.59 -73.68
N GLU N 131 33.53 -2.48 -72.77
CA GLU N 131 34.95 -2.82 -72.55
C GLU N 131 35.64 -3.39 -73.82
N ARG N 132 35.00 -4.33 -74.48
CA ARG N 132 35.56 -4.86 -75.71
C ARG N 132 35.71 -3.80 -76.77
N LEU N 133 34.78 -2.86 -76.84
CA LEU N 133 34.89 -1.76 -77.79
C LEU N 133 36.12 -0.91 -77.45
N VAL N 134 36.31 -0.67 -76.16
CA VAL N 134 37.47 0.05 -75.66
C VAL N 134 38.77 -0.64 -76.06
N GLY N 135 38.82 -1.96 -75.96
CA GLY N 135 40.00 -2.73 -76.33
C GLY N 135 40.36 -2.65 -77.81
N CYS N 136 39.33 -2.63 -78.63
CA CYS N 136 39.51 -2.59 -80.07
C CYS N 136 39.92 -1.20 -80.48
N LEU N 137 39.30 -0.22 -79.86
CA LEU N 137 39.61 1.19 -80.04
C LEU N 137 41.08 1.37 -79.68
N GLY N 138 41.50 0.66 -78.63
CA GLY N 138 42.88 0.73 -78.18
C GLY N 138 43.83 0.17 -79.23
N GLN N 139 43.43 -0.93 -79.87
CA GLN N 139 44.24 -1.51 -80.93
C GLN N 139 44.48 -0.58 -82.10
N GLY N 140 43.53 0.30 -82.37
CA GLY N 140 43.61 1.20 -83.51
C GLY N 140 44.45 2.42 -83.22
N ARG N 141 44.53 2.78 -81.96
CA ARG N 141 45.44 3.83 -81.56
C ARG N 141 46.83 3.21 -81.58
N ASP N 142 46.89 1.89 -81.43
CA ASP N 142 48.17 1.18 -81.51
C ASP N 142 48.62 0.90 -82.96
N ASP N 143 47.69 0.64 -83.88
CA ASP N 143 48.13 0.34 -85.23
C ASP N 143 47.76 1.47 -86.21
N GLY N 144 47.38 2.62 -85.68
CA GLY N 144 47.19 3.78 -86.51
C GLY N 144 45.94 3.80 -87.38
N SER N 145 45.19 2.70 -87.40
CA SER N 145 43.94 2.62 -88.17
C SER N 145 42.84 3.57 -87.66
N LEU N 146 42.88 3.91 -86.36
CA LEU N 146 41.87 4.77 -85.74
C LEU N 146 42.51 5.90 -85.00
N ALA N 147 41.86 7.05 -85.03
CA ALA N 147 42.35 8.27 -84.38
C ALA N 147 42.51 8.16 -82.85
N PRO N 148 43.30 9.09 -82.27
CA PRO N 148 43.33 9.13 -80.81
C PRO N 148 42.00 9.63 -80.31
N CYS N 149 41.60 9.19 -79.12
CA CYS N 149 40.35 9.64 -78.49
C CYS N 149 40.41 9.15 -77.06
N ASP N 150 39.44 9.54 -76.26
CA ASP N 150 39.26 8.91 -74.96
C ASP N 150 38.57 7.58 -75.23
N ALA N 151 39.31 6.46 -75.14
CA ALA N 151 38.72 5.18 -75.53
C ALA N 151 37.43 4.85 -74.77
N ARG N 152 37.44 5.08 -73.47
CA ARG N 152 36.26 4.75 -72.68
C ARG N 152 35.08 5.65 -73.00
N HIS N 153 35.33 6.93 -73.29
CA HIS N 153 34.24 7.83 -73.63
C HIS N 153 33.67 7.56 -75.01
N MET N 154 34.55 7.25 -75.96
CA MET N 154 34.09 7.04 -77.32
C MET N 154 33.27 5.77 -77.39
N ALA N 155 33.76 4.70 -76.78
CA ALA N 155 33.01 3.46 -76.84
C ALA N 155 31.61 3.65 -76.25
N SER N 156 31.51 4.36 -75.13
CA SER N 156 30.20 4.57 -74.52
C SER N 156 29.25 5.38 -75.37
N ALA N 157 29.70 6.52 -75.89
CA ALA N 157 28.81 7.35 -76.70
C ALA N 157 28.40 6.60 -77.95
N LEU N 158 29.31 5.81 -78.51
CA LEU N 158 28.93 5.03 -79.68
C LEU N 158 27.87 4.01 -79.31
N TYR N 159 28.08 3.26 -78.24
CA TYR N 159 27.14 2.22 -77.85
C TYR N 159 25.80 2.82 -77.49
N GLN N 160 25.82 3.95 -76.81
CA GLN N 160 24.58 4.66 -76.52
C GLN N 160 23.86 5.02 -77.82
N LEU N 161 24.63 5.52 -78.79
CA LEU N 161 24.08 5.99 -80.06
C LEU N 161 23.37 4.84 -80.77
N TRP N 162 24.02 3.69 -80.82
CA TRP N 162 23.44 2.51 -81.47
C TRP N 162 22.27 1.86 -80.73
N LEU N 163 22.30 1.92 -79.39
CA LEU N 163 21.21 1.40 -78.57
C LEU N 163 19.99 2.27 -78.87
N GLY N 164 20.18 3.59 -78.84
CA GLY N 164 19.11 4.51 -79.17
C GLY N 164 18.59 4.35 -80.59
N ALA N 165 19.51 4.10 -81.52
CA ALA N 165 19.14 3.88 -82.90
C ALA N 165 18.25 2.64 -83.01
N SER N 166 18.60 1.57 -82.29
CA SER N 166 17.80 0.35 -82.32
C SER N 166 16.35 0.54 -81.84
N LEU N 167 16.15 1.36 -80.83
CA LEU N 167 14.82 1.64 -80.34
C LEU N 167 13.98 2.28 -81.45
N LEU N 168 14.49 3.39 -81.98
CA LEU N 168 13.78 4.12 -83.03
C LEU N 168 13.58 3.24 -84.26
N SER N 169 14.51 2.33 -84.48
CA SER N 169 14.34 1.43 -85.59
C SER N 169 13.11 0.56 -85.34
N LYS N 170 12.90 0.14 -84.10
CA LYS N 170 11.77 -0.72 -83.77
C LYS N 170 10.44 0.01 -83.95
N LEU N 171 10.45 1.29 -83.61
CA LEU N 171 9.29 2.15 -83.74
C LEU N 171 8.94 2.38 -85.19
N HIS N 172 9.97 2.40 -86.03
CA HIS N 172 9.75 2.71 -87.44
C HIS N 172 9.67 1.45 -88.25
N ARG N 173 10.13 0.34 -87.66
CA ARG N 173 10.25 -0.86 -88.42
C ARG N 173 11.05 -0.59 -89.68
N SER N 174 12.15 0.14 -89.54
CA SER N 174 12.99 0.49 -90.67
C SER N 174 14.42 0.42 -90.22
N PRO N 175 15.34 0.11 -91.11
CA PRO N 175 16.73 0.16 -90.66
C PRO N 175 17.22 1.60 -90.80
N GLY N 176 16.32 2.50 -91.13
CA GLY N 176 16.67 3.91 -91.31
C GLY N 176 17.52 4.55 -90.23
N PRO N 177 17.05 4.56 -88.97
CA PRO N 177 17.81 5.18 -87.88
C PRO N 177 19.17 4.51 -87.65
N LEU N 178 19.30 3.22 -87.98
CA LEU N 178 20.58 2.56 -87.81
C LEU N 178 21.56 3.08 -88.84
N GLU N 179 21.05 3.39 -90.03
CA GLU N 179 21.85 3.99 -91.07
C GLU N 179 22.32 5.36 -90.59
N THR N 180 21.47 6.13 -89.93
CA THR N 180 21.90 7.40 -89.32
C THR N 180 23.05 7.20 -88.35
N ALA N 181 22.94 6.16 -87.53
CA ALA N 181 23.93 5.89 -86.50
C ALA N 181 25.28 5.67 -87.14
N MET N 182 25.30 4.79 -88.13
CA MET N 182 26.52 4.42 -88.87
C MET N 182 27.25 5.64 -89.47
N GLN N 183 26.48 6.54 -90.07
CA GLN N 183 27.05 7.77 -90.56
C GLN N 183 27.64 8.57 -89.39
N THR N 184 26.85 8.77 -88.34
CA THR N 184 27.31 9.49 -87.13
C THR N 184 28.50 8.79 -86.48
N THR N 185 28.50 7.47 -86.55
CA THR N 185 29.59 6.66 -86.03
C THR N 185 30.85 6.97 -86.79
N ARG N 186 30.77 6.92 -88.13
CA ARG N 186 31.96 7.23 -88.94
C ARG N 186 32.49 8.62 -88.71
N SER N 187 31.60 9.60 -88.69
CA SER N 187 31.98 10.99 -88.49
C SER N 187 32.73 11.14 -87.15
N LEU N 188 32.35 10.35 -86.15
CA LEU N 188 33.00 10.41 -84.84
C LEU N 188 34.39 9.75 -84.87
N LEU N 189 34.49 8.58 -85.51
CA LEU N 189 35.75 7.84 -85.63
C LEU N 189 36.75 8.24 -86.72
N GLU N 190 36.96 9.54 -86.91
CA GLU N 190 37.85 10.11 -87.93
C GLU N 190 37.61 11.60 -88.00
N SER O 1 21.45 -49.66 -44.82
CA SER O 1 21.54 -48.19 -44.84
C SER O 1 20.49 -47.62 -45.79
N TYR O 2 19.89 -48.53 -46.55
CA TYR O 2 18.66 -48.24 -47.23
C TYR O 2 17.62 -48.23 -46.12
N ASP O 3 17.67 -49.24 -45.26
CA ASP O 3 16.67 -49.35 -44.20
C ASP O 3 16.65 -48.14 -43.27
N ASP O 4 17.83 -47.60 -42.99
CA ASP O 4 17.93 -46.38 -42.20
C ASP O 4 17.20 -45.23 -42.86
N THR O 5 17.51 -44.99 -44.13
CA THR O 5 16.81 -43.97 -44.91
C THR O 5 15.28 -44.17 -45.05
N ARG O 6 14.79 -45.39 -45.33
CA ARG O 6 13.33 -45.59 -45.37
C ARG O 6 12.71 -45.13 -44.06
N GLN O 7 13.36 -45.51 -42.96
CA GLN O 7 12.87 -45.16 -41.64
C GLN O 7 12.96 -43.67 -41.37
N HIS O 8 14.01 -43.00 -41.83
CA HIS O 8 14.11 -41.56 -41.61
C HIS O 8 12.97 -40.86 -42.35
N LEU O 9 12.62 -41.37 -43.52
CA LEU O 9 11.52 -40.82 -44.31
C LEU O 9 10.23 -41.01 -43.52
N LEU O 10 10.03 -42.21 -42.97
CA LEU O 10 8.87 -42.50 -42.16
C LEU O 10 8.85 -41.55 -40.97
N ASP O 11 10.00 -41.37 -40.34
CA ASP O 11 10.10 -40.50 -39.17
C ASP O 11 9.75 -39.07 -39.58
N THR O 12 10.33 -38.63 -40.68
CA THR O 12 10.10 -37.27 -41.17
C THR O 12 8.64 -37.06 -41.60
N GLY O 13 8.07 -38.08 -42.23
CA GLY O 13 6.69 -38.01 -42.66
C GLY O 13 5.80 -37.79 -41.46
N TYR O 14 6.06 -38.52 -40.40
CA TYR O 14 5.27 -38.40 -39.19
C TYR O 14 5.32 -36.99 -38.61
N ARG O 15 6.53 -36.48 -38.47
CA ARG O 15 6.77 -35.16 -37.90
C ARG O 15 5.97 -34.08 -38.64
N ILE O 16 5.94 -34.17 -39.96
CA ILE O 16 5.26 -33.19 -40.77
C ILE O 16 3.76 -33.44 -40.90
N MET O 17 3.36 -34.69 -41.07
CA MET O 17 1.94 -34.96 -41.24
C MET O 17 1.13 -34.70 -40.01
N ALA O 18 1.74 -34.88 -38.84
CA ALA O 18 1.07 -34.57 -37.59
C ALA O 18 0.58 -33.11 -37.55
N VAL O 19 1.26 -32.25 -38.32
CA VAL O 19 0.84 -30.86 -38.41
C VAL O 19 0.05 -30.57 -39.64
N LYS O 20 0.53 -30.98 -40.80
CA LYS O 20 -0.10 -30.50 -42.02
C LYS O 20 -1.18 -31.43 -42.55
N GLY O 21 -1.31 -32.60 -41.94
CA GLY O 21 -2.30 -33.56 -42.43
C GLY O 21 -1.70 -34.43 -43.52
N PHE O 22 -2.54 -35.13 -44.29
CA PHE O 22 -2.05 -36.02 -45.33
C PHE O 22 -2.01 -35.33 -46.68
N SER O 23 -3.15 -34.78 -47.07
CA SER O 23 -3.23 -34.06 -48.31
C SER O 23 -2.38 -32.80 -48.26
N GLY O 24 -2.11 -32.27 -47.07
CA GLY O 24 -1.43 -31.00 -46.98
C GLY O 24 0.09 -31.06 -46.98
N VAL O 25 0.66 -32.26 -47.02
CA VAL O 25 2.11 -32.34 -47.18
C VAL O 25 2.37 -32.89 -48.56
N GLY O 26 3.49 -32.47 -49.11
CA GLY O 26 3.93 -32.98 -50.38
C GLY O 26 5.15 -33.86 -50.26
N LEU O 27 5.34 -34.67 -51.28
CA LEU O 27 6.48 -35.54 -51.35
C LEU O 27 7.76 -34.75 -51.27
N ASN O 28 7.78 -33.59 -51.91
CA ASN O 28 9.00 -32.85 -52.00
C ASN O 28 9.51 -32.44 -50.64
N GLU O 29 8.61 -31.90 -49.82
CA GLU O 29 8.95 -31.41 -48.47
C GLU O 29 9.48 -32.53 -47.59
N ILE O 30 8.83 -33.69 -47.69
CA ILE O 30 9.27 -34.84 -46.91
C ILE O 30 10.67 -35.20 -47.37
N LEU O 31 10.86 -35.28 -48.68
CA LEU O 31 12.18 -35.61 -49.20
C LEU O 31 13.20 -34.55 -48.79
N GLN O 32 12.86 -33.26 -48.90
CA GLN O 32 13.81 -32.21 -48.51
C GLN O 32 14.16 -32.28 -47.02
N SER O 33 13.17 -32.40 -46.15
CA SER O 33 13.43 -32.42 -44.72
C SER O 33 14.30 -33.60 -44.27
N ALA O 34 14.26 -34.68 -45.03
CA ALA O 34 15.01 -35.88 -44.69
C ALA O 34 16.33 -36.04 -45.45
N GLY O 35 16.64 -35.12 -46.36
CA GLY O 35 17.86 -35.21 -47.15
C GLY O 35 17.89 -36.29 -48.21
N VAL O 36 16.76 -36.56 -48.83
CA VAL O 36 16.65 -37.58 -49.85
C VAL O 36 16.42 -36.89 -51.20
N PRO O 37 17.04 -37.40 -52.27
CA PRO O 37 16.84 -36.65 -53.50
C PRO O 37 15.40 -36.72 -53.98
N LYS O 38 14.99 -35.63 -54.62
CA LYS O 38 13.62 -35.42 -55.06
C LYS O 38 13.09 -36.61 -55.92
N GLY O 39 13.96 -37.12 -56.79
CA GLY O 39 13.65 -38.26 -57.66
C GLY O 39 13.58 -39.66 -57.03
N SER O 40 14.12 -39.76 -55.83
CA SER O 40 14.30 -41.04 -55.17
C SER O 40 13.09 -41.68 -54.48
N PHE O 41 12.00 -40.94 -54.32
CA PHE O 41 10.89 -41.39 -53.49
C PHE O 41 10.38 -42.81 -53.81
N TYR O 42 10.28 -43.15 -55.08
CA TYR O 42 9.66 -44.43 -55.42
C TYR O 42 10.62 -45.59 -55.27
N HIS O 43 11.82 -45.28 -54.83
CA HIS O 43 12.79 -46.28 -54.43
C HIS O 43 12.45 -46.84 -53.07
N TYR O 44 11.79 -46.01 -52.25
CA TYR O 44 11.45 -46.43 -50.91
C TYR O 44 9.98 -46.80 -50.72
N PHE O 45 9.09 -46.22 -51.53
CA PHE O 45 7.64 -46.51 -51.41
C PHE O 45 6.93 -46.61 -52.76
N LYS O 46 5.84 -47.35 -52.78
CA LYS O 46 5.12 -47.61 -54.01
C LYS O 46 4.20 -46.45 -54.43
N SER O 47 3.71 -45.70 -53.45
CA SER O 47 2.81 -44.55 -53.69
C SER O 47 2.76 -43.69 -52.43
N LYS O 48 2.17 -42.50 -52.51
CA LYS O 48 2.03 -41.70 -51.30
C LYS O 48 1.12 -42.42 -50.33
N GLU O 49 0.09 -43.06 -50.88
CA GLU O 49 -0.83 -43.82 -50.05
C GLU O 49 -0.07 -44.91 -49.31
N GLN O 50 0.82 -45.63 -49.99
CA GLN O 50 1.51 -46.69 -49.27
C GLN O 50 2.44 -46.12 -48.21
N PHE O 51 3.03 -44.97 -48.51
CA PHE O 51 3.89 -44.27 -47.56
C PHE O 51 3.08 -43.98 -46.30
N GLY O 52 1.85 -43.52 -46.51
CA GLY O 52 0.90 -43.27 -45.44
C GLY O 52 0.65 -44.44 -44.53
N GLN O 53 0.41 -45.61 -45.12
CA GLN O 53 0.19 -46.82 -44.34
C GLN O 53 1.42 -47.21 -43.54
N ALA O 54 2.58 -47.16 -44.19
CA ALA O 54 3.83 -47.51 -43.55
C ALA O 54 4.01 -46.63 -42.34
N LEU O 55 3.77 -45.35 -42.57
CA LEU O 55 3.87 -44.32 -41.55
C LEU O 55 2.90 -44.65 -40.39
N LEU O 56 1.64 -44.93 -40.68
CA LEU O 56 0.72 -45.27 -39.61
C LEU O 56 1.05 -46.57 -38.87
N GLU O 57 1.35 -47.63 -39.62
CA GLU O 57 1.69 -48.92 -39.03
C GLU O 57 2.87 -48.84 -38.08
N ASP O 58 3.88 -48.10 -38.49
CA ASP O 58 5.05 -47.96 -37.65
C ASP O 58 4.65 -47.17 -36.42
N TYR O 59 3.82 -46.16 -36.59
CA TYR O 59 3.35 -45.30 -35.48
C TYR O 59 2.66 -46.10 -34.41
N PHE O 60 1.69 -46.93 -34.81
CA PHE O 60 0.97 -47.77 -33.86
C PHE O 60 1.87 -48.86 -33.25
N ARG O 61 2.83 -49.34 -34.03
CA ARG O 61 3.76 -50.35 -33.56
C ARG O 61 4.50 -49.78 -32.36
N VAL O 62 5.04 -48.58 -32.52
CA VAL O 62 5.75 -47.90 -31.45
C VAL O 62 4.81 -47.48 -30.32
N TYR O 63 3.62 -47.01 -30.67
CA TYR O 63 2.63 -46.55 -29.69
C TYR O 63 2.17 -47.70 -28.80
N LEU O 64 1.73 -48.80 -29.42
CA LEU O 64 1.24 -49.95 -28.68
C LEU O 64 2.34 -50.62 -27.86
N ALA O 65 3.55 -50.60 -28.39
CA ALA O 65 4.71 -51.14 -27.68
C ALA O 65 4.94 -50.37 -26.38
N ASP O 66 4.84 -49.05 -26.47
CA ASP O 66 4.99 -48.16 -25.34
C ASP O 66 3.89 -48.37 -24.30
N MET O 67 2.67 -48.55 -24.79
CA MET O 67 1.56 -48.85 -23.91
C MET O 67 1.81 -50.09 -23.08
N ASP O 68 2.36 -51.11 -23.74
CA ASP O 68 2.70 -52.35 -23.07
C ASP O 68 3.74 -52.13 -21.94
N GLN O 69 4.74 -51.28 -22.20
CA GLN O 69 5.73 -50.89 -21.19
C GLN O 69 5.07 -50.19 -19.99
N ARG O 70 4.25 -49.20 -20.28
CA ARG O 70 3.59 -48.37 -19.28
C ARG O 70 2.66 -49.17 -18.36
N PHE O 71 1.91 -50.11 -18.96
CA PHE O 71 0.96 -50.99 -18.27
C PHE O 71 1.64 -52.24 -17.71
N SER O 72 2.97 -52.25 -17.77
CA SER O 72 3.78 -53.31 -17.23
C SER O 72 4.85 -52.68 -16.36
N ALA O 73 4.57 -51.46 -15.93
CA ALA O 73 5.52 -50.67 -15.12
C ALA O 73 5.75 -51.31 -13.75
N PRO O 74 7.03 -51.50 -13.40
CA PRO O 74 7.38 -52.10 -12.12
C PRO O 74 7.00 -51.21 -10.95
N GLY O 75 6.36 -51.76 -9.92
CA GLY O 75 6.11 -51.03 -8.69
C GLY O 75 4.83 -50.21 -8.63
N LEU O 76 4.07 -50.23 -9.72
CA LEU O 76 2.81 -49.51 -9.79
C LEU O 76 1.65 -50.50 -9.93
N ASN O 77 0.52 -50.21 -9.31
CA ASN O 77 -0.68 -51.02 -9.53
C ASN O 77 -1.38 -50.56 -10.78
N ALA O 78 -2.47 -51.22 -11.10
CA ALA O 78 -3.19 -50.93 -12.34
C ALA O 78 -3.73 -49.51 -12.38
N ARG O 79 -4.33 -49.07 -11.28
CA ARG O 79 -4.86 -47.72 -11.22
C ARG O 79 -3.79 -46.71 -11.54
N GLU O 80 -2.65 -46.86 -10.89
CA GLU O 80 -1.57 -45.91 -11.09
C GLU O 80 -1.02 -45.99 -12.50
N ARG O 81 -0.95 -47.20 -13.06
CA ARG O 81 -0.45 -47.37 -14.44
C ARG O 81 -1.38 -46.75 -15.45
N LEU O 82 -2.64 -47.13 -15.37
CA LEU O 82 -3.70 -46.61 -16.21
C LEU O 82 -3.75 -45.08 -16.16
N MET O 83 -3.63 -44.51 -14.98
CA MET O 83 -3.72 -43.08 -14.87
C MET O 83 -2.48 -42.45 -15.49
N SER O 84 -1.38 -43.19 -15.51
CA SER O 84 -0.15 -42.67 -16.10
C SER O 84 -0.31 -42.47 -17.61
N TYR O 85 -1.16 -43.28 -18.21
CA TYR O 85 -1.46 -43.14 -19.62
C TYR O 85 -2.28 -41.88 -19.85
N TRP O 86 -3.42 -41.78 -19.17
CA TRP O 86 -4.22 -40.58 -19.32
C TRP O 86 -3.45 -39.32 -18.93
N GLN O 87 -2.60 -39.39 -17.91
CA GLN O 87 -1.80 -38.23 -17.50
C GLN O 87 -0.83 -37.87 -18.60
N LYS O 88 -0.24 -38.86 -19.24
CA LYS O 88 0.72 -38.59 -20.31
C LYS O 88 0.05 -37.76 -21.41
N TRP O 89 -1.16 -38.17 -21.78
CA TRP O 89 -1.92 -37.53 -22.83
C TRP O 89 -2.14 -36.06 -22.46
N LEU O 90 -2.48 -35.83 -21.20
CA LEU O 90 -2.67 -34.48 -20.71
C LEU O 90 -1.35 -33.74 -20.63
N ASP O 91 -0.31 -34.43 -20.16
CA ASP O 91 0.97 -33.75 -19.92
C ASP O 91 1.59 -33.25 -21.20
N ASN O 92 1.88 -34.17 -22.11
CA ASN O 92 2.62 -33.80 -23.32
C ASN O 92 1.74 -33.12 -24.35
N ALA O 93 0.50 -32.87 -23.96
CA ALA O 93 -0.34 -32.01 -24.74
C ALA O 93 -0.69 -30.73 -24.02
N CYS O 94 0.27 -30.10 -23.36
CA CYS O 94 0.03 -28.69 -23.10
C CYS O 94 0.27 -28.17 -24.54
N PRO O 95 -0.54 -27.18 -24.97
CA PRO O 95 -0.61 -26.66 -26.36
C PRO O 95 0.47 -25.72 -26.97
N PRO O 96 1.67 -25.55 -26.33
CA PRO O 96 2.75 -25.03 -27.20
C PRO O 96 3.10 -26.16 -28.17
N CYS O 97 2.49 -27.32 -27.91
CA CYS O 97 2.56 -28.48 -28.78
C CYS O 97 1.20 -28.69 -29.57
N ASP O 98 1.12 -28.02 -30.72
CA ASP O 98 0.10 -28.22 -31.79
C ASP O 98 0.67 -29.21 -32.84
N GLU O 99 1.98 -29.46 -32.70
CA GLU O 99 2.77 -30.47 -33.38
C GLU O 99 2.45 -31.76 -32.65
N GLN O 100 1.15 -31.97 -32.41
CA GLN O 100 0.67 -33.01 -31.52
C GLN O 100 1.13 -34.31 -32.13
N ARG O 101 1.34 -35.29 -31.27
CA ARG O 101 1.81 -36.54 -31.77
C ARG O 101 0.65 -37.41 -32.21
N CYS O 102 -0.60 -37.09 -31.90
CA CYS O 102 -1.58 -38.16 -32.08
C CYS O 102 -2.18 -38.18 -33.47
N LEU O 103 -1.80 -39.20 -34.23
CA LEU O 103 -2.24 -39.40 -35.58
C LEU O 103 -3.67 -39.84 -35.65
N VAL O 104 -4.17 -40.45 -34.58
CA VAL O 104 -5.57 -40.83 -34.59
C VAL O 104 -6.41 -39.57 -34.62
N VAL O 105 -5.99 -38.56 -33.86
CA VAL O 105 -6.72 -37.31 -33.82
C VAL O 105 -6.53 -36.51 -35.10
N LYS O 106 -5.30 -36.41 -35.58
CA LYS O 106 -5.01 -35.60 -36.74
C LYS O 106 -5.56 -36.16 -38.03
N LEU O 107 -5.48 -37.47 -38.19
CA LEU O 107 -5.72 -38.07 -39.52
C LEU O 107 -7.05 -38.76 -39.76
N SER O 108 -7.70 -39.26 -38.72
CA SER O 108 -8.87 -40.12 -38.89
C SER O 108 -9.88 -39.58 -39.86
N ALA O 109 -10.49 -38.44 -39.54
CA ALA O 109 -11.57 -37.88 -40.37
C ALA O 109 -11.14 -37.55 -41.80
N GLU O 110 -9.90 -37.08 -41.96
CA GLU O 110 -9.39 -36.65 -43.26
C GLU O 110 -9.24 -37.87 -44.15
N VAL O 111 -8.62 -38.88 -43.58
CA VAL O 111 -8.19 -40.06 -44.28
C VAL O 111 -9.30 -41.11 -44.45
N ALA O 112 -10.27 -41.12 -43.56
CA ALA O 112 -11.30 -42.15 -43.54
C ALA O 112 -12.05 -42.33 -44.84
N ASP O 113 -12.39 -41.25 -45.52
CA ASP O 113 -13.14 -41.38 -46.76
C ASP O 113 -12.24 -41.46 -47.99
N LEU O 114 -10.93 -41.45 -47.76
CA LEU O 114 -9.97 -41.17 -48.83
C LEU O 114 -9.11 -42.35 -49.22
N SER O 115 -8.69 -43.10 -48.23
CA SER O 115 -7.79 -44.25 -48.40
C SER O 115 -8.27 -45.42 -47.57
N GLU O 116 -8.74 -46.49 -48.20
CA GLU O 116 -9.18 -47.65 -47.43
C GLU O 116 -8.03 -48.26 -46.61
N SER O 117 -6.85 -48.28 -47.19
CA SER O 117 -5.74 -48.87 -46.50
C SER O 117 -5.39 -48.08 -45.24
N MET O 118 -5.41 -46.75 -45.32
CA MET O 118 -5.09 -45.95 -44.14
C MET O 118 -6.25 -46.02 -43.13
N ARG O 119 -7.49 -45.96 -43.63
CA ARG O 119 -8.67 -46.17 -42.77
C ARG O 119 -8.57 -47.42 -41.95
N ILE O 120 -8.27 -48.56 -42.59
CA ILE O 120 -8.16 -49.85 -41.91
C ILE O 120 -7.01 -49.82 -40.91
N THR O 121 -5.88 -49.22 -41.26
CA THR O 121 -4.75 -49.21 -40.36
C THR O 121 -5.09 -48.47 -39.09
N LEU O 122 -5.77 -47.35 -39.27
CA LEU O 122 -6.21 -46.48 -38.18
C LEU O 122 -7.21 -47.22 -37.30
N ARG O 123 -8.15 -47.92 -37.91
CA ARG O 123 -9.17 -48.65 -37.17
C ARG O 123 -8.57 -49.69 -36.25
N ASP O 124 -7.69 -50.49 -36.82
CA ASP O 124 -7.06 -51.58 -36.11
C ASP O 124 -6.13 -51.02 -35.02
N GLY O 125 -5.42 -49.95 -35.36
CA GLY O 125 -4.49 -49.33 -34.43
C GLY O 125 -5.24 -48.82 -33.22
N SER O 126 -6.38 -48.17 -33.44
CA SER O 126 -7.21 -47.66 -32.37
C SER O 126 -7.77 -48.79 -31.54
N ASP O 127 -8.18 -49.86 -32.21
CA ASP O 127 -8.68 -51.04 -31.51
C ASP O 127 -7.65 -51.65 -30.58
N GLY O 128 -6.40 -51.66 -31.01
CA GLY O 128 -5.31 -52.14 -30.19
C GLY O 128 -5.11 -51.25 -28.99
N ILE O 129 -5.39 -49.96 -29.15
CA ILE O 129 -5.27 -49.05 -28.03
C ILE O 129 -6.28 -49.44 -27.00
N ILE O 130 -7.54 -49.55 -27.43
CA ILE O 130 -8.62 -49.90 -26.52
C ILE O 130 -8.38 -51.23 -25.79
N GLU O 131 -7.92 -52.25 -26.50
CA GLU O 131 -7.68 -53.55 -25.89
C GLU O 131 -6.70 -53.46 -24.75
N ARG O 132 -5.59 -52.80 -24.99
CA ARG O 132 -4.59 -52.61 -23.96
C ARG O 132 -5.17 -51.86 -22.76
N LEU O 133 -6.12 -50.95 -23.01
CA LEU O 133 -6.85 -50.28 -21.95
C LEU O 133 -7.75 -51.28 -21.23
N VAL O 134 -8.46 -52.10 -21.99
CA VAL O 134 -9.35 -53.12 -21.41
C VAL O 134 -8.57 -54.05 -20.48
N GLY O 135 -7.36 -54.41 -20.91
CA GLY O 135 -6.50 -55.27 -20.12
C GLY O 135 -6.07 -54.64 -18.82
N CYS O 136 -5.76 -53.35 -18.84
CA CYS O 136 -5.33 -52.69 -17.62
C CYS O 136 -6.50 -52.53 -16.68
N LEU O 137 -7.66 -52.22 -17.22
CA LEU O 137 -8.86 -52.11 -16.40
C LEU O 137 -9.09 -53.42 -15.67
N GLY O 138 -8.86 -54.54 -16.38
CA GLY O 138 -8.99 -55.85 -15.79
C GLY O 138 -7.96 -56.10 -14.68
N GLN O 139 -6.72 -55.67 -14.90
CA GLN O 139 -5.63 -55.85 -13.94
C GLN O 139 -6.00 -55.19 -12.62
N GLY O 140 -6.75 -54.11 -12.71
CA GLY O 140 -7.18 -53.35 -11.54
C GLY O 140 -8.42 -53.94 -10.93
N ARG O 141 -9.21 -54.62 -11.76
CA ARG O 141 -10.37 -55.33 -11.23
C ARG O 141 -9.91 -56.64 -10.58
N ASP O 142 -8.78 -57.16 -11.04
CA ASP O 142 -8.16 -58.33 -10.42
C ASP O 142 -7.31 -57.96 -9.20
N ASP O 143 -6.72 -56.78 -9.19
CA ASP O 143 -5.83 -56.44 -8.07
C ASP O 143 -6.43 -55.39 -7.13
N GLY O 144 -7.71 -55.09 -7.34
CA GLY O 144 -8.46 -54.20 -6.46
C GLY O 144 -8.23 -52.69 -6.60
N SER O 145 -7.30 -52.29 -7.47
CA SER O 145 -6.97 -50.89 -7.70
C SER O 145 -8.10 -50.07 -8.29
N LEU O 146 -8.97 -50.71 -9.08
CA LEU O 146 -10.03 -50.05 -9.83
C LEU O 146 -11.37 -50.72 -9.60
N ALA O 147 -12.43 -49.92 -9.56
CA ALA O 147 -13.79 -50.39 -9.36
C ALA O 147 -14.28 -51.39 -10.41
N PRO O 148 -15.34 -52.13 -10.11
CA PRO O 148 -15.94 -52.98 -11.15
C PRO O 148 -16.61 -52.15 -12.23
N CYS O 149 -16.61 -52.66 -13.46
CA CYS O 149 -17.27 -52.01 -14.58
C CYS O 149 -17.28 -52.99 -15.74
N ASP O 150 -18.05 -52.68 -16.79
CA ASP O 150 -17.95 -53.42 -18.04
C ASP O 150 -16.66 -52.90 -18.69
N ALA O 151 -15.55 -53.62 -18.51
CA ALA O 151 -14.23 -53.11 -18.90
C ALA O 151 -14.16 -52.68 -20.36
N ARG O 152 -14.78 -53.44 -21.25
CA ARG O 152 -14.72 -53.06 -22.65
C ARG O 152 -15.48 -51.77 -22.93
N HIS O 153 -16.62 -51.59 -22.27
CA HIS O 153 -17.43 -50.40 -22.48
C HIS O 153 -16.76 -49.16 -21.91
N MET O 154 -16.10 -49.33 -20.77
CA MET O 154 -15.42 -48.24 -20.11
C MET O 154 -14.23 -47.77 -20.92
N ALA O 155 -13.42 -48.72 -21.38
CA ALA O 155 -12.24 -48.37 -22.17
C ALA O 155 -12.66 -47.66 -23.45
N SER O 156 -13.71 -48.15 -24.10
CA SER O 156 -14.16 -47.48 -25.30
C SER O 156 -14.64 -46.05 -25.03
N ALA O 157 -15.44 -45.84 -23.98
CA ALA O 157 -15.97 -44.50 -23.67
C ALA O 157 -14.88 -43.52 -23.25
N LEU O 158 -13.93 -43.98 -22.46
CA LEU O 158 -12.83 -43.14 -22.04
C LEU O 158 -12.03 -42.70 -23.25
N TYR O 159 -11.75 -43.65 -24.14
CA TYR O 159 -10.94 -43.35 -25.31
C TYR O 159 -11.66 -42.36 -26.19
N GLN O 160 -12.94 -42.57 -26.40
CA GLN O 160 -13.73 -41.62 -27.19
C GLN O 160 -13.63 -40.22 -26.56
N LEU O 161 -13.77 -40.16 -25.23
CA LEU O 161 -13.77 -38.92 -24.49
C LEU O 161 -12.45 -38.16 -24.72
N TRP O 162 -11.32 -38.85 -24.59
CA TRP O 162 -10.06 -38.18 -24.79
C TRP O 162 -9.83 -37.77 -26.23
N LEU O 163 -10.37 -38.54 -27.17
CA LEU O 163 -10.26 -38.22 -28.58
C LEU O 163 -10.92 -36.88 -28.79
N GLY O 164 -12.14 -36.75 -28.30
CA GLY O 164 -12.87 -35.51 -28.42
C GLY O 164 -12.20 -34.35 -27.71
N ALA O 165 -11.63 -34.61 -26.55
CA ALA O 165 -10.93 -33.58 -25.82
C ALA O 165 -9.78 -33.09 -26.68
N SER O 166 -9.09 -34.01 -27.35
CA SER O 166 -7.96 -33.60 -28.16
C SER O 166 -8.38 -32.68 -29.29
N LEU O 167 -9.50 -33.01 -29.92
CA LEU O 167 -10.04 -32.19 -30.99
C LEU O 167 -10.29 -30.79 -30.46
N LEU O 168 -11.04 -30.69 -29.36
CA LEU O 168 -11.35 -29.36 -28.82
C LEU O 168 -10.05 -28.67 -28.37
N SER O 169 -9.08 -29.46 -27.92
CA SER O 169 -7.79 -28.90 -27.54
C SER O 169 -7.10 -28.25 -28.71
N LYS O 170 -7.13 -28.93 -29.87
CA LYS O 170 -6.49 -28.39 -31.07
C LYS O 170 -7.19 -27.11 -31.50
N LEU O 171 -8.49 -27.08 -31.34
CA LEU O 171 -9.29 -25.94 -31.70
C LEU O 171 -9.07 -24.72 -30.80
N HIS O 172 -8.75 -24.93 -29.51
CA HIS O 172 -8.61 -23.79 -28.57
C HIS O 172 -7.17 -23.38 -28.35
N ARG O 173 -6.27 -24.30 -28.67
CA ARG O 173 -4.85 -24.20 -28.32
C ARG O 173 -4.72 -23.95 -26.84
N SER O 174 -5.47 -24.73 -26.07
CA SER O 174 -5.50 -24.69 -24.62
C SER O 174 -5.61 -26.15 -24.16
N PRO O 175 -5.10 -26.49 -22.97
CA PRO O 175 -5.27 -27.86 -22.47
C PRO O 175 -6.54 -27.96 -21.66
N GLY O 176 -7.32 -26.88 -21.63
CA GLY O 176 -8.58 -26.86 -20.90
C GLY O 176 -9.44 -28.09 -21.14
N PRO O 177 -9.76 -28.40 -22.40
CA PRO O 177 -10.63 -29.56 -22.62
C PRO O 177 -10.06 -30.88 -22.11
N LEU O 178 -8.73 -31.00 -22.11
CA LEU O 178 -8.13 -32.24 -21.65
C LEU O 178 -8.29 -32.38 -20.16
N GLU O 179 -8.23 -31.27 -19.43
CA GLU O 179 -8.48 -31.31 -18.01
C GLU O 179 -9.91 -31.78 -17.80
N THR O 180 -10.83 -31.28 -18.62
CA THR O 180 -12.23 -31.72 -18.58
C THR O 180 -12.28 -33.23 -18.74
N ALA O 181 -11.51 -33.76 -19.69
CA ALA O 181 -11.53 -35.19 -19.95
C ALA O 181 -11.06 -35.91 -18.69
N MET O 182 -9.88 -35.51 -18.21
CA MET O 182 -9.25 -36.13 -17.01
C MET O 182 -10.17 -36.16 -15.83
N GLN O 183 -10.82 -35.05 -15.61
CA GLN O 183 -11.77 -35.00 -14.53
C GLN O 183 -12.93 -35.97 -14.76
N THR O 184 -13.55 -35.98 -15.94
CA THR O 184 -14.63 -36.92 -16.24
C THR O 184 -14.10 -38.32 -16.07
N THR O 185 -12.81 -38.49 -16.35
CA THR O 185 -12.20 -39.78 -16.19
C THR O 185 -12.14 -40.25 -14.74
N ARG O 186 -11.59 -39.42 -13.85
CA ARG O 186 -11.49 -39.82 -12.45
C ARG O 186 -12.84 -40.12 -11.87
N SER O 187 -13.80 -39.27 -12.16
CA SER O 187 -15.15 -39.47 -11.71
C SER O 187 -15.77 -40.76 -12.27
N LEU O 188 -15.46 -41.08 -13.51
CA LEU O 188 -16.07 -42.24 -14.15
C LEU O 188 -15.52 -43.53 -13.59
N LEU O 189 -14.21 -43.55 -13.35
CA LEU O 189 -13.58 -44.68 -12.68
C LEU O 189 -13.87 -44.40 -11.22
N GLU O 190 -13.46 -45.28 -10.31
CA GLU O 190 -13.82 -45.16 -8.88
C GLU O 190 -15.30 -44.86 -8.67
N ASP P 4 -27.83 -16.22 -53.77
CA ASP P 4 -27.93 -16.85 -55.09
C ASP P 4 -26.56 -17.49 -55.56
N THR P 5 -25.81 -16.85 -56.47
CA THR P 5 -24.53 -17.43 -56.92
C THR P 5 -23.63 -17.67 -55.71
N ARG P 6 -23.57 -16.68 -54.83
CA ARG P 6 -22.81 -16.85 -53.59
C ARG P 6 -23.32 -18.00 -52.74
N GLN P 7 -24.64 -18.06 -52.56
CA GLN P 7 -25.17 -19.09 -51.68
C GLN P 7 -25.02 -20.46 -52.30
N HIS P 8 -25.17 -20.52 -53.62
CA HIS P 8 -25.02 -21.76 -54.37
C HIS P 8 -23.59 -22.28 -54.22
N LEU P 9 -22.62 -21.37 -54.24
CA LEU P 9 -21.23 -21.75 -54.06
C LEU P 9 -21.01 -22.31 -52.65
N LEU P 10 -21.59 -21.65 -51.65
CA LEU P 10 -21.46 -22.08 -50.27
C LEU P 10 -22.07 -23.46 -50.10
N ASP P 11 -23.24 -23.66 -50.69
CA ASP P 11 -23.90 -24.95 -50.57
C ASP P 11 -23.09 -26.05 -51.24
N THR P 12 -22.65 -25.79 -52.47
CA THR P 12 -21.93 -26.80 -53.23
C THR P 12 -20.64 -27.12 -52.49
N GLY P 13 -20.02 -26.11 -51.92
CA GLY P 13 -18.82 -26.34 -51.13
C GLY P 13 -19.07 -27.20 -49.90
N TYR P 14 -20.17 -26.93 -49.21
CA TYR P 14 -20.49 -27.70 -48.04
C TYR P 14 -20.65 -29.18 -48.39
N ARG P 15 -21.43 -29.47 -49.43
CA ARG P 15 -21.64 -30.86 -49.89
C ARG P 15 -20.34 -31.62 -50.21
N ILE P 16 -19.38 -30.96 -50.84
CA ILE P 16 -18.15 -31.63 -51.21
C ILE P 16 -17.12 -31.66 -50.05
N MET P 17 -17.02 -30.57 -49.30
CA MET P 17 -16.02 -30.51 -48.23
C MET P 17 -16.35 -31.44 -47.08
N ALA P 18 -17.65 -31.66 -46.85
CA ALA P 18 -18.14 -32.61 -45.88
C ALA P 18 -17.60 -34.01 -46.15
N VAL P 19 -17.33 -34.27 -47.42
CA VAL P 19 -16.82 -35.55 -47.86
C VAL P 19 -15.33 -35.57 -48.09
N LYS P 20 -14.81 -34.61 -48.85
CA LYS P 20 -13.40 -34.63 -49.21
C LYS P 20 -12.53 -33.75 -48.30
N GLY P 21 -13.15 -32.96 -47.42
CA GLY P 21 -12.35 -32.12 -46.55
C GLY P 21 -12.03 -30.80 -47.21
N PHE P 22 -11.07 -30.06 -46.68
CA PHE P 22 -10.74 -28.78 -47.26
C PHE P 22 -9.54 -28.91 -48.21
N SER P 23 -8.42 -29.40 -47.71
CA SER P 23 -7.20 -29.56 -48.51
C SER P 23 -7.33 -30.59 -49.62
N GLY P 24 -8.31 -31.49 -49.51
CA GLY P 24 -8.50 -32.56 -50.49
C GLY P 24 -9.46 -32.28 -51.64
N VAL P 25 -10.05 -31.11 -51.65
CA VAL P 25 -10.85 -30.71 -52.78
C VAL P 25 -10.15 -29.50 -53.35
N GLY P 26 -10.30 -29.31 -54.65
CA GLY P 26 -9.77 -28.13 -55.33
C GLY P 26 -10.92 -27.28 -55.84
N LEU P 27 -10.62 -26.02 -56.12
CA LEU P 27 -11.65 -25.14 -56.63
C LEU P 27 -12.39 -25.64 -57.89
N ASN P 28 -11.69 -26.28 -58.82
CA ASN P 28 -12.34 -26.68 -60.08
C ASN P 28 -13.52 -27.61 -59.84
N GLU P 29 -13.35 -28.58 -58.96
CA GLU P 29 -14.43 -29.51 -58.68
C GLU P 29 -15.64 -28.79 -58.09
N ILE P 30 -15.38 -27.86 -57.17
CA ILE P 30 -16.48 -27.15 -56.56
C ILE P 30 -17.16 -26.32 -57.67
N LEU P 31 -16.35 -25.60 -58.39
CA LEU P 31 -16.82 -24.74 -59.45
C LEU P 31 -17.58 -25.50 -60.58
N GLN P 32 -17.04 -26.64 -60.97
CA GLN P 32 -17.61 -27.44 -62.03
C GLN P 32 -18.94 -27.98 -61.58
N SER P 33 -18.94 -28.53 -60.39
CA SER P 33 -20.14 -29.11 -59.88
C SER P 33 -21.28 -28.09 -59.71
N ALA P 34 -20.95 -26.83 -59.44
CA ALA P 34 -22.00 -25.85 -59.22
C ALA P 34 -22.30 -25.04 -60.46
N GLY P 35 -21.53 -25.29 -61.53
CA GLY P 35 -21.78 -24.56 -62.77
C GLY P 35 -21.46 -23.08 -62.69
N VAL P 36 -20.43 -22.72 -61.94
CA VAL P 36 -19.99 -21.34 -61.82
C VAL P 36 -18.52 -21.23 -62.29
N PRO P 37 -18.19 -20.17 -63.05
CA PRO P 37 -16.83 -19.87 -63.57
C PRO P 37 -15.84 -19.41 -62.50
N LYS P 38 -14.54 -19.66 -62.66
CA LYS P 38 -13.57 -19.23 -61.64
C LYS P 38 -13.68 -17.76 -61.23
N GLY P 39 -13.87 -16.89 -62.21
CA GLY P 39 -13.87 -15.49 -61.92
C GLY P 39 -15.03 -15.09 -61.07
N SER P 40 -16.08 -15.90 -61.07
CA SER P 40 -17.25 -15.54 -60.30
C SER P 40 -16.95 -15.88 -58.87
N PHE P 41 -16.20 -16.97 -58.67
CA PHE P 41 -15.85 -17.39 -57.35
C PHE P 41 -15.10 -16.25 -56.66
N TYR P 42 -14.13 -15.68 -57.36
CA TYR P 42 -13.33 -14.65 -56.72
C TYR P 42 -14.01 -13.31 -56.68
N HIS P 43 -15.21 -13.22 -57.24
CA HIS P 43 -16.01 -12.03 -57.06
C HIS P 43 -16.67 -12.01 -55.69
N TYR P 44 -16.98 -13.19 -55.17
CA TYR P 44 -17.66 -13.32 -53.90
C TYR P 44 -16.74 -13.68 -52.74
N PHE P 45 -15.59 -14.26 -53.03
CA PHE P 45 -14.68 -14.61 -51.96
C PHE P 45 -13.27 -14.20 -52.35
N LYS P 46 -12.45 -13.75 -51.42
CA LYS P 46 -11.15 -13.25 -51.83
C LYS P 46 -10.18 -14.38 -51.96
N SER P 47 -10.48 -15.49 -51.30
CA SER P 47 -9.57 -16.67 -51.29
C SER P 47 -10.31 -17.94 -50.95
N LYS P 48 -9.69 -19.09 -51.18
CA LYS P 48 -10.29 -20.38 -50.77
C LYS P 48 -10.51 -20.47 -49.25
N GLU P 49 -9.55 -19.94 -48.50
CA GLU P 49 -9.62 -19.90 -47.04
C GLU P 49 -10.80 -19.07 -46.63
N GLN P 50 -10.97 -17.91 -47.23
CA GLN P 50 -12.06 -17.05 -46.80
C GLN P 50 -13.40 -17.72 -47.15
N PHE P 51 -13.40 -18.42 -48.27
CA PHE P 51 -14.55 -19.20 -48.67
C PHE P 51 -14.84 -20.21 -47.57
N GLY P 52 -13.78 -20.88 -47.13
CA GLY P 52 -13.87 -21.85 -46.07
C GLY P 52 -14.52 -21.26 -44.85
N GLN P 53 -14.04 -20.09 -44.44
CA GLN P 53 -14.55 -19.42 -43.27
C GLN P 53 -16.04 -19.19 -43.43
N ALA P 54 -16.46 -18.61 -44.55
CA ALA P 54 -17.89 -18.35 -44.78
C ALA P 54 -18.70 -19.62 -44.68
N LEU P 55 -18.18 -20.67 -45.29
CA LEU P 55 -18.79 -21.97 -45.33
C LEU P 55 -19.04 -22.45 -43.90
N LEU P 56 -18.02 -22.38 -43.05
CA LEU P 56 -18.14 -22.75 -41.64
C LEU P 56 -19.10 -21.82 -40.86
N GLU P 57 -19.05 -20.52 -41.12
CA GLU P 57 -19.96 -19.60 -40.45
C GLU P 57 -21.39 -19.91 -40.78
N ASP P 58 -21.66 -20.17 -42.06
CA ASP P 58 -23.01 -20.42 -42.45
C ASP P 58 -23.47 -21.72 -41.79
N TYR P 59 -22.56 -22.67 -41.73
CA TYR P 59 -22.87 -23.96 -41.13
C TYR P 59 -23.32 -23.81 -39.69
N PHE P 60 -22.48 -23.14 -38.91
CA PHE P 60 -22.82 -22.96 -37.52
C PHE P 60 -24.09 -22.12 -37.31
N ARG P 61 -24.36 -21.17 -38.21
CA ARG P 61 -25.52 -20.31 -38.09
C ARG P 61 -26.76 -21.16 -38.11
N VAL P 62 -26.78 -22.03 -39.11
CA VAL P 62 -27.90 -22.95 -39.32
C VAL P 62 -27.98 -24.02 -38.24
N TYR P 63 -26.82 -24.56 -37.84
CA TYR P 63 -26.76 -25.63 -36.88
C TYR P 63 -27.29 -25.15 -35.55
N LEU P 64 -26.80 -24.00 -35.10
CA LEU P 64 -27.23 -23.44 -33.83
C LEU P 64 -28.71 -23.05 -33.87
N ALA P 65 -29.21 -22.61 -35.03
CA ALA P 65 -30.64 -22.30 -35.15
C ALA P 65 -31.47 -23.55 -34.90
N ASP P 66 -31.03 -24.67 -35.46
CA ASP P 66 -31.71 -25.93 -35.24
C ASP P 66 -31.67 -26.30 -33.76
N MET P 67 -30.52 -26.18 -33.11
CA MET P 67 -30.43 -26.47 -31.68
C MET P 67 -31.43 -25.67 -30.89
N ASP P 68 -31.51 -24.38 -31.16
CA ASP P 68 -32.43 -23.51 -30.44
C ASP P 68 -33.90 -23.93 -30.64
N GLN P 69 -34.23 -24.34 -31.85
CA GLN P 69 -35.57 -24.85 -32.13
C GLN P 69 -35.83 -26.17 -31.35
N ARG P 70 -34.86 -27.09 -31.43
CA ARG P 70 -34.94 -28.40 -30.80
C ARG P 70 -35.05 -28.28 -29.30
N PHE P 71 -34.31 -27.34 -28.73
CA PHE P 71 -34.31 -27.12 -27.30
C PHE P 71 -35.41 -26.20 -26.83
N SER P 72 -36.31 -25.87 -27.71
CA SER P 72 -37.46 -25.12 -27.26
C SER P 72 -38.73 -25.79 -27.79
N ALA P 73 -38.61 -27.07 -28.15
CA ALA P 73 -39.73 -27.85 -28.72
C ALA P 73 -40.89 -27.88 -27.75
N PRO P 74 -42.08 -27.53 -28.24
CA PRO P 74 -43.26 -27.46 -27.37
C PRO P 74 -43.60 -28.81 -26.80
N GLY P 75 -43.92 -28.82 -25.50
CA GLY P 75 -44.41 -30.01 -24.83
C GLY P 75 -43.34 -30.94 -24.31
N LEU P 76 -42.07 -30.62 -24.54
CA LEU P 76 -41.06 -31.54 -24.05
C LEU P 76 -40.30 -30.91 -22.92
N ASN P 77 -39.94 -31.73 -21.95
CA ASN P 77 -39.12 -31.19 -20.91
C ASN P 77 -37.66 -31.14 -21.34
N ALA P 78 -36.81 -30.63 -20.48
CA ALA P 78 -35.44 -30.44 -20.85
C ALA P 78 -34.80 -31.77 -21.17
N ARG P 79 -35.01 -32.80 -20.36
CA ARG P 79 -34.41 -34.11 -20.66
C ARG P 79 -34.83 -34.60 -22.05
N GLU P 80 -36.10 -34.42 -22.36
CA GLU P 80 -36.64 -34.92 -23.60
C GLU P 80 -35.96 -34.22 -24.79
N ARG P 81 -35.73 -32.93 -24.62
CA ARG P 81 -35.04 -32.08 -25.59
C ARG P 81 -33.59 -32.44 -25.75
N LEU P 82 -32.87 -32.47 -24.62
CA LEU P 82 -31.46 -32.82 -24.61
C LEU P 82 -31.28 -34.18 -25.26
N MET P 83 -32.11 -35.16 -24.90
CA MET P 83 -31.90 -36.50 -25.46
C MET P 83 -32.28 -36.56 -26.96
N SER P 84 -33.21 -35.71 -27.41
CA SER P 84 -33.54 -35.70 -28.83
C SER P 84 -32.35 -35.24 -29.67
N TYR P 85 -31.48 -34.41 -29.09
CA TYR P 85 -30.28 -33.94 -29.75
C TYR P 85 -29.33 -35.11 -29.91
N TRP P 86 -29.00 -35.79 -28.83
CA TRP P 86 -28.10 -36.94 -28.92
C TRP P 86 -28.67 -38.05 -29.81
N GLN P 87 -29.98 -38.24 -29.81
CA GLN P 87 -30.57 -39.26 -30.66
C GLN P 87 -30.34 -38.93 -32.14
N LYS P 88 -30.57 -37.67 -32.52
CA LYS P 88 -30.41 -37.25 -33.92
C LYS P 88 -29.00 -37.58 -34.37
N TRP P 89 -28.05 -37.28 -33.51
CA TRP P 89 -26.65 -37.55 -33.77
C TRP P 89 -26.49 -39.05 -33.95
N LEU P 90 -27.13 -39.85 -33.09
CA LEU P 90 -27.00 -41.30 -33.21
C LEU P 90 -27.68 -41.83 -34.46
N ASP P 91 -28.90 -41.36 -34.70
CA ASP P 91 -29.72 -41.89 -35.76
C ASP P 91 -29.15 -41.62 -37.13
N ASN P 92 -29.05 -40.34 -37.47
CA ASN P 92 -28.72 -39.93 -38.83
C ASN P 92 -27.21 -39.97 -39.09
N ALA P 93 -26.48 -40.50 -38.12
CA ALA P 93 -25.10 -40.82 -38.39
C ALA P 93 -24.95 -42.34 -38.33
N CYS P 94 -25.91 -43.06 -38.89
CA CYS P 94 -25.60 -44.45 -39.20
C CYS P 94 -24.62 -44.32 -40.39
N PRO P 95 -23.57 -45.17 -40.43
CA PRO P 95 -22.55 -44.99 -41.48
C PRO P 95 -22.80 -45.49 -42.94
N PRO P 96 -24.04 -45.91 -43.34
CA PRO P 96 -24.27 -45.91 -44.80
C PRO P 96 -24.34 -44.46 -45.28
N CYS P 97 -24.35 -43.55 -44.31
CA CYS P 97 -24.33 -42.10 -44.49
C CYS P 97 -22.94 -41.50 -44.09
N ASP P 98 -21.89 -41.69 -44.90
CA ASP P 98 -20.58 -41.05 -44.65
C ASP P 98 -20.45 -39.67 -45.32
N GLU P 99 -21.42 -39.31 -46.19
CA GLU P 99 -21.41 -37.93 -46.66
C GLU P 99 -21.91 -37.27 -45.40
N GLN P 100 -20.90 -36.71 -44.74
CA GLN P 100 -20.94 -36.19 -43.41
C GLN P 100 -21.90 -35.01 -43.29
N ARG P 101 -22.52 -34.83 -42.13
CA ARG P 101 -23.27 -33.62 -42.00
C ARG P 101 -22.28 -32.71 -41.28
N CYS P 102 -21.55 -33.30 -40.33
CA CYS P 102 -20.89 -32.50 -39.31
C CYS P 102 -19.46 -32.10 -39.60
N LEU P 103 -19.30 -30.81 -39.87
CA LEU P 103 -18.01 -30.24 -40.22
C LEU P 103 -17.03 -30.20 -39.02
N VAL P 104 -17.53 -30.21 -37.80
CA VAL P 104 -16.65 -30.19 -36.64
C VAL P 104 -15.81 -31.44 -36.60
N VAL P 105 -16.45 -32.57 -36.90
CA VAL P 105 -15.77 -33.84 -36.93
C VAL P 105 -14.87 -33.94 -38.13
N LYS P 106 -15.41 -33.52 -39.28
CA LYS P 106 -14.72 -33.68 -40.57
C LYS P 106 -13.53 -32.76 -40.77
N LEU P 107 -13.68 -31.50 -40.33
CA LEU P 107 -12.70 -30.45 -40.65
C LEU P 107 -11.74 -30.04 -39.52
N SER P 108 -12.14 -30.22 -38.25
CA SER P 108 -11.33 -29.66 -37.13
C SER P 108 -9.83 -29.95 -37.18
N ALA P 109 -9.46 -31.21 -37.12
CA ALA P 109 -8.06 -31.56 -37.06
C ALA P 109 -7.30 -31.12 -38.31
N GLU P 110 -7.97 -31.20 -39.45
CA GLU P 110 -7.32 -30.88 -40.71
C GLU P 110 -7.03 -29.40 -40.74
N VAL P 111 -8.07 -28.61 -40.46
CA VAL P 111 -8.04 -27.18 -40.65
C VAL P 111 -7.35 -26.37 -39.53
N ALA P 112 -7.28 -26.93 -38.32
CA ALA P 112 -6.73 -26.21 -37.16
C ALA P 112 -5.28 -25.71 -37.31
N ASP P 113 -4.42 -26.53 -37.90
CA ASP P 113 -3.02 -26.16 -37.98
C ASP P 113 -2.74 -25.37 -39.24
N LEU P 114 -3.80 -25.18 -40.01
CA LEU P 114 -3.71 -24.71 -41.36
C LEU P 114 -4.27 -23.32 -41.61
N SER P 115 -5.39 -23.01 -40.99
CA SER P 115 -6.01 -21.71 -41.19
C SER P 115 -6.42 -21.12 -39.85
N GLU P 116 -5.87 -19.98 -39.50
CA GLU P 116 -6.28 -19.39 -38.23
C GLU P 116 -7.73 -18.96 -38.22
N SER P 117 -8.20 -18.38 -39.29
CA SER P 117 -9.57 -17.91 -39.29
C SER P 117 -10.58 -19.05 -39.21
N MET P 118 -10.31 -20.16 -39.88
CA MET P 118 -11.25 -21.28 -39.85
C MET P 118 -11.24 -21.93 -38.46
N ARG P 119 -10.03 -22.09 -37.89
CA ARG P 119 -9.87 -22.61 -36.54
C ARG P 119 -10.72 -21.84 -35.56
N ILE P 120 -10.62 -20.52 -35.58
CA ILE P 120 -11.38 -19.69 -34.67
C ILE P 120 -12.87 -19.89 -34.88
N THR P 121 -13.31 -20.02 -36.14
CA THR P 121 -14.72 -20.21 -36.45
C THR P 121 -15.18 -21.54 -35.86
N LEU P 122 -14.35 -22.57 -35.98
CA LEU P 122 -14.69 -23.88 -35.40
C LEU P 122 -14.73 -23.76 -33.90
N ARG P 123 -13.73 -23.10 -33.35
CA ARG P 123 -13.66 -22.97 -31.91
C ARG P 123 -14.89 -22.24 -31.41
N ASP P 124 -15.16 -21.09 -32.01
CA ASP P 124 -16.28 -20.30 -31.55
C ASP P 124 -17.56 -21.05 -31.80
N GLY P 125 -17.63 -21.79 -32.91
CA GLY P 125 -18.83 -22.55 -33.24
C GLY P 125 -19.10 -23.66 -32.25
N SER P 126 -18.06 -24.41 -31.94
CA SER P 126 -18.16 -25.51 -31.01
C SER P 126 -18.55 -24.98 -29.64
N ASP P 127 -18.02 -23.83 -29.26
CA ASP P 127 -18.42 -23.24 -27.99
C ASP P 127 -19.90 -22.93 -27.93
N GLY P 128 -20.41 -22.41 -29.05
CA GLY P 128 -21.78 -22.03 -29.16
C GLY P 128 -22.66 -23.23 -29.05
N ILE P 129 -22.17 -24.36 -29.52
CA ILE P 129 -22.90 -25.60 -29.40
C ILE P 129 -22.98 -25.96 -27.94
N ILE P 130 -21.81 -26.01 -27.29
CA ILE P 130 -21.72 -26.35 -25.87
C ILE P 130 -22.63 -25.45 -25.04
N GLU P 131 -22.65 -24.18 -25.36
CA GLU P 131 -23.49 -23.21 -24.66
C GLU P 131 -24.95 -23.61 -24.73
N ARG P 132 -25.41 -24.02 -25.91
CA ARG P 132 -26.79 -24.48 -25.99
C ARG P 132 -27.04 -25.67 -25.05
N LEU P 133 -26.06 -26.58 -24.99
CA LEU P 133 -26.16 -27.75 -24.15
C LEU P 133 -26.24 -27.29 -22.72
N VAL P 134 -25.34 -26.40 -22.30
CA VAL P 134 -25.33 -25.87 -20.95
C VAL P 134 -26.69 -25.27 -20.63
N GLY P 135 -27.26 -24.55 -21.57
CA GLY P 135 -28.53 -23.92 -21.33
C GLY P 135 -29.62 -24.91 -21.05
N CYS P 136 -29.57 -26.04 -21.73
CA CYS P 136 -30.56 -27.09 -21.60
C CYS P 136 -30.40 -27.89 -20.32
N LEU P 137 -29.15 -28.20 -20.01
CA LEU P 137 -28.80 -28.92 -18.81
C LEU P 137 -29.38 -28.13 -17.63
N GLY P 138 -29.19 -26.82 -17.64
CA GLY P 138 -29.69 -25.98 -16.58
C GLY P 138 -31.20 -25.97 -16.51
N GLN P 139 -31.86 -25.89 -17.66
CA GLN P 139 -33.32 -25.90 -17.77
C GLN P 139 -33.89 -27.15 -17.08
N GLY P 140 -33.10 -28.21 -17.08
CA GLY P 140 -33.50 -29.48 -16.52
C GLY P 140 -33.25 -29.50 -15.02
N ARG P 141 -32.30 -28.70 -14.60
CA ARG P 141 -32.04 -28.56 -13.18
C ARG P 141 -33.21 -27.75 -12.59
N ASP P 142 -33.89 -26.96 -13.43
CA ASP P 142 -35.08 -26.20 -12.99
C ASP P 142 -36.42 -26.95 -13.03
N ASP P 143 -36.58 -27.87 -13.98
CA ASP P 143 -37.89 -28.48 -14.08
C ASP P 143 -37.92 -29.92 -13.58
N GLY P 144 -36.82 -30.34 -12.98
CA GLY P 144 -36.74 -31.67 -12.41
C GLY P 144 -36.43 -32.78 -13.39
N SER P 145 -36.33 -32.40 -14.65
CA SER P 145 -36.04 -33.32 -15.74
C SER P 145 -34.67 -34.01 -15.69
N LEU P 146 -33.67 -33.33 -15.14
CA LEU P 146 -32.29 -33.83 -15.08
C LEU P 146 -31.72 -33.62 -13.69
N ALA P 147 -30.86 -34.53 -13.24
CA ALA P 147 -30.21 -34.35 -11.95
C ALA P 147 -29.31 -33.11 -11.99
N PRO P 148 -29.05 -32.54 -10.82
CA PRO P 148 -28.09 -31.44 -10.84
C PRO P 148 -26.70 -31.97 -11.16
N CYS P 149 -25.88 -31.10 -11.72
CA CYS P 149 -24.49 -31.37 -12.10
C CYS P 149 -23.79 -30.05 -12.39
N ASP P 150 -22.49 -30.11 -12.61
CA ASP P 150 -21.77 -28.92 -13.08
C ASP P 150 -22.08 -28.77 -14.55
N ALA P 151 -23.06 -27.92 -14.88
CA ALA P 151 -23.56 -27.89 -16.26
C ALA P 151 -22.47 -27.65 -17.31
N ARG P 152 -21.59 -26.69 -17.07
CA ARG P 152 -20.59 -26.42 -18.07
C ARG P 152 -19.66 -27.63 -18.22
N HIS P 153 -19.35 -28.32 -17.12
CA HIS P 153 -18.47 -29.48 -17.23
C HIS P 153 -19.12 -30.66 -17.94
N MET P 154 -20.40 -30.88 -17.65
CA MET P 154 -21.14 -32.00 -18.22
C MET P 154 -21.30 -31.78 -19.73
N ALA P 155 -21.68 -30.56 -20.11
CA ALA P 155 -21.89 -30.26 -21.49
C ALA P 155 -20.63 -30.54 -22.25
N SER P 156 -19.51 -30.11 -21.71
CA SER P 156 -18.25 -30.32 -22.37
C SER P 156 -17.86 -31.77 -22.50
N ALA P 157 -18.00 -32.54 -21.44
CA ALA P 157 -17.59 -33.94 -21.49
C ALA P 157 -18.47 -34.73 -22.46
N LEU P 158 -19.77 -34.47 -22.45
CA LEU P 158 -20.67 -35.15 -23.38
C LEU P 158 -20.31 -34.80 -24.82
N TYR P 159 -20.11 -33.51 -25.09
CA TYR P 159 -19.79 -33.10 -26.44
C TYR P 159 -18.43 -33.73 -26.87
N GLN P 160 -17.47 -33.74 -25.95
CA GLN P 160 -16.21 -34.42 -26.20
C GLN P 160 -16.41 -35.91 -26.48
N LEU P 161 -17.29 -36.53 -25.70
CA LEU P 161 -17.55 -37.96 -25.75
C LEU P 161 -18.06 -38.36 -27.11
N TRP P 162 -19.08 -37.64 -27.58
CA TRP P 162 -19.65 -37.87 -28.89
C TRP P 162 -18.72 -37.50 -30.07
N LEU P 163 -17.90 -36.48 -29.87
CA LEU P 163 -16.99 -36.07 -30.91
C LEU P 163 -16.08 -37.25 -31.22
N GLY P 164 -15.48 -37.80 -30.17
CA GLY P 164 -14.61 -38.95 -30.28
C GLY P 164 -15.35 -40.16 -30.82
N ALA P 165 -16.59 -40.34 -30.40
CA ALA P 165 -17.36 -41.45 -30.92
C ALA P 165 -17.52 -41.29 -32.45
N SER P 166 -17.80 -40.07 -32.90
CA SER P 166 -17.99 -39.83 -34.33
C SER P 166 -16.72 -40.17 -35.11
N LEU P 167 -15.56 -39.89 -34.52
CA LEU P 167 -14.30 -40.31 -35.13
C LEU P 167 -14.20 -41.85 -35.25
N LEU P 168 -14.44 -42.59 -34.16
CA LEU P 168 -14.32 -44.06 -34.21
C LEU P 168 -15.35 -44.66 -35.15
N SER P 169 -16.50 -44.02 -35.21
CA SER P 169 -17.58 -44.39 -36.10
C SER P 169 -17.20 -44.29 -37.56
N LYS P 170 -16.45 -43.26 -37.93
CA LYS P 170 -15.99 -43.11 -39.30
C LYS P 170 -15.01 -44.22 -39.64
N LEU P 171 -14.14 -44.53 -38.69
CA LEU P 171 -13.12 -45.54 -38.85
C LEU P 171 -13.70 -46.95 -39.00
N HIS P 172 -14.83 -47.21 -38.35
CA HIS P 172 -15.40 -48.54 -38.37
C HIS P 172 -16.53 -48.68 -39.38
N ARG P 173 -17.00 -47.54 -39.87
CA ARG P 173 -18.20 -47.48 -40.72
C ARG P 173 -19.34 -48.26 -40.06
N SER P 174 -19.46 -48.04 -38.74
CA SER P 174 -20.44 -48.66 -37.86
C SER P 174 -21.00 -47.57 -36.93
N PRO P 175 -22.26 -47.69 -36.51
CA PRO P 175 -22.79 -46.75 -35.53
C PRO P 175 -22.44 -47.25 -34.14
N GLY P 176 -21.60 -48.28 -34.09
CA GLY P 176 -21.19 -48.87 -32.84
C GLY P 176 -20.71 -47.93 -31.77
N PRO P 177 -19.65 -47.16 -32.06
CA PRO P 177 -19.10 -46.26 -31.05
C PRO P 177 -20.11 -45.22 -30.60
N LEU P 178 -21.02 -44.84 -31.49
CA LEU P 178 -22.03 -43.87 -31.13
C LEU P 178 -23.02 -44.44 -30.15
N GLU P 179 -23.35 -45.72 -30.31
CA GLU P 179 -24.20 -46.37 -29.32
C GLU P 179 -23.47 -46.41 -27.98
N THR P 180 -22.17 -46.68 -28.00
CA THR P 180 -21.39 -46.60 -26.75
C THR P 180 -21.46 -45.24 -26.05
N ALA P 181 -21.32 -44.17 -26.84
CA ALA P 181 -21.39 -42.82 -26.31
C ALA P 181 -22.78 -42.60 -25.74
N MET P 182 -23.80 -42.97 -26.52
CA MET P 182 -25.19 -42.81 -26.08
C MET P 182 -25.45 -43.48 -24.77
N GLN P 183 -24.91 -44.69 -24.66
CA GLN P 183 -25.01 -45.47 -23.44
C GLN P 183 -24.29 -44.77 -22.29
N THR P 184 -23.05 -44.34 -22.47
CA THR P 184 -22.35 -43.58 -21.41
C THR P 184 -23.10 -42.29 -21.04
N THR P 185 -23.72 -41.65 -22.02
CA THR P 185 -24.45 -40.41 -21.80
C THR P 185 -25.62 -40.59 -20.87
N ARG P 186 -26.45 -41.61 -21.12
CA ARG P 186 -27.59 -41.83 -20.26
C ARG P 186 -27.09 -42.04 -18.82
N SER P 187 -26.03 -42.83 -18.69
CA SER P 187 -25.42 -43.13 -17.40
C SER P 187 -24.87 -41.89 -16.68
N LEU P 188 -24.27 -40.97 -17.42
CA LEU P 188 -23.68 -39.77 -16.86
C LEU P 188 -24.76 -38.81 -16.38
N LEU P 189 -25.85 -38.71 -17.14
CA LEU P 189 -27.00 -37.94 -16.66
C LEU P 189 -27.67 -38.94 -15.72
N GLU P 190 -28.77 -38.61 -15.07
CA GLU P 190 -29.33 -39.52 -14.03
C GLU P 190 -28.27 -40.30 -13.21
#